data_2FEK
#
_entry.id   2FEK
#
_entity_poly.entity_id   1
_entity_poly.type   'polypeptide(L)'
_entity_poly.pdbx_seq_one_letter_code
;MGSSHHHHHHSSGLVPRGSHMFNNILVVCVGNICRSPTAERLLQRYHPELKVESAGLGALVGKGADPTAISVAAEHQLSL
EGHCARQISRRLCRNYDLILTMEKRHIERLCEMAPEMRGKVMLFGHWDNECEIPDPYRKSRETFAAVYTLLERSARQWAQ
ALNAEQV
;
_entity_poly.pdbx_strand_id   A
#
# COMPACT_ATOMS: atom_id res chain seq x y z
N MET A 21 -1.63 -14.19 -12.78
CA MET A 21 -0.80 -13.63 -11.68
C MET A 21 -0.67 -12.13 -11.87
N PHE A 22 -1.30 -11.32 -10.99
CA PHE A 22 -1.23 -9.86 -11.01
C PHE A 22 0.09 -9.41 -10.34
N ASN A 23 1.22 -9.77 -10.96
CA ASN A 23 2.56 -9.58 -10.40
C ASN A 23 2.93 -8.11 -10.16
N ASN A 24 2.23 -7.17 -10.81
CA ASN A 24 2.61 -5.75 -10.83
C ASN A 24 1.55 -4.97 -10.04
N ILE A 25 1.92 -4.44 -8.87
CA ILE A 25 1.01 -3.78 -7.95
C ILE A 25 1.57 -2.40 -7.60
N LEU A 26 0.69 -1.42 -7.41
CA LEU A 26 1.05 -0.11 -6.90
C LEU A 26 0.16 0.17 -5.69
N VAL A 27 0.77 0.38 -4.52
CA VAL A 27 0.02 0.66 -3.30
C VAL A 27 -0.07 2.19 -3.13
N VAL A 28 -1.20 2.68 -2.62
CA VAL A 28 -1.50 4.11 -2.61
C VAL A 28 -2.11 4.52 -1.26
N CYS A 29 -1.66 5.65 -0.71
CA CYS A 29 -2.29 6.30 0.45
C CYS A 29 -2.28 7.82 0.27
N VAL A 30 -2.75 8.64 1.22
CA VAL A 30 -2.84 10.09 1.01
C VAL A 30 -1.42 10.68 0.91
N GLY A 31 -0.67 10.69 2.01
CA GLY A 31 0.61 11.39 2.08
C GLY A 31 1.78 10.56 1.58
N ASN A 32 1.53 9.28 1.27
CA ASN A 32 2.47 8.34 0.64
C ASN A 32 3.52 7.78 1.60
N ILE A 33 4.19 8.63 2.37
CA ILE A 33 5.37 8.32 3.17
C ILE A 33 5.21 7.22 4.23
N CYS A 34 4.02 6.67 4.46
CA CYS A 34 3.74 5.77 5.57
C CYS A 34 3.13 4.45 5.12
N ARG A 35 1.84 4.42 4.76
CA ARG A 35 1.15 3.16 4.52
C ARG A 35 1.64 2.48 3.24
N SER A 36 1.84 3.23 2.15
CA SER A 36 2.29 2.65 0.89
C SER A 36 3.64 1.89 1.03
N PRO A 37 4.73 2.45 1.58
CA PRO A 37 5.98 1.70 1.71
C PRO A 37 5.88 0.56 2.73
N THR A 38 5.08 0.73 3.79
CA THR A 38 4.87 -0.35 4.75
C THR A 38 4.24 -1.54 4.05
N ALA A 39 3.17 -1.31 3.27
CA ALA A 39 2.51 -2.35 2.51
C ALA A 39 3.42 -2.95 1.45
N GLU A 40 4.15 -2.11 0.70
CA GLU A 40 5.09 -2.56 -0.32
C GLU A 40 6.03 -3.61 0.28
N ARG A 41 6.69 -3.26 1.38
CA ARG A 41 7.71 -4.11 1.96
C ARG A 41 7.08 -5.35 2.58
N LEU A 42 5.90 -5.24 3.18
CA LEU A 42 5.21 -6.41 3.72
C LEU A 42 4.88 -7.39 2.59
N LEU A 43 4.40 -6.89 1.45
CA LEU A 43 4.12 -7.74 0.30
C LEU A 43 5.42 -8.40 -0.19
N GLN A 44 6.52 -7.65 -0.28
CA GLN A 44 7.80 -8.23 -0.68
C GLN A 44 8.30 -9.28 0.31
N ARG A 45 8.08 -9.08 1.62
CA ARG A 45 8.50 -10.04 2.65
C ARG A 45 7.85 -11.40 2.38
N TYR A 46 6.57 -11.39 1.97
CA TYR A 46 5.83 -12.62 1.71
C TYR A 46 5.90 -13.08 0.25
N HIS A 47 6.33 -12.24 -0.70
CA HIS A 47 6.55 -12.60 -2.10
C HIS A 47 7.71 -11.76 -2.67
N PRO A 48 8.97 -12.20 -2.50
CA PRO A 48 10.14 -11.51 -3.03
C PRO A 48 10.10 -11.26 -4.54
N GLU A 49 9.36 -12.09 -5.30
CA GLU A 49 9.29 -11.99 -6.76
C GLU A 49 8.17 -11.04 -7.23
N LEU A 50 7.43 -10.42 -6.30
CA LEU A 50 6.36 -9.49 -6.64
C LEU A 50 6.96 -8.15 -7.06
N LYS A 51 6.43 -7.55 -8.12
CA LYS A 51 6.79 -6.18 -8.48
C LYS A 51 5.77 -5.31 -7.78
N VAL A 52 6.13 -4.77 -6.62
CA VAL A 52 5.24 -3.91 -5.84
C VAL A 52 5.97 -2.59 -5.59
N GLU A 53 5.23 -1.49 -5.69
CA GLU A 53 5.78 -0.15 -5.58
C GLU A 53 4.77 0.71 -4.78
N SER A 54 5.12 1.96 -4.48
CA SER A 54 4.37 2.78 -3.53
C SER A 54 4.21 4.22 -4.03
N ALA A 55 2.98 4.75 -3.98
CA ALA A 55 2.67 6.12 -4.41
C ALA A 55 1.62 6.74 -3.47
N GLY A 56 1.21 7.98 -3.74
CA GLY A 56 0.15 8.61 -2.99
C GLY A 56 -0.76 9.55 -3.78
N LEU A 57 -1.99 9.68 -3.30
CA LEU A 57 -3.03 10.51 -3.92
C LEU A 57 -2.76 12.00 -3.75
N GLY A 58 -2.09 12.39 -2.66
CA GLY A 58 -1.65 13.76 -2.40
C GLY A 58 -0.24 13.64 -1.85
N ALA A 59 0.61 12.96 -2.64
CA ALA A 59 1.93 12.55 -2.19
C ALA A 59 2.83 13.76 -1.88
N LEU A 60 3.84 13.47 -1.08
CA LEU A 60 4.86 14.44 -0.67
C LEU A 60 6.09 14.14 -1.54
N VAL A 61 5.88 14.21 -2.86
CA VAL A 61 6.84 13.75 -3.86
C VAL A 61 8.28 14.17 -3.53
N GLY A 62 9.18 13.18 -3.50
CA GLY A 62 10.59 13.39 -3.21
C GLY A 62 10.98 13.01 -1.77
N LYS A 63 10.05 13.06 -0.80
CA LYS A 63 10.37 12.68 0.58
C LYS A 63 10.62 11.18 0.69
N GLY A 64 11.41 10.79 1.70
CA GLY A 64 11.63 9.40 2.04
C GLY A 64 10.47 8.81 2.84
N ALA A 65 10.62 7.57 3.31
CA ALA A 65 9.67 6.98 4.23
C ALA A 65 9.66 7.76 5.55
N ASP A 66 8.51 7.77 6.23
CA ASP A 66 8.32 8.52 7.47
C ASP A 66 9.16 7.89 8.60
N PRO A 67 9.90 8.66 9.42
CA PRO A 67 10.66 8.12 10.54
C PRO A 67 9.87 7.20 11.48
N THR A 68 8.58 7.45 11.67
CA THR A 68 7.76 6.66 12.59
C THR A 68 7.39 5.34 11.91
N ALA A 69 7.09 5.38 10.61
CA ALA A 69 6.83 4.19 9.82
C ALA A 69 8.09 3.31 9.78
N ILE A 70 9.27 3.91 9.56
CA ILE A 70 10.55 3.22 9.62
C ILE A 70 10.71 2.60 11.02
N SER A 71 10.41 3.34 12.09
CA SER A 71 10.58 2.84 13.45
C SER A 71 9.75 1.59 13.69
N VAL A 72 8.44 1.61 13.38
CA VAL A 72 7.60 0.44 13.61
C VAL A 72 8.01 -0.71 12.68
N ALA A 73 8.46 -0.42 11.45
CA ALA A 73 8.95 -1.46 10.56
C ALA A 73 10.21 -2.11 11.13
N ALA A 74 11.15 -1.31 11.66
CA ALA A 74 12.38 -1.81 12.25
C ALA A 74 12.11 -2.61 13.53
N GLU A 75 11.06 -2.27 14.29
CA GLU A 75 10.62 -3.05 15.44
C GLU A 75 10.11 -4.45 15.03
N HIS A 76 9.82 -4.68 13.75
CA HIS A 76 9.53 -5.99 13.16
C HIS A 76 10.60 -6.38 12.11
N GLN A 77 11.75 -5.71 12.14
CA GLN A 77 12.91 -5.98 11.29
C GLN A 77 12.55 -6.04 9.80
N LEU A 78 11.76 -5.07 9.37
CA LEU A 78 11.49 -4.81 7.95
C LEU A 78 12.06 -3.42 7.67
N SER A 79 12.58 -3.21 6.47
CA SER A 79 13.35 -2.02 6.17
C SER A 79 12.66 -1.23 5.06
N LEU A 80 12.05 -0.09 5.39
CA LEU A 80 11.41 0.81 4.41
C LEU A 80 12.44 1.66 3.65
N GLU A 81 13.68 1.16 3.56
CA GLU A 81 14.82 1.93 3.06
C GLU A 81 14.63 2.31 1.59
N GLY A 82 15.07 3.51 1.22
CA GLY A 82 15.14 3.92 -0.18
C GLY A 82 13.77 4.19 -0.83
N HIS A 83 12.67 4.17 -0.06
CA HIS A 83 11.38 4.62 -0.56
C HIS A 83 11.50 6.10 -0.98
N CYS A 84 10.80 6.47 -2.05
CA CYS A 84 10.63 7.86 -2.45
C CYS A 84 9.15 8.07 -2.75
N ALA A 85 8.55 9.09 -2.15
CA ALA A 85 7.16 9.43 -2.38
C ALA A 85 6.97 9.90 -3.83
N ARG A 86 5.78 9.61 -4.38
CA ARG A 86 5.45 9.77 -5.79
C ARG A 86 3.97 10.10 -5.88
N GLN A 87 3.63 11.24 -6.47
CA GLN A 87 2.25 11.56 -6.80
C GLN A 87 1.78 10.53 -7.82
N ILE A 88 0.74 9.77 -7.47
CA ILE A 88 0.10 8.89 -8.43
C ILE A 88 -0.55 9.76 -9.51
N SER A 89 -0.52 9.26 -10.73
CA SER A 89 -1.02 9.94 -11.91
C SER A 89 -1.71 8.89 -12.78
N ARG A 90 -2.46 9.30 -13.79
CA ARG A 90 -3.15 8.34 -14.68
C ARG A 90 -2.13 7.42 -15.35
N ARG A 91 -0.96 7.95 -15.74
CA ARG A 91 0.12 7.14 -16.30
C ARG A 91 0.61 6.09 -15.31
N LEU A 92 0.81 6.43 -14.03
CA LEU A 92 1.16 5.43 -13.02
C LEU A 92 0.05 4.40 -12.88
N CYS A 93 -1.21 4.81 -12.89
CA CYS A 93 -2.31 3.86 -12.76
C CYS A 93 -2.29 2.85 -13.92
N ARG A 94 -1.98 3.28 -15.15
CA ARG A 94 -1.86 2.38 -16.29
C ARG A 94 -0.63 1.47 -16.19
N ASN A 95 0.42 1.90 -15.49
CA ASN A 95 1.71 1.21 -15.46
C ASN A 95 1.65 -0.14 -14.72
N TYR A 96 0.69 -0.32 -13.81
CA TYR A 96 0.57 -1.56 -13.01
C TYR A 96 -0.78 -2.22 -13.30
N ASP A 97 -0.97 -3.47 -12.87
CA ASP A 97 -2.14 -4.26 -13.26
C ASP A 97 -3.12 -4.46 -12.09
N LEU A 98 -2.76 -3.97 -10.91
CA LEU A 98 -3.58 -4.02 -9.71
C LEU A 98 -3.19 -2.76 -8.92
N ILE A 99 -4.17 -1.95 -8.54
CA ILE A 99 -3.91 -0.75 -7.75
C ILE A 99 -4.49 -1.08 -6.38
N LEU A 100 -3.74 -0.79 -5.33
CA LEU A 100 -4.04 -1.25 -3.98
C LEU A 100 -4.00 -0.05 -3.05
N THR A 101 -4.87 -0.01 -2.05
CA THR A 101 -4.96 1.11 -1.14
C THR A 101 -5.49 0.59 0.20
N MET A 102 -5.90 1.46 1.12
CA MET A 102 -6.33 1.05 2.46
C MET A 102 -7.74 1.53 2.78
N GLU A 103 -8.35 2.37 1.93
CA GLU A 103 -9.64 2.99 2.23
C GLU A 103 -10.50 3.07 0.99
N LYS A 104 -11.82 2.91 1.16
CA LYS A 104 -12.76 2.91 0.04
C LYS A 104 -12.91 4.32 -0.53
N ARG A 105 -12.71 5.36 0.27
CA ARG A 105 -12.62 6.73 -0.25
C ARG A 105 -11.49 6.86 -1.28
N HIS A 106 -10.37 6.15 -1.11
CA HIS A 106 -9.25 6.22 -2.04
C HIS A 106 -9.56 5.45 -3.31
N ILE A 107 -10.26 4.30 -3.21
CA ILE A 107 -10.76 3.57 -4.37
C ILE A 107 -11.59 4.53 -5.23
N GLU A 108 -12.47 5.34 -4.62
CA GLU A 108 -13.32 6.25 -5.36
C GLU A 108 -12.48 7.28 -6.15
N ARG A 109 -11.47 7.88 -5.51
CA ARG A 109 -10.60 8.85 -6.20
C ARG A 109 -9.85 8.17 -7.34
N LEU A 110 -9.30 6.98 -7.10
CA LEU A 110 -8.49 6.28 -8.09
C LEU A 110 -9.34 5.85 -9.28
N CYS A 111 -10.59 5.43 -9.06
CA CYS A 111 -11.52 5.12 -10.14
C CYS A 111 -11.84 6.38 -10.95
N GLU A 112 -11.98 7.54 -10.30
CA GLU A 112 -12.22 8.80 -10.99
C GLU A 112 -11.00 9.21 -11.83
N MET A 113 -9.78 9.01 -11.30
CA MET A 113 -8.55 9.34 -12.01
C MET A 113 -8.32 8.43 -13.21
N ALA A 114 -8.66 7.14 -13.10
CA ALA A 114 -8.42 6.14 -14.14
C ALA A 114 -9.61 5.17 -14.22
N PRO A 115 -10.72 5.55 -14.87
CA PRO A 115 -11.85 4.66 -15.12
C PRO A 115 -11.42 3.33 -15.77
N GLU A 116 -10.37 3.33 -16.59
CA GLU A 116 -9.83 2.13 -17.22
C GLU A 116 -9.28 1.11 -16.20
N MET A 117 -9.07 1.51 -14.95
CA MET A 117 -8.57 0.66 -13.86
C MET A 117 -9.63 0.49 -12.77
N ARG A 118 -10.87 0.98 -12.95
CA ARG A 118 -11.88 0.96 -11.89
C ARG A 118 -12.18 -0.45 -11.36
N GLY A 119 -12.07 -1.48 -12.20
CA GLY A 119 -12.27 -2.88 -11.81
C GLY A 119 -11.05 -3.51 -11.15
N LYS A 120 -9.96 -2.74 -10.97
CA LYS A 120 -8.64 -3.23 -10.53
C LYS A 120 -8.11 -2.44 -9.33
N VAL A 121 -8.85 -1.45 -8.82
CA VAL A 121 -8.50 -0.81 -7.55
C VAL A 121 -9.21 -1.60 -6.44
N MET A 122 -8.49 -1.99 -5.39
CA MET A 122 -9.05 -2.67 -4.22
C MET A 122 -8.29 -2.22 -2.96
N LEU A 123 -8.76 -2.62 -1.76
CA LEU A 123 -8.13 -2.24 -0.50
C LEU A 123 -7.47 -3.42 0.21
N PHE A 124 -6.52 -3.09 1.08
CA PHE A 124 -5.79 -4.05 1.91
C PHE A 124 -6.75 -4.92 2.72
N GLY A 125 -7.73 -4.29 3.37
CA GLY A 125 -8.68 -4.99 4.23
C GLY A 125 -9.85 -5.61 3.47
N HIS A 126 -9.80 -5.71 2.13
CA HIS A 126 -10.80 -6.41 1.33
C HIS A 126 -11.12 -7.80 1.90
N TRP A 127 -10.08 -8.56 2.24
CA TRP A 127 -10.22 -9.92 2.79
C TRP A 127 -10.70 -9.95 4.25
N ASP A 128 -11.03 -8.79 4.81
CA ASP A 128 -11.44 -8.63 6.20
C ASP A 128 -12.69 -7.78 6.18
N ASN A 129 -13.73 -8.34 5.54
CA ASN A 129 -15.06 -7.72 5.44
C ASN A 129 -15.00 -6.28 4.89
N GLU A 130 -14.07 -6.05 3.95
CA GLU A 130 -13.79 -4.74 3.35
C GLU A 130 -13.64 -3.61 4.39
N CYS A 131 -13.04 -3.94 5.54
CA CYS A 131 -12.70 -2.97 6.55
C CYS A 131 -11.61 -2.05 6.02
N GLU A 132 -11.77 -0.74 6.23
CA GLU A 132 -10.75 0.24 5.87
C GLU A 132 -9.91 0.62 7.10
N ILE A 133 -8.75 1.23 6.84
CA ILE A 133 -7.72 1.46 7.85
C ILE A 133 -7.50 2.97 8.03
N PRO A 134 -7.31 3.49 9.26
CA PRO A 134 -6.88 4.86 9.50
C PRO A 134 -5.59 5.21 8.75
N ASP A 135 -5.26 6.50 8.70
CA ASP A 135 -3.99 7.01 8.21
C ASP A 135 -3.21 7.56 9.40
N PRO A 136 -1.96 7.14 9.66
CA PRO A 136 -1.26 7.51 10.88
C PRO A 136 -0.75 8.96 10.88
N TYR A 137 -0.66 9.62 9.71
CA TYR A 137 -0.03 10.92 9.44
C TYR A 137 1.04 11.36 10.45
N ARG A 138 0.65 12.01 11.56
CA ARG A 138 1.58 12.59 12.53
C ARG A 138 1.22 12.17 13.96
N LYS A 139 0.36 11.16 14.12
CA LYS A 139 -0.05 10.65 15.43
C LYS A 139 1.10 9.87 16.08
N SER A 140 0.90 9.44 17.31
CA SER A 140 1.91 8.76 18.11
C SER A 140 2.35 7.44 17.46
N ARG A 141 3.51 6.91 17.88
CA ARG A 141 4.03 5.64 17.37
C ARG A 141 3.04 4.49 17.60
N GLU A 142 2.22 4.55 18.65
CA GLU A 142 1.19 3.55 18.89
C GLU A 142 0.19 3.49 17.72
N THR A 143 -0.16 4.63 17.12
CA THR A 143 -1.02 4.66 15.95
C THR A 143 -0.29 3.98 14.78
N PHE A 144 0.98 4.34 14.54
CA PHE A 144 1.77 3.71 13.49
C PHE A 144 1.84 2.19 13.68
N ALA A 145 2.00 1.71 14.92
CA ALA A 145 2.04 0.29 15.22
C ALA A 145 0.68 -0.39 15.05
N ALA A 146 -0.43 0.34 15.19
CA ALA A 146 -1.76 -0.23 15.13
C ALA A 146 -2.08 -0.44 13.66
N VAL A 147 -1.83 0.58 12.84
CA VAL A 147 -1.98 0.47 11.42
C VAL A 147 -0.98 -0.56 10.87
N TYR A 148 0.27 -0.63 11.37
CA TYR A 148 1.22 -1.66 10.96
C TYR A 148 0.64 -3.05 11.21
N THR A 149 0.05 -3.30 12.37
CA THR A 149 -0.53 -4.60 12.70
C THR A 149 -1.67 -4.93 11.72
N LEU A 150 -2.52 -3.95 11.39
CA LEU A 150 -3.61 -4.11 10.42
C LEU A 150 -3.02 -4.45 9.04
N LEU A 151 -2.01 -3.70 8.62
CA LEU A 151 -1.34 -3.87 7.34
C LEU A 151 -0.67 -5.24 7.28
N GLU A 152 -0.06 -5.71 8.36
CA GLU A 152 0.65 -6.98 8.39
C GLU A 152 -0.31 -8.13 8.09
N ARG A 153 -1.45 -8.21 8.78
CA ARG A 153 -2.43 -9.27 8.50
C ARG A 153 -3.01 -9.12 7.09
N SER A 154 -3.28 -7.90 6.65
CA SER A 154 -3.84 -7.64 5.33
C SER A 154 -2.86 -8.09 4.24
N ALA A 155 -1.57 -7.80 4.42
CA ALA A 155 -0.53 -8.20 3.49
C ALA A 155 -0.41 -9.72 3.43
N ARG A 156 -0.53 -10.42 4.57
CA ARG A 156 -0.57 -11.88 4.57
C ARG A 156 -1.76 -12.38 3.75
N GLN A 157 -2.95 -11.78 3.91
CA GLN A 157 -4.12 -12.22 3.15
C GLN A 157 -3.94 -11.94 1.65
N TRP A 158 -3.40 -10.77 1.27
CA TRP A 158 -3.08 -10.48 -0.12
C TRP A 158 -2.03 -11.48 -0.66
N ALA A 159 -0.99 -11.79 0.11
CA ALA A 159 0.03 -12.75 -0.30
C ALA A 159 -0.56 -14.15 -0.44
N GLN A 160 -1.47 -14.56 0.43
CA GLN A 160 -2.16 -15.84 0.35
C GLN A 160 -2.96 -15.92 -0.97
N ALA A 161 -3.67 -14.85 -1.34
CA ALA A 161 -4.42 -14.83 -2.58
C ALA A 161 -3.49 -14.87 -3.79
N LEU A 162 -2.43 -14.06 -3.78
CA LEU A 162 -1.38 -14.05 -4.79
C LEU A 162 -0.76 -15.43 -4.99
N ASN A 163 -0.49 -16.16 -3.89
CA ASN A 163 0.09 -17.50 -3.95
C ASN A 163 -0.88 -18.50 -4.55
N ALA A 164 -2.15 -18.40 -4.17
CA ALA A 164 -3.25 -19.17 -4.70
C ALA A 164 -3.65 -18.60 -6.07
N GLU A 165 -4.90 -18.88 -6.44
CA GLU A 165 -5.62 -18.43 -7.63
C GLU A 165 -4.78 -18.47 -8.91
N GLN A 166 -3.91 -19.47 -9.02
CA GLN A 166 -3.13 -19.75 -10.22
C GLN A 166 -4.07 -20.35 -11.27
N VAL A 167 -3.74 -20.10 -12.53
CA VAL A 167 -4.54 -20.38 -13.71
C VAL A 167 -3.60 -20.73 -14.86
N MET A 21 -2.16 -12.74 -13.78
CA MET A 21 -1.78 -12.71 -12.35
C MET A 21 -1.23 -11.31 -12.00
N PHE A 22 -1.50 -10.82 -10.78
CA PHE A 22 -1.03 -9.53 -10.26
C PHE A 22 0.50 -9.50 -10.04
N ASN A 23 1.30 -9.73 -11.09
CA ASN A 23 2.76 -9.84 -11.00
C ASN A 23 3.39 -8.54 -10.49
N ASN A 24 2.80 -7.40 -10.86
CA ASN A 24 3.37 -6.08 -10.60
C ASN A 24 2.29 -5.21 -9.97
N ILE A 25 2.53 -4.73 -8.75
CA ILE A 25 1.50 -4.07 -7.92
C ILE A 25 2.00 -2.69 -7.48
N LEU A 26 1.08 -1.75 -7.29
CA LEU A 26 1.39 -0.37 -6.89
C LEU A 26 0.43 0.06 -5.78
N VAL A 27 0.95 0.27 -4.58
CA VAL A 27 0.15 0.67 -3.43
C VAL A 27 -0.03 2.20 -3.47
N VAL A 28 -1.22 2.70 -3.12
CA VAL A 28 -1.57 4.11 -3.24
C VAL A 28 -2.27 4.55 -1.95
N CYS A 29 -1.74 5.60 -1.31
CA CYS A 29 -2.27 6.12 -0.05
C CYS A 29 -2.32 7.65 -0.05
N VAL A 30 -2.83 8.26 1.02
CA VAL A 30 -2.72 9.70 1.23
C VAL A 30 -1.49 9.93 2.12
N GLY A 31 -0.76 11.04 1.93
CA GLY A 31 0.52 11.29 2.59
C GLY A 31 1.66 10.46 1.97
N ASN A 32 1.37 9.22 1.56
CA ASN A 32 2.26 8.28 0.86
C ASN A 32 3.39 7.74 1.72
N ILE A 33 4.13 8.59 2.43
CA ILE A 33 5.37 8.23 3.13
C ILE A 33 5.20 7.24 4.29
N CYS A 34 3.97 6.82 4.63
CA CYS A 34 3.69 6.00 5.80
C CYS A 34 3.13 4.63 5.38
N ARG A 35 1.86 4.58 4.96
CA ARG A 35 1.20 3.33 4.60
C ARG A 35 1.89 2.66 3.43
N SER A 36 2.09 3.37 2.31
CA SER A 36 2.54 2.76 1.07
C SER A 36 3.86 1.99 1.21
N PRO A 37 4.96 2.53 1.79
CA PRO A 37 6.19 1.76 1.94
C PRO A 37 6.03 0.60 2.94
N THR A 38 5.25 0.80 4.00
CA THR A 38 5.03 -0.25 4.99
C THR A 38 4.33 -1.43 4.32
N ALA A 39 3.26 -1.17 3.56
CA ALA A 39 2.54 -2.16 2.79
C ALA A 39 3.42 -2.82 1.73
N GLU A 40 4.17 -2.01 0.96
CA GLU A 40 5.06 -2.50 -0.08
C GLU A 40 5.98 -3.57 0.49
N ARG A 41 6.68 -3.25 1.59
CA ARG A 41 7.68 -4.16 2.13
C ARG A 41 7.02 -5.34 2.82
N LEU A 42 5.87 -5.17 3.46
CA LEU A 42 5.18 -6.29 4.10
C LEU A 42 4.77 -7.32 3.05
N LEU A 43 4.16 -6.86 1.96
CA LEU A 43 3.79 -7.72 0.84
C LEU A 43 5.03 -8.40 0.26
N GLN A 44 6.11 -7.64 0.06
CA GLN A 44 7.33 -8.17 -0.53
C GLN A 44 8.08 -9.13 0.40
N ARG A 45 7.99 -8.96 1.73
CA ARG A 45 8.53 -9.91 2.69
C ARG A 45 7.88 -11.27 2.46
N TYR A 46 6.55 -11.30 2.33
CA TYR A 46 5.83 -12.52 2.03
C TYR A 46 6.09 -13.03 0.61
N HIS A 47 6.38 -12.16 -0.36
CA HIS A 47 6.55 -12.52 -1.76
C HIS A 47 7.71 -11.72 -2.38
N PRO A 48 8.97 -12.15 -2.18
CA PRO A 48 10.13 -11.43 -2.68
C PRO A 48 10.27 -11.50 -4.22
N GLU A 49 9.48 -12.34 -4.89
CA GLU A 49 9.56 -12.56 -6.33
C GLU A 49 8.35 -11.95 -7.08
N LEU A 50 7.51 -11.19 -6.38
CA LEU A 50 6.44 -10.37 -6.99
C LEU A 50 6.92 -8.92 -6.84
N LYS A 51 6.63 -8.08 -7.85
CA LYS A 51 7.07 -6.69 -7.80
C LYS A 51 5.96 -5.93 -7.08
N VAL A 52 6.34 -5.15 -6.06
CA VAL A 52 5.41 -4.30 -5.35
C VAL A 52 6.14 -2.96 -5.20
N GLU A 53 5.43 -1.86 -5.47
CA GLU A 53 5.96 -0.52 -5.34
C GLU A 53 4.91 0.38 -4.68
N SER A 54 5.23 1.65 -4.45
CA SER A 54 4.40 2.56 -3.68
C SER A 54 4.26 3.93 -4.37
N ALA A 55 3.14 4.61 -4.09
CA ALA A 55 2.83 5.98 -4.52
C ALA A 55 1.70 6.51 -3.62
N GLY A 56 1.14 7.67 -3.96
CA GLY A 56 -0.05 8.16 -3.27
C GLY A 56 -0.91 9.10 -4.12
N LEU A 57 -2.18 9.23 -3.70
CA LEU A 57 -3.13 10.14 -4.33
C LEU A 57 -2.78 11.57 -3.89
N GLY A 58 -2.58 11.76 -2.58
CA GLY A 58 -2.11 13.01 -1.99
C GLY A 58 -0.69 12.82 -1.49
N ALA A 59 0.19 12.37 -2.39
CA ALA A 59 1.57 12.06 -2.05
C ALA A 59 2.42 13.31 -1.80
N LEU A 60 3.66 13.09 -1.36
CA LEU A 60 4.65 14.12 -1.11
C LEU A 60 5.83 13.77 -2.01
N VAL A 61 5.79 14.22 -3.26
CA VAL A 61 6.78 13.97 -4.25
C VAL A 61 8.20 14.22 -3.73
N GLY A 62 9.03 13.17 -3.79
CA GLY A 62 10.46 13.26 -3.50
C GLY A 62 10.82 12.97 -2.03
N LYS A 63 9.84 12.72 -1.15
CA LYS A 63 10.11 12.57 0.28
C LYS A 63 10.47 11.11 0.56
N GLY A 64 11.36 10.90 1.52
CA GLY A 64 11.69 9.56 1.99
C GLY A 64 10.56 8.98 2.82
N ALA A 65 10.72 7.71 3.21
CA ALA A 65 9.78 7.06 4.12
C ALA A 65 9.77 7.80 5.47
N ASP A 66 8.61 7.78 6.13
CA ASP A 66 8.40 8.50 7.37
C ASP A 66 9.24 7.88 8.51
N PRO A 67 9.92 8.67 9.35
CA PRO A 67 10.78 8.12 10.40
C PRO A 67 10.02 7.28 11.43
N THR A 68 8.73 7.54 11.65
CA THR A 68 7.93 6.76 12.58
C THR A 68 7.64 5.39 11.96
N ALA A 69 7.30 5.38 10.66
CA ALA A 69 7.09 4.14 9.92
C ALA A 69 8.38 3.31 9.89
N ILE A 70 9.52 3.94 9.61
CA ILE A 70 10.82 3.28 9.64
C ILE A 70 11.06 2.70 11.04
N SER A 71 10.83 3.47 12.11
CA SER A 71 11.10 3.00 13.47
C SER A 71 10.26 1.77 13.80
N VAL A 72 8.95 1.80 13.51
CA VAL A 72 8.07 0.67 13.78
C VAL A 72 8.48 -0.52 12.90
N ALA A 73 8.85 -0.31 11.63
CA ALA A 73 9.24 -1.41 10.75
C ALA A 73 10.60 -2.00 11.18
N ALA A 74 11.51 -1.17 11.70
CA ALA A 74 12.78 -1.64 12.22
C ALA A 74 12.60 -2.48 13.48
N GLU A 75 11.55 -2.22 14.28
CA GLU A 75 11.19 -3.07 15.41
C GLU A 75 10.79 -4.49 14.94
N HIS A 76 10.45 -4.65 13.65
CA HIS A 76 10.18 -5.93 12.99
C HIS A 76 11.26 -6.26 11.94
N GLN A 77 12.39 -5.55 11.98
CA GLN A 77 13.55 -5.74 11.11
C GLN A 77 13.17 -5.80 9.62
N LEU A 78 12.35 -4.84 9.17
CA LEU A 78 11.96 -4.71 7.77
C LEU A 78 12.31 -3.30 7.31
N SER A 79 13.33 -3.18 6.47
CA SER A 79 13.88 -1.89 6.08
C SER A 79 12.96 -1.23 5.03
N LEU A 80 12.32 -0.12 5.38
CA LEU A 80 11.55 0.71 4.43
C LEU A 80 12.49 1.60 3.58
N GLU A 81 13.76 1.21 3.44
CA GLU A 81 14.79 2.04 2.85
C GLU A 81 14.53 2.33 1.37
N GLY A 82 14.99 3.49 0.88
CA GLY A 82 15.00 3.80 -0.55
C GLY A 82 13.64 4.16 -1.13
N HIS A 83 12.55 4.07 -0.36
CA HIS A 83 11.25 4.57 -0.77
C HIS A 83 11.36 6.07 -1.05
N CYS A 84 10.74 6.50 -2.16
CA CYS A 84 10.62 7.90 -2.52
C CYS A 84 9.17 8.10 -2.93
N ALA A 85 8.43 8.90 -2.15
CA ALA A 85 7.03 9.18 -2.41
C ALA A 85 6.85 9.94 -3.73
N ARG A 86 5.67 9.78 -4.35
CA ARG A 86 5.40 10.25 -5.71
C ARG A 86 3.90 10.20 -5.92
N GLN A 87 3.35 11.15 -6.68
CA GLN A 87 1.92 11.20 -6.91
C GLN A 87 1.55 10.20 -8.01
N ILE A 88 0.42 9.53 -7.78
CA ILE A 88 -0.20 8.70 -8.80
C ILE A 88 -0.58 9.62 -9.98
N SER A 89 -0.52 9.06 -11.17
CA SER A 89 -0.94 9.71 -12.41
C SER A 89 -1.37 8.60 -13.37
N ARG A 90 -2.10 8.90 -14.45
CA ARG A 90 -2.72 7.86 -15.28
C ARG A 90 -1.68 6.92 -15.91
N ARG A 91 -0.50 7.44 -16.27
CA ARG A 91 0.62 6.60 -16.73
C ARG A 91 0.98 5.56 -15.67
N LEU A 92 1.12 5.98 -14.40
CA LEU A 92 1.36 5.04 -13.31
C LEU A 92 0.20 4.07 -13.21
N CYS A 93 -1.05 4.53 -13.29
CA CYS A 93 -2.20 3.65 -13.12
C CYS A 93 -2.18 2.47 -14.09
N ARG A 94 -1.77 2.68 -15.35
CA ARG A 94 -1.69 1.59 -16.34
C ARG A 94 -0.37 0.81 -16.29
N ASN A 95 0.68 1.35 -15.67
CA ASN A 95 2.01 0.73 -15.64
C ASN A 95 2.06 -0.56 -14.82
N TYR A 96 1.15 -0.72 -13.85
CA TYR A 96 1.12 -1.87 -12.95
C TYR A 96 -0.19 -2.61 -13.16
N ASP A 97 -0.24 -3.90 -12.80
CA ASP A 97 -1.38 -4.76 -13.16
C ASP A 97 -2.53 -4.60 -12.17
N LEU A 98 -2.24 -4.13 -10.94
CA LEU A 98 -3.18 -3.99 -9.86
C LEU A 98 -2.74 -2.79 -9.02
N ILE A 99 -3.64 -1.83 -8.83
CA ILE A 99 -3.43 -0.70 -7.93
C ILE A 99 -4.17 -1.07 -6.65
N LEU A 100 -3.54 -0.85 -5.49
CA LEU A 100 -3.97 -1.34 -4.20
C LEU A 100 -4.03 -0.17 -3.21
N THR A 101 -5.05 -0.10 -2.34
CA THR A 101 -5.21 1.02 -1.42
C THR A 101 -5.79 0.51 -0.08
N MET A 102 -6.25 1.42 0.80
CA MET A 102 -6.62 1.07 2.18
C MET A 102 -8.02 1.53 2.58
N GLU A 103 -8.69 2.38 1.78
CA GLU A 103 -10.02 2.89 2.12
C GLU A 103 -10.89 2.92 0.87
N LYS A 104 -12.20 2.72 1.04
CA LYS A 104 -13.14 2.71 -0.08
C LYS A 104 -13.22 4.09 -0.73
N ARG A 105 -13.11 5.18 0.05
CA ARG A 105 -13.01 6.53 -0.52
C ARG A 105 -11.82 6.63 -1.48
N HIS A 106 -10.70 5.97 -1.21
CA HIS A 106 -9.56 6.02 -2.12
C HIS A 106 -9.88 5.24 -3.39
N ILE A 107 -10.57 4.09 -3.29
CA ILE A 107 -11.02 3.34 -4.47
C ILE A 107 -11.85 4.29 -5.34
N GLU A 108 -12.82 5.00 -4.75
CA GLU A 108 -13.71 5.87 -5.52
C GLU A 108 -12.91 6.97 -6.23
N ARG A 109 -12.07 7.70 -5.50
CA ARG A 109 -11.36 8.85 -6.06
C ARG A 109 -10.37 8.38 -7.14
N LEU A 110 -9.74 7.22 -6.97
CA LEU A 110 -8.81 6.68 -7.96
C LEU A 110 -9.56 6.21 -9.21
N CYS A 111 -10.75 5.62 -9.07
CA CYS A 111 -11.59 5.29 -10.21
C CYS A 111 -11.97 6.55 -10.98
N GLU A 112 -12.23 7.67 -10.30
CA GLU A 112 -12.55 8.94 -10.92
C GLU A 112 -11.31 9.52 -11.64
N MET A 113 -10.11 9.41 -11.03
CA MET A 113 -8.88 9.89 -11.66
C MET A 113 -8.55 9.09 -12.92
N ALA A 114 -8.78 7.77 -12.90
CA ALA A 114 -8.39 6.87 -13.97
C ALA A 114 -9.55 5.90 -14.24
N PRO A 115 -10.53 6.25 -15.09
CA PRO A 115 -11.65 5.37 -15.40
C PRO A 115 -11.16 4.08 -16.09
N GLU A 116 -10.00 4.13 -16.74
CA GLU A 116 -9.31 2.95 -17.28
C GLU A 116 -9.06 1.88 -16.19
N MET A 117 -8.93 2.29 -14.93
CA MET A 117 -8.67 1.42 -13.79
C MET A 117 -9.93 1.26 -12.92
N ARG A 118 -11.08 1.79 -13.33
CA ARG A 118 -12.33 1.71 -12.56
C ARG A 118 -12.66 0.25 -12.28
N GLY A 119 -12.92 -0.07 -11.01
CA GLY A 119 -13.24 -1.42 -10.54
C GLY A 119 -12.02 -2.33 -10.44
N LYS A 120 -10.87 -1.98 -11.04
CA LYS A 120 -9.63 -2.74 -10.92
C LYS A 120 -8.86 -2.32 -9.66
N VAL A 121 -9.14 -1.16 -9.08
CA VAL A 121 -8.57 -0.77 -7.80
C VAL A 121 -9.26 -1.61 -6.71
N MET A 122 -8.50 -2.08 -5.72
CA MET A 122 -9.02 -2.86 -4.59
C MET A 122 -8.25 -2.48 -3.33
N LEU A 123 -8.68 -2.97 -2.15
CA LEU A 123 -8.08 -2.58 -0.87
C LEU A 123 -7.43 -3.72 -0.11
N PHE A 124 -6.51 -3.35 0.80
CA PHE A 124 -5.83 -4.27 1.70
C PHE A 124 -6.80 -5.18 2.43
N GLY A 125 -7.87 -4.60 2.98
CA GLY A 125 -8.82 -5.33 3.82
C GLY A 125 -9.89 -6.05 3.03
N HIS A 126 -9.78 -6.16 1.70
CA HIS A 126 -10.69 -6.95 0.85
C HIS A 126 -11.04 -8.32 1.48
N TRP A 127 -10.01 -9.03 1.95
CA TRP A 127 -10.14 -10.41 2.46
C TRP A 127 -10.75 -10.49 3.86
N ASP A 128 -11.16 -9.36 4.44
CA ASP A 128 -11.83 -9.31 5.73
C ASP A 128 -12.98 -8.33 5.59
N ASN A 129 -13.99 -8.78 4.82
CA ASN A 129 -15.25 -8.07 4.63
C ASN A 129 -15.03 -6.62 4.15
N GLU A 130 -14.02 -6.44 3.29
CA GLU A 130 -13.64 -5.14 2.73
C GLU A 130 -13.47 -4.06 3.79
N CYS A 131 -12.86 -4.44 4.92
CA CYS A 131 -12.56 -3.50 5.98
C CYS A 131 -11.59 -2.42 5.52
N GLU A 132 -11.75 -1.22 6.08
CA GLU A 132 -10.87 -0.09 5.82
C GLU A 132 -9.78 -0.05 6.92
N ILE A 133 -8.71 0.73 6.70
CA ILE A 133 -7.56 0.78 7.59
C ILE A 133 -7.33 2.25 8.00
N PRO A 134 -6.96 2.55 9.27
CA PRO A 134 -6.65 3.91 9.73
C PRO A 134 -5.53 4.58 8.94
N ASP A 135 -5.31 5.87 9.21
CA ASP A 135 -4.28 6.68 8.57
C ASP A 135 -3.30 7.14 9.66
N PRO A 136 -2.06 6.60 9.70
CA PRO A 136 -1.12 6.89 10.77
C PRO A 136 -0.40 8.24 10.58
N TYR A 137 -0.54 8.94 9.45
CA TYR A 137 0.16 10.18 9.18
C TYR A 137 -0.08 11.19 10.31
N ARG A 138 1.01 11.69 10.92
CA ARG A 138 0.97 12.65 12.03
C ARG A 138 0.22 12.14 13.29
N LYS A 139 -0.10 10.84 13.37
CA LYS A 139 -0.65 10.25 14.59
C LYS A 139 0.49 9.74 15.47
N SER A 140 0.17 9.35 16.71
CA SER A 140 1.14 8.80 17.65
C SER A 140 1.77 7.49 17.14
N ARG A 141 2.96 7.13 17.66
CA ARG A 141 3.62 5.87 17.27
C ARG A 141 2.77 4.65 17.59
N GLU A 142 1.93 4.70 18.63
CA GLU A 142 1.00 3.62 18.93
C GLU A 142 0.04 3.38 17.76
N THR A 143 -0.39 4.45 17.07
CA THR A 143 -1.24 4.34 15.90
C THR A 143 -0.44 3.76 14.71
N PHE A 144 0.84 4.12 14.55
CA PHE A 144 1.69 3.47 13.56
C PHE A 144 1.79 1.96 13.85
N ALA A 145 1.91 1.54 15.11
CA ALA A 145 1.98 0.12 15.47
C ALA A 145 0.65 -0.59 15.20
N ALA A 146 -0.48 0.05 15.50
CA ALA A 146 -1.81 -0.50 15.20
C ALA A 146 -1.97 -0.68 13.68
N VAL A 147 -1.61 0.34 12.90
CA VAL A 147 -1.66 0.24 11.44
C VAL A 147 -0.67 -0.82 10.96
N TYR A 148 0.54 -0.93 11.52
CA TYR A 148 1.50 -1.94 11.11
C TYR A 148 0.92 -3.35 11.32
N THR A 149 0.26 -3.59 12.46
CA THR A 149 -0.45 -4.85 12.71
C THR A 149 -1.52 -5.08 11.65
N LEU A 150 -2.41 -4.10 11.41
CA LEU A 150 -3.51 -4.28 10.48
C LEU A 150 -3.03 -4.43 9.03
N LEU A 151 -1.94 -3.77 8.66
CA LEU A 151 -1.30 -3.91 7.36
C LEU A 151 -0.63 -5.27 7.25
N GLU A 152 0.16 -5.70 8.25
CA GLU A 152 0.86 -6.99 8.20
C GLU A 152 -0.15 -8.12 8.10
N ARG A 153 -1.22 -8.01 8.88
CA ARG A 153 -2.33 -8.95 8.89
C ARG A 153 -2.93 -9.09 7.50
N SER A 154 -3.32 -7.97 6.90
CA SER A 154 -4.04 -8.00 5.62
C SER A 154 -3.09 -8.26 4.46
N ALA A 155 -1.81 -7.86 4.56
CA ALA A 155 -0.77 -8.25 3.61
C ALA A 155 -0.57 -9.76 3.62
N ARG A 156 -0.71 -10.42 4.77
CA ARG A 156 -0.65 -11.88 4.84
C ARG A 156 -1.80 -12.50 4.06
N GLN A 157 -3.01 -11.95 4.19
CA GLN A 157 -4.16 -12.42 3.43
C GLN A 157 -3.96 -12.18 1.93
N TRP A 158 -3.46 -11.00 1.54
CA TRP A 158 -3.10 -10.73 0.15
C TRP A 158 -2.06 -11.75 -0.35
N ALA A 159 -1.01 -12.00 0.44
CA ALA A 159 0.02 -12.96 0.05
C ALA A 159 -0.54 -14.37 -0.10
N GLN A 160 -1.47 -14.79 0.76
CA GLN A 160 -2.12 -16.09 0.65
C GLN A 160 -2.84 -16.23 -0.70
N ALA A 161 -3.48 -15.16 -1.19
CA ALA A 161 -4.17 -15.18 -2.47
C ALA A 161 -3.18 -15.11 -3.63
N LEU A 162 -2.17 -14.23 -3.54
CA LEU A 162 -1.10 -14.11 -4.54
C LEU A 162 -0.36 -15.44 -4.71
N ASN A 163 -0.12 -16.17 -3.61
CA ASN A 163 0.51 -17.48 -3.63
C ASN A 163 -0.30 -18.51 -4.41
N ALA A 164 -1.63 -18.30 -4.50
CA ALA A 164 -2.54 -19.14 -5.27
C ALA A 164 -2.99 -18.45 -6.56
N GLU A 165 -2.16 -17.52 -7.04
CA GLU A 165 -2.30 -16.75 -8.28
C GLU A 165 -3.73 -16.26 -8.55
N GLN A 166 -4.43 -15.84 -7.49
CA GLN A 166 -5.76 -15.28 -7.61
C GLN A 166 -5.73 -13.98 -8.41
N VAL A 167 -6.89 -13.70 -9.01
CA VAL A 167 -7.18 -12.65 -9.97
C VAL A 167 -8.63 -12.23 -9.78
N MET A 21 -0.99 -13.54 -14.09
CA MET A 21 -1.07 -12.99 -12.71
C MET A 21 -0.67 -11.51 -12.73
N PHE A 22 -1.36 -10.66 -11.97
CA PHE A 22 -1.11 -9.22 -11.86
C PHE A 22 0.17 -8.94 -11.05
N ASN A 23 1.32 -9.35 -11.58
CA ASN A 23 2.61 -9.25 -10.87
C ASN A 23 2.99 -7.81 -10.53
N ASN A 24 2.53 -6.83 -11.32
CA ASN A 24 2.81 -5.42 -11.05
C ASN A 24 1.62 -4.88 -10.26
N ILE A 25 1.88 -4.31 -9.07
CA ILE A 25 0.83 -3.84 -8.16
C ILE A 25 1.25 -2.45 -7.67
N LEU A 26 0.29 -1.57 -7.44
CA LEU A 26 0.55 -0.21 -6.94
C LEU A 26 -0.27 0.03 -5.69
N VAL A 27 0.33 0.52 -4.61
CA VAL A 27 -0.40 0.92 -3.42
C VAL A 27 -0.49 2.45 -3.44
N VAL A 28 -1.68 3.01 -3.27
CA VAL A 28 -1.93 4.44 -3.41
C VAL A 28 -2.67 4.90 -2.15
N CYS A 29 -2.08 5.84 -1.40
CA CYS A 29 -2.66 6.30 -0.14
C CYS A 29 -2.50 7.80 0.04
N VAL A 30 -3.48 8.45 0.68
CA VAL A 30 -3.28 9.83 1.14
C VAL A 30 -2.29 9.67 2.31
N GLY A 31 -1.28 10.54 2.42
CA GLY A 31 -0.19 10.33 3.37
C GLY A 31 0.66 9.11 2.96
N ASN A 32 0.91 9.00 1.65
CA ASN A 32 1.80 7.99 1.07
C ASN A 32 3.05 7.71 1.89
N ILE A 33 3.70 8.75 2.46
CA ILE A 33 5.00 8.71 3.13
C ILE A 33 5.17 7.62 4.22
N CYS A 34 4.09 6.96 4.64
CA CYS A 34 4.15 5.86 5.61
C CYS A 34 3.27 4.67 5.19
N ARG A 35 2.05 4.91 4.70
CA ARG A 35 1.09 3.83 4.47
C ARG A 35 1.54 2.96 3.29
N SER A 36 1.77 3.58 2.12
CA SER A 36 2.10 2.87 0.90
C SER A 36 3.40 2.03 1.02
N PRO A 37 4.54 2.54 1.52
CA PRO A 37 5.77 1.76 1.56
C PRO A 37 5.73 0.65 2.60
N THR A 38 4.95 0.81 3.68
CA THR A 38 4.79 -0.26 4.66
C THR A 38 4.02 -1.42 4.02
N ALA A 39 2.93 -1.14 3.30
CA ALA A 39 2.21 -2.17 2.54
C ALA A 39 3.13 -2.82 1.50
N GLU A 40 3.89 -2.00 0.76
CA GLU A 40 4.81 -2.48 -0.27
C GLU A 40 5.80 -3.47 0.36
N ARG A 41 6.55 -3.06 1.38
CA ARG A 41 7.58 -3.92 1.96
C ARG A 41 6.97 -5.17 2.59
N LEU A 42 5.78 -5.08 3.18
CA LEU A 42 5.10 -6.25 3.73
C LEU A 42 4.75 -7.24 2.61
N LEU A 43 4.22 -6.76 1.49
CA LEU A 43 3.91 -7.62 0.36
C LEU A 43 5.18 -8.22 -0.24
N GLN A 44 6.24 -7.41 -0.39
CA GLN A 44 7.53 -7.89 -0.91
C GLN A 44 8.13 -8.94 0.04
N ARG A 45 8.00 -8.78 1.35
CA ARG A 45 8.44 -9.76 2.35
C ARG A 45 7.74 -11.10 2.09
N TYR A 46 6.40 -11.10 1.98
CA TYR A 46 5.66 -12.33 1.79
C TYR A 46 5.88 -12.94 0.40
N HIS A 47 6.07 -12.12 -0.65
CA HIS A 47 6.22 -12.56 -2.03
C HIS A 47 7.31 -11.70 -2.71
N PRO A 48 8.60 -12.09 -2.64
CA PRO A 48 9.70 -11.30 -3.18
C PRO A 48 9.74 -11.28 -4.72
N GLU A 49 9.06 -12.24 -5.38
CA GLU A 49 8.94 -12.27 -6.84
C GLU A 49 7.91 -11.23 -7.35
N LEU A 50 7.11 -10.66 -6.44
CA LEU A 50 6.08 -9.68 -6.76
C LEU A 50 6.73 -8.31 -7.03
N LYS A 51 6.02 -7.46 -7.78
CA LYS A 51 6.49 -6.12 -8.15
C LYS A 51 5.47 -5.13 -7.62
N VAL A 52 5.42 -5.01 -6.30
CA VAL A 52 4.62 -3.97 -5.68
C VAL A 52 5.45 -2.69 -5.66
N GLU A 53 4.80 -1.56 -5.92
CA GLU A 53 5.40 -0.24 -5.73
C GLU A 53 4.34 0.70 -5.12
N SER A 54 4.69 1.97 -4.86
CA SER A 54 3.83 2.86 -4.08
C SER A 54 3.68 4.25 -4.70
N ALA A 55 2.61 4.96 -4.31
CA ALA A 55 2.39 6.37 -4.63
C ALA A 55 1.30 6.90 -3.67
N GLY A 56 0.76 8.09 -3.92
CA GLY A 56 -0.39 8.59 -3.18
C GLY A 56 -1.22 9.61 -3.95
N LEU A 57 -2.50 9.72 -3.54
CA LEU A 57 -3.41 10.74 -4.08
C LEU A 57 -2.98 12.14 -3.63
N GLY A 58 -2.40 12.25 -2.44
CA GLY A 58 -1.94 13.51 -1.86
C GLY A 58 -0.60 13.25 -1.19
N ALA A 59 0.33 12.68 -1.95
CA ALA A 59 1.69 12.40 -1.49
C ALA A 59 2.53 13.68 -1.41
N LEU A 60 3.78 13.52 -0.98
CA LEU A 60 4.77 14.58 -0.90
C LEU A 60 5.97 14.09 -1.70
N VAL A 61 6.03 14.47 -2.97
CA VAL A 61 7.05 14.03 -3.91
C VAL A 61 8.46 14.20 -3.31
N GLY A 62 9.21 13.09 -3.23
CA GLY A 62 10.60 13.09 -2.80
C GLY A 62 10.81 13.25 -1.29
N LYS A 63 9.74 13.25 -0.48
CA LYS A 63 9.86 13.53 0.97
C LYS A 63 10.57 12.39 1.74
N GLY A 64 10.67 11.19 1.18
CA GLY A 64 11.23 10.04 1.89
C GLY A 64 10.18 9.36 2.77
N ALA A 65 10.47 8.14 3.23
CA ALA A 65 9.64 7.45 4.20
C ALA A 65 9.67 8.18 5.55
N ASP A 66 8.55 8.18 6.27
CA ASP A 66 8.47 8.80 7.59
C ASP A 66 9.21 7.93 8.61
N PRO A 67 10.16 8.46 9.41
CA PRO A 67 10.93 7.69 10.39
C PRO A 67 10.10 6.86 11.38
N THR A 68 8.85 7.22 11.65
CA THR A 68 8.02 6.49 12.59
C THR A 68 7.59 5.17 11.95
N ALA A 69 7.31 5.18 10.64
CA ALA A 69 7.05 3.97 9.88
C ALA A 69 8.30 3.10 9.84
N ILE A 70 9.47 3.70 9.59
CA ILE A 70 10.74 2.98 9.54
C ILE A 70 11.00 2.28 10.87
N SER A 71 10.91 3.01 11.99
CA SER A 71 11.24 2.44 13.29
C SER A 71 10.27 1.33 13.69
N VAL A 72 8.97 1.49 13.40
CA VAL A 72 7.99 0.43 13.65
C VAL A 72 8.32 -0.79 12.79
N ALA A 73 8.66 -0.61 11.51
CA ALA A 73 8.98 -1.74 10.65
C ALA A 73 10.25 -2.44 11.13
N ALA A 74 11.26 -1.68 11.60
CA ALA A 74 12.48 -2.24 12.17
C ALA A 74 12.21 -3.00 13.48
N GLU A 75 11.20 -2.59 14.26
CA GLU A 75 10.77 -3.33 15.44
C GLU A 75 10.23 -4.73 15.07
N HIS A 76 9.84 -4.94 13.81
CA HIS A 76 9.44 -6.23 13.23
C HIS A 76 10.50 -6.75 12.25
N GLN A 77 11.71 -6.16 12.26
CA GLN A 77 12.84 -6.52 11.41
C GLN A 77 12.48 -6.58 9.92
N LEU A 78 11.69 -5.61 9.47
CA LEU A 78 11.43 -5.39 8.05
C LEU A 78 12.05 -4.05 7.70
N SER A 79 12.98 -4.04 6.76
CA SER A 79 13.61 -2.83 6.27
C SER A 79 12.53 -1.99 5.54
N LEU A 80 12.55 -0.68 5.75
CA LEU A 80 11.53 0.24 5.20
C LEU A 80 12.23 1.31 4.33
N GLU A 81 13.47 1.04 3.93
CA GLU A 81 14.34 2.03 3.30
C GLU A 81 14.11 2.05 1.78
N GLY A 82 14.60 3.12 1.14
CA GLY A 82 14.66 3.20 -0.32
C GLY A 82 13.37 3.66 -0.98
N HIS A 83 12.31 3.93 -0.21
CA HIS A 83 11.08 4.50 -0.74
C HIS A 83 11.30 5.98 -1.06
N CYS A 84 10.67 6.44 -2.14
CA CYS A 84 10.59 7.85 -2.49
C CYS A 84 9.11 8.11 -2.80
N ALA A 85 8.46 8.92 -1.96
CA ALA A 85 7.05 9.26 -2.13
C ALA A 85 6.85 10.06 -3.41
N ARG A 86 5.65 10.02 -3.98
CA ARG A 86 5.36 10.56 -5.31
C ARG A 86 3.85 10.55 -5.50
N GLN A 87 3.32 11.54 -6.23
CA GLN A 87 1.89 11.56 -6.51
C GLN A 87 1.57 10.53 -7.58
N ILE A 88 0.41 9.91 -7.42
CA ILE A 88 -0.16 9.05 -8.43
C ILE A 88 -0.37 9.87 -9.72
N SER A 89 -0.26 9.19 -10.85
CA SER A 89 -0.62 9.75 -12.16
C SER A 89 -1.31 8.64 -12.95
N ARG A 90 -2.04 8.99 -14.01
CA ARG A 90 -2.68 7.99 -14.87
C ARG A 90 -1.62 7.14 -15.58
N ARG A 91 -0.46 7.72 -15.93
CA ARG A 91 0.67 6.96 -16.47
C ARG A 91 1.13 5.92 -15.46
N LEU A 92 1.32 6.29 -14.19
CA LEU A 92 1.64 5.33 -13.14
C LEU A 92 0.56 4.27 -13.07
N CYS A 93 -0.72 4.64 -13.06
CA CYS A 93 -1.80 3.67 -12.96
C CYS A 93 -1.68 2.60 -14.05
N ARG A 94 -1.46 3.01 -15.30
CA ARG A 94 -1.31 2.07 -16.41
C ARG A 94 -0.08 1.17 -16.28
N ASN A 95 0.97 1.60 -15.57
CA ASN A 95 2.19 0.81 -15.39
C ASN A 95 1.96 -0.46 -14.54
N TYR A 96 0.87 -0.52 -13.76
CA TYR A 96 0.56 -1.69 -12.91
C TYR A 96 -0.81 -2.25 -13.28
N ASP A 97 -1.18 -3.41 -12.72
CA ASP A 97 -2.37 -4.15 -13.16
C ASP A 97 -3.30 -4.51 -12.01
N LEU A 98 -2.98 -4.05 -10.80
CA LEU A 98 -3.81 -4.14 -9.61
C LEU A 98 -3.45 -2.90 -8.80
N ILE A 99 -4.43 -2.16 -8.29
CA ILE A 99 -4.19 -0.96 -7.50
C ILE A 99 -4.84 -1.23 -6.14
N LEU A 100 -4.18 -0.83 -5.07
CA LEU A 100 -4.59 -1.09 -3.69
C LEU A 100 -4.71 0.24 -3.00
N THR A 101 -5.78 0.44 -2.23
CA THR A 101 -6.03 1.69 -1.52
C THR A 101 -6.20 1.35 -0.03
N MET A 102 -6.25 2.35 0.86
CA MET A 102 -6.47 2.09 2.28
C MET A 102 -7.93 2.36 2.68
N GLU A 103 -8.67 3.15 1.89
CA GLU A 103 -10.01 3.60 2.25
C GLU A 103 -10.90 3.54 1.01
N LYS A 104 -12.21 3.34 1.22
CA LYS A 104 -13.16 3.27 0.10
C LYS A 104 -13.20 4.58 -0.68
N ARG A 105 -13.10 5.74 -0.02
CA ARG A 105 -13.04 7.03 -0.70
C ARG A 105 -11.82 7.13 -1.62
N HIS A 106 -10.70 6.47 -1.31
CA HIS A 106 -9.54 6.46 -2.20
C HIS A 106 -9.87 5.67 -3.47
N ILE A 107 -10.65 4.58 -3.37
CA ILE A 107 -11.07 3.80 -4.54
C ILE A 107 -11.84 4.72 -5.47
N GLU A 108 -12.77 5.51 -4.92
CA GLU A 108 -13.60 6.41 -5.73
C GLU A 108 -12.73 7.44 -6.45
N ARG A 109 -11.77 8.06 -5.73
CA ARG A 109 -10.85 9.02 -6.34
C ARG A 109 -9.99 8.36 -7.41
N LEU A 110 -9.48 7.15 -7.18
CA LEU A 110 -8.66 6.42 -8.14
C LEU A 110 -9.49 6.16 -9.42
N CYS A 111 -10.73 5.70 -9.27
CA CYS A 111 -11.61 5.45 -10.41
C CYS A 111 -11.84 6.75 -11.20
N GLU A 112 -11.96 7.89 -10.53
CA GLU A 112 -12.18 9.17 -11.19
C GLU A 112 -10.95 9.58 -12.01
N MET A 113 -9.74 9.47 -11.44
CA MET A 113 -8.52 9.96 -12.10
C MET A 113 -7.92 8.95 -13.10
N ALA A 114 -8.23 7.66 -12.98
CA ALA A 114 -7.78 6.63 -13.90
C ALA A 114 -8.89 5.59 -14.09
N PRO A 115 -9.95 5.90 -14.88
CA PRO A 115 -11.11 5.02 -15.05
C PRO A 115 -10.76 3.69 -15.71
N GLU A 116 -9.61 3.59 -16.39
CA GLU A 116 -9.11 2.33 -16.94
C GLU A 116 -8.92 1.28 -15.83
N MET A 117 -8.61 1.73 -14.61
CA MET A 117 -8.32 0.87 -13.48
C MET A 117 -9.57 0.59 -12.63
N ARG A 118 -10.76 1.05 -13.03
CA ARG A 118 -11.99 0.72 -12.31
C ARG A 118 -12.10 -0.80 -12.13
N GLY A 119 -12.45 -1.27 -10.94
CA GLY A 119 -12.49 -2.69 -10.60
C GLY A 119 -11.10 -3.28 -10.35
N LYS A 120 -10.06 -2.86 -11.09
CA LYS A 120 -8.67 -3.23 -10.78
C LYS A 120 -8.18 -2.52 -9.52
N VAL A 121 -8.78 -1.39 -9.14
CA VAL A 121 -8.53 -0.77 -7.84
C VAL A 121 -9.42 -1.45 -6.80
N MET A 122 -8.85 -1.81 -5.64
CA MET A 122 -9.57 -2.47 -4.55
C MET A 122 -9.00 -2.03 -3.20
N LEU A 123 -9.79 -2.23 -2.13
CA LEU A 123 -9.36 -1.95 -0.77
C LEU A 123 -8.28 -2.95 -0.37
N PHE A 124 -7.18 -2.50 0.23
CA PHE A 124 -6.12 -3.39 0.68
C PHE A 124 -6.63 -4.36 1.75
N GLY A 125 -7.43 -3.85 2.69
CA GLY A 125 -7.99 -4.64 3.78
C GLY A 125 -9.24 -5.43 3.39
N HIS A 126 -9.49 -5.66 2.08
CA HIS A 126 -10.67 -6.36 1.59
C HIS A 126 -10.88 -7.69 2.30
N TRP A 127 -9.83 -8.51 2.41
CA TRP A 127 -9.94 -9.84 3.01
C TRP A 127 -10.30 -9.78 4.49
N ASP A 128 -9.93 -8.68 5.17
CA ASP A 128 -10.20 -8.47 6.59
C ASP A 128 -11.56 -7.80 6.73
N ASN A 129 -12.60 -8.47 6.20
CA ASN A 129 -13.98 -8.02 6.26
C ASN A 129 -14.14 -6.56 5.78
N GLU A 130 -13.41 -6.23 4.70
CA GLU A 130 -13.36 -4.89 4.11
C GLU A 130 -13.12 -3.76 5.12
N CYS A 131 -12.26 -4.03 6.10
CA CYS A 131 -11.83 -3.01 7.04
C CYS A 131 -10.92 -1.99 6.32
N GLU A 132 -11.32 -0.72 6.31
CA GLU A 132 -10.44 0.35 5.87
C GLU A 132 -9.31 0.53 6.89
N ILE A 133 -8.23 1.18 6.46
CA ILE A 133 -6.99 1.25 7.22
C ILE A 133 -6.72 2.72 7.56
N PRO A 134 -6.42 3.06 8.84
CA PRO A 134 -6.12 4.42 9.26
C PRO A 134 -4.95 5.08 8.52
N ASP A 135 -4.71 6.35 8.84
CA ASP A 135 -3.56 7.13 8.38
C ASP A 135 -2.81 7.61 9.62
N PRO A 136 -1.64 7.03 9.94
CA PRO A 136 -0.94 7.30 11.18
C PRO A 136 -0.13 8.61 11.14
N TYR A 137 -0.07 9.31 9.99
CA TYR A 137 0.73 10.53 9.85
C TYR A 137 0.40 11.52 10.97
N ARG A 138 1.46 12.11 11.54
CA ARG A 138 1.37 13.15 12.57
C ARG A 138 0.70 12.67 13.86
N LYS A 139 0.68 11.36 14.13
CA LYS A 139 0.10 10.79 15.35
C LYS A 139 1.17 9.97 16.08
N SER A 140 0.84 9.47 17.27
CA SER A 140 1.79 8.75 18.13
C SER A 140 2.30 7.47 17.45
N ARG A 141 3.49 6.99 17.84
CA ARG A 141 4.10 5.79 17.25
C ARG A 141 3.22 4.55 17.40
N GLU A 142 2.41 4.45 18.46
CA GLU A 142 1.45 3.36 18.61
C GLU A 142 0.42 3.32 17.47
N THR A 143 0.13 4.46 16.84
CA THR A 143 -0.75 4.51 15.67
C THR A 143 -0.05 3.83 14.49
N PHE A 144 1.25 4.09 14.30
CA PHE A 144 2.02 3.42 13.26
C PHE A 144 2.09 1.93 13.54
N ALA A 145 2.20 1.49 14.80
CA ALA A 145 2.19 0.07 15.15
C ALA A 145 0.84 -0.58 14.82
N ALA A 146 -0.27 0.07 15.16
CA ALA A 146 -1.61 -0.42 14.84
C ALA A 146 -1.78 -0.54 13.32
N VAL A 147 -1.39 0.50 12.58
CA VAL A 147 -1.47 0.49 11.13
C VAL A 147 -0.56 -0.60 10.57
N TYR A 148 0.69 -0.77 11.05
CA TYR A 148 1.57 -1.83 10.59
C TYR A 148 0.90 -3.20 10.79
N THR A 149 0.27 -3.43 11.94
CA THR A 149 -0.37 -4.72 12.22
C THR A 149 -1.52 -4.96 11.22
N LEU A 150 -2.35 -3.96 10.96
CA LEU A 150 -3.48 -4.06 10.04
C LEU A 150 -3.01 -4.21 8.59
N LEU A 151 -1.92 -3.52 8.22
CA LEU A 151 -1.27 -3.69 6.92
C LEU A 151 -0.68 -5.09 6.81
N GLU A 152 -0.11 -5.65 7.87
CA GLU A 152 0.48 -6.99 7.85
C GLU A 152 -0.61 -8.02 7.59
N ARG A 153 -1.75 -7.93 8.28
CA ARG A 153 -2.92 -8.78 7.99
C ARG A 153 -3.26 -8.70 6.50
N SER A 154 -3.44 -7.48 6.00
CA SER A 154 -3.88 -7.23 4.63
C SER A 154 -2.88 -7.82 3.64
N ALA A 155 -1.57 -7.57 3.85
CA ALA A 155 -0.52 -8.06 2.97
C ALA A 155 -0.45 -9.58 3.00
N ARG A 156 -0.51 -10.18 4.19
CA ARG A 156 -0.45 -11.63 4.33
C ARG A 156 -1.66 -12.26 3.65
N GLN A 157 -2.84 -11.65 3.74
CA GLN A 157 -4.04 -12.19 3.13
C GLN A 157 -4.00 -12.04 1.60
N TRP A 158 -3.47 -10.93 1.06
CA TRP A 158 -3.22 -10.83 -0.37
C TRP A 158 -2.25 -11.92 -0.84
N ALA A 159 -1.16 -12.17 -0.09
CA ALA A 159 -0.25 -13.25 -0.41
C ALA A 159 -0.94 -14.62 -0.30
N GLN A 160 -1.77 -14.84 0.72
CA GLN A 160 -2.52 -16.07 0.92
C GLN A 160 -3.42 -16.34 -0.29
N ALA A 161 -4.06 -15.31 -0.83
CA ALA A 161 -4.92 -15.45 -1.99
C ALA A 161 -4.10 -15.78 -3.23
N LEU A 162 -3.05 -14.99 -3.50
CA LEU A 162 -2.14 -15.22 -4.63
C LEU A 162 -1.54 -16.62 -4.60
N ASN A 163 -1.16 -17.11 -3.42
CA ASN A 163 -0.59 -18.45 -3.22
C ASN A 163 -1.55 -19.57 -3.65
N ALA A 164 -2.86 -19.28 -3.74
CA ALA A 164 -3.88 -20.23 -4.17
C ALA A 164 -4.66 -19.70 -5.38
N GLU A 165 -3.98 -18.88 -6.18
CA GLU A 165 -4.40 -18.37 -7.47
C GLU A 165 -3.21 -18.38 -8.43
N GLN A 166 -2.29 -19.32 -8.18
CA GLN A 166 -1.19 -19.64 -9.08
C GLN A 166 -1.77 -20.33 -10.33
N VAL A 167 -1.10 -20.10 -11.45
CA VAL A 167 -1.55 -20.45 -12.80
C VAL A 167 -0.31 -20.79 -13.63
N MET A 21 -1.25 -13.74 -13.65
CA MET A 21 -0.60 -13.46 -12.34
C MET A 21 -0.30 -11.97 -12.27
N PHE A 22 -0.92 -11.24 -11.32
CA PHE A 22 -0.78 -9.79 -11.17
C PHE A 22 0.54 -9.45 -10.47
N ASN A 23 1.66 -9.72 -11.14
CA ASN A 23 3.00 -9.56 -10.57
C ASN A 23 3.34 -8.10 -10.24
N ASN A 24 2.70 -7.15 -10.92
CA ASN A 24 2.96 -5.72 -10.74
C ASN A 24 1.77 -5.16 -9.96
N ILE A 25 2.01 -4.51 -8.82
CA ILE A 25 0.96 -4.03 -7.92
C ILE A 25 1.33 -2.61 -7.46
N LEU A 26 0.33 -1.77 -7.16
CA LEU A 26 0.54 -0.39 -6.75
C LEU A 26 -0.36 -0.10 -5.55
N VAL A 27 0.18 0.41 -4.45
CA VAL A 27 -0.59 0.78 -3.27
C VAL A 27 -0.59 2.31 -3.11
N VAL A 28 -1.72 2.89 -2.68
CA VAL A 28 -1.91 4.34 -2.66
C VAL A 28 -2.36 4.78 -1.27
N CYS A 29 -1.81 5.91 -0.82
CA CYS A 29 -2.19 6.59 0.41
C CYS A 29 -2.41 8.08 0.08
N VAL A 30 -2.81 8.95 1.03
CA VAL A 30 -2.84 10.39 0.75
C VAL A 30 -1.40 10.89 0.57
N GLY A 31 -0.55 10.76 1.60
CA GLY A 31 0.76 11.39 1.62
C GLY A 31 1.90 10.46 1.17
N ASN A 32 1.62 9.17 0.98
CA ASN A 32 2.58 8.14 0.55
C ASN A 32 3.69 7.82 1.56
N ILE A 33 4.24 8.75 2.33
CA ILE A 33 5.45 8.52 3.13
C ILE A 33 5.40 7.42 4.22
N CYS A 34 4.31 6.68 4.43
CA CYS A 34 4.22 5.75 5.56
C CYS A 34 3.39 4.50 5.29
N ARG A 35 2.08 4.66 5.04
CA ARG A 35 1.15 3.54 5.01
C ARG A 35 1.36 2.64 3.80
N SER A 36 1.36 3.20 2.58
CA SER A 36 1.58 2.41 1.37
C SER A 36 2.97 1.74 1.36
N PRO A 37 4.10 2.40 1.69
CA PRO A 37 5.41 1.78 1.82
C PRO A 37 5.43 0.58 2.77
N THR A 38 4.67 0.64 3.86
CA THR A 38 4.59 -0.47 4.79
C THR A 38 3.94 -1.67 4.09
N ALA A 39 2.83 -1.48 3.37
CA ALA A 39 2.19 -2.55 2.60
C ALA A 39 3.13 -3.07 1.51
N GLU A 40 3.77 -2.15 0.77
CA GLU A 40 4.68 -2.48 -0.31
C GLU A 40 5.78 -3.41 0.21
N ARG A 41 6.49 -2.99 1.26
CA ARG A 41 7.58 -3.79 1.80
C ARG A 41 7.08 -5.09 2.40
N LEU A 42 5.90 -5.13 3.03
CA LEU A 42 5.31 -6.37 3.52
C LEU A 42 5.11 -7.35 2.37
N LEU A 43 4.53 -6.91 1.25
CA LEU A 43 4.33 -7.77 0.09
C LEU A 43 5.68 -8.25 -0.47
N GLN A 44 6.68 -7.37 -0.55
CA GLN A 44 8.02 -7.76 -1.00
C GLN A 44 8.62 -8.82 -0.06
N ARG A 45 8.39 -8.72 1.25
CA ARG A 45 8.87 -9.69 2.23
C ARG A 45 8.24 -11.06 1.95
N TYR A 46 6.92 -11.11 1.75
CA TYR A 46 6.22 -12.36 1.49
C TYR A 46 6.59 -12.96 0.13
N HIS A 47 6.82 -12.13 -0.88
CA HIS A 47 7.09 -12.55 -2.25
C HIS A 47 8.19 -11.68 -2.86
N PRO A 48 9.48 -12.03 -2.69
CA PRO A 48 10.59 -11.32 -3.33
C PRO A 48 10.49 -11.23 -4.87
N GLU A 49 9.77 -12.16 -5.50
CA GLU A 49 9.57 -12.18 -6.95
C GLU A 49 8.53 -11.14 -7.41
N LEU A 50 7.83 -10.50 -6.47
CA LEU A 50 6.72 -9.60 -6.75
C LEU A 50 7.25 -8.18 -6.99
N LYS A 51 6.43 -7.33 -7.62
CA LYS A 51 6.80 -5.96 -7.94
C LYS A 51 5.70 -5.05 -7.41
N VAL A 52 5.73 -4.79 -6.11
CA VAL A 52 4.82 -3.85 -5.49
C VAL A 52 5.56 -2.51 -5.39
N GLU A 53 4.82 -1.42 -5.58
CA GLU A 53 5.33 -0.06 -5.49
C GLU A 53 4.25 0.81 -4.81
N SER A 54 4.60 2.03 -4.40
CA SER A 54 3.66 2.94 -3.76
C SER A 54 3.55 4.26 -4.52
N ALA A 55 2.43 4.96 -4.28
CA ALA A 55 2.20 6.33 -4.71
C ALA A 55 1.27 6.99 -3.69
N GLY A 56 0.86 8.24 -3.92
CA GLY A 56 -0.18 8.86 -3.13
C GLY A 56 -0.97 9.95 -3.83
N LEU A 57 -2.18 10.21 -3.35
CA LEU A 57 -3.12 11.15 -3.94
C LEU A 57 -2.56 12.58 -3.91
N GLY A 58 -1.84 12.92 -2.82
CA GLY A 58 -1.21 14.21 -2.61
C GLY A 58 0.15 13.95 -1.97
N ALA A 59 0.92 13.08 -2.63
CA ALA A 59 2.16 12.54 -2.10
C ALA A 59 3.24 13.62 -1.94
N LEU A 60 4.32 13.22 -1.28
CA LEU A 60 5.44 14.09 -0.95
C LEU A 60 6.65 13.55 -1.72
N VAL A 61 6.65 13.84 -3.03
CA VAL A 61 7.65 13.34 -3.98
C VAL A 61 9.07 13.42 -3.40
N GLY A 62 9.74 12.27 -3.27
CA GLY A 62 11.15 12.20 -2.89
C GLY A 62 11.47 12.54 -1.43
N LYS A 63 10.48 12.70 -0.54
CA LYS A 63 10.74 13.08 0.86
C LYS A 63 11.30 11.94 1.71
N GLY A 64 11.37 10.71 1.18
CA GLY A 64 11.69 9.54 1.99
C GLY A 64 10.47 9.11 2.80
N ALA A 65 10.61 7.96 3.45
CA ALA A 65 9.58 7.45 4.36
C ALA A 65 9.65 8.22 5.69
N ASP A 66 8.54 8.22 6.42
CA ASP A 66 8.44 8.87 7.73
C ASP A 66 9.27 8.11 8.77
N PRO A 67 10.11 8.77 9.59
CA PRO A 67 10.90 8.11 10.63
C PRO A 67 10.11 7.19 11.56
N THR A 68 8.83 7.47 11.82
CA THR A 68 8.01 6.67 12.73
C THR A 68 7.65 5.36 12.02
N ALA A 69 7.32 5.42 10.73
CA ALA A 69 7.03 4.24 9.94
C ALA A 69 8.28 3.37 9.84
N ILE A 70 9.45 3.98 9.58
CA ILE A 70 10.72 3.26 9.54
C ILE A 70 10.96 2.59 10.91
N SER A 71 10.76 3.31 12.02
CA SER A 71 11.06 2.79 13.35
C SER A 71 10.12 1.63 13.71
N VAL A 72 8.83 1.73 13.39
CA VAL A 72 7.89 0.64 13.62
C VAL A 72 8.24 -0.55 12.72
N ALA A 73 8.64 -0.32 11.46
CA ALA A 73 9.06 -1.41 10.59
C ALA A 73 10.32 -2.08 11.14
N ALA A 74 11.27 -1.31 11.68
CA ALA A 74 12.49 -1.84 12.28
C ALA A 74 12.19 -2.69 13.52
N GLU A 75 11.11 -2.39 14.26
CA GLU A 75 10.66 -3.23 15.36
C GLU A 75 10.29 -4.65 14.89
N HIS A 76 9.97 -4.81 13.60
CA HIS A 76 9.69 -6.08 12.93
C HIS A 76 10.78 -6.41 11.89
N GLN A 77 11.94 -5.73 11.97
CA GLN A 77 13.09 -5.92 11.10
C GLN A 77 12.73 -5.91 9.61
N LEU A 78 11.90 -4.95 9.22
CA LEU A 78 11.63 -4.63 7.83
C LEU A 78 12.17 -3.21 7.64
N SER A 79 12.58 -2.85 6.43
CA SER A 79 13.31 -1.62 6.18
C SER A 79 12.58 -0.79 5.12
N LEU A 80 11.88 0.27 5.54
CA LEU A 80 11.27 1.25 4.62
C LEU A 80 12.25 2.42 4.35
N GLU A 81 13.48 2.31 4.86
CA GLU A 81 14.45 3.40 4.92
C GLU A 81 14.66 4.15 3.59
N GLY A 82 14.67 3.45 2.45
CA GLY A 82 15.00 4.06 1.17
C GLY A 82 13.82 4.05 0.19
N HIS A 83 12.58 3.97 0.67
CA HIS A 83 11.41 4.19 -0.18
C HIS A 83 11.44 5.63 -0.69
N CYS A 84 10.91 5.84 -1.90
CA CYS A 84 10.90 7.15 -2.55
C CYS A 84 9.46 7.44 -2.98
N ALA A 85 8.77 8.27 -2.20
CA ALA A 85 7.37 8.63 -2.45
C ALA A 85 7.21 9.40 -3.76
N ARG A 86 6.00 9.38 -4.34
CA ARG A 86 5.68 10.06 -5.60
C ARG A 86 4.16 10.16 -5.74
N GLN A 87 3.65 11.18 -6.44
CA GLN A 87 2.22 11.33 -6.62
C GLN A 87 1.71 10.28 -7.59
N ILE A 88 0.48 9.82 -7.37
CA ILE A 88 -0.21 8.98 -8.33
C ILE A 88 -0.36 9.78 -9.63
N SER A 89 -0.13 9.10 -10.75
CA SER A 89 -0.27 9.66 -12.08
C SER A 89 -0.84 8.53 -12.94
N ARG A 90 -1.64 8.85 -13.96
CA ARG A 90 -2.38 7.81 -14.70
C ARG A 90 -1.45 6.83 -15.42
N ARG A 91 -0.23 7.25 -15.79
CA ARG A 91 0.79 6.34 -16.29
C ARG A 91 1.11 5.25 -15.26
N LEU A 92 1.24 5.60 -13.98
CA LEU A 92 1.44 4.61 -12.92
C LEU A 92 0.21 3.71 -12.84
N CYS A 93 -1.00 4.23 -12.92
CA CYS A 93 -2.21 3.41 -12.92
C CYS A 93 -2.20 2.35 -14.03
N ARG A 94 -1.58 2.64 -15.18
CA ARG A 94 -1.43 1.67 -16.27
C ARG A 94 -0.24 0.72 -16.06
N ASN A 95 0.80 1.16 -15.35
CA ASN A 95 2.07 0.43 -15.20
C ASN A 95 1.96 -0.81 -14.29
N TYR A 96 0.87 -0.95 -13.54
CA TYR A 96 0.65 -2.10 -12.66
C TYR A 96 -0.71 -2.72 -12.95
N ASP A 97 -0.87 -4.01 -12.63
CA ASP A 97 -2.04 -4.79 -13.04
C ASP A 97 -3.03 -5.03 -11.90
N LEU A 98 -2.73 -4.53 -10.70
CA LEU A 98 -3.65 -4.54 -9.57
C LEU A 98 -3.31 -3.30 -8.76
N ILE A 99 -4.31 -2.49 -8.42
CA ILE A 99 -4.11 -1.21 -7.74
C ILE A 99 -4.92 -1.32 -6.46
N LEU A 100 -4.37 -0.83 -5.35
CA LEU A 100 -4.96 -0.96 -4.03
C LEU A 100 -4.82 0.36 -3.30
N THR A 101 -5.73 0.60 -2.36
CA THR A 101 -5.63 1.73 -1.45
C THR A 101 -6.29 1.35 -0.13
N MET A 102 -6.16 2.20 0.89
CA MET A 102 -6.50 1.83 2.26
C MET A 102 -7.89 2.25 2.71
N GLU A 103 -8.57 3.12 1.95
CA GLU A 103 -9.85 3.69 2.35
C GLU A 103 -10.76 3.77 1.11
N LYS A 104 -12.06 3.58 1.29
CA LYS A 104 -13.01 3.48 0.17
C LYS A 104 -13.12 4.80 -0.57
N ARG A 105 -13.05 5.93 0.14
CA ARG A 105 -12.92 7.25 -0.48
C ARG A 105 -11.75 7.30 -1.46
N HIS A 106 -10.60 6.72 -1.12
CA HIS A 106 -9.45 6.74 -2.02
C HIS A 106 -9.72 5.86 -3.25
N ILE A 107 -10.41 4.72 -3.09
CA ILE A 107 -10.80 3.88 -4.23
C ILE A 107 -11.63 4.76 -5.18
N GLU A 108 -12.57 5.54 -4.66
CA GLU A 108 -13.44 6.37 -5.47
C GLU A 108 -12.61 7.44 -6.22
N ARG A 109 -11.63 8.07 -5.56
CA ARG A 109 -10.77 9.05 -6.22
C ARG A 109 -9.96 8.40 -7.33
N LEU A 110 -9.46 7.17 -7.14
CA LEU A 110 -8.72 6.46 -8.16
C LEU A 110 -9.63 6.07 -9.32
N CYS A 111 -10.88 5.67 -9.05
CA CYS A 111 -11.85 5.40 -10.10
C CYS A 111 -12.16 6.67 -10.91
N GLU A 112 -12.20 7.83 -10.25
CA GLU A 112 -12.44 9.12 -10.89
C GLU A 112 -11.24 9.52 -11.76
N MET A 113 -10.01 9.36 -11.26
CA MET A 113 -8.80 9.71 -12.00
C MET A 113 -8.58 8.78 -13.19
N ALA A 114 -8.90 7.48 -13.04
CA ALA A 114 -8.64 6.48 -14.06
C ALA A 114 -9.86 5.53 -14.15
N PRO A 115 -10.93 5.94 -14.85
CA PRO A 115 -12.09 5.08 -15.12
C PRO A 115 -11.70 3.74 -15.73
N GLU A 116 -10.63 3.69 -16.54
CA GLU A 116 -10.11 2.45 -17.12
C GLU A 116 -9.64 1.42 -16.07
N MET A 117 -9.53 1.81 -14.80
CA MET A 117 -9.12 0.97 -13.68
C MET A 117 -10.23 0.82 -12.64
N ARG A 118 -11.41 1.45 -12.82
CA ARG A 118 -12.44 1.44 -11.79
C ARG A 118 -12.91 0.00 -11.52
N GLY A 119 -13.17 -0.32 -10.26
CA GLY A 119 -13.57 -1.66 -9.83
C GLY A 119 -12.41 -2.65 -9.79
N LYS A 120 -11.45 -2.57 -10.73
CA LYS A 120 -10.20 -3.32 -10.67
C LYS A 120 -9.34 -2.79 -9.53
N VAL A 121 -9.39 -1.48 -9.25
CA VAL A 121 -8.80 -0.92 -8.04
C VAL A 121 -9.73 -1.31 -6.88
N MET A 122 -9.17 -1.69 -5.72
CA MET A 122 -9.98 -2.12 -4.57
C MET A 122 -9.28 -1.85 -3.25
N LEU A 123 -9.92 -2.22 -2.13
CA LEU A 123 -9.40 -1.97 -0.80
C LEU A 123 -8.27 -2.95 -0.48
N PHE A 124 -7.18 -2.46 0.11
CA PHE A 124 -6.09 -3.31 0.59
C PHE A 124 -6.59 -4.26 1.69
N GLY A 125 -7.44 -3.76 2.59
CA GLY A 125 -8.01 -4.53 3.69
C GLY A 125 -9.23 -5.36 3.28
N HIS A 126 -9.43 -5.61 1.99
CA HIS A 126 -10.60 -6.31 1.45
C HIS A 126 -10.87 -7.63 2.18
N TRP A 127 -9.82 -8.41 2.44
CA TRP A 127 -9.95 -9.74 3.04
C TRP A 127 -10.54 -9.68 4.47
N ASP A 128 -10.31 -8.58 5.18
CA ASP A 128 -10.81 -8.38 6.55
C ASP A 128 -12.17 -7.70 6.48
N ASN A 129 -13.13 -8.36 5.81
CA ASN A 129 -14.49 -7.85 5.61
C ASN A 129 -14.54 -6.40 5.14
N GLU A 130 -13.64 -6.06 4.20
CA GLU A 130 -13.50 -4.72 3.62
C GLU A 130 -13.40 -3.60 4.67
N CYS A 131 -12.70 -3.88 5.77
CA CYS A 131 -12.43 -2.89 6.81
C CYS A 131 -11.43 -1.86 6.26
N GLU A 132 -11.78 -0.57 6.35
CA GLU A 132 -10.87 0.51 5.98
C GLU A 132 -9.77 0.60 7.05
N ILE A 133 -8.57 0.95 6.63
CA ILE A 133 -7.39 0.93 7.48
C ILE A 133 -7.15 2.36 7.98
N PRO A 134 -6.82 2.57 9.28
CA PRO A 134 -6.52 3.90 9.82
C PRO A 134 -5.36 4.59 9.08
N ASP A 135 -5.20 5.90 9.29
CA ASP A 135 -4.18 6.72 8.66
C ASP A 135 -3.18 7.17 9.73
N PRO A 136 -1.93 6.67 9.73
CA PRO A 136 -0.97 6.95 10.79
C PRO A 136 -0.29 8.31 10.63
N TYR A 137 -0.49 9.05 9.52
CA TYR A 137 0.19 10.31 9.27
C TYR A 137 -0.03 11.27 10.45
N ARG A 138 1.07 11.76 11.05
CA ARG A 138 1.05 12.70 12.17
C ARG A 138 0.36 12.14 13.43
N LYS A 139 0.07 10.84 13.51
CA LYS A 139 -0.50 10.23 14.71
C LYS A 139 0.62 9.70 15.62
N SER A 140 0.26 9.19 16.78
CA SER A 140 1.20 8.61 17.74
C SER A 140 1.85 7.33 17.18
N ARG A 141 3.01 6.94 17.72
CA ARG A 141 3.71 5.71 17.29
C ARG A 141 2.83 4.47 17.48
N GLU A 142 1.99 4.44 18.52
CA GLU A 142 1.06 3.32 18.72
C GLU A 142 0.07 3.20 17.55
N THR A 143 -0.29 4.30 16.90
CA THR A 143 -1.14 4.27 15.73
C THR A 143 -0.36 3.72 14.52
N PHE A 144 0.92 4.07 14.36
CA PHE A 144 1.76 3.43 13.34
C PHE A 144 1.85 1.93 13.59
N ALA A 145 1.98 1.49 14.85
CA ALA A 145 2.03 0.07 15.19
C ALA A 145 0.70 -0.63 14.88
N ALA A 146 -0.44 -0.02 15.20
CA ALA A 146 -1.75 -0.55 14.89
C ALA A 146 -1.91 -0.70 13.37
N VAL A 147 -1.55 0.34 12.60
CA VAL A 147 -1.62 0.30 11.16
C VAL A 147 -0.66 -0.78 10.62
N TYR A 148 0.58 -0.89 11.14
CA TYR A 148 1.50 -1.94 10.71
C TYR A 148 0.86 -3.32 10.93
N THR A 149 0.24 -3.54 12.08
CA THR A 149 -0.37 -4.83 12.39
C THR A 149 -1.53 -5.14 11.43
N LEU A 150 -2.40 -4.16 11.16
CA LEU A 150 -3.54 -4.35 10.26
C LEU A 150 -3.07 -4.53 8.81
N LEU A 151 -2.01 -3.82 8.40
CA LEU A 151 -1.38 -4.01 7.11
C LEU A 151 -0.70 -5.38 7.04
N GLU A 152 -0.10 -5.87 8.12
CA GLU A 152 0.54 -7.18 8.15
C GLU A 152 -0.50 -8.27 7.90
N ARG A 153 -1.67 -8.20 8.55
CA ARG A 153 -2.78 -9.12 8.28
C ARG A 153 -3.18 -9.04 6.80
N SER A 154 -3.46 -7.83 6.32
CA SER A 154 -3.99 -7.62 4.98
C SER A 154 -2.97 -8.06 3.91
N ALA A 155 -1.69 -7.74 4.11
CA ALA A 155 -0.62 -8.12 3.21
C ALA A 155 -0.41 -9.63 3.21
N ARG A 156 -0.43 -10.27 4.39
CA ARG A 156 -0.34 -11.72 4.48
C ARG A 156 -1.51 -12.36 3.74
N GLN A 157 -2.70 -11.78 3.82
CA GLN A 157 -3.87 -12.28 3.12
C GLN A 157 -3.75 -12.06 1.61
N TRP A 158 -3.20 -10.93 1.14
CA TRP A 158 -2.87 -10.77 -0.27
C TRP A 158 -1.84 -11.83 -0.73
N ALA A 159 -0.82 -12.12 0.09
CA ALA A 159 0.14 -13.18 -0.21
C ALA A 159 -0.53 -14.56 -0.23
N GLN A 160 -1.44 -14.82 0.72
CA GLN A 160 -2.21 -16.06 0.81
C GLN A 160 -3.00 -16.28 -0.49
N ALA A 161 -3.59 -15.21 -1.03
CA ALA A 161 -4.32 -15.29 -2.29
C ALA A 161 -3.37 -15.51 -3.46
N LEU A 162 -2.33 -14.68 -3.59
CA LEU A 162 -1.30 -14.80 -4.63
C LEU A 162 -0.73 -16.23 -4.71
N ASN A 163 -0.49 -16.85 -3.56
CA ASN A 163 0.02 -18.21 -3.43
C ASN A 163 -0.94 -19.27 -3.98
N ALA A 164 -2.20 -18.94 -4.25
CA ALA A 164 -3.25 -19.85 -4.68
C ALA A 164 -4.07 -19.27 -5.85
N GLU A 165 -3.41 -18.46 -6.69
CA GLU A 165 -4.01 -17.79 -7.86
C GLU A 165 -3.34 -18.24 -9.16
N GLN A 166 -2.91 -19.51 -9.20
CA GLN A 166 -2.46 -20.16 -10.41
C GLN A 166 -3.63 -20.25 -11.41
N VAL A 167 -3.29 -20.29 -12.69
CA VAL A 167 -4.17 -20.17 -13.83
C VAL A 167 -3.61 -21.03 -14.97
N MET A 21 -0.73 -13.44 -14.18
CA MET A 21 -0.41 -13.15 -12.76
C MET A 21 -0.28 -11.63 -12.56
N PHE A 22 -0.67 -11.13 -11.38
CA PHE A 22 -0.44 -9.74 -10.96
C PHE A 22 1.05 -9.52 -10.64
N ASN A 23 1.91 -9.63 -11.64
CA ASN A 23 3.37 -9.61 -11.47
C ASN A 23 3.87 -8.30 -10.86
N ASN A 24 3.21 -7.18 -11.22
CA ASN A 24 3.63 -5.85 -10.81
C ASN A 24 2.43 -5.16 -10.17
N ILE A 25 2.59 -4.62 -8.96
CA ILE A 25 1.47 -4.16 -8.13
C ILE A 25 1.78 -2.74 -7.61
N LEU A 26 0.72 -1.96 -7.37
CA LEU A 26 0.82 -0.62 -6.78
C LEU A 26 -0.01 -0.59 -5.50
N VAL A 27 0.43 0.19 -4.50
CA VAL A 27 -0.37 0.48 -3.31
C VAL A 27 -0.50 2.00 -3.22
N VAL A 28 -1.70 2.49 -2.91
CA VAL A 28 -2.00 3.92 -3.00
C VAL A 28 -2.60 4.39 -1.68
N CYS A 29 -2.16 5.56 -1.21
CA CYS A 29 -2.74 6.24 -0.05
C CYS A 29 -2.86 7.73 -0.36
N VAL A 30 -3.40 8.56 0.55
CA VAL A 30 -3.54 9.99 0.28
C VAL A 30 -2.16 10.66 0.22
N GLY A 31 -1.25 10.35 1.17
CA GLY A 31 0.03 11.06 1.29
C GLY A 31 1.24 10.22 0.92
N ASN A 32 1.07 8.91 0.70
CA ASN A 32 2.12 7.94 0.31
C ASN A 32 3.19 7.69 1.38
N ILE A 33 3.66 8.69 2.12
CA ILE A 33 4.83 8.57 3.01
C ILE A 33 4.75 7.53 4.15
N CYS A 34 3.61 6.87 4.40
CA CYS A 34 3.46 5.98 5.56
C CYS A 34 2.95 4.59 5.19
N ARG A 35 1.65 4.43 4.96
CA ARG A 35 1.04 3.11 4.85
C ARG A 35 1.48 2.35 3.61
N SER A 36 1.36 2.93 2.42
CA SER A 36 1.56 2.18 1.19
C SER A 36 2.98 1.58 1.08
N PRO A 37 4.08 2.30 1.37
CA PRO A 37 5.43 1.73 1.48
C PRO A 37 5.55 0.59 2.49
N THR A 38 4.83 0.68 3.61
CA THR A 38 4.85 -0.36 4.63
C THR A 38 4.21 -1.63 4.06
N ALA A 39 3.06 -1.51 3.37
CA ALA A 39 2.43 -2.65 2.72
C ALA A 39 3.32 -3.20 1.59
N GLU A 40 3.92 -2.32 0.79
CA GLU A 40 4.85 -2.70 -0.26
C GLU A 40 5.97 -3.57 0.32
N ARG A 41 6.59 -3.15 1.42
CA ARG A 41 7.64 -3.94 2.04
C ARG A 41 7.14 -5.23 2.68
N LEU A 42 5.96 -5.22 3.29
CA LEU A 42 5.38 -6.46 3.85
C LEU A 42 5.14 -7.46 2.72
N LEU A 43 4.65 -6.99 1.57
CA LEU A 43 4.47 -7.83 0.40
C LEU A 43 5.81 -8.30 -0.14
N GLN A 44 6.87 -7.47 -0.13
CA GLN A 44 8.23 -7.94 -0.45
C GLN A 44 8.67 -9.06 0.51
N ARG A 45 8.37 -8.96 1.80
CA ARG A 45 8.77 -9.97 2.78
C ARG A 45 8.11 -11.31 2.45
N TYR A 46 6.81 -11.32 2.18
CA TYR A 46 6.08 -12.56 1.90
C TYR A 46 6.35 -13.07 0.47
N HIS A 47 6.56 -12.18 -0.49
CA HIS A 47 6.66 -12.47 -1.92
C HIS A 47 7.79 -11.62 -2.55
N PRO A 48 9.07 -11.96 -2.30
CA PRO A 48 10.20 -11.24 -2.90
C PRO A 48 10.27 -11.45 -4.41
N GLU A 49 9.63 -12.51 -4.93
CA GLU A 49 9.60 -12.81 -6.36
C GLU A 49 8.54 -11.95 -7.11
N LEU A 50 7.83 -11.05 -6.42
CA LEU A 50 6.72 -10.27 -6.97
C LEU A 50 7.03 -8.79 -6.77
N LYS A 51 6.70 -7.93 -7.73
CA LYS A 51 7.11 -6.54 -7.69
C LYS A 51 5.95 -5.73 -7.11
N VAL A 52 6.26 -4.82 -6.18
CA VAL A 52 5.28 -3.91 -5.61
C VAL A 52 5.93 -2.53 -5.55
N GLU A 53 5.13 -1.48 -5.66
CA GLU A 53 5.55 -0.09 -5.54
C GLU A 53 4.43 0.69 -4.83
N SER A 54 4.61 2.00 -4.61
CA SER A 54 3.57 2.84 -4.03
C SER A 54 3.52 4.22 -4.65
N ALA A 55 2.37 4.88 -4.48
CA ALA A 55 2.12 6.25 -4.90
C ALA A 55 1.08 6.85 -3.95
N GLY A 56 0.70 8.10 -4.18
CA GLY A 56 -0.44 8.67 -3.47
C GLY A 56 -1.15 9.80 -4.19
N LEU A 57 -2.37 10.05 -3.73
CA LEU A 57 -3.30 10.97 -4.38
C LEU A 57 -2.78 12.41 -4.35
N GLY A 58 -2.14 12.78 -3.24
CA GLY A 58 -1.52 14.08 -3.02
C GLY A 58 -0.22 13.82 -2.26
N ALA A 59 0.61 12.95 -2.86
CA ALA A 59 1.83 12.47 -2.23
C ALA A 59 2.87 13.58 -2.10
N LEU A 60 3.90 13.28 -1.31
CA LEU A 60 5.01 14.20 -1.04
C LEU A 60 6.20 13.70 -1.86
N VAL A 61 6.18 14.04 -3.15
CA VAL A 61 7.20 13.61 -4.11
C VAL A 61 8.62 13.78 -3.54
N GLY A 62 9.37 12.67 -3.49
CA GLY A 62 10.78 12.67 -3.12
C GLY A 62 11.05 12.91 -1.62
N LYS A 63 10.01 12.97 -0.78
CA LYS A 63 10.18 13.32 0.64
C LYS A 63 10.78 12.18 1.47
N GLY A 64 10.83 10.94 0.95
CA GLY A 64 11.20 9.77 1.75
C GLY A 64 10.00 9.26 2.53
N ALA A 65 10.13 8.05 3.10
CA ALA A 65 9.12 7.51 4.00
C ALA A 65 9.19 8.28 5.34
N ASP A 66 8.09 8.24 6.08
CA ASP A 66 8.01 8.90 7.39
C ASP A 66 8.83 8.13 8.43
N PRO A 67 9.72 8.79 9.20
CA PRO A 67 10.54 8.12 10.20
C PRO A 67 9.80 7.21 11.17
N THR A 68 8.52 7.47 11.47
CA THR A 68 7.77 6.65 12.42
C THR A 68 7.41 5.32 11.77
N ALA A 69 7.01 5.34 10.50
CA ALA A 69 6.74 4.14 9.72
C ALA A 69 8.03 3.33 9.56
N ILE A 70 9.14 3.99 9.21
CA ILE A 70 10.45 3.34 9.09
C ILE A 70 10.80 2.68 10.42
N SER A 71 10.68 3.39 11.55
CA SER A 71 11.08 2.87 12.85
C SER A 71 10.26 1.64 13.22
N VAL A 72 8.94 1.68 13.03
CA VAL A 72 8.08 0.54 13.37
C VAL A 72 8.42 -0.65 12.47
N ALA A 73 8.70 -0.45 11.18
CA ALA A 73 9.05 -1.56 10.30
C ALA A 73 10.43 -2.11 10.66
N ALA A 74 11.40 -1.23 10.93
CA ALA A 74 12.73 -1.63 11.38
C ALA A 74 12.70 -2.36 12.73
N GLU A 75 11.76 -2.05 13.63
CA GLU A 75 11.60 -2.79 14.88
C GLU A 75 11.22 -4.24 14.60
N HIS A 76 10.43 -4.47 13.54
CA HIS A 76 10.11 -5.79 12.99
C HIS A 76 11.17 -6.28 11.99
N GLN A 77 12.35 -5.63 11.96
CA GLN A 77 13.49 -6.00 11.12
C GLN A 77 13.16 -6.06 9.63
N LEU A 78 12.21 -5.23 9.18
CA LEU A 78 11.92 -5.05 7.77
C LEU A 78 12.67 -3.81 7.29
N SER A 79 13.40 -3.93 6.18
CA SER A 79 14.26 -2.89 5.63
C SER A 79 13.44 -1.82 4.89
N LEU A 80 12.67 -1.02 5.63
CA LEU A 80 11.87 0.08 5.07
C LEU A 80 12.69 1.39 5.03
N GLU A 81 14.03 1.28 5.09
CA GLU A 81 14.92 2.45 5.28
C GLU A 81 14.74 3.61 4.28
N GLY A 82 14.13 3.39 3.12
CA GLY A 82 13.76 4.46 2.21
C GLY A 82 12.77 3.94 1.18
N HIS A 83 11.87 4.84 0.78
CA HIS A 83 10.94 4.70 -0.33
C HIS A 83 10.73 6.12 -0.88
N CYS A 84 10.96 6.33 -2.17
CA CYS A 84 10.67 7.61 -2.82
C CYS A 84 9.15 7.74 -2.99
N ALA A 85 8.49 8.54 -2.15
CA ALA A 85 7.08 8.85 -2.36
C ALA A 85 6.92 9.65 -3.65
N ARG A 86 5.74 9.57 -4.28
CA ARG A 86 5.50 10.12 -5.62
C ARG A 86 4.00 10.25 -5.86
N GLN A 87 3.55 11.31 -6.52
CA GLN A 87 2.13 11.49 -6.79
C GLN A 87 1.72 10.53 -7.88
N ILE A 88 0.57 9.92 -7.68
CA ILE A 88 -0.03 9.04 -8.66
C ILE A 88 -0.34 9.83 -9.92
N SER A 89 -0.29 9.13 -11.05
CA SER A 89 -0.64 9.65 -12.35
C SER A 89 -1.38 8.53 -13.09
N ARG A 90 -2.12 8.81 -14.18
CA ARG A 90 -2.69 7.71 -14.97
C ARG A 90 -1.58 6.85 -15.57
N ARG A 91 -0.43 7.43 -15.92
CA ARG A 91 0.72 6.64 -16.37
C ARG A 91 1.14 5.65 -15.31
N LEU A 92 1.21 6.06 -14.03
CA LEU A 92 1.51 5.14 -12.94
C LEU A 92 0.39 4.11 -12.83
N CYS A 93 -0.89 4.50 -12.86
CA CYS A 93 -1.99 3.54 -12.82
C CYS A 93 -1.79 2.44 -13.88
N ARG A 94 -1.43 2.81 -15.12
CA ARG A 94 -1.20 1.85 -16.20
C ARG A 94 0.05 0.99 -15.97
N ASN A 95 1.05 1.47 -15.23
CA ASN A 95 2.34 0.80 -15.07
C ASN A 95 2.25 -0.50 -14.25
N TYR A 96 1.23 -0.65 -13.41
CA TYR A 96 1.06 -1.83 -12.55
C TYR A 96 -0.28 -2.50 -12.90
N ASP A 97 -0.49 -3.74 -12.47
CA ASP A 97 -1.64 -4.55 -12.95
C ASP A 97 -2.63 -4.91 -11.83
N LEU A 98 -2.38 -4.46 -10.60
CA LEU A 98 -3.31 -4.57 -9.48
C LEU A 98 -3.02 -3.36 -8.59
N ILE A 99 -4.07 -2.65 -8.17
CA ILE A 99 -3.92 -1.36 -7.52
C ILE A 99 -4.64 -1.45 -6.17
N LEU A 100 -3.87 -1.45 -5.08
CA LEU A 100 -4.40 -1.54 -3.73
C LEU A 100 -4.62 -0.13 -3.19
N THR A 101 -5.57 -0.03 -2.27
CA THR A 101 -5.95 1.21 -1.60
C THR A 101 -6.22 0.84 -0.14
N MET A 102 -6.45 1.77 0.78
CA MET A 102 -6.69 1.43 2.19
C MET A 102 -7.92 2.11 2.77
N GLU A 103 -8.51 3.06 2.03
CA GLU A 103 -9.75 3.71 2.39
C GLU A 103 -10.59 3.81 1.12
N LYS A 104 -11.91 3.68 1.25
CA LYS A 104 -12.81 3.62 0.09
C LYS A 104 -12.87 4.97 -0.62
N ARG A 105 -12.61 6.08 0.08
CA ARG A 105 -12.42 7.38 -0.57
C ARG A 105 -11.29 7.34 -1.60
N HIS A 106 -10.23 6.55 -1.38
CA HIS A 106 -9.14 6.44 -2.33
C HIS A 106 -9.62 5.67 -3.56
N ILE A 107 -10.41 4.61 -3.37
CA ILE A 107 -10.99 3.85 -4.48
C ILE A 107 -11.78 4.83 -5.34
N GLU A 108 -12.68 5.62 -4.73
CA GLU A 108 -13.55 6.51 -5.48
C GLU A 108 -12.72 7.50 -6.29
N ARG A 109 -11.74 8.15 -5.67
CA ARG A 109 -10.91 9.16 -6.35
C ARG A 109 -10.11 8.51 -7.49
N LEU A 110 -9.47 7.37 -7.24
CA LEU A 110 -8.61 6.71 -8.22
C LEU A 110 -9.43 6.21 -9.40
N CYS A 111 -10.61 5.63 -9.14
CA CYS A 111 -11.48 5.13 -10.21
C CYS A 111 -11.90 6.26 -11.15
N GLU A 112 -12.12 7.47 -10.65
CA GLU A 112 -12.47 8.60 -11.49
C GLU A 112 -11.24 9.19 -12.22
N MET A 113 -10.02 9.05 -11.66
CA MET A 113 -8.80 9.44 -12.36
C MET A 113 -8.45 8.46 -13.48
N ALA A 114 -8.77 7.17 -13.33
CA ALA A 114 -8.44 6.14 -14.32
C ALA A 114 -9.62 5.16 -14.50
N PRO A 115 -10.76 5.61 -15.08
CA PRO A 115 -11.92 4.75 -15.29
C PRO A 115 -11.60 3.48 -16.07
N GLU A 116 -10.64 3.56 -17.00
CA GLU A 116 -10.17 2.43 -17.81
C GLU A 116 -9.62 1.26 -16.99
N MET A 117 -9.32 1.45 -15.70
CA MET A 117 -8.77 0.42 -14.82
C MET A 117 -9.50 0.36 -13.47
N ARG A 118 -10.69 0.98 -13.36
CA ARG A 118 -11.42 1.06 -12.09
C ARG A 118 -11.65 -0.30 -11.43
N GLY A 119 -11.86 -1.37 -12.22
CA GLY A 119 -12.05 -2.71 -11.70
C GLY A 119 -10.82 -3.29 -10.98
N LYS A 120 -9.61 -2.82 -11.32
CA LYS A 120 -8.35 -3.31 -10.73
C LYS A 120 -8.01 -2.56 -9.44
N VAL A 121 -8.80 -1.55 -9.06
CA VAL A 121 -8.61 -0.84 -7.80
C VAL A 121 -9.38 -1.62 -6.72
N MET A 122 -8.74 -1.98 -5.61
CA MET A 122 -9.36 -2.76 -4.53
C MET A 122 -8.81 -2.35 -3.17
N LEU A 123 -9.55 -2.69 -2.10
CA LEU A 123 -9.18 -2.33 -0.74
C LEU A 123 -8.21 -3.37 -0.17
N PHE A 124 -7.14 -2.93 0.48
CA PHE A 124 -6.16 -3.84 1.07
C PHE A 124 -6.79 -4.65 2.21
N GLY A 125 -7.67 -4.02 2.99
CA GLY A 125 -8.39 -4.66 4.08
C GLY A 125 -9.58 -5.51 3.61
N HIS A 126 -9.65 -5.89 2.32
CA HIS A 126 -10.70 -6.75 1.79
C HIS A 126 -10.86 -8.03 2.62
N TRP A 127 -9.75 -8.67 3.00
CA TRP A 127 -9.76 -9.92 3.78
C TRP A 127 -10.08 -9.68 5.27
N ASP A 128 -10.49 -8.47 5.63
CA ASP A 128 -10.97 -8.14 6.96
C ASP A 128 -12.38 -7.57 6.83
N ASN A 129 -13.21 -8.30 6.06
CA ASN A 129 -14.60 -7.92 5.80
C ASN A 129 -14.69 -6.49 5.24
N GLU A 130 -13.78 -6.19 4.30
CA GLU A 130 -13.66 -4.90 3.63
C GLU A 130 -13.63 -3.70 4.59
N CYS A 131 -12.97 -3.88 5.73
CA CYS A 131 -12.73 -2.79 6.68
C CYS A 131 -11.68 -1.83 6.11
N GLU A 132 -11.93 -0.54 6.28
CA GLU A 132 -10.96 0.51 5.95
C GLU A 132 -9.90 0.60 7.06
N ILE A 133 -8.82 1.34 6.80
CA ILE A 133 -7.67 1.44 7.68
C ILE A 133 -7.50 2.92 8.05
N PRO A 134 -7.28 3.27 9.33
CA PRO A 134 -7.06 4.66 9.74
C PRO A 134 -5.74 5.19 9.17
N ASP A 135 -5.59 6.51 9.12
CA ASP A 135 -4.39 7.19 8.64
C ASP A 135 -3.52 7.55 9.85
N PRO A 136 -2.30 6.98 9.99
CA PRO A 136 -1.46 7.24 11.14
C PRO A 136 -0.85 8.64 11.14
N TYR A 137 -0.90 9.40 10.04
CA TYR A 137 -0.35 10.75 9.84
C TYR A 137 0.79 11.13 10.80
N ARG A 138 0.51 11.82 11.91
CA ARG A 138 1.51 12.16 12.95
C ARG A 138 1.02 11.70 14.33
N LYS A 139 0.14 10.70 14.36
CA LYS A 139 -0.36 10.10 15.60
C LYS A 139 0.77 9.32 16.29
N SER A 140 0.49 8.79 17.48
CA SER A 140 1.49 8.16 18.32
C SER A 140 2.13 6.94 17.65
N ARG A 141 3.33 6.56 18.12
CA ARG A 141 4.02 5.36 17.62
C ARG A 141 3.17 4.11 17.82
N GLU A 142 2.37 4.06 18.89
CA GLU A 142 1.43 2.96 19.12
C GLU A 142 0.40 2.88 18.00
N THR A 143 -0.04 4.03 17.45
CA THR A 143 -0.97 4.05 16.34
C THR A 143 -0.27 3.54 15.07
N PHE A 144 0.99 3.92 14.83
CA PHE A 144 1.77 3.35 13.74
C PHE A 144 1.93 1.83 13.90
N ALA A 145 2.12 1.33 15.13
CA ALA A 145 2.20 -0.11 15.39
C ALA A 145 0.87 -0.81 15.11
N ALA A 146 -0.26 -0.21 15.49
CA ALA A 146 -1.58 -0.76 15.20
C ALA A 146 -1.81 -0.84 13.70
N VAL A 147 -1.51 0.25 12.97
CA VAL A 147 -1.64 0.28 11.51
C VAL A 147 -0.68 -0.76 10.90
N TYR A 148 0.57 -0.85 11.36
CA TYR A 148 1.51 -1.87 10.88
C TYR A 148 0.90 -3.27 11.07
N THR A 149 0.27 -3.56 12.21
CA THR A 149 -0.33 -4.85 12.47
C THR A 149 -1.48 -5.12 11.48
N LEU A 150 -2.33 -4.12 11.21
CA LEU A 150 -3.42 -4.24 10.24
C LEU A 150 -2.85 -4.55 8.85
N LEU A 151 -1.83 -3.80 8.44
CA LEU A 151 -1.17 -3.97 7.15
C LEU A 151 -0.47 -5.32 7.07
N GLU A 152 0.16 -5.78 8.15
CA GLU A 152 0.85 -7.06 8.19
C GLU A 152 -0.14 -8.20 7.96
N ARG A 153 -1.31 -8.12 8.62
CA ARG A 153 -2.38 -9.10 8.40
C ARG A 153 -2.83 -9.08 6.95
N SER A 154 -3.18 -7.89 6.47
CA SER A 154 -3.72 -7.69 5.14
C SER A 154 -2.73 -8.21 4.10
N ALA A 155 -1.46 -7.86 4.24
CA ALA A 155 -0.42 -8.29 3.32
C ALA A 155 -0.25 -9.81 3.33
N ARG A 156 -0.36 -10.46 4.50
CA ARG A 156 -0.27 -11.91 4.58
C ARG A 156 -1.47 -12.55 3.89
N GLN A 157 -2.68 -12.01 4.08
CA GLN A 157 -3.88 -12.54 3.46
C GLN A 157 -3.83 -12.33 1.93
N TRP A 158 -3.33 -11.18 1.45
CA TRP A 158 -3.06 -10.99 0.03
C TRP A 158 -2.04 -12.02 -0.48
N ALA A 159 -0.92 -12.22 0.22
CA ALA A 159 0.06 -13.21 -0.17
C ALA A 159 -0.54 -14.62 -0.23
N GLN A 160 -1.41 -14.98 0.73
CA GLN A 160 -2.06 -16.29 0.74
C GLN A 160 -2.91 -16.50 -0.52
N ALA A 161 -3.55 -15.46 -1.04
CA ALA A 161 -4.30 -15.56 -2.29
C ALA A 161 -3.38 -15.51 -3.50
N LEU A 162 -2.45 -14.55 -3.54
CA LEU A 162 -1.49 -14.37 -4.64
C LEU A 162 -0.68 -15.65 -4.88
N ASN A 163 -0.36 -16.39 -3.82
CA ASN A 163 0.30 -17.70 -3.87
C ASN A 163 -0.46 -18.70 -4.75
N ALA A 164 -1.78 -18.58 -4.88
CA ALA A 164 -2.62 -19.48 -5.67
C ALA A 164 -3.02 -18.90 -7.04
N GLU A 165 -2.38 -17.79 -7.39
CA GLU A 165 -2.34 -17.07 -8.67
C GLU A 165 -3.65 -16.96 -9.47
N GLN A 166 -4.79 -17.01 -8.79
CA GLN A 166 -6.08 -16.69 -9.39
C GLN A 166 -6.16 -15.18 -9.63
N VAL A 167 -6.97 -14.81 -10.62
CA VAL A 167 -7.05 -13.46 -11.18
C VAL A 167 -8.52 -13.18 -11.53
N MET A 21 -2.79 -13.93 -13.03
CA MET A 21 -1.81 -13.54 -11.99
C MET A 21 -1.22 -12.17 -12.34
N PHE A 22 -1.46 -11.15 -11.51
CA PHE A 22 -1.14 -9.75 -11.84
C PHE A 22 0.37 -9.52 -11.93
N ASN A 23 1.13 -10.07 -10.97
CA ASN A 23 2.54 -9.86 -10.66
C ASN A 23 2.99 -8.40 -10.47
N ASN A 24 2.23 -7.41 -10.95
CA ASN A 24 2.63 -6.01 -11.02
C ASN A 24 1.58 -5.22 -10.27
N ILE A 25 1.94 -4.66 -9.11
CA ILE A 25 0.96 -4.09 -8.19
C ILE A 25 1.43 -2.70 -7.73
N LEU A 26 0.46 -1.81 -7.46
CA LEU A 26 0.72 -0.47 -6.91
C LEU A 26 -0.16 -0.28 -5.68
N VAL A 27 0.36 0.39 -4.65
CA VAL A 27 -0.40 0.73 -3.45
C VAL A 27 -0.37 2.25 -3.30
N VAL A 28 -1.52 2.85 -2.97
CA VAL A 28 -1.70 4.29 -3.00
C VAL A 28 -2.38 4.74 -1.70
N CYS A 29 -1.86 5.81 -1.06
CA CYS A 29 -2.44 6.35 0.18
C CYS A 29 -2.43 7.89 0.15
N VAL A 30 -2.96 8.56 1.17
CA VAL A 30 -2.75 10.00 1.33
C VAL A 30 -1.58 10.15 2.30
N GLY A 31 -0.76 11.19 2.13
CA GLY A 31 0.51 11.32 2.85
C GLY A 31 1.61 10.49 2.18
N ASN A 32 1.27 9.27 1.74
CA ASN A 32 2.18 8.29 1.11
C ASN A 32 3.24 7.79 2.10
N ILE A 33 4.07 8.67 2.66
CA ILE A 33 5.27 8.33 3.43
C ILE A 33 5.02 7.39 4.62
N CYS A 34 3.77 7.25 5.06
CA CYS A 34 3.39 6.57 6.29
C CYS A 34 2.82 5.17 6.07
N ARG A 35 2.35 4.84 4.85
CA ARG A 35 1.58 3.61 4.62
C ARG A 35 1.94 2.90 3.33
N SER A 36 2.06 3.60 2.19
CA SER A 36 2.33 2.96 0.92
C SER A 36 3.59 2.07 0.97
N PRO A 37 4.78 2.57 1.43
CA PRO A 37 5.96 1.73 1.50
C PRO A 37 5.82 0.62 2.54
N THR A 38 5.02 0.83 3.59
CA THR A 38 4.81 -0.16 4.64
C THR A 38 4.14 -1.40 4.03
N ALA A 39 3.04 -1.21 3.29
CA ALA A 39 2.38 -2.31 2.58
C ALA A 39 3.30 -2.93 1.55
N GLU A 40 3.94 -2.09 0.73
CA GLU A 40 4.76 -2.56 -0.37
C GLU A 40 5.88 -3.46 0.13
N ARG A 41 6.61 -3.03 1.17
CA ARG A 41 7.70 -3.80 1.75
C ARG A 41 7.16 -5.03 2.46
N LEU A 42 5.98 -4.99 3.08
CA LEU A 42 5.37 -6.17 3.68
C LEU A 42 5.16 -7.23 2.59
N LEU A 43 4.65 -6.84 1.42
CA LEU A 43 4.54 -7.76 0.30
C LEU A 43 5.92 -8.23 -0.16
N GLN A 44 6.96 -7.39 -0.16
CA GLN A 44 8.31 -7.83 -0.51
C GLN A 44 8.83 -8.91 0.45
N ARG A 45 8.53 -8.82 1.76
CA ARG A 45 8.91 -9.86 2.72
C ARG A 45 8.28 -11.19 2.29
N TYR A 46 6.98 -11.19 2.01
CA TYR A 46 6.26 -12.41 1.63
C TYR A 46 6.70 -12.93 0.26
N HIS A 47 6.90 -12.06 -0.73
CA HIS A 47 7.19 -12.42 -2.11
C HIS A 47 8.12 -11.36 -2.73
N PRO A 48 9.45 -11.58 -2.77
CA PRO A 48 10.36 -10.67 -3.47
C PRO A 48 10.21 -10.76 -5.00
N GLU A 49 9.56 -11.81 -5.51
CA GLU A 49 9.29 -11.97 -6.94
C GLU A 49 8.03 -11.18 -7.36
N LEU A 50 7.21 -10.75 -6.40
CA LEU A 50 6.02 -9.94 -6.65
C LEU A 50 6.48 -8.49 -6.79
N LYS A 51 6.16 -7.84 -7.92
CA LYS A 51 6.54 -6.44 -8.09
C LYS A 51 5.45 -5.65 -7.39
N VAL A 52 5.81 -4.90 -6.35
CA VAL A 52 4.88 -4.02 -5.67
C VAL A 52 5.59 -2.67 -5.56
N GLU A 53 4.83 -1.60 -5.79
CA GLU A 53 5.34 -0.24 -5.82
C GLU A 53 4.39 0.65 -5.03
N SER A 54 4.83 1.88 -4.72
CA SER A 54 4.11 2.79 -3.84
C SER A 54 3.86 4.13 -4.52
N ALA A 55 2.78 4.82 -4.14
CA ALA A 55 2.50 6.21 -4.52
C ALA A 55 1.47 6.78 -3.53
N GLY A 56 0.94 7.98 -3.82
CA GLY A 56 -0.20 8.51 -3.08
C GLY A 56 -1.04 9.49 -3.87
N LEU A 57 -2.29 9.68 -3.45
CA LEU A 57 -3.16 10.73 -3.99
C LEU A 57 -2.61 12.09 -3.57
N GLY A 58 -2.38 12.24 -2.26
CA GLY A 58 -1.80 13.44 -1.67
C GLY A 58 -0.41 13.09 -1.15
N ALA A 59 0.42 12.50 -2.02
CA ALA A 59 1.79 12.16 -1.68
C ALA A 59 2.64 13.41 -1.47
N LEU A 60 3.87 13.18 -0.98
CA LEU A 60 4.82 14.23 -0.65
C LEU A 60 6.04 13.93 -1.51
N VAL A 61 5.93 14.21 -2.81
CA VAL A 61 6.90 13.80 -3.82
C VAL A 61 8.35 14.09 -3.38
N GLY A 62 9.19 13.06 -3.41
CA GLY A 62 10.61 13.18 -3.11
C GLY A 62 10.96 12.87 -1.65
N LYS A 63 9.99 12.87 -0.73
CA LYS A 63 10.26 12.49 0.67
C LYS A 63 10.55 10.99 0.72
N GLY A 64 11.34 10.59 1.72
CA GLY A 64 11.55 9.18 2.02
C GLY A 64 10.37 8.61 2.79
N ALA A 65 10.50 7.36 3.21
CA ALA A 65 9.56 6.76 4.16
C ALA A 65 9.63 7.54 5.48
N ASP A 66 8.52 7.59 6.20
CA ASP A 66 8.42 8.38 7.42
C ASP A 66 9.24 7.72 8.54
N PRO A 67 10.04 8.46 9.34
CA PRO A 67 10.80 7.90 10.45
C PRO A 67 9.99 7.04 11.42
N THR A 68 8.70 7.32 11.64
CA THR A 68 7.89 6.55 12.58
C THR A 68 7.51 5.21 11.92
N ALA A 69 7.17 5.24 10.63
CA ALA A 69 6.89 4.03 9.86
C ALA A 69 8.14 3.16 9.80
N ILE A 70 9.31 3.76 9.52
CA ILE A 70 10.60 3.07 9.52
C ILE A 70 10.81 2.44 10.90
N SER A 71 10.63 3.19 11.99
CA SER A 71 10.89 2.68 13.33
C SER A 71 10.00 1.47 13.65
N VAL A 72 8.69 1.57 13.40
CA VAL A 72 7.77 0.49 13.68
C VAL A 72 8.08 -0.72 12.77
N ALA A 73 8.47 -0.50 11.50
CA ALA A 73 8.82 -1.62 10.63
C ALA A 73 10.16 -2.24 11.05
N ALA A 74 11.09 -1.46 11.56
CA ALA A 74 12.36 -1.96 12.08
C ALA A 74 12.14 -2.80 13.36
N GLU A 75 11.13 -2.49 14.17
CA GLU A 75 10.73 -3.36 15.29
C GLU A 75 10.26 -4.74 14.81
N HIS A 76 10.03 -4.93 13.50
CA HIS A 76 9.72 -6.19 12.84
C HIS A 76 10.72 -6.48 11.70
N GLN A 77 11.93 -5.90 11.81
CA GLN A 77 13.07 -6.18 10.93
C GLN A 77 12.71 -6.11 9.44
N LEU A 78 11.98 -5.06 9.05
CA LEU A 78 11.63 -4.78 7.67
C LEU A 78 12.01 -3.34 7.38
N SER A 79 13.06 -3.14 6.60
CA SER A 79 13.62 -1.82 6.37
C SER A 79 12.82 -1.11 5.26
N LEU A 80 12.08 -0.04 5.60
CA LEU A 80 11.40 0.80 4.61
C LEU A 80 12.36 1.79 3.94
N GLU A 81 13.68 1.56 4.07
CA GLU A 81 14.68 2.50 3.55
C GLU A 81 14.65 2.53 2.03
N GLY A 82 15.06 3.66 1.44
CA GLY A 82 15.20 3.79 0.00
C GLY A 82 13.91 4.07 -0.76
N HIS A 83 12.76 4.12 -0.07
CA HIS A 83 11.51 4.57 -0.66
C HIS A 83 11.63 6.05 -1.04
N CYS A 84 10.96 6.44 -2.13
CA CYS A 84 10.79 7.83 -2.52
C CYS A 84 9.32 8.02 -2.87
N ALA A 85 8.61 8.87 -2.12
CA ALA A 85 7.20 9.14 -2.32
C ALA A 85 6.97 9.88 -3.64
N ARG A 86 5.76 9.75 -4.20
CA ARG A 86 5.41 10.34 -5.50
C ARG A 86 3.89 10.32 -5.63
N GLN A 87 3.34 11.32 -6.32
CA GLN A 87 1.91 11.33 -6.59
C GLN A 87 1.54 10.30 -7.65
N ILE A 88 0.34 9.76 -7.49
CA ILE A 88 -0.29 8.93 -8.50
C ILE A 88 -0.48 9.79 -9.76
N SER A 89 -0.43 9.13 -10.91
CA SER A 89 -0.79 9.72 -12.19
C SER A 89 -1.58 8.66 -12.97
N ARG A 90 -2.31 9.06 -14.01
CA ARG A 90 -2.99 8.07 -14.87
C ARG A 90 -1.97 7.15 -15.54
N ARG A 91 -0.76 7.66 -15.85
CA ARG A 91 0.34 6.82 -16.34
C ARG A 91 0.67 5.74 -15.31
N LEU A 92 0.87 6.10 -14.04
CA LEU A 92 1.11 5.12 -12.99
C LEU A 92 -0.05 4.13 -12.91
N CYS A 93 -1.30 4.59 -13.00
CA CYS A 93 -2.44 3.71 -12.90
C CYS A 93 -2.37 2.60 -13.95
N ARG A 94 -2.13 2.93 -15.22
CA ARG A 94 -2.04 1.90 -16.27
C ARG A 94 -0.73 1.12 -16.24
N ASN A 95 0.30 1.62 -15.54
CA ASN A 95 1.63 0.99 -15.52
C ASN A 95 1.62 -0.37 -14.80
N TYR A 96 0.70 -0.59 -13.86
CA TYR A 96 0.61 -1.83 -13.10
C TYR A 96 -0.73 -2.51 -13.39
N ASP A 97 -0.93 -3.74 -12.92
CA ASP A 97 -2.08 -4.58 -13.32
C ASP A 97 -3.06 -4.82 -12.17
N LEU A 98 -2.71 -4.43 -10.96
CA LEU A 98 -3.59 -4.40 -9.79
C LEU A 98 -3.25 -3.12 -9.04
N ILE A 99 -4.23 -2.34 -8.63
CA ILE A 99 -4.00 -1.09 -7.91
C ILE A 99 -4.78 -1.24 -6.60
N LEU A 100 -4.13 -0.95 -5.48
CA LEU A 100 -4.76 -0.99 -4.17
C LEU A 100 -4.68 0.39 -3.55
N THR A 101 -5.64 0.66 -2.70
CA THR A 101 -5.61 1.83 -1.83
C THR A 101 -6.23 1.40 -0.50
N MET A 102 -6.16 2.24 0.53
CA MET A 102 -6.48 1.84 1.90
C MET A 102 -7.79 2.40 2.45
N GLU A 103 -8.43 3.33 1.74
CA GLU A 103 -9.63 3.99 2.23
C GLU A 103 -10.63 4.05 1.08
N LYS A 104 -11.92 3.88 1.36
CA LYS A 104 -12.94 3.75 0.30
C LYS A 104 -13.13 5.06 -0.46
N ARG A 105 -12.92 6.21 0.20
CA ARG A 105 -12.86 7.49 -0.49
C ARG A 105 -11.74 7.54 -1.53
N HIS A 106 -10.61 6.86 -1.28
CA HIS A 106 -9.50 6.86 -2.24
C HIS A 106 -9.86 5.99 -3.43
N ILE A 107 -10.59 4.88 -3.24
CA ILE A 107 -11.06 4.04 -4.36
C ILE A 107 -11.84 4.92 -5.32
N GLU A 108 -12.73 5.78 -4.80
CA GLU A 108 -13.55 6.65 -5.64
C GLU A 108 -12.65 7.59 -6.46
N ARG A 109 -11.64 8.20 -5.83
CA ARG A 109 -10.72 9.10 -6.53
C ARG A 109 -9.88 8.35 -7.56
N LEU A 110 -9.41 7.13 -7.27
CA LEU A 110 -8.63 6.33 -8.22
C LEU A 110 -9.49 5.97 -9.43
N CYS A 111 -10.77 5.60 -9.21
CA CYS A 111 -11.69 5.27 -10.28
C CYS A 111 -12.01 6.50 -11.15
N GLU A 112 -11.94 7.71 -10.59
CA GLU A 112 -12.07 8.96 -11.33
C GLU A 112 -10.79 9.24 -12.13
N MET A 113 -9.62 9.06 -11.50
CA MET A 113 -8.32 9.35 -12.12
C MET A 113 -8.05 8.45 -13.32
N ALA A 114 -8.44 7.18 -13.25
CA ALA A 114 -8.17 6.20 -14.31
C ALA A 114 -9.38 5.27 -14.49
N PRO A 115 -10.42 5.69 -15.23
CA PRO A 115 -11.57 4.85 -15.54
C PRO A 115 -11.16 3.51 -16.19
N GLU A 116 -10.07 3.49 -16.98
CA GLU A 116 -9.55 2.25 -17.59
C GLU A 116 -9.08 1.22 -16.54
N MET A 117 -8.84 1.67 -15.29
CA MET A 117 -8.43 0.82 -14.17
C MET A 117 -9.57 0.65 -13.16
N ARG A 118 -10.78 1.16 -13.43
CA ARG A 118 -11.90 1.11 -12.49
C ARG A 118 -12.23 -0.32 -12.05
N GLY A 119 -12.08 -1.30 -12.95
CA GLY A 119 -12.29 -2.72 -12.65
C GLY A 119 -11.08 -3.41 -12.00
N LYS A 120 -9.99 -2.68 -11.73
CA LYS A 120 -8.72 -3.22 -11.23
C LYS A 120 -8.22 -2.43 -10.00
N VAL A 121 -9.00 -1.47 -9.49
CA VAL A 121 -8.71 -0.83 -8.21
C VAL A 121 -9.54 -1.57 -7.16
N MET A 122 -8.97 -1.87 -5.98
CA MET A 122 -9.74 -2.37 -4.84
C MET A 122 -9.08 -1.99 -3.51
N LEU A 123 -9.74 -2.33 -2.40
CA LEU A 123 -9.25 -2.03 -1.06
C LEU A 123 -8.11 -2.99 -0.69
N PHE A 124 -7.04 -2.46 -0.09
CA PHE A 124 -5.93 -3.28 0.39
C PHE A 124 -6.39 -4.27 1.46
N GLY A 125 -7.28 -3.83 2.37
CA GLY A 125 -7.81 -4.65 3.46
C GLY A 125 -9.02 -5.49 3.04
N HIS A 126 -9.24 -5.71 1.74
CA HIS A 126 -10.42 -6.41 1.21
C HIS A 126 -10.69 -7.73 1.93
N TRP A 127 -9.66 -8.56 2.15
CA TRP A 127 -9.80 -9.88 2.75
C TRP A 127 -10.38 -9.81 4.17
N ASP A 128 -10.07 -8.73 4.89
CA ASP A 128 -10.53 -8.53 6.26
C ASP A 128 -11.91 -7.86 6.23
N ASN A 129 -12.86 -8.54 5.58
CA ASN A 129 -14.26 -8.10 5.50
C ASN A 129 -14.38 -6.64 5.02
N GLU A 130 -13.55 -6.30 4.02
CA GLU A 130 -13.43 -4.96 3.44
C GLU A 130 -13.34 -3.84 4.48
N CYS A 131 -12.57 -4.08 5.54
CA CYS A 131 -12.24 -3.06 6.51
C CYS A 131 -11.21 -2.11 5.88
N GLU A 132 -11.52 -0.82 5.81
CA GLU A 132 -10.53 0.19 5.44
C GLU A 132 -9.55 0.40 6.59
N ILE A 133 -8.39 0.98 6.29
CA ILE A 133 -7.27 1.04 7.21
C ILE A 133 -7.08 2.51 7.66
N PRO A 134 -6.86 2.76 8.97
CA PRO A 134 -6.62 4.10 9.50
C PRO A 134 -5.42 4.80 8.85
N ASP A 135 -5.24 6.08 9.17
CA ASP A 135 -4.12 6.89 8.69
C ASP A 135 -3.29 7.34 9.90
N PRO A 136 -2.08 6.80 10.08
CA PRO A 136 -1.24 7.11 11.23
C PRO A 136 -0.38 8.37 11.02
N TYR A 137 -0.48 9.08 9.89
CA TYR A 137 0.40 10.18 9.44
C TYR A 137 1.24 10.87 10.52
N ARG A 138 0.65 11.61 11.46
CA ARG A 138 1.37 12.19 12.62
C ARG A 138 0.69 11.77 13.93
N LYS A 139 0.02 10.62 13.92
CA LYS A 139 -0.54 10.01 15.12
C LYS A 139 0.60 9.39 15.95
N SER A 140 0.26 8.86 17.12
CA SER A 140 1.21 8.24 18.04
C SER A 140 1.84 6.97 17.44
N ARG A 141 2.98 6.54 18.01
CA ARG A 141 3.63 5.28 17.61
C ARG A 141 2.69 4.10 17.77
N GLU A 142 1.83 4.08 18.80
CA GLU A 142 0.87 3.00 18.98
C GLU A 142 -0.13 2.94 17.81
N THR A 143 -0.46 4.08 17.18
CA THR A 143 -1.32 4.10 16.00
C THR A 143 -0.56 3.54 14.80
N PHE A 144 0.73 3.90 14.63
CA PHE A 144 1.57 3.27 13.61
C PHE A 144 1.65 1.76 13.83
N ALA A 145 1.77 1.29 15.08
CA ALA A 145 1.82 -0.14 15.38
C ALA A 145 0.50 -0.83 15.02
N ALA A 146 -0.64 -0.21 15.34
CA ALA A 146 -1.95 -0.74 14.97
C ALA A 146 -2.09 -0.86 13.45
N VAL A 147 -1.75 0.22 12.74
CA VAL A 147 -1.83 0.24 11.28
C VAL A 147 -0.83 -0.78 10.70
N TYR A 148 0.39 -0.88 11.23
CA TYR A 148 1.36 -1.87 10.79
C TYR A 148 0.77 -3.28 10.95
N THR A 149 0.14 -3.58 12.09
CA THR A 149 -0.41 -4.91 12.34
C THR A 149 -1.56 -5.21 11.34
N LEU A 150 -2.45 -4.24 11.11
CA LEU A 150 -3.55 -4.38 10.17
C LEU A 150 -3.04 -4.54 8.74
N LEU A 151 -1.97 -3.83 8.37
CA LEU A 151 -1.31 -3.98 7.08
C LEU A 151 -0.62 -5.33 6.98
N GLU A 152 0.02 -5.82 8.03
CA GLU A 152 0.70 -7.11 8.02
C GLU A 152 -0.33 -8.23 7.82
N ARG A 153 -1.50 -8.16 8.48
CA ARG A 153 -2.59 -9.10 8.22
C ARG A 153 -3.01 -9.03 6.77
N SER A 154 -3.30 -7.83 6.28
CA SER A 154 -3.80 -7.64 4.92
C SER A 154 -2.78 -8.17 3.90
N ALA A 155 -1.50 -7.84 4.08
CA ALA A 155 -0.43 -8.33 3.23
C ALA A 155 -0.31 -9.86 3.31
N ARG A 156 -0.46 -10.45 4.50
CA ARG A 156 -0.41 -11.90 4.66
C ARG A 156 -1.57 -12.56 3.93
N GLN A 157 -2.78 -11.98 3.98
CA GLN A 157 -3.94 -12.49 3.28
C GLN A 157 -3.71 -12.39 1.76
N TRP A 158 -3.18 -11.25 1.28
CA TRP A 158 -2.80 -11.12 -0.13
C TRP A 158 -1.78 -12.19 -0.51
N ALA A 159 -0.73 -12.37 0.30
CA ALA A 159 0.28 -13.38 0.04
C ALA A 159 -0.32 -14.78 0.01
N GLN A 160 -1.22 -15.12 0.95
CA GLN A 160 -1.84 -16.43 1.04
C GLN A 160 -2.61 -16.76 -0.26
N ALA A 161 -3.25 -15.77 -0.86
CA ALA A 161 -3.94 -15.96 -2.14
C ALA A 161 -2.93 -16.04 -3.30
N LEU A 162 -2.07 -15.03 -3.42
CA LEU A 162 -1.12 -14.90 -4.54
C LEU A 162 -0.12 -16.06 -4.58
N ASN A 163 0.22 -16.65 -3.43
CA ASN A 163 1.06 -17.85 -3.32
C ASN A 163 0.46 -19.05 -4.07
N ALA A 164 -0.86 -19.08 -4.25
CA ALA A 164 -1.57 -20.12 -5.00
C ALA A 164 -2.17 -19.56 -6.30
N GLU A 165 -1.65 -18.42 -6.73
CA GLU A 165 -1.91 -17.68 -7.97
C GLU A 165 -3.37 -17.66 -8.44
N GLN A 166 -4.30 -17.60 -7.49
CA GLN A 166 -5.72 -17.37 -7.70
C GLN A 166 -6.21 -16.48 -6.56
N VAL A 167 -7.27 -15.72 -6.85
CA VAL A 167 -7.80 -14.64 -6.04
C VAL A 167 -9.33 -14.66 -6.16
N MET A 21 0.30 -14.63 -11.24
CA MET A 21 0.53 -13.43 -10.38
C MET A 21 0.19 -12.16 -11.16
N PHE A 22 -0.22 -11.09 -10.48
CA PHE A 22 -0.39 -9.77 -11.09
C PHE A 22 0.94 -9.20 -11.63
N ASN A 23 2.06 -9.68 -11.09
CA ASN A 23 3.46 -9.37 -11.42
C ASN A 23 3.89 -7.95 -11.05
N ASN A 24 3.09 -6.95 -11.38
CA ASN A 24 3.47 -5.54 -11.25
C ASN A 24 2.30 -4.79 -10.60
N ILE A 25 2.50 -4.31 -9.37
CA ILE A 25 1.42 -3.80 -8.52
C ILE A 25 1.82 -2.41 -7.99
N LEU A 26 0.83 -1.59 -7.64
CA LEU A 26 1.06 -0.33 -6.94
C LEU A 26 0.13 -0.28 -5.73
N VAL A 27 0.60 0.31 -4.63
CA VAL A 27 -0.25 0.61 -3.48
C VAL A 27 -0.25 2.12 -3.27
N VAL A 28 -1.41 2.69 -2.95
CA VAL A 28 -1.61 4.13 -2.96
C VAL A 28 -2.38 4.55 -1.71
N CYS A 29 -2.05 5.68 -1.08
CA CYS A 29 -2.88 6.26 0.00
C CYS A 29 -2.77 7.78 0.08
N VAL A 30 -3.52 8.43 0.97
CA VAL A 30 -3.27 9.84 1.25
C VAL A 30 -2.07 9.87 2.21
N GLY A 31 -1.14 10.82 2.02
CA GLY A 31 0.08 10.94 2.79
C GLY A 31 1.25 10.19 2.14
N ASN A 32 0.99 8.99 1.62
CA ASN A 32 1.96 8.12 0.93
C ASN A 32 3.08 7.58 1.83
N ILE A 33 3.81 8.45 2.52
CA ILE A 33 5.06 8.19 3.25
C ILE A 33 5.02 7.14 4.38
N CYS A 34 3.93 6.40 4.57
CA CYS A 34 3.80 5.45 5.67
C CYS A 34 3.13 4.16 5.22
N ARG A 35 1.86 4.22 4.82
CA ARG A 35 1.08 3.00 4.58
C ARG A 35 1.51 2.34 3.28
N SER A 36 1.66 3.11 2.20
CA SER A 36 2.10 2.57 0.92
C SER A 36 3.44 1.82 1.05
N PRO A 37 4.54 2.37 1.59
CA PRO A 37 5.79 1.63 1.69
C PRO A 37 5.69 0.44 2.65
N THR A 38 4.90 0.54 3.73
CA THR A 38 4.71 -0.59 4.64
C THR A 38 4.06 -1.75 3.88
N ALA A 39 2.95 -1.50 3.18
CA ALA A 39 2.26 -2.51 2.38
C ALA A 39 3.17 -3.08 1.31
N GLU A 40 3.86 -2.20 0.58
CA GLU A 40 4.74 -2.61 -0.51
C GLU A 40 5.80 -3.57 0.01
N ARG A 41 6.55 -3.16 1.03
CA ARG A 41 7.66 -3.95 1.54
C ARG A 41 7.15 -5.25 2.19
N LEU A 42 5.99 -5.24 2.85
CA LEU A 42 5.37 -6.47 3.34
C LEU A 42 5.09 -7.43 2.19
N LEU A 43 4.48 -6.95 1.11
CA LEU A 43 4.16 -7.79 -0.04
C LEU A 43 5.44 -8.30 -0.71
N GLN A 44 6.50 -7.48 -0.78
CA GLN A 44 7.80 -7.92 -1.28
C GLN A 44 8.36 -9.04 -0.38
N ARG A 45 8.26 -8.93 0.94
CA ARG A 45 8.72 -9.99 1.85
C ARG A 45 7.94 -11.28 1.60
N TYR A 46 6.61 -11.21 1.47
CA TYR A 46 5.80 -12.39 1.27
C TYR A 46 5.99 -13.02 -0.12
N HIS A 47 6.34 -12.24 -1.15
CA HIS A 47 6.60 -12.71 -2.50
C HIS A 47 7.83 -11.99 -3.07
N PRO A 48 9.06 -12.47 -2.79
CA PRO A 48 10.30 -11.86 -3.28
C PRO A 48 10.40 -11.71 -4.80
N GLU A 49 9.67 -12.54 -5.57
CA GLU A 49 9.69 -12.50 -7.03
C GLU A 49 8.86 -11.33 -7.59
N LEU A 50 7.99 -10.75 -6.76
CA LEU A 50 6.99 -9.77 -7.16
C LEU A 50 7.59 -8.38 -7.33
N LYS A 51 6.84 -7.49 -8.00
CA LYS A 51 7.15 -6.08 -8.07
C LYS A 51 5.93 -5.35 -7.51
N VAL A 52 6.17 -4.59 -6.44
CA VAL A 52 5.19 -3.68 -5.88
C VAL A 52 5.93 -2.35 -5.71
N GLU A 53 5.25 -1.24 -5.94
CA GLU A 53 5.76 0.10 -5.62
C GLU A 53 4.69 0.86 -4.83
N SER A 54 5.05 2.05 -4.34
CA SER A 54 4.23 2.78 -3.39
C SER A 54 4.07 4.25 -3.82
N ALA A 55 2.84 4.79 -3.73
CA ALA A 55 2.51 6.15 -4.19
C ALA A 55 1.40 6.74 -3.32
N GLY A 56 0.90 7.93 -3.65
CA GLY A 56 -0.25 8.49 -2.96
C GLY A 56 -1.06 9.54 -3.71
N LEU A 57 -2.30 9.72 -3.25
CA LEU A 57 -3.22 10.73 -3.76
C LEU A 57 -2.87 12.14 -3.26
N GLY A 58 -2.09 12.23 -2.19
CA GLY A 58 -1.62 13.49 -1.62
C GLY A 58 -0.22 13.24 -1.09
N ALA A 59 0.63 12.72 -1.97
CA ALA A 59 1.98 12.30 -1.62
C ALA A 59 2.92 13.48 -1.42
N LEU A 60 4.13 13.18 -0.96
CA LEU A 60 5.19 14.14 -0.76
C LEU A 60 6.37 13.61 -1.57
N VAL A 61 6.41 13.95 -2.86
CA VAL A 61 7.37 13.38 -3.81
C VAL A 61 8.80 13.40 -3.24
N GLY A 62 9.44 12.23 -3.20
CA GLY A 62 10.83 12.09 -2.79
C GLY A 62 11.12 12.36 -1.31
N LYS A 63 10.09 12.51 -0.45
CA LYS A 63 10.30 12.89 0.95
C LYS A 63 10.92 11.78 1.81
N GLY A 64 10.98 10.54 1.34
CA GLY A 64 11.36 9.40 2.18
C GLY A 64 10.15 8.89 2.97
N ALA A 65 10.26 7.72 3.59
CA ALA A 65 9.25 7.25 4.52
C ALA A 65 9.27 8.11 5.80
N ASP A 66 8.14 8.15 6.49
CA ASP A 66 8.02 8.86 7.76
C ASP A 66 8.88 8.19 8.83
N PRO A 67 9.64 8.92 9.67
CA PRO A 67 10.48 8.33 10.71
C PRO A 67 9.77 7.34 11.63
N THR A 68 8.47 7.53 11.89
CA THR A 68 7.71 6.68 12.80
C THR A 68 7.32 5.39 12.07
N ALA A 69 7.06 5.47 10.76
CA ALA A 69 6.85 4.28 9.95
C ALA A 69 8.14 3.46 9.91
N ILE A 70 9.28 4.13 9.70
CA ILE A 70 10.58 3.48 9.68
C ILE A 70 10.84 2.79 11.03
N SER A 71 10.67 3.47 12.17
CA SER A 71 11.01 2.87 13.46
C SER A 71 10.11 1.68 13.77
N VAL A 72 8.80 1.80 13.56
CA VAL A 72 7.88 0.69 13.77
C VAL A 72 8.22 -0.47 12.83
N ALA A 73 8.61 -0.21 11.57
CA ALA A 73 8.98 -1.28 10.65
C ALA A 73 10.34 -1.89 11.01
N ALA A 74 11.25 -1.12 11.62
CA ALA A 74 12.52 -1.61 12.11
C ALA A 74 12.32 -2.61 13.26
N GLU A 75 11.26 -2.48 14.06
CA GLU A 75 10.89 -3.50 15.05
C GLU A 75 10.54 -4.85 14.39
N HIS A 76 10.40 -4.90 13.07
CA HIS A 76 10.15 -6.08 12.25
C HIS A 76 11.26 -6.27 11.19
N GLN A 77 12.38 -5.54 11.35
CA GLN A 77 13.54 -5.61 10.45
C GLN A 77 13.12 -5.46 8.97
N LEU A 78 12.22 -4.51 8.68
CA LEU A 78 11.59 -4.36 7.36
C LEU A 78 11.86 -2.92 6.93
N SER A 79 12.93 -2.75 6.16
CA SER A 79 13.51 -1.45 5.83
C SER A 79 12.63 -0.62 4.88
N LEU A 80 11.98 0.43 5.41
CA LEU A 80 11.30 1.44 4.60
C LEU A 80 12.23 2.64 4.30
N GLU A 81 13.47 2.56 4.78
CA GLU A 81 14.41 3.69 4.82
C GLU A 81 14.60 4.38 3.46
N GLY A 82 14.63 3.63 2.35
CA GLY A 82 14.92 4.18 1.03
C GLY A 82 13.67 4.34 0.17
N HIS A 83 12.47 4.37 0.76
CA HIS A 83 11.22 4.63 0.05
C HIS A 83 11.32 5.94 -0.74
N CYS A 84 10.69 5.97 -1.91
CA CYS A 84 10.57 7.16 -2.75
C CYS A 84 9.08 7.38 -3.03
N ALA A 85 8.47 8.25 -2.23
CA ALA A 85 7.09 8.68 -2.38
C ALA A 85 6.91 9.44 -3.70
N ARG A 86 5.68 9.46 -4.22
CA ARG A 86 5.38 9.98 -5.55
C ARG A 86 3.88 10.24 -5.66
N GLN A 87 3.52 11.35 -6.30
CA GLN A 87 2.13 11.70 -6.52
C GLN A 87 1.59 10.81 -7.62
N ILE A 88 0.45 10.20 -7.33
CA ILE A 88 -0.24 9.35 -8.28
C ILE A 88 -0.62 10.19 -9.51
N SER A 89 -0.62 9.55 -10.67
CA SER A 89 -1.06 10.13 -11.93
C SER A 89 -1.81 9.05 -12.69
N ARG A 90 -2.56 9.39 -13.76
CA ARG A 90 -3.18 8.37 -14.61
C ARG A 90 -2.09 7.46 -15.22
N ARG A 91 -0.94 8.03 -15.59
CA ARG A 91 0.17 7.25 -16.12
C ARG A 91 0.59 6.18 -15.12
N LEU A 92 0.77 6.56 -13.84
CA LEU A 92 1.08 5.58 -12.81
C LEU A 92 -0.06 4.57 -12.68
N CYS A 93 -1.31 5.02 -12.61
CA CYS A 93 -2.43 4.11 -12.38
C CYS A 93 -2.49 3.01 -13.44
N ARG A 94 -2.27 3.33 -14.72
CA ARG A 94 -2.35 2.34 -15.79
C ARG A 94 -1.03 1.55 -15.95
N ASN A 95 0.08 2.01 -15.37
CA ASN A 95 1.38 1.35 -15.49
C ASN A 95 1.43 0.00 -14.76
N TYR A 96 0.69 -0.15 -13.66
CA TYR A 96 0.71 -1.38 -12.86
C TYR A 96 -0.62 -2.10 -13.09
N ASP A 97 -0.63 -3.43 -13.04
CA ASP A 97 -1.79 -4.22 -13.47
C ASP A 97 -2.85 -4.36 -12.39
N LEU A 98 -2.50 -4.11 -11.13
CA LEU A 98 -3.39 -4.23 -9.99
C LEU A 98 -2.99 -3.11 -9.04
N ILE A 99 -3.99 -2.40 -8.50
CA ILE A 99 -3.76 -1.25 -7.64
C ILE A 99 -4.50 -1.57 -6.35
N LEU A 100 -3.89 -1.29 -5.20
CA LEU A 100 -4.56 -1.38 -3.92
C LEU A 100 -4.49 -0.03 -3.23
N THR A 101 -5.45 0.25 -2.36
CA THR A 101 -5.48 1.50 -1.61
C THR A 101 -6.13 1.28 -0.26
N MET A 102 -5.95 2.21 0.68
CA MET A 102 -6.32 2.00 2.08
C MET A 102 -7.75 2.39 2.44
N GLU A 103 -8.39 3.28 1.65
CA GLU A 103 -9.65 3.88 2.04
C GLU A 103 -10.60 3.88 0.85
N LYS A 104 -11.91 3.74 1.11
CA LYS A 104 -12.91 3.61 0.03
C LYS A 104 -13.01 4.88 -0.80
N ARG A 105 -12.87 6.05 -0.17
CA ARG A 105 -12.74 7.33 -0.90
C ARG A 105 -11.56 7.32 -1.86
N HIS A 106 -10.45 6.63 -1.54
CA HIS A 106 -9.31 6.58 -2.43
C HIS A 106 -9.64 5.72 -3.65
N ILE A 107 -10.40 4.63 -3.49
CA ILE A 107 -10.85 3.82 -4.62
C ILE A 107 -11.62 4.73 -5.57
N GLU A 108 -12.56 5.52 -5.04
CA GLU A 108 -13.39 6.40 -5.84
C GLU A 108 -12.53 7.44 -6.59
N ARG A 109 -11.61 8.10 -5.86
CA ARG A 109 -10.72 9.09 -6.47
C ARG A 109 -9.84 8.46 -7.55
N LEU A 110 -9.33 7.25 -7.34
CA LEU A 110 -8.48 6.58 -8.32
C LEU A 110 -9.30 6.15 -9.53
N CYS A 111 -10.57 5.76 -9.37
CA CYS A 111 -11.44 5.50 -10.51
C CYS A 111 -11.65 6.78 -11.32
N GLU A 112 -11.80 7.94 -10.68
CA GLU A 112 -11.93 9.22 -11.37
C GLU A 112 -10.63 9.58 -12.10
N MET A 113 -9.47 9.32 -11.48
CA MET A 113 -8.17 9.59 -12.09
C MET A 113 -7.92 8.68 -13.30
N ALA A 114 -8.34 7.41 -13.23
CA ALA A 114 -8.03 6.41 -14.24
C ALA A 114 -9.21 5.44 -14.37
N PRO A 115 -10.25 5.77 -15.16
CA PRO A 115 -11.41 4.90 -15.32
C PRO A 115 -11.06 3.58 -16.03
N GLU A 116 -9.89 3.49 -16.70
CA GLU A 116 -9.37 2.24 -17.22
C GLU A 116 -9.18 1.18 -16.11
N MET A 117 -9.01 1.64 -14.87
CA MET A 117 -8.74 0.82 -13.69
C MET A 117 -9.97 0.74 -12.78
N ARG A 118 -11.16 1.12 -13.24
CA ARG A 118 -12.35 1.21 -12.38
C ARG A 118 -12.73 -0.10 -11.68
N GLY A 119 -12.32 -1.25 -12.24
CA GLY A 119 -12.52 -2.57 -11.66
C GLY A 119 -11.21 -3.25 -11.25
N LYS A 120 -10.12 -2.47 -11.12
CA LYS A 120 -8.76 -2.96 -10.88
C LYS A 120 -8.10 -2.27 -9.69
N VAL A 121 -8.74 -1.23 -9.14
CA VAL A 121 -8.34 -0.63 -7.86
C VAL A 121 -9.21 -1.35 -6.80
N MET A 122 -8.62 -1.80 -5.69
CA MET A 122 -9.36 -2.48 -4.62
C MET A 122 -8.83 -2.10 -3.23
N LEU A 123 -9.63 -2.37 -2.20
CA LEU A 123 -9.26 -2.05 -0.82
C LEU A 123 -8.17 -3.00 -0.31
N PHE A 124 -7.14 -2.46 0.32
CA PHE A 124 -6.05 -3.26 0.87
C PHE A 124 -6.58 -4.20 1.96
N GLY A 125 -7.47 -3.71 2.83
CA GLY A 125 -8.02 -4.47 3.94
C GLY A 125 -9.25 -5.30 3.56
N HIS A 126 -9.45 -5.58 2.26
CA HIS A 126 -10.61 -6.31 1.74
C HIS A 126 -10.90 -7.60 2.52
N TRP A 127 -9.86 -8.37 2.83
CA TRP A 127 -10.00 -9.67 3.48
C TRP A 127 -10.59 -9.56 4.88
N ASP A 128 -10.31 -8.47 5.59
CA ASP A 128 -10.82 -8.22 6.94
C ASP A 128 -12.18 -7.53 6.84
N ASN A 129 -13.16 -8.25 6.25
CA ASN A 129 -14.53 -7.76 6.06
C ASN A 129 -14.60 -6.34 5.47
N GLU A 130 -13.76 -6.09 4.46
CA GLU A 130 -13.61 -4.79 3.80
C GLU A 130 -13.49 -3.60 4.76
N CYS A 131 -12.77 -3.80 5.86
CA CYS A 131 -12.41 -2.72 6.76
C CYS A 131 -11.37 -1.83 6.07
N GLU A 132 -11.67 -0.54 5.96
CA GLU A 132 -10.69 0.45 5.52
C GLU A 132 -9.60 0.58 6.60
N ILE A 133 -8.41 1.01 6.21
CA ILE A 133 -7.25 1.04 7.09
C ILE A 133 -7.06 2.49 7.54
N PRO A 134 -6.90 2.76 8.85
CA PRO A 134 -6.67 4.11 9.39
C PRO A 134 -5.46 4.81 8.76
N ASP A 135 -5.31 6.11 9.06
CA ASP A 135 -4.21 6.93 8.55
C ASP A 135 -3.36 7.43 9.73
N PRO A 136 -2.12 6.94 9.90
CA PRO A 136 -1.27 7.31 11.03
C PRO A 136 -0.48 8.60 10.80
N TYR A 137 -0.50 9.20 9.60
CA TYR A 137 0.33 10.30 9.08
C TYR A 137 1.44 10.87 9.98
N ARG A 138 1.11 11.58 11.08
CA ARG A 138 2.10 12.16 12.01
C ARG A 138 1.69 11.91 13.48
N LYS A 139 0.81 10.94 13.71
CA LYS A 139 0.26 10.64 15.04
C LYS A 139 1.28 9.86 15.87
N SER A 140 0.89 9.47 17.09
CA SER A 140 1.75 8.71 18.01
C SER A 140 2.14 7.36 17.40
N ARG A 141 3.28 6.79 17.83
CA ARG A 141 3.78 5.52 17.31
C ARG A 141 2.81 4.35 17.52
N GLU A 142 1.93 4.42 18.53
CA GLU A 142 0.92 3.39 18.75
C GLU A 142 -0.03 3.30 17.53
N THR A 143 -0.31 4.43 16.88
CA THR A 143 -1.12 4.46 15.67
C THR A 143 -0.39 3.72 14.55
N PHE A 144 0.91 4.00 14.39
CA PHE A 144 1.73 3.32 13.39
C PHE A 144 1.80 1.82 13.68
N ALA A 145 1.91 1.40 14.95
CA ALA A 145 1.94 -0.01 15.32
C ALA A 145 0.63 -0.71 14.96
N ALA A 146 -0.51 -0.09 15.28
CA ALA A 146 -1.82 -0.63 14.94
C ALA A 146 -1.97 -0.76 13.43
N VAL A 147 -1.65 0.30 12.69
CA VAL A 147 -1.76 0.31 11.24
C VAL A 147 -0.78 -0.70 10.63
N TYR A 148 0.45 -0.82 11.15
CA TYR A 148 1.40 -1.82 10.67
C TYR A 148 0.83 -3.22 10.87
N THR A 149 0.24 -3.52 12.03
CA THR A 149 -0.32 -4.83 12.31
C THR A 149 -1.48 -5.13 11.33
N LEU A 150 -2.35 -4.15 11.08
CA LEU A 150 -3.46 -4.28 10.16
C LEU A 150 -2.97 -4.49 8.73
N LEU A 151 -1.93 -3.75 8.31
CA LEU A 151 -1.31 -3.92 7.01
C LEU A 151 -0.64 -5.28 6.91
N GLU A 152 0.01 -5.77 7.97
CA GLU A 152 0.68 -7.06 8.00
C GLU A 152 -0.33 -8.15 7.70
N ARG A 153 -1.44 -8.24 8.45
CA ARG A 153 -2.45 -9.26 8.19
C ARG A 153 -3.04 -9.12 6.80
N SER A 154 -3.30 -7.89 6.33
CA SER A 154 -3.90 -7.69 5.01
C SER A 154 -2.94 -8.15 3.91
N ALA A 155 -1.66 -7.80 4.00
CA ALA A 155 -0.66 -8.22 3.02
C ALA A 155 -0.45 -9.73 3.08
N ARG A 156 -0.43 -10.33 4.27
CA ARG A 156 -0.34 -11.78 4.42
C ARG A 156 -1.55 -12.45 3.76
N GLN A 157 -2.76 -11.90 3.94
CA GLN A 157 -3.96 -12.44 3.31
C GLN A 157 -3.88 -12.32 1.79
N TRP A 158 -3.45 -11.17 1.23
CA TRP A 158 -3.26 -11.05 -0.21
C TRP A 158 -2.27 -12.10 -0.73
N ALA A 159 -1.14 -12.29 -0.03
CA ALA A 159 -0.14 -13.27 -0.42
C ALA A 159 -0.72 -14.69 -0.35
N GLN A 160 -1.37 -15.05 0.77
CA GLN A 160 -1.92 -16.38 0.96
C GLN A 160 -3.05 -16.65 -0.05
N ALA A 161 -3.80 -15.63 -0.45
CA ALA A 161 -4.84 -15.77 -1.45
C ALA A 161 -4.22 -16.15 -2.78
N LEU A 162 -3.21 -15.37 -3.24
CA LEU A 162 -2.49 -15.68 -4.47
C LEU A 162 -1.81 -17.05 -4.41
N ASN A 163 -1.27 -17.42 -3.25
CA ASN A 163 -0.65 -18.72 -3.00
C ASN A 163 -1.63 -19.90 -3.14
N ALA A 164 -2.96 -19.65 -3.11
CA ALA A 164 -3.99 -20.68 -3.17
C ALA A 164 -5.10 -20.35 -4.18
N GLU A 165 -4.77 -19.53 -5.16
CA GLU A 165 -5.63 -19.09 -6.25
C GLU A 165 -4.75 -18.73 -7.45
N GLN A 166 -3.63 -19.45 -7.60
CA GLN A 166 -2.69 -19.24 -8.68
C GLN A 166 -3.30 -19.77 -9.98
N VAL A 167 -3.04 -19.04 -11.06
CA VAL A 167 -3.64 -19.19 -12.37
C VAL A 167 -2.59 -18.84 -13.42
N MET A 21 0.43 -14.20 -14.09
CA MET A 21 0.27 -13.87 -12.65
C MET A 21 0.24 -12.35 -12.46
N PHE A 22 -0.44 -11.85 -11.42
CA PHE A 22 -0.52 -10.44 -11.00
C PHE A 22 0.84 -9.92 -10.46
N ASN A 23 1.93 -10.11 -11.21
CA ASN A 23 3.29 -9.87 -10.72
C ASN A 23 3.60 -8.40 -10.43
N ASN A 24 2.87 -7.45 -11.02
CA ASN A 24 3.17 -6.01 -10.89
C ASN A 24 2.01 -5.38 -10.13
N ILE A 25 2.30 -4.78 -8.98
CA ILE A 25 1.28 -4.32 -8.04
C ILE A 25 1.66 -2.90 -7.59
N LEU A 26 0.66 -2.04 -7.40
CA LEU A 26 0.85 -0.70 -6.84
C LEU A 26 0.00 -0.60 -5.57
N VAL A 27 0.47 0.18 -4.60
CA VAL A 27 -0.29 0.53 -3.41
C VAL A 27 -0.35 2.05 -3.31
N VAL A 28 -1.51 2.60 -2.97
CA VAL A 28 -1.75 4.04 -3.04
C VAL A 28 -2.42 4.51 -1.75
N CYS A 29 -2.03 5.69 -1.28
CA CYS A 29 -2.53 6.30 -0.04
C CYS A 29 -2.83 7.78 -0.31
N VAL A 30 -3.37 8.52 0.66
CA VAL A 30 -3.47 9.98 0.54
C VAL A 30 -2.07 10.61 0.62
N GLY A 31 -1.24 10.22 1.60
CA GLY A 31 0.03 10.88 1.85
C GLY A 31 1.25 10.13 1.34
N ASN A 32 1.08 8.85 0.97
CA ASN A 32 2.14 7.93 0.49
C ASN A 32 3.22 7.60 1.52
N ILE A 33 3.84 8.58 2.18
CA ILE A 33 5.05 8.43 3.01
C ILE A 33 5.03 7.32 4.07
N CYS A 34 3.88 6.76 4.44
CA CYS A 34 3.73 5.84 5.56
C CYS A 34 3.09 4.51 5.13
N ARG A 35 1.81 4.51 4.78
CA ARG A 35 1.08 3.25 4.57
C ARG A 35 1.55 2.54 3.31
N SER A 36 1.69 3.23 2.17
CA SER A 36 2.07 2.60 0.92
C SER A 36 3.38 1.79 1.04
N PRO A 37 4.52 2.34 1.50
CA PRO A 37 5.76 1.58 1.58
C PRO A 37 5.68 0.48 2.65
N THR A 38 4.91 0.68 3.72
CA THR A 38 4.72 -0.35 4.73
C THR A 38 4.03 -1.57 4.09
N ALA A 39 2.91 -1.36 3.38
CA ALA A 39 2.21 -2.43 2.69
C ALA A 39 3.09 -3.07 1.62
N GLU A 40 3.78 -2.25 0.82
CA GLU A 40 4.66 -2.71 -0.24
C GLU A 40 5.68 -3.69 0.31
N ARG A 41 6.44 -3.27 1.32
CA ARG A 41 7.53 -4.08 1.82
C ARG A 41 6.98 -5.29 2.59
N LEU A 42 5.82 -5.21 3.23
CA LEU A 42 5.17 -6.37 3.84
C LEU A 42 4.76 -7.40 2.77
N LEU A 43 4.20 -6.95 1.65
CA LEU A 43 3.85 -7.83 0.54
C LEU A 43 5.11 -8.51 -0.01
N GLN A 44 6.20 -7.76 -0.15
CA GLN A 44 7.46 -8.32 -0.62
C GLN A 44 8.12 -9.23 0.42
N ARG A 45 7.93 -8.99 1.72
CA ARG A 45 8.38 -9.91 2.77
C ARG A 45 7.72 -11.26 2.54
N TYR A 46 6.42 -11.25 2.24
CA TYR A 46 5.69 -12.47 1.93
C TYR A 46 6.08 -13.08 0.57
N HIS A 47 6.36 -12.28 -0.48
CA HIS A 47 6.75 -12.80 -1.79
C HIS A 47 7.73 -11.83 -2.48
N PRO A 48 9.05 -12.01 -2.31
CA PRO A 48 10.07 -11.20 -2.98
C PRO A 48 9.98 -11.21 -4.51
N GLU A 49 9.33 -12.23 -5.09
CA GLU A 49 9.19 -12.38 -6.53
C GLU A 49 8.21 -11.34 -7.11
N LEU A 50 7.32 -10.77 -6.29
CA LEU A 50 6.33 -9.79 -6.75
C LEU A 50 7.01 -8.43 -6.83
N LYS A 51 6.71 -7.68 -7.88
CA LYS A 51 7.14 -6.29 -7.98
C LYS A 51 6.00 -5.49 -7.36
N VAL A 52 6.29 -4.79 -6.27
CA VAL A 52 5.29 -4.03 -5.55
C VAL A 52 5.84 -2.61 -5.41
N GLU A 53 4.95 -1.63 -5.58
CA GLU A 53 5.34 -0.23 -5.65
C GLU A 53 4.36 0.64 -4.86
N SER A 54 4.69 1.93 -4.71
CA SER A 54 3.95 2.85 -3.85
C SER A 54 3.74 4.19 -4.53
N ALA A 55 2.61 4.85 -4.23
CA ALA A 55 2.32 6.22 -4.65
C ALA A 55 1.27 6.84 -3.71
N GLY A 56 0.81 8.06 -3.99
CA GLY A 56 -0.32 8.64 -3.29
C GLY A 56 -0.94 9.86 -3.94
N LEU A 57 -2.15 10.21 -3.50
CA LEU A 57 -2.94 11.31 -4.07
C LEU A 57 -2.24 12.65 -3.86
N GLY A 58 -1.91 12.95 -2.60
CA GLY A 58 -1.20 14.17 -2.20
C GLY A 58 0.16 13.76 -1.65
N ALA A 59 0.82 12.84 -2.36
CA ALA A 59 2.14 12.36 -2.00
C ALA A 59 3.15 13.51 -2.03
N LEU A 60 4.28 13.30 -1.34
CA LEU A 60 5.30 14.32 -1.14
C LEU A 60 6.52 13.87 -1.94
N VAL A 61 6.52 14.20 -3.23
CA VAL A 61 7.58 13.84 -4.16
C VAL A 61 8.98 14.02 -3.55
N GLY A 62 9.72 12.91 -3.42
CA GLY A 62 11.11 12.92 -2.98
C GLY A 62 11.30 13.01 -1.46
N LYS A 63 10.23 13.04 -0.66
CA LYS A 63 10.34 13.32 0.78
C LYS A 63 10.98 12.18 1.58
N GLY A 64 11.05 10.96 1.05
CA GLY A 64 11.50 9.79 1.81
C GLY A 64 10.32 9.13 2.55
N ALA A 65 10.49 7.88 2.96
CA ALA A 65 9.55 7.22 3.85
C ALA A 65 9.54 7.92 5.22
N ASP A 66 8.41 7.86 5.93
CA ASP A 66 8.23 8.57 7.19
C ASP A 66 9.05 7.93 8.31
N PRO A 67 9.83 8.69 9.12
CA PRO A 67 10.63 8.16 10.21
C PRO A 67 9.89 7.25 11.20
N THR A 68 8.61 7.51 11.46
CA THR A 68 7.84 6.74 12.43
C THR A 68 7.48 5.39 11.81
N ALA A 69 7.12 5.37 10.51
CA ALA A 69 6.86 4.14 9.78
C ALA A 69 8.14 3.31 9.71
N ILE A 70 9.27 3.94 9.39
CA ILE A 70 10.58 3.28 9.38
C ILE A 70 10.84 2.66 10.76
N SER A 71 10.65 3.43 11.84
CA SER A 71 10.96 2.97 13.19
C SER A 71 10.11 1.74 13.55
N VAL A 72 8.80 1.80 13.32
CA VAL A 72 7.92 0.68 13.60
C VAL A 72 8.30 -0.51 12.73
N ALA A 73 8.60 -0.32 11.44
CA ALA A 73 8.92 -1.43 10.56
C ALA A 73 10.24 -2.09 10.97
N ALA A 74 11.23 -1.29 11.40
CA ALA A 74 12.49 -1.81 11.93
C ALA A 74 12.29 -2.56 13.25
N GLU A 75 11.33 -2.16 14.08
CA GLU A 75 10.94 -2.92 15.28
C GLU A 75 10.31 -4.27 14.92
N HIS A 76 9.92 -4.49 13.66
CA HIS A 76 9.48 -5.78 13.11
C HIS A 76 10.51 -6.33 12.09
N GLN A 77 11.70 -5.73 12.03
CA GLN A 77 12.81 -6.16 11.20
C GLN A 77 12.44 -6.29 9.71
N LEU A 78 11.77 -5.27 9.16
CA LEU A 78 11.49 -5.16 7.73
C LEU A 78 11.76 -3.71 7.36
N SER A 79 12.70 -3.48 6.46
CA SER A 79 13.21 -2.15 6.16
C SER A 79 12.25 -1.40 5.23
N LEU A 80 12.12 -0.08 5.42
CA LEU A 80 11.41 0.81 4.47
C LEU A 80 12.41 1.76 3.78
N GLU A 81 13.71 1.45 3.89
CA GLU A 81 14.77 2.27 3.31
C GLU A 81 14.60 2.32 1.79
N GLY A 82 15.04 3.42 1.19
CA GLY A 82 15.13 3.55 -0.27
C GLY A 82 13.85 4.06 -0.92
N HIS A 83 12.69 3.91 -0.27
CA HIS A 83 11.46 4.47 -0.80
C HIS A 83 11.46 5.99 -0.63
N CYS A 84 11.00 6.70 -1.66
CA CYS A 84 10.74 8.13 -1.59
C CYS A 84 9.38 8.34 -2.24
N ALA A 85 8.47 9.04 -1.56
CA ALA A 85 7.10 9.21 -2.01
C ALA A 85 7.02 9.94 -3.37
N ARG A 86 5.90 9.75 -4.08
CA ARG A 86 5.68 10.28 -5.43
C ARG A 86 4.19 10.21 -5.75
N GLN A 87 3.66 11.18 -6.49
CA GLN A 87 2.23 11.26 -6.76
C GLN A 87 1.76 10.16 -7.71
N ILE A 88 0.52 9.73 -7.46
CA ILE A 88 -0.21 8.86 -8.36
C ILE A 88 -0.45 9.63 -9.66
N SER A 89 -0.48 8.90 -10.78
CA SER A 89 -0.81 9.45 -12.08
C SER A 89 -1.59 8.40 -12.87
N ARG A 90 -2.25 8.80 -13.96
CA ARG A 90 -2.88 7.86 -14.89
C ARG A 90 -1.85 6.87 -15.41
N ARG A 91 -0.63 7.35 -15.72
CA ARG A 91 0.46 6.48 -16.15
C ARG A 91 0.72 5.41 -15.10
N LEU A 92 0.86 5.78 -13.83
CA LEU A 92 1.07 4.80 -12.77
C LEU A 92 -0.10 3.83 -12.70
N CYS A 93 -1.34 4.31 -12.78
CA CYS A 93 -2.51 3.45 -12.76
C CYS A 93 -2.55 2.46 -13.93
N ARG A 94 -1.80 2.69 -15.02
CA ARG A 94 -1.74 1.77 -16.15
C ARG A 94 -0.46 0.92 -16.11
N ASN A 95 0.55 1.29 -15.32
CA ASN A 95 1.85 0.63 -15.28
C ASN A 95 1.82 -0.71 -14.56
N TYR A 96 0.90 -0.89 -13.60
CA TYR A 96 0.82 -2.10 -12.77
C TYR A 96 -0.56 -2.73 -12.95
N ASP A 97 -0.73 -4.01 -12.61
CA ASP A 97 -1.94 -4.75 -12.95
C ASP A 97 -3.03 -4.62 -11.88
N LEU A 98 -2.63 -4.41 -10.62
CA LEU A 98 -3.53 -4.26 -9.48
C LEU A 98 -3.16 -2.97 -8.75
N ILE A 99 -4.15 -2.23 -8.28
CA ILE A 99 -3.95 -0.95 -7.60
C ILE A 99 -4.64 -1.07 -6.25
N LEU A 100 -3.88 -1.39 -5.20
CA LEU A 100 -4.42 -1.49 -3.86
C LEU A 100 -4.48 -0.09 -3.28
N THR A 101 -5.42 0.16 -2.38
CA THR A 101 -5.45 1.38 -1.61
C THR A 101 -5.98 1.11 -0.21
N MET A 102 -5.89 2.11 0.67
CA MET A 102 -6.11 1.93 2.10
C MET A 102 -7.55 2.19 2.55
N GLU A 103 -8.30 3.02 1.81
CA GLU A 103 -9.60 3.50 2.27
C GLU A 103 -10.54 3.62 1.07
N LYS A 104 -11.86 3.48 1.30
CA LYS A 104 -12.85 3.52 0.22
C LYS A 104 -12.93 4.93 -0.40
N ARG A 105 -12.68 5.99 0.39
CA ARG A 105 -12.53 7.34 -0.16
C ARG A 105 -11.39 7.42 -1.18
N HIS A 106 -10.30 6.67 -0.99
CA HIS A 106 -9.21 6.65 -1.95
C HIS A 106 -9.65 5.90 -3.20
N ILE A 107 -10.41 4.80 -3.07
CA ILE A 107 -10.96 4.08 -4.23
C ILE A 107 -11.77 5.05 -5.09
N GLU A 108 -12.59 5.91 -4.47
CA GLU A 108 -13.40 6.86 -5.21
C GLU A 108 -12.52 7.82 -6.02
N ARG A 109 -11.45 8.36 -5.42
CA ARG A 109 -10.57 9.28 -6.13
C ARG A 109 -9.77 8.57 -7.23
N LEU A 110 -9.29 7.34 -6.99
CA LEU A 110 -8.56 6.58 -7.98
C LEU A 110 -9.47 6.20 -9.15
N CYS A 111 -10.72 5.83 -8.87
CA CYS A 111 -11.72 5.57 -9.90
C CYS A 111 -11.91 6.83 -10.76
N GLU A 112 -12.03 8.00 -10.13
CA GLU A 112 -12.18 9.27 -10.83
C GLU A 112 -10.96 9.57 -11.72
N MET A 113 -9.74 9.31 -11.22
CA MET A 113 -8.51 9.59 -11.97
C MET A 113 -8.28 8.59 -13.09
N ALA A 114 -8.71 7.33 -12.94
CA ALA A 114 -8.42 6.26 -13.89
C ALA A 114 -9.63 5.32 -14.01
N PRO A 115 -10.74 5.77 -14.64
CA PRO A 115 -11.97 4.98 -14.71
C PRO A 115 -11.78 3.69 -15.51
N GLU A 116 -10.87 3.68 -16.49
CA GLU A 116 -10.53 2.48 -17.26
C GLU A 116 -9.86 1.38 -16.41
N MET A 117 -9.44 1.71 -15.18
CA MET A 117 -8.77 0.82 -14.25
C MET A 117 -9.64 0.54 -13.02
N ARG A 118 -10.87 1.08 -12.95
CA ARG A 118 -11.69 1.06 -11.72
C ARG A 118 -11.87 -0.34 -11.13
N GLY A 119 -12.02 -1.37 -11.96
CA GLY A 119 -12.20 -2.75 -11.49
C GLY A 119 -10.96 -3.30 -10.79
N LYS A 120 -9.77 -2.77 -11.10
CA LYS A 120 -8.50 -3.18 -10.50
C LYS A 120 -8.13 -2.31 -9.29
N VAL A 121 -8.88 -1.25 -8.98
CA VAL A 121 -8.66 -0.52 -7.74
C VAL A 121 -9.40 -1.32 -6.66
N MET A 122 -8.72 -1.64 -5.54
CA MET A 122 -9.26 -2.55 -4.53
C MET A 122 -8.82 -2.12 -3.13
N LEU A 123 -9.68 -2.37 -2.13
CA LEU A 123 -9.35 -2.09 -0.73
C LEU A 123 -8.36 -3.14 -0.23
N PHE A 124 -7.25 -2.70 0.35
CA PHE A 124 -6.23 -3.62 0.85
C PHE A 124 -6.76 -4.47 2.02
N GLY A 125 -7.62 -3.89 2.87
CA GLY A 125 -8.22 -4.61 3.98
C GLY A 125 -9.50 -5.38 3.61
N HIS A 126 -9.77 -5.60 2.32
CA HIS A 126 -10.96 -6.29 1.83
C HIS A 126 -11.24 -7.60 2.57
N TRP A 127 -10.19 -8.43 2.76
CA TRP A 127 -10.33 -9.74 3.38
C TRP A 127 -10.85 -9.66 4.82
N ASP A 128 -10.54 -8.56 5.52
CA ASP A 128 -10.91 -8.37 6.92
C ASP A 128 -12.30 -7.73 7.00
N ASN A 129 -13.27 -8.35 6.34
CA ASN A 129 -14.64 -7.82 6.14
C ASN A 129 -14.65 -6.33 5.72
N GLU A 130 -13.78 -6.01 4.77
CA GLU A 130 -13.65 -4.68 4.16
C GLU A 130 -13.40 -3.56 5.17
N CYS A 131 -12.64 -3.88 6.22
CA CYS A 131 -12.12 -2.88 7.14
C CYS A 131 -11.12 -1.99 6.40
N GLU A 132 -11.31 -0.68 6.50
CA GLU A 132 -10.39 0.30 5.96
C GLU A 132 -9.24 0.49 6.95
N ILE A 133 -8.05 0.83 6.46
CA ILE A 133 -6.87 0.97 7.30
C ILE A 133 -6.97 2.33 8.04
N PRO A 134 -6.71 2.40 9.36
CA PRO A 134 -6.58 3.67 10.08
C PRO A 134 -5.49 4.55 9.44
N ASP A 135 -5.51 5.86 9.71
CA ASP A 135 -4.51 6.79 9.22
C ASP A 135 -3.51 7.08 10.35
N PRO A 136 -2.20 6.79 10.19
CA PRO A 136 -1.20 7.08 11.21
C PRO A 136 -0.59 8.49 11.11
N TYR A 137 -0.81 9.23 10.01
CA TYR A 137 -0.11 10.47 9.72
C TYR A 137 -0.17 11.45 10.89
N ARG A 138 1.01 11.96 11.30
CA ARG A 138 1.14 13.02 12.29
C ARG A 138 0.47 12.66 13.64
N LYS A 139 0.37 11.36 13.94
CA LYS A 139 -0.19 10.88 15.22
C LYS A 139 0.84 9.96 15.88
N SER A 140 0.53 9.53 17.12
CA SER A 140 1.47 8.83 17.98
C SER A 140 1.95 7.50 17.37
N ARG A 141 3.11 6.99 17.82
CA ARG A 141 3.71 5.77 17.29
C ARG A 141 2.80 4.55 17.45
N GLU A 142 1.95 4.51 18.48
CA GLU A 142 0.97 3.43 18.63
C GLU A 142 0.01 3.35 17.45
N THR A 143 -0.28 4.47 16.78
CA THR A 143 -1.09 4.48 15.57
C THR A 143 -0.34 3.77 14.44
N PHE A 144 0.95 4.05 14.27
CA PHE A 144 1.78 3.37 13.28
C PHE A 144 1.87 1.88 13.60
N ALA A 145 1.96 1.48 14.87
CA ALA A 145 2.02 0.08 15.27
C ALA A 145 0.72 -0.66 14.91
N ALA A 146 -0.44 -0.06 15.22
CA ALA A 146 -1.74 -0.63 14.87
C ALA A 146 -1.86 -0.76 13.36
N VAL A 147 -1.50 0.29 12.62
CA VAL A 147 -1.54 0.30 11.17
C VAL A 147 -0.60 -0.77 10.61
N TYR A 148 0.64 -0.89 11.10
CA TYR A 148 1.58 -1.92 10.64
C TYR A 148 0.96 -3.30 10.84
N THR A 149 0.37 -3.56 12.02
CA THR A 149 -0.21 -4.86 12.33
C THR A 149 -1.35 -5.18 11.35
N LEU A 150 -2.24 -4.21 11.08
CA LEU A 150 -3.36 -4.40 10.17
C LEU A 150 -2.88 -4.54 8.72
N LEU A 151 -1.86 -3.79 8.33
CA LEU A 151 -1.24 -3.90 7.00
C LEU A 151 -0.55 -5.26 6.85
N GLU A 152 0.04 -5.82 7.91
CA GLU A 152 0.65 -7.13 7.85
C GLU A 152 -0.43 -8.18 7.65
N ARG A 153 -1.53 -8.14 8.40
CA ARG A 153 -2.67 -9.04 8.16
C ARG A 153 -3.14 -8.92 6.72
N SER A 154 -3.32 -7.70 6.23
CA SER A 154 -3.80 -7.45 4.88
C SER A 154 -2.83 -8.05 3.87
N ALA A 155 -1.53 -7.81 4.02
CA ALA A 155 -0.50 -8.36 3.14
C ALA A 155 -0.48 -9.89 3.20
N ARG A 156 -0.65 -10.47 4.39
CA ARG A 156 -0.68 -11.92 4.58
C ARG A 156 -1.86 -12.50 3.82
N GLN A 157 -3.04 -11.90 3.94
CA GLN A 157 -4.25 -12.36 3.28
C GLN A 157 -4.10 -12.24 1.75
N TRP A 158 -3.60 -11.11 1.25
CA TRP A 158 -3.35 -10.96 -0.18
C TRP A 158 -2.32 -11.97 -0.68
N ALA A 159 -1.24 -12.21 0.07
CA ALA A 159 -0.24 -13.21 -0.29
C ALA A 159 -0.89 -14.60 -0.35
N GLN A 160 -1.64 -14.99 0.69
CA GLN A 160 -2.30 -16.27 0.78
C GLN A 160 -3.27 -16.48 -0.40
N ALA A 161 -3.98 -15.43 -0.81
CA ALA A 161 -4.90 -15.51 -1.94
C ALA A 161 -4.12 -15.63 -3.25
N LEU A 162 -3.23 -14.67 -3.52
CA LEU A 162 -2.44 -14.60 -4.75
C LEU A 162 -1.64 -15.87 -4.99
N ASN A 163 -1.14 -16.51 -3.93
CA ASN A 163 -0.41 -17.78 -3.98
C ASN A 163 -1.20 -18.92 -4.64
N ALA A 164 -2.53 -18.79 -4.77
CA ALA A 164 -3.38 -19.75 -5.45
C ALA A 164 -4.40 -19.07 -6.38
N GLU A 165 -4.01 -17.90 -6.89
CA GLU A 165 -4.69 -17.15 -7.95
C GLU A 165 -3.60 -16.70 -8.91
N GLN A 166 -2.77 -17.67 -9.30
CA GLN A 166 -1.57 -17.51 -10.07
C GLN A 166 -1.52 -18.59 -11.14
N VAL A 167 -1.07 -18.16 -12.32
CA VAL A 167 -1.08 -18.85 -13.59
C VAL A 167 0.06 -18.24 -14.41
N MET A 21 -2.14 -13.39 -13.70
CA MET A 21 -1.44 -13.21 -12.40
C MET A 21 -1.10 -11.73 -12.19
N PHE A 22 -1.26 -11.25 -10.96
CA PHE A 22 -1.04 -9.85 -10.57
C PHE A 22 0.46 -9.56 -10.43
N ASN A 23 1.21 -9.70 -11.52
CA ASN A 23 2.68 -9.64 -11.53
C ASN A 23 3.23 -8.33 -10.97
N ASN A 24 2.55 -7.21 -11.26
CA ASN A 24 3.04 -5.87 -10.97
C ASN A 24 1.94 -5.09 -10.28
N ILE A 25 2.20 -4.56 -9.07
CA ILE A 25 1.17 -4.00 -8.19
C ILE A 25 1.63 -2.61 -7.73
N LEU A 26 0.68 -1.72 -7.44
CA LEU A 26 0.97 -0.41 -6.83
C LEU A 26 0.15 -0.29 -5.57
N VAL A 27 0.64 0.44 -4.57
CA VAL A 27 -0.12 0.79 -3.37
C VAL A 27 -0.20 2.32 -3.31
N VAL A 28 -1.36 2.88 -2.99
CA VAL A 28 -1.61 4.32 -3.13
C VAL A 28 -2.36 4.83 -1.89
N CYS A 29 -1.80 5.85 -1.22
CA CYS A 29 -2.40 6.45 -0.01
C CYS A 29 -2.25 7.98 0.00
N VAL A 30 -2.95 8.71 0.87
CA VAL A 30 -2.65 10.14 1.06
C VAL A 30 -1.41 10.24 1.96
N GLY A 31 -0.59 11.29 1.81
CA GLY A 31 0.67 11.44 2.54
C GLY A 31 1.76 10.53 1.98
N ASN A 32 1.40 9.31 1.57
CA ASN A 32 2.25 8.32 0.88
C ASN A 32 3.32 7.70 1.77
N ILE A 33 4.09 8.50 2.51
CA ILE A 33 5.29 8.09 3.22
C ILE A 33 5.08 7.09 4.39
N CYS A 34 3.84 6.64 4.64
CA CYS A 34 3.54 5.76 5.78
C CYS A 34 2.93 4.44 5.31
N ARG A 35 1.67 4.44 4.87
CA ARG A 35 0.95 3.19 4.60
C ARG A 35 1.46 2.50 3.34
N SER A 36 1.64 3.24 2.24
CA SER A 36 2.09 2.65 0.99
C SER A 36 3.41 1.87 1.13
N PRO A 37 4.51 2.42 1.68
CA PRO A 37 5.75 1.66 1.81
C PRO A 37 5.63 0.52 2.83
N THR A 38 4.82 0.67 3.89
CA THR A 38 4.66 -0.39 4.87
C THR A 38 4.03 -1.62 4.18
N ALA A 39 2.91 -1.42 3.47
CA ALA A 39 2.25 -2.50 2.75
C ALA A 39 3.16 -3.08 1.67
N GLU A 40 3.75 -2.21 0.86
CA GLU A 40 4.59 -2.62 -0.26
C GLU A 40 5.78 -3.46 0.23
N ARG A 41 6.50 -3.02 1.26
CA ARG A 41 7.65 -3.76 1.77
C ARG A 41 7.21 -5.07 2.41
N LEU A 42 6.07 -5.12 3.10
CA LEU A 42 5.55 -6.36 3.66
C LEU A 42 5.27 -7.35 2.53
N LEU A 43 4.59 -6.90 1.47
CA LEU A 43 4.29 -7.74 0.31
C LEU A 43 5.58 -8.20 -0.35
N GLN A 44 6.58 -7.33 -0.52
CA GLN A 44 7.88 -7.71 -1.08
C GLN A 44 8.55 -8.78 -0.22
N ARG A 45 8.47 -8.68 1.12
CA ARG A 45 9.06 -9.69 2.01
C ARG A 45 8.40 -11.04 1.79
N TYR A 46 7.06 -11.08 1.69
CA TYR A 46 6.34 -12.33 1.45
C TYR A 46 6.57 -12.85 0.01
N HIS A 47 6.81 -11.96 -0.96
CA HIS A 47 6.89 -12.27 -2.37
C HIS A 47 8.09 -11.55 -3.02
N PRO A 48 9.31 -12.10 -2.87
CA PRO A 48 10.50 -11.56 -3.52
C PRO A 48 10.52 -11.84 -5.04
N GLU A 49 9.54 -12.59 -5.55
CA GLU A 49 9.45 -12.99 -6.95
C GLU A 49 8.13 -12.46 -7.56
N LEU A 50 7.69 -11.31 -7.05
CA LEU A 50 6.57 -10.50 -7.54
C LEU A 50 7.01 -9.03 -7.41
N LYS A 51 6.29 -8.08 -8.02
CA LYS A 51 6.66 -6.67 -7.95
C LYS A 51 5.52 -5.86 -7.33
N VAL A 52 5.88 -5.02 -6.36
CA VAL A 52 4.99 -4.04 -5.78
C VAL A 52 5.78 -2.72 -5.72
N GLU A 53 5.07 -1.60 -5.80
CA GLU A 53 5.65 -0.26 -5.67
C GLU A 53 4.69 0.61 -4.84
N SER A 54 5.16 1.79 -4.40
CA SER A 54 4.43 2.60 -3.42
C SER A 54 4.32 4.05 -3.90
N ALA A 55 3.10 4.60 -3.90
CA ALA A 55 2.79 5.94 -4.40
C ALA A 55 1.64 6.54 -3.57
N GLY A 56 1.14 7.70 -3.95
CA GLY A 56 0.06 8.33 -3.19
C GLY A 56 -0.87 9.26 -3.95
N LEU A 57 -2.11 9.35 -3.45
CA LEU A 57 -3.16 10.21 -3.99
C LEU A 57 -2.88 11.67 -3.66
N GLY A 58 -2.22 11.92 -2.52
CA GLY A 58 -1.78 13.24 -2.10
C GLY A 58 -0.36 13.10 -1.58
N ALA A 59 0.52 12.62 -2.46
CA ALA A 59 1.89 12.25 -2.09
C ALA A 59 2.75 13.48 -1.80
N LEU A 60 3.93 13.20 -1.23
CA LEU A 60 4.94 14.19 -0.89
C LEU A 60 6.14 13.83 -1.75
N VAL A 61 6.00 14.03 -3.06
CA VAL A 61 6.95 13.55 -4.07
C VAL A 61 8.42 13.73 -3.63
N GLY A 62 9.17 12.63 -3.61
CA GLY A 62 10.60 12.64 -3.31
C GLY A 62 10.93 12.45 -1.82
N LYS A 63 9.98 12.62 -0.90
CA LYS A 63 10.24 12.37 0.52
C LYS A 63 10.54 10.90 0.75
N GLY A 64 11.38 10.64 1.76
CA GLY A 64 11.61 9.29 2.24
C GLY A 64 10.41 8.77 3.03
N ALA A 65 10.52 7.54 3.51
CA ALA A 65 9.51 6.97 4.41
C ALA A 65 9.52 7.73 5.75
N ASP A 66 8.38 7.72 6.44
CA ASP A 66 8.22 8.38 7.74
C ASP A 66 9.07 7.64 8.80
N PRO A 67 9.81 8.33 9.68
CA PRO A 67 10.68 7.68 10.65
C PRO A 67 9.93 6.78 11.65
N THR A 68 8.66 7.04 11.92
CA THR A 68 7.86 6.21 12.82
C THR A 68 7.57 4.89 12.10
N ALA A 69 7.19 4.97 10.83
CA ALA A 69 6.93 3.79 10.01
C ALA A 69 8.21 2.96 9.87
N ILE A 70 9.36 3.62 9.61
CA ILE A 70 10.66 2.96 9.56
C ILE A 70 10.91 2.26 10.89
N SER A 71 10.71 2.93 12.03
CA SER A 71 11.00 2.35 13.35
C SER A 71 10.14 1.10 13.59
N VAL A 72 8.83 1.17 13.30
CA VAL A 72 7.93 0.05 13.49
C VAL A 72 8.32 -1.12 12.57
N ALA A 73 8.81 -0.86 11.35
CA ALA A 73 9.28 -1.93 10.47
C ALA A 73 10.64 -2.49 10.94
N ALA A 74 11.53 -1.63 11.43
CA ALA A 74 12.83 -2.04 11.94
C ALA A 74 12.68 -2.94 13.17
N GLU A 75 11.60 -2.79 13.94
CA GLU A 75 11.27 -3.68 15.05
C GLU A 75 11.17 -5.16 14.60
N HIS A 76 10.98 -5.44 13.30
CA HIS A 76 11.02 -6.78 12.73
C HIS A 76 12.02 -6.89 11.57
N GLN A 77 13.00 -5.99 11.53
CA GLN A 77 14.10 -6.00 10.56
C GLN A 77 13.60 -5.93 9.11
N LEU A 78 12.53 -5.17 8.88
CA LEU A 78 12.10 -4.82 7.52
C LEU A 78 12.47 -3.36 7.33
N SER A 79 12.93 -3.00 6.15
CA SER A 79 13.53 -1.69 5.91
C SER A 79 12.67 -0.91 4.91
N LEU A 80 11.93 0.09 5.39
CA LEU A 80 11.24 1.05 4.51
C LEU A 80 12.22 2.08 3.94
N GLU A 81 13.52 1.91 4.22
CA GLU A 81 14.55 2.81 3.73
C GLU A 81 14.59 2.71 2.20
N GLY A 82 14.83 3.83 1.53
CA GLY A 82 14.93 3.88 0.07
C GLY A 82 13.59 4.10 -0.62
N HIS A 83 12.46 4.06 0.10
CA HIS A 83 11.17 4.48 -0.43
C HIS A 83 11.28 5.94 -0.83
N CYS A 84 10.66 6.29 -1.95
CA CYS A 84 10.51 7.67 -2.38
C CYS A 84 9.04 7.86 -2.76
N ALA A 85 8.36 8.82 -2.14
CA ALA A 85 6.97 9.09 -2.42
C ALA A 85 6.78 9.59 -3.87
N ARG A 86 5.59 9.35 -4.43
CA ARG A 86 5.30 9.55 -5.85
C ARG A 86 3.82 9.89 -5.97
N GLN A 87 3.48 11.01 -6.62
CA GLN A 87 2.10 11.37 -6.87
C GLN A 87 1.54 10.42 -7.93
N ILE A 88 0.37 9.85 -7.63
CA ILE A 88 -0.36 9.02 -8.57
C ILE A 88 -0.70 9.85 -9.80
N SER A 89 -0.67 9.21 -10.95
CA SER A 89 -1.08 9.80 -12.22
C SER A 89 -1.85 8.72 -12.99
N ARG A 90 -2.58 9.09 -14.04
CA ARG A 90 -3.23 8.09 -14.89
C ARG A 90 -2.19 7.18 -15.54
N ARG A 91 -1.02 7.72 -15.90
CA ARG A 91 0.08 6.90 -16.43
C ARG A 91 0.52 5.88 -15.41
N LEU A 92 0.73 6.27 -14.14
CA LEU A 92 1.04 5.31 -13.10
C LEU A 92 -0.07 4.29 -12.97
N CYS A 93 -1.33 4.71 -12.94
CA CYS A 93 -2.44 3.76 -12.79
C CYS A 93 -2.40 2.70 -13.89
N ARG A 94 -2.15 3.10 -15.15
CA ARG A 94 -2.06 2.15 -16.26
C ARG A 94 -0.87 1.20 -16.12
N ASN A 95 0.21 1.63 -15.45
CA ASN A 95 1.48 0.90 -15.43
C ASN A 95 1.45 -0.37 -14.56
N TYR A 96 0.54 -0.48 -13.59
CA TYR A 96 0.50 -1.62 -12.68
C TYR A 96 -0.85 -2.33 -12.84
N ASP A 97 -0.86 -3.65 -12.62
CA ASP A 97 -2.01 -4.50 -12.95
C ASP A 97 -3.08 -4.49 -11.86
N LEU A 98 -2.73 -4.09 -10.63
CA LEU A 98 -3.66 -3.82 -9.54
C LEU A 98 -3.19 -2.56 -8.83
N ILE A 99 -4.14 -1.79 -8.31
CA ILE A 99 -3.88 -0.55 -7.59
C ILE A 99 -4.55 -0.73 -6.23
N LEU A 100 -3.75 -1.07 -5.22
CA LEU A 100 -4.23 -1.25 -3.86
C LEU A 100 -4.34 0.13 -3.23
N THR A 101 -5.35 0.32 -2.41
CA THR A 101 -5.51 1.54 -1.62
C THR A 101 -6.15 1.16 -0.28
N MET A 102 -6.29 2.09 0.66
CA MET A 102 -6.63 1.76 2.05
C MET A 102 -8.02 2.16 2.52
N GLU A 103 -8.75 3.02 1.82
CA GLU A 103 -10.05 3.51 2.29
C GLU A 103 -10.97 3.87 1.12
N LYS A 104 -12.29 3.85 1.37
CA LYS A 104 -13.30 3.94 0.31
C LYS A 104 -13.13 5.22 -0.53
N ARG A 105 -12.93 6.37 0.10
CA ARG A 105 -12.77 7.63 -0.64
C ARG A 105 -11.55 7.61 -1.56
N HIS A 106 -10.48 6.87 -1.22
CA HIS A 106 -9.33 6.76 -2.11
C HIS A 106 -9.73 5.95 -3.33
N ILE A 107 -10.51 4.86 -3.17
CA ILE A 107 -10.98 4.06 -4.30
C ILE A 107 -11.74 4.99 -5.25
N GLU A 108 -12.66 5.80 -4.73
CA GLU A 108 -13.47 6.68 -5.57
C GLU A 108 -12.59 7.67 -6.33
N ARG A 109 -11.63 8.31 -5.65
CA ARG A 109 -10.75 9.29 -6.27
C ARG A 109 -9.84 8.64 -7.31
N LEU A 110 -9.35 7.42 -7.07
CA LEU A 110 -8.52 6.68 -8.03
C LEU A 110 -9.34 6.29 -9.26
N CYS A 111 -10.61 5.90 -9.08
CA CYS A 111 -11.48 5.60 -10.20
C CYS A 111 -11.71 6.86 -11.05
N GLU A 112 -11.83 8.03 -10.42
CA GLU A 112 -11.95 9.30 -11.13
C GLU A 112 -10.65 9.63 -11.89
N MET A 113 -9.48 9.40 -11.26
CA MET A 113 -8.18 9.64 -11.90
C MET A 113 -7.96 8.75 -13.13
N ALA A 114 -8.41 7.49 -13.08
CA ALA A 114 -8.15 6.52 -14.13
C ALA A 114 -9.35 5.59 -14.31
N PRO A 115 -10.42 6.03 -15.01
CA PRO A 115 -11.61 5.21 -15.26
C PRO A 115 -11.28 3.85 -15.90
N GLU A 116 -10.29 3.80 -16.80
CA GLU A 116 -9.87 2.56 -17.46
C GLU A 116 -9.31 1.52 -16.46
N MET A 117 -8.90 1.96 -15.27
CA MET A 117 -8.34 1.11 -14.23
C MET A 117 -9.31 0.90 -13.08
N ARG A 118 -10.54 1.44 -13.12
CA ARG A 118 -11.44 1.45 -11.96
C ARG A 118 -11.67 0.07 -11.35
N GLY A 119 -11.83 -0.97 -12.18
CA GLY A 119 -12.04 -2.34 -11.71
C GLY A 119 -10.79 -2.96 -11.07
N LYS A 120 -9.61 -2.39 -11.34
CA LYS A 120 -8.33 -2.86 -10.81
C LYS A 120 -7.97 -2.12 -9.51
N VAL A 121 -8.74 -1.11 -9.10
CA VAL A 121 -8.54 -0.45 -7.81
C VAL A 121 -9.24 -1.33 -6.77
N MET A 122 -8.57 -1.68 -5.67
CA MET A 122 -9.17 -2.50 -4.61
C MET A 122 -8.67 -2.08 -3.23
N LEU A 123 -9.51 -2.32 -2.22
CA LEU A 123 -9.18 -2.08 -0.82
C LEU A 123 -8.16 -3.13 -0.37
N PHE A 124 -7.07 -2.72 0.27
CA PHE A 124 -6.09 -3.65 0.80
C PHE A 124 -6.68 -4.50 1.93
N GLY A 125 -7.51 -3.90 2.78
CA GLY A 125 -8.15 -4.59 3.90
C GLY A 125 -9.37 -5.43 3.49
N HIS A 126 -9.57 -5.69 2.20
CA HIS A 126 -10.72 -6.43 1.67
C HIS A 126 -10.99 -7.73 2.43
N TRP A 127 -9.92 -8.51 2.70
CA TRP A 127 -10.05 -9.82 3.34
C TRP A 127 -10.64 -9.72 4.76
N ASP A 128 -10.42 -8.60 5.44
CA ASP A 128 -10.95 -8.36 6.79
C ASP A 128 -12.26 -7.59 6.65
N ASN A 129 -13.25 -8.24 6.02
CA ASN A 129 -14.61 -7.70 5.88
C ASN A 129 -14.62 -6.26 5.32
N GLU A 130 -13.73 -6.00 4.37
CA GLU A 130 -13.54 -4.70 3.72
C GLU A 130 -13.37 -3.52 4.70
N CYS A 131 -12.71 -3.80 5.83
CA CYS A 131 -12.38 -2.76 6.80
C CYS A 131 -11.28 -1.87 6.22
N GLU A 132 -11.55 -0.58 6.11
CA GLU A 132 -10.56 0.42 5.75
C GLU A 132 -9.47 0.51 6.84
N ILE A 133 -8.24 0.80 6.43
CA ILE A 133 -7.12 0.97 7.36
C ILE A 133 -7.25 2.35 8.03
N PRO A 134 -6.95 2.50 9.33
CA PRO A 134 -6.82 3.81 9.96
C PRO A 134 -5.70 4.63 9.30
N ASP A 135 -5.57 5.91 9.65
CA ASP A 135 -4.58 6.82 9.08
C ASP A 135 -3.57 7.21 10.18
N PRO A 136 -2.29 6.82 10.09
CA PRO A 136 -1.30 7.08 11.13
C PRO A 136 -0.74 8.52 11.06
N TYR A 137 -0.89 9.21 9.93
CA TYR A 137 -0.21 10.48 9.68
C TYR A 137 -0.58 11.50 10.76
N ARG A 138 0.41 12.29 11.22
CA ARG A 138 0.22 13.36 12.20
C ARG A 138 -0.29 12.87 13.56
N LYS A 139 -0.31 11.56 13.82
CA LYS A 139 -0.82 10.99 15.08
C LYS A 139 0.26 10.16 15.77
N SER A 140 -0.05 9.66 16.96
CA SER A 140 0.91 9.03 17.86
C SER A 140 1.48 7.74 17.27
N ARG A 141 2.63 7.28 17.77
CA ARG A 141 3.25 6.02 17.33
C ARG A 141 2.35 4.80 17.59
N GLU A 142 1.44 4.87 18.55
CA GLU A 142 0.45 3.81 18.76
C GLU A 142 -0.43 3.64 17.51
N THR A 143 -0.74 4.74 16.80
CA THR A 143 -1.48 4.68 15.56
C THR A 143 -0.66 3.94 14.50
N PHE A 144 0.65 4.22 14.39
CA PHE A 144 1.53 3.51 13.47
C PHE A 144 1.57 2.02 13.82
N ALA A 145 1.58 1.64 15.10
CA ALA A 145 1.58 0.23 15.51
C ALA A 145 0.27 -0.46 15.11
N ALA A 146 -0.88 0.17 15.35
CA ALA A 146 -2.19 -0.38 14.98
C ALA A 146 -2.28 -0.54 13.46
N VAL A 147 -1.93 0.52 12.72
CA VAL A 147 -1.94 0.51 11.27
C VAL A 147 -0.98 -0.56 10.75
N TYR A 148 0.24 -0.66 11.28
CA TYR A 148 1.19 -1.70 10.90
C TYR A 148 0.57 -3.08 11.09
N THR A 149 -0.05 -3.34 12.24
CA THR A 149 -0.60 -4.66 12.55
C THR A 149 -1.69 -5.02 11.54
N LEU A 150 -2.56 -4.07 11.19
CA LEU A 150 -3.64 -4.30 10.25
C LEU A 150 -3.13 -4.41 8.80
N LEU A 151 -2.10 -3.65 8.44
CA LEU A 151 -1.42 -3.79 7.16
C LEU A 151 -0.70 -5.15 7.08
N GLU A 152 -0.17 -5.66 8.19
CA GLU A 152 0.47 -6.97 8.23
C GLU A 152 -0.58 -8.08 8.06
N ARG A 153 -1.78 -7.94 8.66
CA ARG A 153 -2.89 -8.86 8.36
C ARG A 153 -3.18 -8.81 6.87
N SER A 154 -3.36 -7.61 6.31
CA SER A 154 -3.78 -7.43 4.93
C SER A 154 -2.73 -8.01 3.99
N ALA A 155 -1.47 -7.64 4.17
CA ALA A 155 -0.38 -8.11 3.32
C ALA A 155 -0.23 -9.62 3.38
N ARG A 156 -0.37 -10.22 4.56
CA ARG A 156 -0.28 -11.68 4.70
C ARG A 156 -1.46 -12.35 4.02
N GLN A 157 -2.67 -11.80 4.11
CA GLN A 157 -3.84 -12.34 3.44
C GLN A 157 -3.68 -12.25 1.91
N TRP A 158 -3.21 -11.10 1.39
CA TRP A 158 -2.90 -10.97 -0.03
C TRP A 158 -1.84 -11.99 -0.44
N ALA A 159 -0.76 -12.14 0.32
CA ALA A 159 0.29 -13.10 0.03
C ALA A 159 -0.26 -14.54 0.03
N GLN A 160 -1.15 -14.88 0.97
CA GLN A 160 -1.76 -16.20 1.04
C GLN A 160 -2.55 -16.47 -0.25
N ALA A 161 -3.33 -15.50 -0.73
CA ALA A 161 -4.11 -15.67 -1.95
C ALA A 161 -3.20 -15.72 -3.19
N LEU A 162 -2.18 -14.87 -3.25
CA LEU A 162 -1.19 -14.84 -4.33
C LEU A 162 -0.42 -16.16 -4.41
N ASN A 163 -0.13 -16.79 -3.27
CA ASN A 163 0.54 -18.09 -3.20
C ASN A 163 -0.39 -19.22 -3.64
N ALA A 164 -1.68 -19.09 -3.33
CA ALA A 164 -2.72 -20.06 -3.60
C ALA A 164 -3.12 -20.03 -5.09
N GLU A 165 -4.37 -20.40 -5.32
CA GLU A 165 -5.00 -20.48 -6.63
C GLU A 165 -4.91 -19.12 -7.32
N GLN A 166 -4.20 -19.12 -8.44
CA GLN A 166 -3.99 -18.02 -9.35
C GLN A 166 -3.90 -18.60 -10.75
N VAL A 167 -4.09 -17.74 -11.73
CA VAL A 167 -4.27 -18.04 -13.14
C VAL A 167 -3.56 -16.97 -13.96
N MET A 21 -0.24 -13.39 -14.62
CA MET A 21 -0.09 -13.10 -13.18
C MET A 21 -0.17 -11.58 -12.95
N PHE A 22 -0.64 -11.17 -11.76
CA PHE A 22 -0.60 -9.78 -11.27
C PHE A 22 0.84 -9.39 -10.93
N ASN A 23 1.74 -9.39 -11.92
CA ASN A 23 3.18 -9.22 -11.70
C ASN A 23 3.50 -7.85 -11.13
N ASN A 24 2.80 -6.81 -11.61
CA ASN A 24 3.07 -5.42 -11.25
C ASN A 24 1.92 -4.98 -10.37
N ILE A 25 2.22 -4.45 -9.19
CA ILE A 25 1.21 -4.08 -8.20
C ILE A 25 1.59 -2.69 -7.67
N LEU A 26 0.59 -1.87 -7.33
CA LEU A 26 0.82 -0.57 -6.70
C LEU A 26 -0.03 -0.48 -5.44
N VAL A 27 0.48 0.16 -4.40
CA VAL A 27 -0.31 0.49 -3.22
C VAL A 27 -0.35 2.01 -3.11
N VAL A 28 -1.51 2.58 -2.77
CA VAL A 28 -1.72 4.02 -2.86
C VAL A 28 -2.43 4.51 -1.59
N CYS A 29 -1.99 5.65 -1.03
CA CYS A 29 -2.74 6.32 0.04
C CYS A 29 -2.61 7.85 -0.07
N VAL A 30 -3.28 8.60 0.81
CA VAL A 30 -3.02 10.04 0.90
C VAL A 30 -1.70 10.22 1.68
N GLY A 31 -0.95 11.28 1.42
CA GLY A 31 0.33 11.55 2.07
C GLY A 31 1.48 10.65 1.59
N ASN A 32 1.16 9.42 1.14
CA ASN A 32 2.08 8.41 0.63
C ASN A 32 3.04 7.85 1.68
N ILE A 33 3.84 8.68 2.33
CA ILE A 33 4.96 8.30 3.19
C ILE A 33 4.63 7.44 4.42
N CYS A 34 3.37 7.06 4.67
CA CYS A 34 2.95 6.46 5.93
C CYS A 34 2.34 5.06 5.80
N ARG A 35 1.74 4.68 4.66
CA ARG A 35 0.97 3.43 4.57
C ARG A 35 1.27 2.64 3.31
N SER A 36 1.25 3.24 2.12
CA SER A 36 1.58 2.53 0.90
C SER A 36 2.98 1.88 0.91
N PRO A 37 4.08 2.51 1.40
CA PRO A 37 5.36 1.83 1.47
C PRO A 37 5.37 0.70 2.50
N THR A 38 4.65 0.88 3.60
CA THR A 38 4.55 -0.13 4.65
C THR A 38 3.88 -1.38 4.08
N ALA A 39 2.74 -1.21 3.40
CA ALA A 39 2.04 -2.29 2.73
C ALA A 39 2.90 -2.91 1.63
N GLU A 40 3.55 -2.08 0.80
CA GLU A 40 4.38 -2.56 -0.30
C GLU A 40 5.49 -3.47 0.23
N ARG A 41 6.24 -3.00 1.23
CA ARG A 41 7.35 -3.78 1.78
C ARG A 41 6.85 -5.05 2.45
N LEU A 42 5.69 -5.02 3.10
CA LEU A 42 5.07 -6.22 3.67
C LEU A 42 4.68 -7.21 2.57
N LEU A 43 4.11 -6.73 1.47
CA LEU A 43 3.77 -7.57 0.32
C LEU A 43 5.04 -8.15 -0.31
N GLN A 44 6.12 -7.35 -0.42
CA GLN A 44 7.40 -7.87 -0.89
C GLN A 44 7.92 -8.96 0.05
N ARG A 45 7.81 -8.80 1.37
CA ARG A 45 8.24 -9.84 2.32
C ARG A 45 7.48 -11.15 2.06
N TYR A 46 6.16 -11.07 1.85
CA TYR A 46 5.35 -12.27 1.64
C TYR A 46 5.43 -12.82 0.21
N HIS A 47 5.74 -12.01 -0.80
CA HIS A 47 5.65 -12.37 -2.21
C HIS A 47 6.78 -11.66 -3.01
N PRO A 48 8.06 -11.96 -2.71
CA PRO A 48 9.20 -11.19 -3.21
C PRO A 48 9.43 -11.28 -4.72
N GLU A 49 8.85 -12.27 -5.41
CA GLU A 49 9.02 -12.41 -6.86
C GLU A 49 8.12 -11.44 -7.65
N LEU A 50 7.16 -10.77 -6.99
CA LEU A 50 6.31 -9.77 -7.63
C LEU A 50 6.99 -8.39 -7.59
N LYS A 51 6.39 -7.42 -8.30
CA LYS A 51 6.89 -6.06 -8.39
C LYS A 51 5.83 -5.16 -7.76
N VAL A 52 5.86 -5.04 -6.44
CA VAL A 52 4.97 -4.15 -5.72
C VAL A 52 5.70 -2.82 -5.56
N GLU A 53 5.00 -1.70 -5.80
CA GLU A 53 5.50 -0.35 -5.56
C GLU A 53 4.49 0.44 -4.72
N SER A 54 4.84 1.69 -4.39
CA SER A 54 4.09 2.50 -3.43
C SER A 54 4.00 3.95 -3.91
N ALA A 55 2.82 4.55 -3.86
CA ALA A 55 2.59 5.92 -4.32
C ALA A 55 1.51 6.58 -3.46
N GLY A 56 1.15 7.82 -3.80
CA GLY A 56 0.02 8.47 -3.15
C GLY A 56 -0.74 9.46 -4.01
N LEU A 57 -1.99 9.69 -3.60
CA LEU A 57 -2.92 10.59 -4.27
C LEU A 57 -2.57 12.06 -4.04
N GLY A 58 -1.81 12.36 -2.99
CA GLY A 58 -1.35 13.70 -2.66
C GLY A 58 0.05 13.55 -2.05
N ALA A 59 0.95 12.94 -2.82
CA ALA A 59 2.25 12.51 -2.33
C ALA A 59 3.22 13.69 -2.19
N LEU A 60 4.31 13.44 -1.48
CA LEU A 60 5.38 14.40 -1.23
C LEU A 60 6.57 13.92 -2.05
N VAL A 61 6.44 13.96 -3.39
CA VAL A 61 7.36 13.35 -4.35
C VAL A 61 8.83 13.45 -3.93
N GLY A 62 9.51 12.29 -3.88
CA GLY A 62 10.93 12.21 -3.58
C GLY A 62 11.24 12.03 -2.09
N LYS A 63 10.32 12.43 -1.19
CA LYS A 63 10.53 12.28 0.26
C LYS A 63 10.62 10.78 0.60
N GLY A 64 11.39 10.44 1.63
CA GLY A 64 11.48 9.09 2.14
C GLY A 64 10.20 8.69 2.88
N ALA A 65 10.15 7.44 3.36
CA ALA A 65 9.09 7.02 4.27
C ALA A 65 9.16 7.85 5.56
N ASP A 66 8.04 7.96 6.27
CA ASP A 66 7.96 8.73 7.50
C ASP A 66 8.86 8.07 8.57
N PRO A 67 9.68 8.81 9.31
CA PRO A 67 10.55 8.25 10.35
C PRO A 67 9.82 7.35 11.36
N THR A 68 8.55 7.60 11.64
CA THR A 68 7.79 6.80 12.60
C THR A 68 7.42 5.46 11.95
N ALA A 69 7.05 5.48 10.66
CA ALA A 69 6.78 4.27 9.91
C ALA A 69 8.05 3.42 9.80
N ILE A 70 9.19 4.05 9.51
CA ILE A 70 10.48 3.38 9.48
C ILE A 70 10.77 2.77 10.87
N SER A 71 10.57 3.52 11.96
CA SER A 71 10.88 3.04 13.30
C SER A 71 10.00 1.85 13.68
N VAL A 72 8.71 1.87 13.33
CA VAL A 72 7.83 0.74 13.58
C VAL A 72 8.22 -0.43 12.67
N ALA A 73 8.60 -0.21 11.40
CA ALA A 73 9.03 -1.29 10.53
C ALA A 73 10.33 -1.91 11.05
N ALA A 74 11.25 -1.10 11.58
CA ALA A 74 12.48 -1.59 12.20
C ALA A 74 12.20 -2.42 13.46
N GLU A 75 11.10 -2.14 14.16
CA GLU A 75 10.62 -2.98 15.27
C GLU A 75 10.30 -4.41 14.81
N HIS A 76 10.06 -4.60 13.51
CA HIS A 76 9.82 -5.89 12.83
C HIS A 76 10.92 -6.18 11.78
N GLN A 77 12.05 -5.46 11.90
CA GLN A 77 13.22 -5.57 11.03
C GLN A 77 12.83 -5.62 9.54
N LEU A 78 11.95 -4.71 9.14
CA LEU A 78 11.62 -4.47 7.74
C LEU A 78 12.10 -3.05 7.43
N SER A 79 12.62 -2.84 6.23
CA SER A 79 13.30 -1.60 5.89
C SER A 79 12.50 -0.82 4.85
N LEU A 80 11.69 0.15 5.30
CA LEU A 80 11.03 1.11 4.41
C LEU A 80 12.02 2.25 4.03
N GLU A 81 13.27 2.12 4.47
CA GLU A 81 14.27 3.19 4.41
C GLU A 81 14.48 3.77 3.01
N GLY A 82 14.40 2.96 1.96
CA GLY A 82 14.70 3.40 0.60
C GLY A 82 13.45 3.68 -0.23
N HIS A 83 12.27 3.81 0.39
CA HIS A 83 11.09 4.30 -0.29
C HIS A 83 11.35 5.73 -0.78
N CYS A 84 10.76 6.08 -1.92
CA CYS A 84 10.72 7.44 -2.42
C CYS A 84 9.28 7.70 -2.85
N ALA A 85 8.68 8.74 -2.29
CA ALA A 85 7.27 9.07 -2.54
C ALA A 85 7.05 9.44 -4.00
N ARG A 86 5.82 9.23 -4.47
CA ARG A 86 5.45 9.30 -5.88
C ARG A 86 4.01 9.78 -5.97
N GLN A 87 3.79 10.92 -6.62
CA GLN A 87 2.44 11.35 -6.95
C GLN A 87 1.93 10.39 -8.00
N ILE A 88 0.84 9.69 -7.66
CA ILE A 88 0.16 8.84 -8.62
C ILE A 88 -0.38 9.73 -9.74
N SER A 89 -0.36 9.18 -10.95
CA SER A 89 -0.78 9.83 -12.16
C SER A 89 -1.51 8.75 -12.99
N ARG A 90 -2.28 9.12 -14.02
CA ARG A 90 -2.94 8.10 -14.86
C ARG A 90 -1.93 7.16 -15.51
N ARG A 91 -0.72 7.65 -15.82
CA ARG A 91 0.38 6.78 -16.26
C ARG A 91 0.70 5.76 -15.18
N LEU A 92 0.99 6.19 -13.95
CA LEU A 92 1.31 5.26 -12.87
C LEU A 92 0.16 4.30 -12.62
N CYS A 93 -1.10 4.76 -12.62
CA CYS A 93 -2.24 3.90 -12.37
C CYS A 93 -2.24 2.70 -13.31
N ARG A 94 -1.89 2.91 -14.59
CA ARG A 94 -1.95 1.85 -15.61
C ARG A 94 -0.63 1.09 -15.75
N ASN A 95 0.47 1.63 -15.19
CA ASN A 95 1.79 0.99 -15.21
C ASN A 95 1.81 -0.32 -14.41
N TYR A 96 0.89 -0.46 -13.45
CA TYR A 96 0.76 -1.68 -12.64
C TYR A 96 -0.63 -2.25 -12.91
N ASP A 97 -0.78 -3.58 -12.79
CA ASP A 97 -2.00 -4.27 -13.22
C ASP A 97 -3.04 -4.37 -12.13
N LEU A 98 -2.64 -4.24 -10.86
CA LEU A 98 -3.50 -4.48 -9.71
C LEU A 98 -3.13 -3.43 -8.67
N ILE A 99 -4.13 -2.74 -8.12
CA ILE A 99 -3.90 -1.58 -7.28
C ILE A 99 -4.59 -1.87 -5.95
N LEU A 100 -3.92 -1.53 -4.84
CA LEU A 100 -4.47 -1.69 -3.49
C LEU A 100 -4.46 -0.30 -2.86
N THR A 101 -5.36 -0.05 -1.93
CA THR A 101 -5.43 1.24 -1.27
C THR A 101 -6.01 1.08 0.13
N MET A 102 -5.87 2.09 0.98
CA MET A 102 -6.15 1.98 2.41
C MET A 102 -7.60 2.28 2.77
N GLU A 103 -8.31 3.09 1.98
CA GLU A 103 -9.63 3.61 2.36
C GLU A 103 -10.54 3.64 1.12
N LYS A 104 -11.85 3.49 1.31
CA LYS A 104 -12.79 3.44 0.18
C LYS A 104 -12.85 4.77 -0.57
N ARG A 105 -12.66 5.91 0.12
CA ARG A 105 -12.53 7.21 -0.54
C ARG A 105 -11.36 7.21 -1.54
N HIS A 106 -10.28 6.47 -1.27
CA HIS A 106 -9.14 6.42 -2.17
C HIS A 106 -9.48 5.56 -3.40
N ILE A 107 -10.30 4.50 -3.24
CA ILE A 107 -10.76 3.69 -4.37
C ILE A 107 -11.49 4.61 -5.35
N GLU A 108 -12.39 5.47 -4.84
CA GLU A 108 -13.16 6.37 -5.68
C GLU A 108 -12.24 7.34 -6.44
N ARG A 109 -11.23 7.89 -5.74
CA ARG A 109 -10.26 8.77 -6.35
C ARG A 109 -9.40 8.03 -7.39
N LEU A 110 -9.03 6.77 -7.15
CA LEU A 110 -8.31 5.97 -8.14
C LEU A 110 -9.16 5.76 -9.39
N CYS A 111 -10.45 5.48 -9.22
CA CYS A 111 -11.36 5.30 -10.34
C CYS A 111 -11.48 6.60 -11.15
N GLU A 112 -11.49 7.77 -10.48
CA GLU A 112 -11.51 9.06 -11.14
C GLU A 112 -10.19 9.33 -11.88
N MET A 113 -9.05 8.99 -11.27
CA MET A 113 -7.73 9.17 -11.88
C MET A 113 -7.56 8.30 -13.13
N ALA A 114 -8.07 7.07 -13.11
CA ALA A 114 -7.94 6.13 -14.21
C ALA A 114 -9.18 5.24 -14.27
N PRO A 115 -10.22 5.62 -15.04
CA PRO A 115 -11.40 4.78 -15.24
C PRO A 115 -11.07 3.38 -15.77
N GLU A 116 -9.96 3.23 -16.52
CA GLU A 116 -9.50 1.94 -17.01
C GLU A 116 -9.16 0.97 -15.88
N MET A 117 -8.81 1.53 -14.70
CA MET A 117 -8.46 0.78 -13.50
C MET A 117 -9.62 0.72 -12.50
N ARG A 118 -10.81 1.21 -12.87
CA ARG A 118 -12.03 0.99 -12.07
C ARG A 118 -12.23 -0.51 -11.92
N GLY A 119 -12.36 -0.99 -10.67
CA GLY A 119 -12.49 -2.41 -10.37
C GLY A 119 -11.15 -3.16 -10.34
N LYS A 120 -10.03 -2.52 -10.75
CA LYS A 120 -8.68 -3.06 -10.56
C LYS A 120 -8.06 -2.50 -9.28
N VAL A 121 -8.64 -1.45 -8.69
CA VAL A 121 -8.29 -0.97 -7.36
C VAL A 121 -9.20 -1.66 -6.33
N MET A 122 -8.66 -2.03 -5.16
CA MET A 122 -9.44 -2.65 -4.08
C MET A 122 -8.94 -2.18 -2.71
N LEU A 123 -9.83 -2.28 -1.72
CA LEU A 123 -9.49 -1.98 -0.33
C LEU A 123 -8.51 -3.04 0.19
N PHE A 124 -7.40 -2.62 0.78
CA PHE A 124 -6.39 -3.55 1.25
C PHE A 124 -6.92 -4.41 2.41
N GLY A 125 -7.75 -3.83 3.28
CA GLY A 125 -8.36 -4.55 4.40
C GLY A 125 -9.64 -5.29 4.01
N HIS A 126 -9.90 -5.51 2.71
CA HIS A 126 -11.10 -6.21 2.23
C HIS A 126 -11.35 -7.53 2.97
N TRP A 127 -10.30 -8.35 3.11
CA TRP A 127 -10.41 -9.67 3.73
C TRP A 127 -10.87 -9.58 5.19
N ASP A 128 -10.45 -8.52 5.89
CA ASP A 128 -10.81 -8.26 7.28
C ASP A 128 -12.15 -7.52 7.34
N ASN A 129 -13.18 -8.12 6.73
CA ASN A 129 -14.55 -7.60 6.73
C ASN A 129 -14.60 -6.13 6.28
N GLU A 130 -13.84 -5.83 5.21
CA GLU A 130 -13.69 -4.50 4.64
C GLU A 130 -13.37 -3.39 5.65
N CYS A 131 -12.54 -3.69 6.64
CA CYS A 131 -11.99 -2.68 7.52
C CYS A 131 -11.10 -1.75 6.69
N GLU A 132 -11.40 -0.44 6.70
CA GLU A 132 -10.50 0.55 6.14
C GLU A 132 -9.31 0.68 7.09
N ILE A 133 -8.12 0.93 6.54
CA ILE A 133 -6.91 1.08 7.35
C ILE A 133 -6.99 2.47 8.00
N PRO A 134 -6.74 2.61 9.33
CA PRO A 134 -6.58 3.91 9.99
C PRO A 134 -5.48 4.76 9.32
N ASP A 135 -5.40 6.04 9.67
CA ASP A 135 -4.44 6.98 9.10
C ASP A 135 -3.50 7.50 10.20
N PRO A 136 -2.25 7.00 10.29
CA PRO A 136 -1.33 7.33 11.36
C PRO A 136 -0.47 8.57 11.06
N TYR A 137 -0.62 9.22 9.89
CA TYR A 137 0.26 10.25 9.36
C TYR A 137 0.79 11.28 10.38
N ARG A 138 -0.03 11.71 11.35
CA ARG A 138 0.35 12.69 12.37
C ARG A 138 0.13 12.16 13.80
N LYS A 139 0.15 10.83 13.98
CA LYS A 139 -0.17 10.18 15.26
C LYS A 139 1.08 9.50 15.83
N SER A 140 0.97 9.06 17.09
CA SER A 140 2.07 8.43 17.81
C SER A 140 2.48 7.08 17.19
N ARG A 141 3.67 6.57 17.55
CA ARG A 141 4.16 5.29 17.02
C ARG A 141 3.24 4.11 17.36
N GLU A 142 2.47 4.20 18.44
CA GLU A 142 1.49 3.17 18.78
C GLU A 142 0.42 3.06 17.68
N THR A 143 0.03 4.19 17.08
CA THR A 143 -0.93 4.18 15.98
C THR A 143 -0.28 3.61 14.73
N PHE A 144 0.99 3.95 14.45
CA PHE A 144 1.74 3.32 13.36
C PHE A 144 1.86 1.81 13.59
N ALA A 145 2.02 1.34 14.83
CA ALA A 145 2.12 -0.09 15.14
C ALA A 145 0.78 -0.79 14.91
N ALA A 146 -0.34 -0.20 15.32
CA ALA A 146 -1.67 -0.73 15.03
C ALA A 146 -1.88 -0.84 13.53
N VAL A 147 -1.55 0.23 12.79
CA VAL A 147 -1.65 0.24 11.33
C VAL A 147 -0.72 -0.81 10.73
N TYR A 148 0.53 -0.92 11.18
CA TYR A 148 1.47 -1.92 10.67
C TYR A 148 0.90 -3.32 10.88
N THR A 149 0.33 -3.61 12.04
CA THR A 149 -0.24 -4.92 12.33
C THR A 149 -1.41 -5.22 11.37
N LEU A 150 -2.29 -4.23 11.15
CA LEU A 150 -3.43 -4.38 10.25
C LEU A 150 -2.97 -4.53 8.80
N LEU A 151 -1.94 -3.78 8.38
CA LEU A 151 -1.34 -3.89 7.06
C LEU A 151 -0.64 -5.25 6.90
N GLU A 152 -0.01 -5.77 7.95
CA GLU A 152 0.66 -7.07 7.90
C GLU A 152 -0.36 -8.18 7.68
N ARG A 153 -1.48 -8.15 8.42
CA ARG A 153 -2.59 -9.09 8.18
C ARG A 153 -3.08 -8.96 6.76
N SER A 154 -3.35 -7.72 6.31
CA SER A 154 -3.87 -7.46 4.98
C SER A 154 -2.91 -8.02 3.92
N ALA A 155 -1.62 -7.75 4.05
CA ALA A 155 -0.61 -8.23 3.11
C ALA A 155 -0.53 -9.75 3.11
N ARG A 156 -0.61 -10.38 4.30
CA ARG A 156 -0.59 -11.84 4.40
C ARG A 156 -1.79 -12.44 3.69
N GLN A 157 -2.97 -11.83 3.83
CA GLN A 157 -4.21 -12.31 3.22
C GLN A 157 -4.17 -12.10 1.69
N TRP A 158 -3.71 -10.94 1.21
CA TRP A 158 -3.52 -10.73 -0.23
C TRP A 158 -2.52 -11.74 -0.79
N ALA A 159 -1.41 -12.00 -0.09
CA ALA A 159 -0.46 -13.02 -0.52
C ALA A 159 -1.10 -14.42 -0.54
N GLN A 160 -1.97 -14.74 0.43
CA GLN A 160 -2.67 -16.01 0.48
C GLN A 160 -3.51 -16.23 -0.78
N ALA A 161 -4.20 -15.19 -1.25
CA ALA A 161 -4.95 -15.26 -2.50
C ALA A 161 -4.00 -15.30 -3.70
N LEU A 162 -3.13 -14.29 -3.82
CA LEU A 162 -2.26 -14.06 -4.98
C LEU A 162 -1.42 -15.28 -5.31
N ASN A 163 -0.76 -15.88 -4.30
CA ASN A 163 0.15 -17.00 -4.56
C ASN A 163 -0.61 -18.25 -5.02
N ALA A 164 -1.93 -18.33 -4.80
CA ALA A 164 -2.74 -19.51 -5.08
C ALA A 164 -3.80 -19.27 -6.15
N GLU A 165 -3.55 -18.26 -6.97
CA GLU A 165 -4.29 -17.94 -8.19
C GLU A 165 -3.33 -17.65 -9.36
N GLN A 166 -2.08 -18.09 -9.20
CA GLN A 166 -1.08 -18.10 -10.25
C GLN A 166 -1.52 -19.09 -11.33
N VAL A 167 -1.15 -18.78 -12.57
CA VAL A 167 -1.61 -19.42 -13.79
C VAL A 167 -0.46 -19.36 -14.81
N MET A 21 -1.56 -13.65 -13.75
CA MET A 21 -0.83 -13.20 -12.55
C MET A 21 -0.53 -11.70 -12.64
N PHE A 22 -0.82 -10.94 -11.58
CA PHE A 22 -0.49 -9.51 -11.49
C PHE A 22 1.03 -9.37 -11.40
N ASN A 23 1.70 -9.05 -12.52
CA ASN A 23 3.16 -8.97 -12.56
C ASN A 23 3.68 -7.86 -11.66
N ASN A 24 3.04 -6.68 -11.72
CA ASN A 24 3.48 -5.50 -11.00
C ASN A 24 2.28 -4.78 -10.37
N ILE A 25 2.51 -4.19 -9.20
CA ILE A 25 1.45 -3.67 -8.34
C ILE A 25 1.89 -2.29 -7.84
N LEU A 26 0.93 -1.40 -7.56
CA LEU A 26 1.21 -0.08 -7.01
C LEU A 26 0.28 0.16 -5.82
N VAL A 27 0.84 0.47 -4.66
CA VAL A 27 0.06 0.91 -3.52
C VAL A 27 -0.06 2.44 -3.62
N VAL A 28 -1.25 2.97 -3.37
CA VAL A 28 -1.51 4.40 -3.47
C VAL A 28 -2.30 4.81 -2.23
N CYS A 29 -1.75 5.73 -1.43
CA CYS A 29 -2.35 6.13 -0.16
C CYS A 29 -2.26 7.62 0.10
N VAL A 30 -3.25 8.15 0.83
CA VAL A 30 -3.14 9.51 1.36
C VAL A 30 -2.10 9.37 2.48
N GLY A 31 -1.12 10.27 2.54
CA GLY A 31 0.03 10.12 3.44
C GLY A 31 0.96 9.00 2.98
N ASN A 32 1.23 8.98 1.67
CA ASN A 32 2.19 8.09 1.01
C ASN A 32 3.39 7.70 1.87
N ILE A 33 4.03 8.65 2.55
CA ILE A 33 5.30 8.46 3.26
C ILE A 33 5.29 7.34 4.33
N CYS A 34 4.14 6.76 4.67
CA CYS A 34 4.06 5.73 5.70
C CYS A 34 3.26 4.51 5.22
N ARG A 35 2.03 4.71 4.72
CA ARG A 35 1.14 3.59 4.43
C ARG A 35 1.63 2.81 3.21
N SER A 36 1.89 3.51 2.10
CA SER A 36 2.28 2.88 0.85
C SER A 36 3.55 2.01 0.97
N PRO A 37 4.69 2.49 1.51
CA PRO A 37 5.88 1.68 1.59
C PRO A 37 5.73 0.52 2.59
N THR A 38 4.91 0.67 3.63
CA THR A 38 4.70 -0.42 4.59
C THR A 38 4.01 -1.59 3.88
N ALA A 39 2.92 -1.34 3.13
CA ALA A 39 2.25 -2.39 2.36
C ALA A 39 3.21 -2.99 1.33
N GLU A 40 3.91 -2.14 0.58
CA GLU A 40 4.81 -2.57 -0.48
C GLU A 40 5.89 -3.50 0.08
N ARG A 41 6.56 -3.10 1.16
CA ARG A 41 7.65 -3.87 1.73
C ARG A 41 7.14 -5.14 2.40
N LEU A 42 5.95 -5.12 3.01
CA LEU A 42 5.34 -6.34 3.55
C LEU A 42 5.11 -7.33 2.41
N LEU A 43 4.61 -6.86 1.26
CA LEU A 43 4.44 -7.70 0.09
C LEU A 43 5.79 -8.18 -0.44
N GLN A 44 6.87 -7.38 -0.37
CA GLN A 44 8.22 -7.88 -0.69
C GLN A 44 8.62 -9.02 0.26
N ARG A 45 8.32 -8.91 1.56
CA ARG A 45 8.65 -9.94 2.53
C ARG A 45 7.94 -11.25 2.18
N TYR A 46 6.63 -11.19 1.92
CA TYR A 46 5.85 -12.39 1.62
C TYR A 46 6.11 -12.94 0.21
N HIS A 47 6.46 -12.08 -0.76
CA HIS A 47 6.73 -12.46 -2.14
C HIS A 47 7.91 -11.63 -2.69
N PRO A 48 9.16 -12.03 -2.44
CA PRO A 48 10.34 -11.36 -3.00
C PRO A 48 10.31 -11.26 -4.54
N GLU A 49 9.59 -12.16 -5.21
CA GLU A 49 9.50 -12.22 -6.67
C GLU A 49 8.46 -11.25 -7.23
N LEU A 50 7.54 -10.75 -6.39
CA LEU A 50 6.42 -9.91 -6.83
C LEU A 50 6.91 -8.46 -6.89
N LYS A 51 6.61 -7.75 -7.98
CA LYS A 51 6.99 -6.35 -8.05
C LYS A 51 5.88 -5.54 -7.40
N VAL A 52 6.23 -4.69 -6.45
CA VAL A 52 5.32 -3.72 -5.89
C VAL A 52 6.08 -2.39 -5.82
N GLU A 53 5.37 -1.27 -5.96
CA GLU A 53 5.90 0.07 -5.79
C GLU A 53 4.87 0.89 -4.98
N SER A 54 5.21 2.12 -4.61
CA SER A 54 4.41 2.92 -3.69
C SER A 54 4.31 4.38 -4.16
N ALA A 55 3.12 4.98 -4.05
CA ALA A 55 2.84 6.37 -4.42
C ALA A 55 1.66 6.86 -3.54
N GLY A 56 1.06 8.02 -3.85
CA GLY A 56 -0.12 8.46 -3.11
C GLY A 56 -0.98 9.53 -3.78
N LEU A 57 -2.21 9.64 -3.29
CA LEU A 57 -3.17 10.65 -3.77
C LEU A 57 -2.77 12.05 -3.30
N GLY A 58 -2.34 12.16 -2.04
CA GLY A 58 -1.92 13.42 -1.43
C GLY A 58 -0.51 13.24 -0.90
N ALA A 59 0.37 12.68 -1.75
CA ALA A 59 1.74 12.40 -1.40
C ALA A 59 2.58 13.69 -1.31
N LEU A 60 3.84 13.52 -0.91
CA LEU A 60 4.78 14.62 -0.70
C LEU A 60 6.01 14.26 -1.51
N VAL A 61 5.96 14.59 -2.80
CA VAL A 61 6.95 14.18 -3.80
C VAL A 61 8.38 14.39 -3.28
N GLY A 62 9.17 13.32 -3.30
CA GLY A 62 10.60 13.37 -2.99
C GLY A 62 10.92 13.11 -1.51
N LYS A 63 9.93 13.15 -0.60
CA LYS A 63 10.18 12.80 0.80
C LYS A 63 10.46 11.30 0.92
N GLY A 64 11.28 10.93 1.90
CA GLY A 64 11.54 9.53 2.23
C GLY A 64 10.39 8.93 3.02
N ALA A 65 10.57 7.69 3.47
CA ALA A 65 9.64 7.08 4.41
C ALA A 65 9.65 7.85 5.74
N ASP A 66 8.52 7.87 6.45
CA ASP A 66 8.36 8.61 7.69
C ASP A 66 9.16 7.94 8.82
N PRO A 67 9.94 8.69 9.64
CA PRO A 67 10.70 8.14 10.75
C PRO A 67 9.92 7.24 11.71
N THR A 68 8.64 7.54 11.96
CA THR A 68 7.82 6.76 12.89
C THR A 68 7.48 5.42 12.24
N ALA A 69 7.12 5.44 10.95
CA ALA A 69 6.86 4.24 10.18
C ALA A 69 8.12 3.38 10.09
N ILE A 70 9.28 4.00 9.84
CA ILE A 70 10.57 3.31 9.84
C ILE A 70 10.80 2.66 11.22
N SER A 71 10.56 3.38 12.31
CA SER A 71 10.82 2.87 13.66
C SER A 71 9.93 1.66 13.96
N VAL A 72 8.65 1.72 13.62
CA VAL A 72 7.73 0.59 13.79
C VAL A 72 8.17 -0.57 12.88
N ALA A 73 8.57 -0.30 11.63
CA ALA A 73 9.00 -1.34 10.72
C ALA A 73 10.28 -2.03 11.22
N ALA A 74 11.21 -1.26 11.79
CA ALA A 74 12.46 -1.78 12.33
C ALA A 74 12.20 -2.68 13.55
N GLU A 75 11.13 -2.43 14.31
CA GLU A 75 10.70 -3.33 15.40
C GLU A 75 10.40 -4.74 14.87
N HIS A 76 10.11 -4.87 13.57
CA HIS A 76 9.85 -6.14 12.86
C HIS A 76 10.93 -6.42 11.81
N GLN A 77 12.06 -5.70 11.88
CA GLN A 77 13.22 -5.84 10.99
C GLN A 77 12.81 -5.86 9.50
N LEU A 78 11.97 -4.90 9.14
CA LEU A 78 11.61 -4.59 7.76
C LEU A 78 12.04 -3.13 7.57
N SER A 79 12.59 -2.81 6.40
CA SER A 79 13.24 -1.52 6.18
C SER A 79 12.48 -0.72 5.12
N LEU A 80 11.71 0.29 5.56
CA LEU A 80 11.03 1.21 4.64
C LEU A 80 12.04 2.12 3.93
N GLU A 81 13.19 2.37 4.57
CA GLU A 81 14.26 3.19 3.99
C GLU A 81 14.61 2.70 2.58
N GLY A 82 14.94 3.65 1.69
CA GLY A 82 15.08 3.37 0.27
C GLY A 82 13.72 3.51 -0.42
N HIS A 83 13.02 4.60 -0.15
CA HIS A 83 11.70 4.93 -0.70
C HIS A 83 11.69 6.43 -1.02
N CYS A 84 10.94 6.81 -2.05
CA CYS A 84 10.64 8.21 -2.35
C CYS A 84 9.13 8.30 -2.62
N ALA A 85 8.44 9.15 -1.86
CA ALA A 85 7.04 9.43 -2.09
C ALA A 85 6.86 10.19 -3.40
N ARG A 86 5.68 10.09 -4.01
CA ARG A 86 5.38 10.67 -5.32
C ARG A 86 3.87 10.69 -5.51
N GLN A 87 3.34 11.67 -6.22
CA GLN A 87 1.90 11.75 -6.45
C GLN A 87 1.53 10.78 -7.57
N ILE A 88 0.38 10.15 -7.38
CA ILE A 88 -0.25 9.34 -8.40
C ILE A 88 -0.48 10.17 -9.67
N SER A 89 -0.42 9.51 -10.81
CA SER A 89 -0.82 10.07 -12.09
C SER A 89 -1.55 8.98 -12.86
N ARG A 90 -2.30 9.32 -13.91
CA ARG A 90 -2.91 8.30 -14.77
C ARG A 90 -1.82 7.45 -15.44
N ARG A 91 -0.67 8.05 -15.78
CA ARG A 91 0.46 7.30 -16.34
C ARG A 91 0.91 6.25 -15.33
N LEU A 92 1.09 6.61 -14.06
CA LEU A 92 1.41 5.64 -13.02
C LEU A 92 0.33 4.58 -12.92
N CYS A 93 -0.95 4.96 -12.95
CA CYS A 93 -2.02 3.97 -12.85
C CYS A 93 -1.87 2.92 -13.97
N ARG A 94 -1.73 3.37 -15.23
CA ARG A 94 -1.56 2.46 -16.36
C ARG A 94 -0.31 1.58 -16.24
N ASN A 95 0.72 2.04 -15.52
CA ASN A 95 2.02 1.36 -15.46
C ASN A 95 1.95 0.00 -14.74
N TYR A 96 1.04 -0.17 -13.78
CA TYR A 96 0.96 -1.38 -12.95
C TYR A 96 -0.37 -2.09 -13.23
N ASP A 97 -0.39 -3.42 -13.10
CA ASP A 97 -1.53 -4.22 -13.54
C ASP A 97 -2.61 -4.38 -12.47
N LEU A 98 -2.35 -3.98 -11.23
CA LEU A 98 -3.27 -4.11 -10.11
C LEU A 98 -2.91 -2.99 -9.13
N ILE A 99 -3.90 -2.25 -8.62
CA ILE A 99 -3.66 -1.06 -7.82
C ILE A 99 -4.27 -1.30 -6.45
N LEU A 100 -3.55 -0.94 -5.39
CA LEU A 100 -3.92 -1.15 -3.99
C LEU A 100 -4.23 0.20 -3.39
N THR A 101 -5.26 0.25 -2.55
CA THR A 101 -5.75 1.49 -1.94
C THR A 101 -6.15 1.17 -0.50
N MET A 102 -6.22 2.16 0.39
CA MET A 102 -6.38 1.92 1.83
C MET A 102 -7.84 2.03 2.30
N GLU A 103 -8.66 2.84 1.62
CA GLU A 103 -9.98 3.20 2.09
C GLU A 103 -10.95 3.22 0.90
N LYS A 104 -12.25 3.09 1.14
CA LYS A 104 -13.25 3.13 0.07
C LYS A 104 -13.17 4.43 -0.72
N ARG A 105 -12.95 5.57 -0.05
CA ARG A 105 -12.70 6.85 -0.73
C ARG A 105 -11.47 6.79 -1.63
N HIS A 106 -10.41 6.06 -1.27
CA HIS A 106 -9.23 5.96 -2.12
C HIS A 106 -9.57 5.14 -3.37
N ILE A 107 -10.38 4.07 -3.25
CA ILE A 107 -10.83 3.31 -4.41
C ILE A 107 -11.52 4.27 -5.38
N GLU A 108 -12.44 5.10 -4.87
CA GLU A 108 -13.21 6.01 -5.70
C GLU A 108 -12.30 7.02 -6.39
N ARG A 109 -11.35 7.63 -5.65
CA ARG A 109 -10.43 8.60 -6.25
C ARG A 109 -9.54 7.95 -7.30
N LEU A 110 -9.06 6.71 -7.08
CA LEU A 110 -8.26 6.01 -8.09
C LEU A 110 -9.10 5.68 -9.31
N CYS A 111 -10.38 5.35 -9.15
CA CYS A 111 -11.27 5.16 -10.29
C CYS A 111 -11.44 6.47 -11.07
N GLU A 112 -11.46 7.63 -10.40
CA GLU A 112 -11.46 8.92 -11.11
C GLU A 112 -10.14 9.14 -11.85
N MET A 113 -9.00 8.74 -11.27
CA MET A 113 -7.69 8.86 -11.92
C MET A 113 -7.62 7.98 -13.18
N ALA A 114 -8.21 6.78 -13.15
CA ALA A 114 -8.14 5.84 -14.26
C ALA A 114 -9.44 5.03 -14.32
N PRO A 115 -10.50 5.52 -14.99
CA PRO A 115 -11.80 4.83 -15.03
C PRO A 115 -11.72 3.50 -15.78
N GLU A 116 -10.75 3.37 -16.70
CA GLU A 116 -10.47 2.13 -17.42
C GLU A 116 -10.13 0.98 -16.45
N MET A 117 -9.62 1.33 -15.26
CA MET A 117 -9.12 0.40 -14.26
C MET A 117 -10.14 0.14 -13.15
N ARG A 118 -11.41 0.56 -13.31
CA ARG A 118 -12.45 0.15 -12.38
C ARG A 118 -12.47 -1.40 -12.32
N GLY A 119 -12.54 -1.96 -11.13
CA GLY A 119 -12.41 -3.41 -10.92
C GLY A 119 -10.96 -3.91 -10.83
N LYS A 120 -9.95 -3.06 -11.08
CA LYS A 120 -8.53 -3.35 -10.89
C LYS A 120 -7.94 -2.49 -9.77
N VAL A 121 -8.70 -1.52 -9.26
CA VAL A 121 -8.36 -0.80 -8.04
C VAL A 121 -8.96 -1.65 -6.91
N MET A 122 -8.18 -1.94 -5.87
CA MET A 122 -8.56 -2.91 -4.84
C MET A 122 -8.28 -2.32 -3.46
N LEU A 123 -9.20 -2.51 -2.51
CA LEU A 123 -8.95 -2.19 -1.11
C LEU A 123 -7.96 -3.23 -0.59
N PHE A 124 -6.82 -2.81 -0.04
CA PHE A 124 -5.80 -3.74 0.40
C PHE A 124 -6.31 -4.66 1.52
N GLY A 125 -7.10 -4.10 2.45
CA GLY A 125 -7.66 -4.86 3.58
C GLY A 125 -8.92 -5.65 3.24
N HIS A 126 -9.23 -5.85 1.94
CA HIS A 126 -10.45 -6.52 1.48
C HIS A 126 -10.70 -7.85 2.20
N TRP A 127 -9.68 -8.70 2.33
CA TRP A 127 -9.84 -10.04 2.89
C TRP A 127 -10.28 -9.99 4.36
N ASP A 128 -9.86 -8.96 5.10
CA ASP A 128 -10.22 -8.78 6.51
C ASP A 128 -11.50 -7.98 6.57
N ASN A 129 -12.57 -8.58 6.03
CA ASN A 129 -13.93 -8.03 6.07
C ASN A 129 -14.00 -6.57 5.58
N GLU A 130 -13.22 -6.28 4.53
CA GLU A 130 -13.10 -4.94 3.93
C GLU A 130 -12.83 -3.83 4.96
N CYS A 131 -12.02 -4.14 5.97
CA CYS A 131 -11.53 -3.15 6.90
C CYS A 131 -10.63 -2.17 6.15
N GLU A 132 -11.02 -0.90 6.12
CA GLU A 132 -10.17 0.18 5.64
C GLU A 132 -8.99 0.36 6.60
N ILE A 133 -7.83 0.76 6.06
CA ILE A 133 -6.62 0.96 6.84
C ILE A 133 -6.68 2.40 7.40
N PRO A 134 -6.46 2.62 8.71
CA PRO A 134 -6.30 3.96 9.27
C PRO A 134 -5.16 4.75 8.61
N ASP A 135 -5.02 6.03 8.99
CA ASP A 135 -3.97 6.91 8.52
C ASP A 135 -3.17 7.39 9.74
N PRO A 136 -1.91 6.94 9.92
CA PRO A 136 -1.15 7.25 11.12
C PRO A 136 -0.42 8.60 11.04
N TYR A 137 -0.44 9.28 9.89
CA TYR A 137 0.30 10.51 9.66
C TYR A 137 -0.02 11.55 10.74
N ARG A 138 1.02 12.12 11.34
CA ARG A 138 0.94 13.12 12.42
C ARG A 138 0.23 12.62 13.68
N LYS A 139 0.17 11.31 13.92
CA LYS A 139 -0.44 10.73 15.12
C LYS A 139 0.59 9.89 15.89
N SER A 140 0.20 9.36 17.04
CA SER A 140 1.10 8.66 17.95
C SER A 140 1.69 7.39 17.32
N ARG A 141 2.81 6.89 17.84
CA ARG A 141 3.45 5.64 17.38
C ARG A 141 2.49 4.45 17.46
N GLU A 142 1.58 4.44 18.43
CA GLU A 142 0.56 3.40 18.55
C GLU A 142 -0.30 3.31 17.27
N THR A 143 -0.55 4.44 16.61
CA THR A 143 -1.30 4.46 15.35
C THR A 143 -0.48 3.79 14.26
N PHE A 144 0.82 4.07 14.17
CA PHE A 144 1.70 3.42 13.20
C PHE A 144 1.77 1.92 13.47
N ALA A 145 1.80 1.50 14.75
CA ALA A 145 1.81 0.07 15.10
C ALA A 145 0.51 -0.61 14.70
N ALA A 146 -0.64 0.01 14.96
CA ALA A 146 -1.94 -0.52 14.55
C ALA A 146 -2.01 -0.64 13.02
N VAL A 147 -1.61 0.40 12.30
CA VAL A 147 -1.60 0.40 10.85
C VAL A 147 -0.64 -0.69 10.34
N TYR A 148 0.56 -0.83 10.90
CA TYR A 148 1.49 -1.88 10.50
C TYR A 148 0.84 -3.26 10.70
N THR A 149 0.19 -3.49 11.84
CA THR A 149 -0.41 -4.78 12.15
C THR A 149 -1.53 -5.10 11.15
N LEU A 150 -2.41 -4.13 10.86
CA LEU A 150 -3.51 -4.33 9.92
C LEU A 150 -2.99 -4.50 8.49
N LEU A 151 -1.95 -3.76 8.10
CA LEU A 151 -1.28 -3.93 6.81
C LEU A 151 -0.62 -5.30 6.73
N GLU A 152 -0.04 -5.80 7.82
CA GLU A 152 0.57 -7.12 7.84
C GLU A 152 -0.49 -8.19 7.60
N ARG A 153 -1.65 -8.11 8.27
CA ARG A 153 -2.77 -9.03 7.99
C ARG A 153 -3.16 -8.95 6.52
N SER A 154 -3.32 -7.73 6.00
CA SER A 154 -3.72 -7.51 4.62
C SER A 154 -2.72 -8.17 3.67
N ALA A 155 -1.42 -7.90 3.87
CA ALA A 155 -0.36 -8.43 3.01
C ALA A 155 -0.27 -9.95 3.10
N ARG A 156 -0.45 -10.53 4.30
CA ARG A 156 -0.39 -11.98 4.47
C ARG A 156 -1.55 -12.60 3.71
N GLN A 157 -2.75 -12.04 3.84
CA GLN A 157 -3.93 -12.59 3.21
C GLN A 157 -3.83 -12.45 1.68
N TRP A 158 -3.30 -11.32 1.17
CA TRP A 158 -2.98 -11.20 -0.25
C TRP A 158 -2.00 -12.30 -0.67
N ALA A 159 -0.92 -12.51 0.08
CA ALA A 159 0.07 -13.53 -0.25
C ALA A 159 -0.55 -14.93 -0.27
N GLN A 160 -1.40 -15.26 0.70
CA GLN A 160 -2.10 -16.54 0.73
C GLN A 160 -3.00 -16.68 -0.50
N ALA A 161 -3.72 -15.63 -0.89
CA ALA A 161 -4.63 -15.69 -2.01
C ALA A 161 -3.88 -15.82 -3.33
N LEU A 162 -2.75 -15.14 -3.48
CA LEU A 162 -1.88 -15.26 -4.65
C LEU A 162 -1.28 -16.67 -4.70
N ASN A 163 -0.84 -17.23 -3.56
CA ASN A 163 -0.34 -18.61 -3.48
C ASN A 163 -1.45 -19.59 -3.88
N ALA A 164 -2.68 -19.34 -3.44
CA ALA A 164 -3.85 -20.18 -3.71
C ALA A 164 -4.47 -19.97 -5.10
N GLU A 165 -3.75 -19.20 -5.91
CA GLU A 165 -3.98 -18.88 -7.33
C GLU A 165 -5.45 -18.65 -7.69
N GLN A 166 -6.20 -17.94 -6.82
CA GLN A 166 -7.53 -17.48 -7.18
C GLN A 166 -7.43 -16.43 -8.30
N VAL A 167 -8.51 -16.31 -9.05
CA VAL A 167 -8.63 -15.55 -10.28
C VAL A 167 -10.06 -15.02 -10.38
N MET A 21 -1.92 -14.41 -12.37
CA MET A 21 -1.01 -13.79 -11.38
C MET A 21 -0.81 -12.30 -11.70
N PHE A 22 -1.42 -11.40 -10.91
CA PHE A 22 -1.13 -9.96 -10.98
C PHE A 22 0.17 -9.68 -10.23
N ASN A 23 1.31 -10.05 -10.83
CA ASN A 23 2.62 -9.96 -10.18
C ASN A 23 3.13 -8.51 -10.02
N ASN A 24 2.39 -7.53 -10.57
CA ASN A 24 2.83 -6.14 -10.70
C ASN A 24 1.76 -5.24 -10.07
N ILE A 25 2.06 -4.67 -8.89
CA ILE A 25 1.06 -4.00 -8.04
C ILE A 25 1.56 -2.61 -7.63
N LEU A 26 0.60 -1.70 -7.36
CA LEU A 26 0.88 -0.36 -6.83
C LEU A 26 0.03 -0.16 -5.57
N VAL A 27 0.57 0.51 -4.54
CA VAL A 27 -0.19 0.87 -3.35
C VAL A 27 -0.26 2.40 -3.29
N VAL A 28 -1.44 2.94 -2.94
CA VAL A 28 -1.70 4.37 -3.02
C VAL A 28 -2.30 4.86 -1.68
N CYS A 29 -1.82 5.99 -1.18
CA CYS A 29 -2.22 6.55 0.12
C CYS A 29 -2.26 8.10 0.02
N VAL A 30 -2.67 8.78 1.09
CA VAL A 30 -2.51 10.24 1.19
C VAL A 30 -1.25 10.46 2.05
N GLY A 31 -0.46 11.49 1.77
CA GLY A 31 0.86 11.67 2.40
C GLY A 31 1.90 10.72 1.79
N ASN A 32 1.50 9.49 1.43
CA ASN A 32 2.28 8.47 0.71
C ASN A 32 3.36 7.82 1.58
N ILE A 33 4.11 8.60 2.35
CA ILE A 33 5.32 8.19 3.07
C ILE A 33 5.10 7.16 4.20
N CYS A 34 3.87 6.67 4.44
CA CYS A 34 3.55 5.81 5.57
C CYS A 34 2.99 4.46 5.11
N ARG A 35 1.70 4.39 4.75
CA ARG A 35 1.04 3.10 4.52
C ARG A 35 1.54 2.43 3.25
N SER A 36 1.72 3.18 2.15
CA SER A 36 2.18 2.61 0.89
C SER A 36 3.51 1.84 1.05
N PRO A 37 4.61 2.43 1.56
CA PRO A 37 5.86 1.69 1.71
C PRO A 37 5.75 0.55 2.74
N THR A 38 4.93 0.71 3.78
CA THR A 38 4.76 -0.34 4.78
C THR A 38 4.13 -1.58 4.11
N ALA A 39 3.03 -1.39 3.36
CA ALA A 39 2.36 -2.49 2.67
C ALA A 39 3.28 -3.07 1.59
N GLU A 40 3.95 -2.21 0.82
CA GLU A 40 4.89 -2.60 -0.21
C GLU A 40 5.90 -3.59 0.36
N ARG A 41 6.62 -3.19 1.41
CA ARG A 41 7.74 -4.00 1.89
C ARG A 41 7.26 -5.26 2.60
N LEU A 42 6.09 -5.22 3.26
CA LEU A 42 5.46 -6.43 3.79
C LEU A 42 5.19 -7.43 2.67
N LEU A 43 4.61 -6.97 1.56
CA LEU A 43 4.30 -7.83 0.42
C LEU A 43 5.59 -8.36 -0.22
N GLN A 44 6.66 -7.54 -0.31
CA GLN A 44 7.96 -8.01 -0.79
C GLN A 44 8.52 -9.10 0.12
N ARG A 45 8.39 -8.98 1.46
CA ARG A 45 8.81 -10.04 2.38
C ARG A 45 8.03 -11.31 2.11
N TYR A 46 6.70 -11.24 1.94
CA TYR A 46 5.89 -12.42 1.67
C TYR A 46 6.23 -13.07 0.32
N HIS A 47 6.57 -12.27 -0.70
CA HIS A 47 6.85 -12.75 -2.06
C HIS A 47 7.99 -11.94 -2.67
N PRO A 48 9.26 -12.36 -2.53
CA PRO A 48 10.40 -11.69 -3.14
C PRO A 48 10.30 -11.53 -4.68
N GLU A 49 9.58 -12.44 -5.36
CA GLU A 49 9.43 -12.40 -6.82
C GLU A 49 8.35 -11.39 -7.26
N LEU A 50 7.53 -10.91 -6.33
CA LEU A 50 6.47 -9.95 -6.59
C LEU A 50 7.08 -8.57 -6.86
N LYS A 51 6.37 -7.74 -7.62
CA LYS A 51 6.70 -6.32 -7.77
C LYS A 51 5.55 -5.57 -7.10
N VAL A 52 5.90 -4.78 -6.08
CA VAL A 52 5.00 -3.83 -5.48
C VAL A 52 5.79 -2.53 -5.39
N GLU A 53 5.14 -1.41 -5.68
CA GLU A 53 5.71 -0.09 -5.49
C GLU A 53 4.64 0.82 -4.89
N SER A 54 4.98 2.10 -4.67
CA SER A 54 4.14 3.03 -3.91
C SER A 54 3.89 4.32 -4.68
N ALA A 55 2.76 4.98 -4.37
CA ALA A 55 2.42 6.33 -4.83
C ALA A 55 1.38 6.91 -3.84
N GLY A 56 0.86 8.10 -4.13
CA GLY A 56 -0.23 8.65 -3.33
C GLY A 56 -1.12 9.65 -4.05
N LEU A 57 -2.36 9.77 -3.58
CA LEU A 57 -3.33 10.74 -4.11
C LEU A 57 -2.90 12.16 -3.75
N GLY A 58 -2.37 12.34 -2.54
CA GLY A 58 -1.84 13.60 -2.05
C GLY A 58 -0.43 13.33 -1.55
N ALA A 59 0.41 12.78 -2.42
CA ALA A 59 1.77 12.41 -2.09
C ALA A 59 2.65 13.64 -1.85
N LEU A 60 3.85 13.37 -1.31
CA LEU A 60 4.84 14.39 -0.97
C LEU A 60 6.06 14.07 -1.84
N VAL A 61 5.93 14.30 -3.14
CA VAL A 61 6.89 13.87 -4.16
C VAL A 61 8.35 14.10 -3.73
N GLY A 62 9.16 13.02 -3.79
CA GLY A 62 10.57 13.05 -3.48
C GLY A 62 10.89 12.77 -2.00
N LYS A 63 9.93 12.93 -1.09
CA LYS A 63 10.16 12.71 0.34
C LYS A 63 10.40 11.23 0.62
N GLY A 64 11.24 10.94 1.61
CA GLY A 64 11.54 9.57 2.03
C GLY A 64 10.42 8.98 2.88
N ALA A 65 10.58 7.73 3.31
CA ALA A 65 9.63 7.09 4.22
C ALA A 65 9.61 7.82 5.57
N ASP A 66 8.46 7.83 6.23
CA ASP A 66 8.28 8.51 7.52
C ASP A 66 9.12 7.81 8.59
N PRO A 67 9.86 8.53 9.46
CA PRO A 67 10.73 7.90 10.45
C PRO A 67 9.98 7.06 11.48
N THR A 68 8.69 7.34 11.73
CA THR A 68 7.90 6.54 12.66
C THR A 68 7.56 5.21 11.98
N ALA A 69 7.21 5.25 10.69
CA ALA A 69 6.95 4.05 9.90
C ALA A 69 8.22 3.19 9.83
N ILE A 70 9.38 3.82 9.58
CA ILE A 70 10.67 3.12 9.60
C ILE A 70 10.88 2.48 10.98
N SER A 71 10.66 3.21 12.07
CA SER A 71 10.92 2.70 13.42
C SER A 71 10.00 1.53 13.77
N VAL A 72 8.73 1.55 13.34
CA VAL A 72 7.83 0.44 13.54
C VAL A 72 8.21 -0.73 12.64
N ALA A 73 8.64 -0.49 11.39
CA ALA A 73 9.11 -1.56 10.52
C ALA A 73 10.37 -2.22 11.09
N ALA A 74 11.26 -1.43 11.69
CA ALA A 74 12.47 -1.93 12.32
C ALA A 74 12.14 -2.81 13.53
N GLU A 75 11.03 -2.57 14.23
CA GLU A 75 10.57 -3.46 15.30
C GLU A 75 10.32 -4.90 14.79
N HIS A 76 10.14 -5.06 13.48
CA HIS A 76 9.96 -6.34 12.77
C HIS A 76 11.12 -6.62 11.82
N GLN A 77 12.23 -5.88 11.96
CA GLN A 77 13.40 -5.98 11.09
C GLN A 77 13.04 -5.99 9.61
N LEU A 78 12.10 -5.12 9.22
CA LEU A 78 11.81 -4.84 7.83
C LEU A 78 12.27 -3.40 7.63
N SER A 79 12.60 -3.02 6.39
CA SER A 79 13.24 -1.75 6.11
C SER A 79 12.40 -1.01 5.08
N LEU A 80 12.11 0.27 5.34
CA LEU A 80 11.36 1.13 4.41
C LEU A 80 12.32 2.13 3.73
N GLU A 81 13.63 1.89 3.83
CA GLU A 81 14.65 2.79 3.30
C GLU A 81 14.55 2.81 1.77
N GLY A 82 14.99 3.92 1.17
CA GLY A 82 15.03 4.06 -0.28
C GLY A 82 13.68 4.32 -0.94
N HIS A 83 12.58 4.29 -0.17
CA HIS A 83 11.28 4.72 -0.65
C HIS A 83 11.36 6.21 -1.03
N CYS A 84 10.68 6.58 -2.11
CA CYS A 84 10.47 7.98 -2.48
C CYS A 84 9.00 8.12 -2.84
N ALA A 85 8.29 9.03 -2.16
CA ALA A 85 6.90 9.32 -2.45
C ALA A 85 6.77 9.96 -3.84
N ARG A 86 5.59 9.82 -4.45
CA ARG A 86 5.30 10.36 -5.79
C ARG A 86 3.79 10.35 -5.99
N GLN A 87 3.24 11.36 -6.66
CA GLN A 87 1.80 11.44 -6.86
C GLN A 87 1.36 10.41 -7.89
N ILE A 88 0.18 9.83 -7.63
CA ILE A 88 -0.51 8.99 -8.59
C ILE A 88 -0.77 9.83 -9.85
N SER A 89 -0.65 9.20 -11.01
CA SER A 89 -0.91 9.83 -12.30
C SER A 89 -1.31 8.71 -13.28
N ARG A 90 -1.93 9.06 -14.41
CA ARG A 90 -2.51 8.09 -15.34
C ARG A 90 -1.48 7.08 -15.84
N ARG A 91 -0.25 7.54 -16.11
CA ARG A 91 0.85 6.67 -16.52
C ARG A 91 1.13 5.63 -15.44
N LEU A 92 1.17 6.03 -14.17
CA LEU A 92 1.37 5.09 -13.08
C LEU A 92 0.18 4.13 -13.00
N CYS A 93 -1.04 4.63 -13.12
CA CYS A 93 -2.22 3.78 -13.02
C CYS A 93 -2.16 2.65 -14.07
N ARG A 94 -1.74 2.96 -15.30
CA ARG A 94 -1.57 1.96 -16.36
C ARG A 94 -0.38 1.04 -16.10
N ASN A 95 0.66 1.48 -15.39
CA ASN A 95 1.93 0.78 -15.26
C ASN A 95 1.85 -0.51 -14.42
N TYR A 96 0.82 -0.67 -13.57
CA TYR A 96 0.68 -1.82 -12.68
C TYR A 96 -0.68 -2.45 -12.95
N ASP A 97 -0.81 -3.77 -12.74
CA ASP A 97 -2.02 -4.50 -13.16
C ASP A 97 -3.14 -4.32 -12.17
N LEU A 98 -2.81 -4.22 -10.88
CA LEU A 98 -3.76 -4.26 -9.77
C LEU A 98 -3.31 -3.17 -8.80
N ILE A 99 -4.25 -2.36 -8.31
CA ILE A 99 -3.93 -1.16 -7.55
C ILE A 99 -4.58 -1.33 -6.18
N LEU A 100 -3.86 -0.94 -5.13
CA LEU A 100 -4.28 -1.09 -3.75
C LEU A 100 -4.37 0.27 -3.08
N THR A 101 -5.27 0.35 -2.11
CA THR A 101 -5.57 1.57 -1.38
C THR A 101 -5.83 1.15 0.08
N MET A 102 -6.25 2.05 0.97
CA MET A 102 -6.47 1.72 2.39
C MET A 102 -7.90 2.00 2.85
N GLU A 103 -8.68 2.76 2.08
CA GLU A 103 -10.00 3.23 2.50
C GLU A 103 -10.85 3.54 1.26
N LYS A 104 -12.18 3.50 1.41
CA LYS A 104 -13.10 3.54 0.26
C LYS A 104 -12.94 4.81 -0.56
N ARG A 105 -12.75 5.97 0.08
CA ARG A 105 -12.57 7.22 -0.65
C ARG A 105 -11.34 7.19 -1.56
N HIS A 106 -10.27 6.46 -1.21
CA HIS A 106 -9.10 6.37 -2.09
C HIS A 106 -9.48 5.60 -3.36
N ILE A 107 -10.29 4.53 -3.24
CA ILE A 107 -10.79 3.78 -4.39
C ILE A 107 -11.57 4.75 -5.29
N GLU A 108 -12.47 5.54 -4.70
CA GLU A 108 -13.34 6.43 -5.47
C GLU A 108 -12.52 7.50 -6.19
N ARG A 109 -11.55 8.13 -5.50
CA ARG A 109 -10.71 9.15 -6.12
C ARG A 109 -9.87 8.56 -7.24
N LEU A 110 -9.26 7.38 -7.03
CA LEU A 110 -8.42 6.76 -8.06
C LEU A 110 -9.26 6.30 -9.24
N CYS A 111 -10.51 5.85 -9.02
CA CYS A 111 -11.43 5.54 -10.09
C CYS A 111 -11.63 6.76 -11.00
N GLU A 112 -11.71 7.98 -10.43
CA GLU A 112 -11.83 9.19 -11.24
C GLU A 112 -10.52 9.46 -12.00
N MET A 113 -9.36 9.26 -11.35
CA MET A 113 -8.05 9.46 -11.98
C MET A 113 -7.86 8.52 -13.17
N ALA A 114 -8.31 7.26 -13.06
CA ALA A 114 -8.14 6.25 -14.08
C ALA A 114 -9.32 5.27 -14.08
N PRO A 115 -10.43 5.58 -14.79
CA PRO A 115 -11.54 4.65 -14.96
C PRO A 115 -11.12 3.32 -15.59
N GLU A 116 -10.01 3.31 -16.35
CA GLU A 116 -9.40 2.09 -16.89
C GLU A 116 -9.11 1.06 -15.79
N MET A 117 -8.82 1.54 -14.58
CA MET A 117 -8.47 0.72 -13.43
C MET A 117 -9.65 0.56 -12.46
N ARG A 118 -10.86 1.01 -12.81
CA ARG A 118 -12.06 0.76 -12.01
C ARG A 118 -12.20 -0.74 -11.79
N GLY A 119 -12.48 -1.16 -10.56
CA GLY A 119 -12.55 -2.57 -10.16
C GLY A 119 -11.17 -3.19 -9.95
N LYS A 120 -10.17 -2.85 -10.77
CA LYS A 120 -8.78 -3.21 -10.56
C LYS A 120 -8.17 -2.43 -9.39
N VAL A 121 -8.81 -1.37 -8.89
CA VAL A 121 -8.43 -0.70 -7.66
C VAL A 121 -9.31 -1.22 -6.51
N MET A 122 -8.70 -1.55 -5.38
CA MET A 122 -9.38 -2.10 -4.19
C MET A 122 -8.66 -1.60 -2.93
N LEU A 123 -9.17 -1.91 -1.73
CA LEU A 123 -8.47 -1.58 -0.47
C LEU A 123 -7.81 -2.81 0.15
N PHE A 124 -6.77 -2.56 0.92
CA PHE A 124 -5.95 -3.63 1.49
C PHE A 124 -6.74 -4.44 2.52
N GLY A 125 -7.63 -3.76 3.25
CA GLY A 125 -8.48 -4.40 4.26
C GLY A 125 -9.69 -5.14 3.68
N HIS A 126 -9.80 -5.25 2.35
CA HIS A 126 -10.81 -6.05 1.63
C HIS A 126 -11.19 -7.35 2.35
N TRP A 127 -10.19 -8.16 2.74
CA TRP A 127 -10.44 -9.50 3.26
C TRP A 127 -11.18 -9.49 4.61
N ASP A 128 -10.93 -8.49 5.46
CA ASP A 128 -11.51 -8.43 6.80
C ASP A 128 -12.80 -7.62 6.74
N ASN A 129 -13.76 -8.16 5.99
CA ASN A 129 -15.05 -7.52 5.72
C ASN A 129 -14.89 -6.06 5.27
N GLU A 130 -14.00 -5.86 4.29
CA GLU A 130 -13.71 -4.56 3.68
C GLU A 130 -13.51 -3.41 4.67
N CYS A 131 -12.82 -3.67 5.79
CA CYS A 131 -12.54 -2.65 6.79
C CYS A 131 -11.66 -1.54 6.19
N GLU A 132 -12.00 -0.27 6.45
CA GLU A 132 -11.13 0.84 6.12
C GLU A 132 -10.02 0.86 7.17
N ILE A 133 -8.77 1.00 6.74
CA ILE A 133 -7.62 0.96 7.63
C ILE A 133 -7.38 2.40 8.14
N PRO A 134 -7.04 2.59 9.44
CA PRO A 134 -6.73 3.92 9.98
C PRO A 134 -5.54 4.57 9.25
N ASP A 135 -5.36 5.88 9.47
CA ASP A 135 -4.28 6.68 8.86
C ASP A 135 -3.36 7.21 9.96
N PRO A 136 -2.10 6.74 10.05
CA PRO A 136 -1.20 7.10 11.14
C PRO A 136 -0.40 8.38 10.86
N TYR A 137 -0.50 8.99 9.67
CA TYR A 137 0.35 10.08 9.17
C TYR A 137 0.67 11.19 10.19
N ARG A 138 -0.29 11.57 11.05
CA ARG A 138 -0.11 12.66 12.01
C ARG A 138 -0.34 12.22 13.46
N LYS A 139 -0.25 10.91 13.74
CA LYS A 139 -0.60 10.34 15.03
C LYS A 139 0.60 9.62 15.66
N SER A 140 0.44 9.17 16.90
CA SER A 140 1.52 8.62 17.71
C SER A 140 2.05 7.29 17.16
N ARG A 141 3.23 6.86 17.64
CA ARG A 141 3.81 5.57 17.24
C ARG A 141 2.88 4.39 17.53
N GLU A 142 2.02 4.49 18.55
CA GLU A 142 1.02 3.46 18.84
C GLU A 142 0.07 3.29 17.64
N THR A 143 -0.30 4.38 16.98
CA THR A 143 -1.15 4.31 15.80
C THR A 143 -0.36 3.67 14.65
N PHE A 144 0.92 4.03 14.46
CA PHE A 144 1.75 3.37 13.45
C PHE A 144 1.85 1.87 13.73
N ALA A 145 1.97 1.44 14.98
CA ALA A 145 2.04 0.02 15.34
C ALA A 145 0.71 -0.69 15.04
N ALA A 146 -0.42 -0.08 15.39
CA ALA A 146 -1.74 -0.64 15.10
C ALA A 146 -1.93 -0.79 13.58
N VAL A 147 -1.64 0.28 12.83
CA VAL A 147 -1.75 0.27 11.38
C VAL A 147 -0.79 -0.75 10.79
N TYR A 148 0.46 -0.85 11.26
CA TYR A 148 1.41 -1.85 10.77
C TYR A 148 0.84 -3.25 10.98
N THR A 149 0.27 -3.53 12.15
CA THR A 149 -0.29 -4.84 12.45
C THR A 149 -1.44 -5.15 11.48
N LEU A 150 -2.32 -4.18 11.23
CA LEU A 150 -3.45 -4.35 10.31
C LEU A 150 -2.96 -4.50 8.86
N LEU A 151 -1.91 -3.77 8.46
CA LEU A 151 -1.24 -3.96 7.18
C LEU A 151 -0.59 -5.33 7.09
N GLU A 152 -0.02 -5.87 8.17
CA GLU A 152 0.60 -7.19 8.16
C GLU A 152 -0.49 -8.23 7.90
N ARG A 153 -1.60 -8.19 8.63
CA ARG A 153 -2.73 -9.10 8.40
C ARG A 153 -3.22 -8.98 6.96
N SER A 154 -3.38 -7.75 6.47
CA SER A 154 -3.84 -7.52 5.11
C SER A 154 -2.85 -8.14 4.12
N ALA A 155 -1.55 -7.85 4.26
CA ALA A 155 -0.51 -8.37 3.37
C ALA A 155 -0.46 -9.90 3.43
N ARG A 156 -0.66 -10.49 4.61
CA ARG A 156 -0.69 -11.94 4.80
C ARG A 156 -1.88 -12.54 4.05
N GLN A 157 -3.06 -11.92 4.12
CA GLN A 157 -4.26 -12.37 3.42
C GLN A 157 -4.07 -12.23 1.90
N TRP A 158 -3.52 -11.11 1.43
CA TRP A 158 -3.20 -10.94 0.01
C TRP A 158 -2.14 -11.95 -0.43
N ALA A 159 -1.13 -12.25 0.39
CA ALA A 159 -0.13 -13.26 0.07
C ALA A 159 -0.76 -14.65 -0.03
N GLN A 160 -1.66 -14.99 0.89
CA GLN A 160 -2.44 -16.23 0.85
C GLN A 160 -3.19 -16.36 -0.48
N ALA A 161 -3.71 -15.24 -1.02
CA ALA A 161 -4.43 -15.27 -2.28
C ALA A 161 -3.45 -15.40 -3.44
N LEU A 162 -2.42 -14.55 -3.49
CA LEU A 162 -1.35 -14.53 -4.49
C LEU A 162 -0.71 -15.91 -4.63
N ASN A 163 -0.53 -16.64 -3.51
CA ASN A 163 0.01 -18.00 -3.48
C ASN A 163 -0.80 -19.00 -4.30
N ALA A 164 -2.05 -18.69 -4.67
CA ALA A 164 -2.90 -19.51 -5.53
C ALA A 164 -3.59 -18.69 -6.62
N GLU A 165 -2.99 -17.57 -7.00
CA GLU A 165 -3.49 -16.66 -8.02
C GLU A 165 -2.90 -17.05 -9.38
N GLN A 166 -3.03 -18.34 -9.73
CA GLN A 166 -2.57 -18.92 -10.96
C GLN A 166 -3.71 -19.77 -11.52
N VAL A 167 -3.82 -19.75 -12.85
CA VAL A 167 -4.94 -20.27 -13.62
C VAL A 167 -4.40 -20.84 -14.93
N MET A 21 -1.26 -14.27 -13.65
CA MET A 21 -0.78 -13.71 -12.36
C MET A 21 -0.50 -12.21 -12.56
N PHE A 22 -0.97 -11.35 -11.64
CA PHE A 22 -0.86 -9.89 -11.77
C PHE A 22 0.58 -9.41 -11.93
N ASN A 23 1.54 -10.08 -11.26
CA ASN A 23 3.00 -9.86 -11.27
C ASN A 23 3.48 -8.50 -10.75
N ASN A 24 2.79 -7.40 -11.08
CA ASN A 24 3.24 -6.05 -10.80
C ASN A 24 2.06 -5.26 -10.22
N ILE A 25 2.28 -4.73 -9.01
CA ILE A 25 1.25 -4.13 -8.18
C ILE A 25 1.74 -2.77 -7.70
N LEU A 26 0.80 -1.87 -7.43
CA LEU A 26 1.10 -0.51 -6.98
C LEU A 26 0.15 -0.18 -5.84
N VAL A 27 0.73 0.25 -4.70
CA VAL A 27 -0.04 0.62 -3.52
C VAL A 27 -0.25 2.14 -3.56
N VAL A 28 -1.44 2.59 -3.19
CA VAL A 28 -1.76 4.01 -3.09
C VAL A 28 -2.36 4.27 -1.71
N CYS A 29 -1.84 5.29 -1.01
CA CYS A 29 -2.42 5.77 0.25
C CYS A 29 -2.58 7.28 0.19
N VAL A 30 -3.15 7.95 1.20
CA VAL A 30 -3.07 9.41 1.24
C VAL A 30 -1.69 9.79 1.80
N GLY A 31 -1.24 9.15 2.88
CA GLY A 31 0.10 9.38 3.43
C GLY A 31 1.08 8.36 2.86
N ASN A 32 1.42 8.55 1.57
CA ASN A 32 2.45 7.74 0.90
C ASN A 32 3.71 7.58 1.74
N ILE A 33 4.17 8.63 2.42
CA ILE A 33 5.38 8.58 3.25
C ILE A 33 5.30 7.58 4.43
N CYS A 34 4.16 6.91 4.64
CA CYS A 34 3.94 6.01 5.76
C CYS A 34 3.39 4.65 5.31
N ARG A 35 2.16 4.61 4.80
CA ARG A 35 1.46 3.33 4.57
C ARG A 35 1.94 2.61 3.32
N SER A 36 2.05 3.30 2.19
CA SER A 36 2.36 2.64 0.92
C SER A 36 3.64 1.78 1.00
N PRO A 37 4.81 2.29 1.44
CA PRO A 37 6.03 1.48 1.48
C PRO A 37 5.95 0.39 2.54
N THR A 38 5.17 0.58 3.61
CA THR A 38 4.98 -0.46 4.62
C THR A 38 4.25 -1.64 3.99
N ALA A 39 3.11 -1.41 3.32
CA ALA A 39 2.37 -2.48 2.65
C ALA A 39 3.18 -3.10 1.53
N GLU A 40 3.86 -2.28 0.73
CA GLU A 40 4.72 -2.73 -0.36
C GLU A 40 5.74 -3.73 0.16
N ARG A 41 6.52 -3.35 1.17
CA ARG A 41 7.57 -4.21 1.68
C ARG A 41 6.98 -5.45 2.35
N LEU A 42 5.86 -5.35 3.04
CA LEU A 42 5.19 -6.50 3.63
C LEU A 42 4.81 -7.50 2.54
N LEU A 43 4.20 -7.03 1.45
CA LEU A 43 3.81 -7.88 0.31
C LEU A 43 5.04 -8.55 -0.29
N GLN A 44 6.15 -7.82 -0.44
CA GLN A 44 7.37 -8.39 -0.97
C GLN A 44 8.05 -9.36 0.01
N ARG A 45 7.89 -9.17 1.33
CA ARG A 45 8.38 -10.14 2.31
C ARG A 45 7.66 -11.47 2.10
N TYR A 46 6.35 -11.42 1.86
CA TYR A 46 5.58 -12.62 1.53
C TYR A 46 5.92 -13.17 0.13
N HIS A 47 6.25 -12.33 -0.86
CA HIS A 47 6.52 -12.77 -2.23
C HIS A 47 7.69 -11.98 -2.81
N PRO A 48 8.96 -12.38 -2.55
CA PRO A 48 10.15 -11.69 -3.02
C PRO A 48 10.20 -11.49 -4.55
N GLU A 49 9.51 -12.33 -5.33
CA GLU A 49 9.50 -12.27 -6.78
C GLU A 49 8.40 -11.34 -7.31
N LEU A 50 7.46 -10.91 -6.46
CA LEU A 50 6.38 -10.02 -6.84
C LEU A 50 6.95 -8.61 -6.97
N LYS A 51 6.59 -7.88 -8.03
CA LYS A 51 6.99 -6.49 -8.15
C LYS A 51 5.91 -5.67 -7.45
N VAL A 52 6.31 -4.85 -6.47
CA VAL A 52 5.38 -3.98 -5.77
C VAL A 52 6.08 -2.64 -5.61
N GLU A 53 5.36 -1.55 -5.86
CA GLU A 53 5.84 -0.19 -5.63
C GLU A 53 4.73 0.63 -4.97
N SER A 54 5.01 1.91 -4.70
CA SER A 54 4.15 2.77 -3.89
C SER A 54 3.91 4.12 -4.55
N ALA A 55 2.81 4.78 -4.17
CA ALA A 55 2.48 6.17 -4.51
C ALA A 55 1.42 6.66 -3.52
N GLY A 56 0.89 7.87 -3.70
CA GLY A 56 -0.27 8.31 -2.93
C GLY A 56 -1.04 9.49 -3.50
N LEU A 57 -2.29 9.62 -3.04
CA LEU A 57 -3.18 10.71 -3.46
C LEU A 57 -2.72 12.05 -2.92
N GLY A 58 -2.23 12.07 -1.67
CA GLY A 58 -1.71 13.27 -1.02
C GLY A 58 -0.24 13.10 -0.68
N ALA A 59 0.48 12.41 -1.56
CA ALA A 59 1.89 12.09 -1.35
C ALA A 59 2.75 13.37 -1.32
N LEU A 60 4.00 13.18 -0.90
CA LEU A 60 4.97 14.27 -0.76
C LEU A 60 6.19 13.85 -1.58
N VAL A 61 6.19 14.22 -2.86
CA VAL A 61 7.21 13.81 -3.81
C VAL A 61 8.62 14.04 -3.25
N GLY A 62 9.40 12.96 -3.13
CA GLY A 62 10.82 13.02 -2.78
C GLY A 62 11.12 13.12 -1.29
N LYS A 63 10.12 13.09 -0.39
CA LYS A 63 10.36 13.40 1.04
C LYS A 63 10.97 12.25 1.84
N GLY A 64 11.07 11.04 1.28
CA GLY A 64 11.50 9.89 2.05
C GLY A 64 10.32 9.34 2.85
N ALA A 65 10.51 8.15 3.44
CA ALA A 65 9.57 7.60 4.40
C ALA A 65 9.64 8.42 5.71
N ASP A 66 8.54 8.46 6.45
CA ASP A 66 8.46 9.16 7.73
C ASP A 66 9.28 8.41 8.77
N PRO A 67 10.11 9.09 9.61
CA PRO A 67 10.88 8.44 10.65
C PRO A 67 10.09 7.49 11.57
N THR A 68 8.81 7.75 11.80
CA THR A 68 7.99 6.91 12.68
C THR A 68 7.67 5.60 11.97
N ALA A 69 7.36 5.67 10.67
CA ALA A 69 7.12 4.49 9.86
C ALA A 69 8.40 3.64 9.80
N ILE A 70 9.55 4.28 9.56
CA ILE A 70 10.85 3.61 9.55
C ILE A 70 11.08 2.94 10.92
N SER A 71 10.87 3.66 12.03
CA SER A 71 11.18 3.14 13.36
C SER A 71 10.27 1.97 13.75
N VAL A 72 8.99 2.00 13.36
CA VAL A 72 8.09 0.87 13.57
C VAL A 72 8.52 -0.29 12.67
N ALA A 73 8.83 -0.04 11.39
CA ALA A 73 9.23 -1.12 10.49
C ALA A 73 10.56 -1.74 10.95
N ALA A 74 11.46 -0.95 11.54
CA ALA A 74 12.71 -1.44 12.11
C ALA A 74 12.46 -2.35 13.31
N GLU A 75 11.43 -2.10 14.12
CA GLU A 75 11.03 -3.00 15.21
C GLU A 75 10.57 -4.36 14.66
N HIS A 76 10.06 -4.39 13.42
CA HIS A 76 9.73 -5.60 12.68
C HIS A 76 10.86 -6.02 11.72
N GLN A 77 12.05 -5.43 11.90
CA GLN A 77 13.24 -5.70 11.10
C GLN A 77 12.94 -5.74 9.60
N LEU A 78 12.30 -4.69 9.09
CA LEU A 78 12.07 -4.51 7.66
C LEU A 78 12.51 -3.11 7.29
N SER A 79 13.57 -2.99 6.49
CA SER A 79 14.18 -1.72 6.17
C SER A 79 13.39 -1.00 5.06
N LEU A 80 12.54 -0.02 5.43
CA LEU A 80 11.92 0.88 4.44
C LEU A 80 13.00 1.74 3.76
N GLU A 81 14.09 1.98 4.48
CA GLU A 81 15.32 2.64 4.00
C GLU A 81 15.13 4.12 3.67
N GLY A 82 14.36 4.44 2.62
CA GLY A 82 14.29 5.80 2.08
C GLY A 82 13.42 5.85 0.84
N HIS A 83 12.21 5.28 0.93
CA HIS A 83 11.23 5.26 -0.15
C HIS A 83 10.97 6.68 -0.61
N CYS A 84 11.28 6.93 -1.89
CA CYS A 84 11.03 8.19 -2.54
C CYS A 84 9.54 8.24 -2.91
N ALA A 85 8.74 8.85 -2.03
CA ALA A 85 7.32 9.07 -2.26
C ALA A 85 7.08 9.90 -3.53
N ARG A 86 5.88 9.79 -4.08
CA ARG A 86 5.51 10.37 -5.39
C ARG A 86 4.00 10.39 -5.49
N GLN A 87 3.42 11.40 -6.12
CA GLN A 87 1.97 11.46 -6.24
C GLN A 87 1.51 10.46 -7.28
N ILE A 88 0.37 9.82 -6.99
CA ILE A 88 -0.32 9.00 -7.97
C ILE A 88 -0.73 9.90 -9.13
N SER A 89 -0.57 9.38 -10.33
CA SER A 89 -0.89 10.07 -11.58
C SER A 89 -1.47 9.00 -12.52
N ARG A 90 -2.29 9.38 -13.49
CA ARG A 90 -3.04 8.43 -14.33
C ARG A 90 -2.11 7.42 -15.00
N ARG A 91 -0.94 7.89 -15.48
CA ARG A 91 0.06 7.02 -16.09
C ARG A 91 0.50 5.93 -15.12
N LEU A 92 0.85 6.28 -13.88
CA LEU A 92 1.26 5.29 -12.87
C LEU A 92 0.08 4.39 -12.52
N CYS A 93 -1.13 4.93 -12.40
CA CYS A 93 -2.30 4.15 -12.04
C CYS A 93 -2.50 3.00 -13.03
N ARG A 94 -2.26 3.22 -14.34
CA ARG A 94 -2.40 2.17 -15.35
C ARG A 94 -1.08 1.47 -15.69
N ASN A 95 0.06 1.90 -15.12
CA ASN A 95 1.38 1.32 -15.38
C ASN A 95 1.52 -0.08 -14.77
N TYR A 96 0.77 -0.37 -13.71
CA TYR A 96 0.82 -1.65 -13.00
C TYR A 96 -0.52 -2.34 -13.22
N ASP A 97 -0.58 -3.68 -13.12
CA ASP A 97 -1.76 -4.44 -13.54
C ASP A 97 -2.84 -4.56 -12.47
N LEU A 98 -2.52 -4.29 -11.21
CA LEU A 98 -3.43 -4.46 -10.09
C LEU A 98 -3.04 -3.42 -9.05
N ILE A 99 -4.01 -2.64 -8.58
CA ILE A 99 -3.74 -1.47 -7.75
C ILE A 99 -4.43 -1.73 -6.42
N LEU A 100 -3.76 -1.40 -5.32
CA LEU A 100 -4.26 -1.65 -3.98
C LEU A 100 -4.25 -0.33 -3.23
N THR A 101 -5.29 -0.11 -2.43
CA THR A 101 -5.40 1.11 -1.64
C THR A 101 -6.09 0.78 -0.31
N MET A 102 -6.07 1.71 0.64
CA MET A 102 -6.46 1.41 2.02
C MET A 102 -7.88 1.82 2.37
N GLU A 103 -8.53 2.61 1.51
CA GLU A 103 -9.80 3.24 1.85
C GLU A 103 -10.70 3.27 0.60
N LYS A 104 -12.01 3.13 0.78
CA LYS A 104 -12.97 3.12 -0.32
C LYS A 104 -13.01 4.47 -1.02
N ARG A 105 -12.86 5.58 -0.30
CA ARG A 105 -12.76 6.90 -0.92
C ARG A 105 -11.52 7.01 -1.81
N HIS A 106 -10.42 6.31 -1.50
CA HIS A 106 -9.26 6.28 -2.39
C HIS A 106 -9.60 5.47 -3.65
N ILE A 107 -10.31 4.34 -3.53
CA ILE A 107 -10.75 3.57 -4.69
C ILE A 107 -11.57 4.50 -5.60
N GLU A 108 -12.52 5.24 -5.03
CA GLU A 108 -13.40 6.11 -5.80
C GLU A 108 -12.58 7.16 -6.55
N ARG A 109 -11.65 7.84 -5.87
CA ARG A 109 -10.78 8.83 -6.50
C ARG A 109 -9.97 8.21 -7.63
N LEU A 110 -9.40 7.02 -7.42
CA LEU A 110 -8.57 6.37 -8.42
C LEU A 110 -9.39 5.94 -9.63
N CYS A 111 -10.64 5.47 -9.42
CA CYS A 111 -11.53 5.14 -10.52
C CYS A 111 -11.89 6.39 -11.33
N GLU A 112 -12.08 7.54 -10.67
CA GLU A 112 -12.34 8.80 -11.37
C GLU A 112 -11.10 9.26 -12.14
N MET A 113 -9.89 9.09 -11.58
CA MET A 113 -8.64 9.46 -12.24
C MET A 113 -8.34 8.55 -13.43
N ALA A 114 -8.65 7.25 -13.32
CA ALA A 114 -8.31 6.26 -14.33
C ALA A 114 -9.47 5.26 -14.48
N PRO A 115 -10.55 5.60 -15.22
CA PRO A 115 -11.62 4.67 -15.54
C PRO A 115 -11.12 3.34 -16.13
N GLU A 116 -10.00 3.36 -16.85
CA GLU A 116 -9.36 2.17 -17.41
C GLU A 116 -8.91 1.16 -16.32
N MET A 117 -8.83 1.59 -15.05
CA MET A 117 -8.46 0.75 -13.91
C MET A 117 -9.63 0.61 -12.93
N ARG A 118 -10.85 1.08 -13.28
CA ARG A 118 -12.03 0.88 -12.45
C ARG A 118 -12.21 -0.62 -12.21
N GLY A 119 -12.29 -1.02 -10.94
CA GLY A 119 -12.39 -2.42 -10.53
C GLY A 119 -11.04 -3.14 -10.44
N LYS A 120 -10.00 -2.67 -11.14
CA LYS A 120 -8.63 -3.14 -10.97
C LYS A 120 -7.97 -2.47 -9.76
N VAL A 121 -8.58 -1.42 -9.21
CA VAL A 121 -8.20 -0.84 -7.93
C VAL A 121 -9.07 -1.57 -6.89
N MET A 122 -8.49 -2.06 -5.79
CA MET A 122 -9.24 -2.78 -4.75
C MET A 122 -8.70 -2.45 -3.36
N LEU A 123 -9.53 -2.72 -2.34
CA LEU A 123 -9.22 -2.42 -0.95
C LEU A 123 -8.20 -3.43 -0.42
N PHE A 124 -7.21 -2.97 0.33
CA PHE A 124 -6.21 -3.83 0.95
C PHE A 124 -6.84 -4.70 2.02
N GLY A 125 -7.79 -4.15 2.79
CA GLY A 125 -8.52 -4.86 3.83
C GLY A 125 -9.78 -5.55 3.30
N HIS A 126 -9.91 -5.78 1.99
CA HIS A 126 -11.09 -6.45 1.40
C HIS A 126 -11.37 -7.78 2.10
N TRP A 127 -10.32 -8.57 2.34
CA TRP A 127 -10.44 -9.88 2.96
C TRP A 127 -10.90 -9.80 4.42
N ASP A 128 -10.59 -8.68 5.08
CA ASP A 128 -10.96 -8.43 6.47
C ASP A 128 -12.34 -7.77 6.50
N ASN A 129 -13.30 -8.43 5.84
CA ASN A 129 -14.69 -7.97 5.76
C ASN A 129 -14.78 -6.51 5.30
N GLU A 130 -14.00 -6.19 4.25
CA GLU A 130 -13.90 -4.84 3.66
C GLU A 130 -13.64 -3.73 4.70
N CYS A 131 -12.85 -4.04 5.73
CA CYS A 131 -12.44 -3.05 6.71
C CYS A 131 -11.49 -2.05 6.03
N GLU A 132 -11.82 -0.75 6.11
CA GLU A 132 -10.90 0.30 5.70
C GLU A 132 -9.79 0.40 6.76
N ILE A 133 -8.70 1.10 6.42
CA ILE A 133 -7.54 1.22 7.30
C ILE A 133 -7.32 2.73 7.53
N PRO A 134 -7.04 3.18 8.76
CA PRO A 134 -6.78 4.59 9.04
C PRO A 134 -5.39 5.01 8.55
N ASP A 135 -5.14 6.31 8.37
CA ASP A 135 -3.83 6.83 7.98
C ASP A 135 -3.10 7.34 9.24
N PRO A 136 -1.85 6.90 9.51
CA PRO A 136 -1.15 7.31 10.70
C PRO A 136 -0.61 8.74 10.61
N TYR A 137 -0.50 9.33 9.40
CA TYR A 137 0.08 10.63 9.08
C TYR A 137 1.25 11.07 9.99
N ARG A 138 0.99 11.71 11.15
CA ARG A 138 2.02 12.11 12.12
C ARG A 138 1.58 11.82 13.57
N LYS A 139 0.65 10.88 13.75
CA LYS A 139 0.13 10.48 15.05
C LYS A 139 1.21 9.75 15.87
N SER A 140 0.85 9.33 17.09
CA SER A 140 1.77 8.67 18.00
C SER A 140 2.31 7.35 17.41
N ARG A 141 3.49 6.92 17.87
CA ARG A 141 4.13 5.69 17.39
C ARG A 141 3.24 4.47 17.62
N GLU A 142 2.45 4.45 18.68
CA GLU A 142 1.50 3.37 18.95
C GLU A 142 0.48 3.24 17.81
N THR A 143 0.05 4.36 17.23
CA THR A 143 -0.87 4.35 16.11
C THR A 143 -0.17 3.83 14.86
N PHE A 144 1.10 4.19 14.63
CA PHE A 144 1.89 3.59 13.54
C PHE A 144 2.02 2.09 13.73
N ALA A 145 2.21 1.59 14.96
CA ALA A 145 2.29 0.16 15.24
C ALA A 145 0.95 -0.53 14.97
N ALA A 146 -0.17 0.09 15.36
CA ALA A 146 -1.50 -0.43 15.07
C ALA A 146 -1.72 -0.52 13.55
N VAL A 147 -1.38 0.54 12.82
CA VAL A 147 -1.46 0.54 11.37
C VAL A 147 -0.55 -0.54 10.79
N TYR A 148 0.70 -0.69 11.26
CA TYR A 148 1.59 -1.73 10.76
C TYR A 148 0.95 -3.10 10.95
N THR A 149 0.35 -3.36 12.11
CA THR A 149 -0.28 -4.65 12.39
C THR A 149 -1.44 -4.89 11.42
N LEU A 150 -2.28 -3.87 11.18
CA LEU A 150 -3.44 -3.98 10.29
C LEU A 150 -3.00 -4.13 8.83
N LEU A 151 -1.92 -3.47 8.42
CA LEU A 151 -1.30 -3.64 7.10
C LEU A 151 -0.68 -5.03 6.99
N GLU A 152 -0.06 -5.56 8.04
CA GLU A 152 0.54 -6.90 8.01
C GLU A 152 -0.55 -7.94 7.79
N ARG A 153 -1.68 -7.85 8.51
CA ARG A 153 -2.82 -8.73 8.28
C ARG A 153 -3.28 -8.63 6.83
N SER A 154 -3.49 -7.41 6.35
CA SER A 154 -4.02 -7.17 5.02
C SER A 154 -3.06 -7.74 3.95
N ALA A 155 -1.75 -7.53 4.12
CA ALA A 155 -0.73 -8.06 3.23
C ALA A 155 -0.70 -9.59 3.29
N ARG A 156 -0.84 -10.18 4.47
CA ARG A 156 -0.85 -11.64 4.63
C ARG A 156 -2.06 -12.24 3.92
N GLN A 157 -3.22 -11.62 4.06
CA GLN A 157 -4.45 -12.08 3.39
C GLN A 157 -4.29 -11.95 1.87
N TRP A 158 -3.78 -10.81 1.38
CA TRP A 158 -3.51 -10.65 -0.05
C TRP A 158 -2.51 -11.70 -0.55
N ALA A 159 -1.43 -11.94 0.18
CA ALA A 159 -0.45 -12.97 -0.18
C ALA A 159 -1.09 -14.36 -0.21
N GLN A 160 -1.91 -14.69 0.80
CA GLN A 160 -2.61 -15.97 0.88
C GLN A 160 -3.51 -16.17 -0.34
N ALA A 161 -4.14 -15.11 -0.85
CA ALA A 161 -4.97 -15.19 -2.03
C ALA A 161 -4.09 -15.35 -3.28
N LEU A 162 -3.08 -14.48 -3.44
CA LEU A 162 -2.15 -14.51 -4.58
C LEU A 162 -1.48 -15.87 -4.73
N ASN A 163 -1.17 -16.54 -3.61
CA ASN A 163 -0.55 -17.87 -3.57
C ASN A 163 -1.51 -19.00 -3.98
N ALA A 164 -2.79 -18.71 -4.20
CA ALA A 164 -3.84 -19.71 -4.46
C ALA A 164 -4.91 -19.18 -5.43
N GLU A 165 -4.49 -18.38 -6.41
CA GLU A 165 -5.36 -17.80 -7.44
C GLU A 165 -4.68 -17.90 -8.82
N GLN A 166 -3.87 -18.95 -8.98
CA GLN A 166 -3.30 -19.37 -10.24
C GLN A 166 -4.42 -19.89 -11.14
N VAL A 167 -4.24 -19.68 -12.44
CA VAL A 167 -5.24 -19.88 -13.49
C VAL A 167 -4.51 -20.33 -14.75
N MET A 21 -2.55 -13.30 -13.54
CA MET A 21 -1.98 -13.19 -12.18
C MET A 21 -1.48 -11.76 -11.95
N PHE A 22 -1.84 -11.15 -10.81
CA PHE A 22 -1.56 -9.76 -10.48
C PHE A 22 -0.09 -9.55 -10.06
N ASN A 23 0.87 -10.01 -10.87
CA ASN A 23 2.28 -10.06 -10.46
C ASN A 23 2.88 -8.67 -10.18
N ASN A 24 2.28 -7.61 -10.73
CA ASN A 24 2.79 -6.24 -10.61
C ASN A 24 1.67 -5.35 -10.07
N ILE A 25 1.95 -4.66 -8.96
CA ILE A 25 0.96 -3.96 -8.15
C ILE A 25 1.49 -2.56 -7.79
N LEU A 26 0.58 -1.59 -7.63
CA LEU A 26 0.92 -0.24 -7.17
C LEU A 26 0.06 0.09 -5.96
N VAL A 27 0.70 0.32 -4.81
CA VAL A 27 0.01 0.71 -3.59
C VAL A 27 -0.17 2.23 -3.60
N VAL A 28 -1.29 2.72 -3.07
CA VAL A 28 -1.65 4.13 -3.11
C VAL A 28 -2.27 4.53 -1.77
N CYS A 29 -1.77 5.61 -1.16
CA CYS A 29 -2.34 6.16 0.08
C CYS A 29 -2.38 7.70 0.01
N VAL A 30 -2.92 8.34 1.05
CA VAL A 30 -2.77 9.79 1.19
C VAL A 30 -1.52 9.98 2.08
N GLY A 31 -0.76 11.06 1.90
CA GLY A 31 0.51 11.27 2.60
C GLY A 31 1.64 10.42 2.00
N ASN A 32 1.35 9.16 1.69
CA ASN A 32 2.22 8.22 0.95
C ASN A 32 3.40 7.70 1.77
N ILE A 33 4.10 8.57 2.50
CA ILE A 33 5.36 8.31 3.18
C ILE A 33 5.36 7.18 4.22
N CYS A 34 4.22 6.56 4.54
CA CYS A 34 4.09 5.63 5.65
C CYS A 34 3.38 4.34 5.24
N ARG A 35 2.09 4.40 4.90
CA ARG A 35 1.33 3.18 4.62
C ARG A 35 1.80 2.52 3.33
N SER A 36 2.01 3.27 2.25
CA SER A 36 2.39 2.70 0.97
C SER A 36 3.68 1.85 1.07
N PRO A 37 4.81 2.34 1.60
CA PRO A 37 6.02 1.54 1.70
C PRO A 37 5.87 0.38 2.70
N THR A 38 5.09 0.55 3.77
CA THR A 38 4.89 -0.51 4.74
C THR A 38 4.20 -1.70 4.04
N ALA A 39 3.10 -1.44 3.33
CA ALA A 39 2.37 -2.50 2.62
C ALA A 39 3.23 -3.08 1.50
N GLU A 40 3.88 -2.24 0.71
CA GLU A 40 4.74 -2.66 -0.40
C GLU A 40 5.77 -3.66 0.11
N ARG A 41 6.56 -3.28 1.10
CA ARG A 41 7.68 -4.10 1.54
C ARG A 41 7.20 -5.36 2.25
N LEU A 42 6.10 -5.31 3.00
CA LEU A 42 5.53 -6.51 3.61
C LEU A 42 5.07 -7.48 2.54
N LEU A 43 4.45 -7.00 1.46
CA LEU A 43 4.07 -7.84 0.32
C LEU A 43 5.31 -8.46 -0.32
N GLN A 44 6.40 -7.71 -0.47
CA GLN A 44 7.66 -8.25 -0.99
C GLN A 44 8.17 -9.36 -0.06
N ARG A 45 8.18 -9.15 1.25
CA ARG A 45 8.65 -10.13 2.23
C ARG A 45 7.83 -11.41 2.13
N TYR A 46 6.50 -11.31 2.16
CA TYR A 46 5.65 -12.49 2.22
C TYR A 46 5.52 -13.20 0.86
N HIS A 47 5.86 -12.53 -0.26
CA HIS A 47 5.77 -13.12 -1.59
C HIS A 47 6.92 -12.57 -2.47
N PRO A 48 8.16 -13.09 -2.34
CA PRO A 48 9.32 -12.62 -3.08
C PRO A 48 9.18 -12.60 -4.61
N GLU A 49 8.31 -13.44 -5.18
CA GLU A 49 8.08 -13.51 -6.63
C GLU A 49 7.31 -12.29 -7.16
N LEU A 50 6.75 -11.47 -6.26
CA LEU A 50 5.83 -10.40 -6.58
C LEU A 50 6.59 -9.09 -6.82
N LYS A 51 5.99 -8.19 -7.60
CA LYS A 51 6.45 -6.82 -7.75
C LYS A 51 5.37 -5.93 -7.16
N VAL A 52 5.77 -5.05 -6.24
CA VAL A 52 4.92 -4.02 -5.71
C VAL A 52 5.75 -2.75 -5.68
N GLU A 53 5.11 -1.61 -5.91
CA GLU A 53 5.73 -0.30 -5.72
C GLU A 53 4.71 0.62 -5.06
N SER A 54 5.08 1.86 -4.73
CA SER A 54 4.26 2.73 -3.89
C SER A 54 4.11 4.14 -4.49
N ALA A 55 2.96 4.77 -4.22
CA ALA A 55 2.67 6.15 -4.61
C ALA A 55 1.54 6.67 -3.69
N GLY A 56 1.03 7.87 -3.97
CA GLY A 56 -0.13 8.38 -3.25
C GLY A 56 -0.93 9.43 -3.99
N LEU A 57 -2.21 9.56 -3.61
CA LEU A 57 -3.13 10.53 -4.19
C LEU A 57 -2.68 11.94 -3.76
N GLY A 58 -2.56 12.13 -2.45
CA GLY A 58 -2.05 13.37 -1.86
C GLY A 58 -0.66 13.10 -1.30
N ALA A 59 0.23 12.61 -2.18
CA ALA A 59 1.59 12.27 -1.80
C ALA A 59 2.41 13.51 -1.40
N LEU A 60 3.57 13.25 -0.81
CA LEU A 60 4.45 14.29 -0.27
C LEU A 60 5.80 14.12 -0.95
N VAL A 61 5.83 14.37 -2.26
CA VAL A 61 6.98 14.06 -3.11
C VAL A 61 8.27 14.64 -2.53
N GLY A 62 9.30 13.80 -2.43
CA GLY A 62 10.64 14.22 -2.05
C GLY A 62 10.96 14.07 -0.56
N LYS A 63 9.98 13.70 0.28
CA LYS A 63 10.15 13.76 1.74
C LYS A 63 10.84 12.53 2.33
N GLY A 64 11.06 11.44 1.57
CA GLY A 64 11.50 10.19 2.14
C GLY A 64 10.38 9.51 2.92
N ALA A 65 10.63 8.27 3.35
CA ALA A 65 9.70 7.55 4.23
C ALA A 65 9.62 8.22 5.60
N ASP A 66 8.49 8.04 6.27
CA ASP A 66 8.22 8.65 7.57
C ASP A 66 9.10 8.05 8.67
N PRO A 67 9.73 8.85 9.54
CA PRO A 67 10.62 8.36 10.60
C PRO A 67 10.00 7.30 11.52
N THR A 68 8.72 7.41 11.86
CA THR A 68 8.08 6.47 12.79
C THR A 68 7.69 5.21 12.02
N ALA A 69 7.28 5.32 10.75
CA ALA A 69 7.08 4.14 9.90
C ALA A 69 8.38 3.35 9.78
N ILE A 70 9.49 4.04 9.51
CA ILE A 70 10.83 3.42 9.48
C ILE A 70 11.10 2.77 10.84
N SER A 71 10.87 3.45 11.95
CA SER A 71 11.20 2.93 13.28
C SER A 71 10.43 1.65 13.58
N VAL A 72 9.12 1.63 13.35
CA VAL A 72 8.30 0.44 13.55
C VAL A 72 8.80 -0.67 12.61
N ALA A 73 9.11 -0.37 11.35
CA ALA A 73 9.57 -1.39 10.41
C ALA A 73 10.96 -1.91 10.77
N ALA A 74 11.84 -1.07 11.33
CA ALA A 74 13.16 -1.48 11.78
C ALA A 74 13.06 -2.40 13.00
N GLU A 75 12.05 -2.22 13.84
CA GLU A 75 11.74 -3.15 14.94
C GLU A 75 11.25 -4.52 14.41
N HIS A 76 10.93 -4.62 13.11
CA HIS A 76 10.66 -5.87 12.39
C HIS A 76 11.73 -6.13 11.31
N GLN A 77 12.84 -5.39 11.38
CA GLN A 77 13.98 -5.48 10.48
C GLN A 77 13.56 -5.54 9.00
N LEU A 78 12.79 -4.54 8.56
CA LEU A 78 12.45 -4.38 7.14
C LEU A 78 12.75 -2.93 6.76
N SER A 79 13.63 -2.75 5.77
CA SER A 79 14.19 -1.45 5.43
C SER A 79 13.24 -0.66 4.50
N LEU A 80 12.42 0.23 5.08
CA LEU A 80 11.63 1.20 4.30
C LEU A 80 12.46 2.46 3.97
N GLU A 81 13.70 2.53 4.47
CA GLU A 81 14.52 3.73 4.47
C GLU A 81 14.66 4.43 3.11
N GLY A 82 14.70 3.70 1.98
CA GLY A 82 14.98 4.30 0.68
C GLY A 82 13.72 4.65 -0.11
N HIS A 83 12.51 4.38 0.41
CA HIS A 83 11.28 4.81 -0.24
C HIS A 83 11.23 6.34 -0.28
N CYS A 84 10.64 6.89 -1.34
CA CYS A 84 10.31 8.29 -1.42
C CYS A 84 8.92 8.40 -2.09
N ALA A 85 8.12 9.34 -1.60
CA ALA A 85 6.74 9.50 -2.04
C ALA A 85 6.65 10.03 -3.49
N ARG A 86 5.52 9.76 -4.14
CA ARG A 86 5.28 10.09 -5.55
C ARG A 86 3.79 10.36 -5.73
N GLN A 87 3.44 11.50 -6.33
CA GLN A 87 2.05 11.83 -6.63
C GLN A 87 1.63 10.96 -7.81
N ILE A 88 0.66 10.08 -7.55
CA ILE A 88 0.21 9.11 -8.52
C ILE A 88 -0.35 9.83 -9.74
N SER A 89 -0.20 9.19 -10.89
CA SER A 89 -0.63 9.72 -12.18
C SER A 89 -1.23 8.54 -12.94
N ARG A 90 -2.09 8.82 -13.92
CA ARG A 90 -2.73 7.79 -14.76
C ARG A 90 -1.66 6.97 -15.49
N ARG A 91 -0.54 7.60 -15.85
CA ARG A 91 0.62 6.92 -16.44
C ARG A 91 1.15 5.83 -15.51
N LEU A 92 1.36 6.18 -14.23
CA LEU A 92 1.80 5.21 -13.24
C LEU A 92 0.76 4.11 -13.09
N CYS A 93 -0.52 4.45 -13.06
CA CYS A 93 -1.56 3.44 -12.89
C CYS A 93 -1.47 2.42 -14.03
N ARG A 94 -1.42 2.88 -15.29
CA ARG A 94 -1.32 2.01 -16.46
C ARG A 94 -0.10 1.10 -16.40
N ASN A 95 0.99 1.53 -15.74
CA ASN A 95 2.21 0.72 -15.62
C ASN A 95 1.99 -0.56 -14.81
N TYR A 96 0.95 -0.63 -13.95
CA TYR A 96 0.70 -1.80 -13.10
C TYR A 96 -0.65 -2.46 -13.43
N ASP A 97 -0.95 -3.61 -12.81
CA ASP A 97 -2.11 -4.42 -13.20
C ASP A 97 -3.15 -4.54 -12.08
N LEU A 98 -2.81 -4.11 -10.86
CA LEU A 98 -3.71 -4.04 -9.72
C LEU A 98 -3.30 -2.80 -8.95
N ILE A 99 -4.24 -1.89 -8.70
CA ILE A 99 -4.00 -0.69 -7.93
C ILE A 99 -4.59 -1.00 -6.56
N LEU A 100 -3.81 -0.81 -5.50
CA LEU A 100 -4.16 -1.29 -4.17
C LEU A 100 -4.15 -0.12 -3.21
N THR A 101 -5.18 0.03 -2.40
CA THR A 101 -5.30 1.17 -1.49
C THR A 101 -6.03 0.72 -0.23
N MET A 102 -6.11 1.54 0.81
CA MET A 102 -6.58 1.12 2.12
C MET A 102 -7.90 1.76 2.51
N GLU A 103 -8.45 2.65 1.68
CA GLU A 103 -9.65 3.40 2.03
C GLU A 103 -10.57 3.54 0.82
N LYS A 104 -11.88 3.49 1.06
CA LYS A 104 -12.86 3.37 -0.03
C LYS A 104 -12.99 4.69 -0.82
N ARG A 105 -12.82 5.85 -0.18
CA ARG A 105 -12.72 7.12 -0.93
C ARG A 105 -11.47 7.18 -1.80
N HIS A 106 -10.37 6.52 -1.42
CA HIS A 106 -9.21 6.45 -2.32
C HIS A 106 -9.55 5.62 -3.54
N ILE A 107 -10.29 4.51 -3.39
CA ILE A 107 -10.78 3.73 -4.53
C ILE A 107 -11.61 4.66 -5.43
N GLU A 108 -12.55 5.40 -4.85
CA GLU A 108 -13.46 6.25 -5.63
C GLU A 108 -12.66 7.29 -6.43
N ARG A 109 -11.67 7.95 -5.81
CA ARG A 109 -10.84 8.93 -6.51
C ARG A 109 -10.03 8.26 -7.62
N LEU A 110 -9.46 7.07 -7.38
CA LEU A 110 -8.65 6.38 -8.37
C LEU A 110 -9.51 5.95 -9.56
N CYS A 111 -10.72 5.45 -9.34
CA CYS A 111 -11.63 5.11 -10.43
C CYS A 111 -12.00 6.35 -11.24
N GLU A 112 -12.18 7.50 -10.60
CA GLU A 112 -12.48 8.76 -11.29
C GLU A 112 -11.27 9.21 -12.12
N MET A 113 -10.04 9.06 -11.59
CA MET A 113 -8.81 9.44 -12.28
C MET A 113 -8.52 8.51 -13.47
N ALA A 114 -8.84 7.22 -13.35
CA ALA A 114 -8.49 6.21 -14.35
C ALA A 114 -9.66 5.22 -14.54
N PRO A 115 -10.75 5.60 -15.23
CA PRO A 115 -11.86 4.71 -15.54
C PRO A 115 -11.42 3.42 -16.24
N GLU A 116 -10.32 3.47 -17.01
CA GLU A 116 -9.70 2.30 -17.66
C GLU A 116 -9.45 1.15 -16.68
N MET A 117 -9.22 1.50 -15.42
CA MET A 117 -8.75 0.59 -14.37
C MET A 117 -9.74 0.52 -13.21
N ARG A 118 -10.99 1.00 -13.37
CA ARG A 118 -11.99 0.96 -12.30
C ARG A 118 -12.25 -0.47 -11.79
N GLY A 119 -12.05 -1.49 -12.63
CA GLY A 119 -12.17 -2.90 -12.26
C GLY A 119 -10.87 -3.49 -11.69
N LYS A 120 -9.82 -2.69 -11.53
CA LYS A 120 -8.48 -3.11 -11.09
C LYS A 120 -8.03 -2.34 -9.84
N VAL A 121 -8.82 -1.39 -9.33
CA VAL A 121 -8.54 -0.80 -8.02
C VAL A 121 -9.21 -1.70 -6.98
N MET A 122 -8.55 -1.99 -5.86
CA MET A 122 -9.12 -2.83 -4.80
C MET A 122 -8.65 -2.37 -3.41
N LEU A 123 -9.47 -2.67 -2.39
CA LEU A 123 -9.14 -2.40 -1.00
C LEU A 123 -8.14 -3.43 -0.48
N PHE A 124 -7.15 -3.01 0.30
CA PHE A 124 -6.14 -3.90 0.85
C PHE A 124 -6.76 -4.87 1.86
N GLY A 125 -7.69 -4.37 2.69
CA GLY A 125 -8.39 -5.17 3.69
C GLY A 125 -9.60 -5.91 3.12
N HIS A 126 -9.68 -6.11 1.80
CA HIS A 126 -10.74 -6.89 1.13
C HIS A 126 -10.98 -8.22 1.86
N TRP A 127 -9.91 -8.99 2.08
CA TRP A 127 -10.00 -10.33 2.66
C TRP A 127 -10.56 -10.32 4.10
N ASP A 128 -10.47 -9.17 4.79
CA ASP A 128 -10.95 -9.00 6.14
C ASP A 128 -12.29 -8.27 6.13
N ASN A 129 -13.15 -8.72 5.22
CA ASN A 129 -14.47 -8.16 4.98
C ASN A 129 -14.42 -6.65 4.77
N GLU A 130 -13.60 -6.25 3.78
CA GLU A 130 -13.55 -4.89 3.25
C GLU A 130 -13.26 -3.86 4.36
N CYS A 131 -12.30 -4.21 5.22
CA CYS A 131 -11.87 -3.35 6.31
C CYS A 131 -11.04 -2.19 5.74
N GLU A 132 -11.54 -0.95 5.85
CA GLU A 132 -10.72 0.23 5.55
C GLU A 132 -9.78 0.48 6.74
N ILE A 133 -8.75 1.31 6.55
CA ILE A 133 -7.67 1.46 7.53
C ILE A 133 -7.43 2.97 7.78
N PRO A 134 -7.27 3.40 9.04
CA PRO A 134 -6.82 4.75 9.39
C PRO A 134 -5.48 5.12 8.72
N ASP A 135 -5.08 6.39 8.85
CA ASP A 135 -3.79 6.88 8.39
C ASP A 135 -2.97 7.36 9.59
N PRO A 136 -1.72 6.92 9.77
CA PRO A 136 -0.96 7.18 10.98
C PRO A 136 -0.25 8.54 10.98
N TYR A 137 -0.20 9.28 9.86
CA TYR A 137 0.60 10.47 9.58
C TYR A 137 1.70 10.80 10.60
N ARG A 138 1.37 11.49 11.71
CA ARG A 138 2.33 11.85 12.75
C ARG A 138 1.73 11.54 14.15
N LYS A 139 0.79 10.60 14.20
CA LYS A 139 0.10 10.20 15.42
C LYS A 139 1.01 9.38 16.33
N SER A 140 0.48 8.97 17.48
CA SER A 140 1.22 8.20 18.48
C SER A 140 1.70 6.85 17.92
N ARG A 141 2.73 6.28 18.57
CA ARG A 141 3.25 4.94 18.23
C ARG A 141 2.17 3.87 18.27
N GLU A 142 1.19 3.99 19.18
CA GLU A 142 0.10 3.02 19.28
C GLU A 142 -0.69 2.98 17.96
N THR A 143 -0.95 4.14 17.37
CA THR A 143 -1.69 4.23 16.12
C THR A 143 -0.85 3.68 14.97
N PHE A 144 0.45 4.00 14.92
CA PHE A 144 1.36 3.40 13.94
C PHE A 144 1.34 1.88 14.06
N ALA A 145 1.43 1.33 15.26
CA ALA A 145 1.44 -0.11 15.48
C ALA A 145 0.11 -0.74 15.05
N ALA A 146 -1.02 -0.11 15.34
CA ALA A 146 -2.33 -0.61 14.94
C ALA A 146 -2.44 -0.67 13.42
N VAL A 147 -2.09 0.43 12.73
CA VAL A 147 -2.09 0.49 11.28
C VAL A 147 -1.13 -0.56 10.72
N TYR A 148 0.09 -0.67 11.25
CA TYR A 148 1.08 -1.64 10.80
C TYR A 148 0.51 -3.05 10.92
N THR A 149 -0.15 -3.38 12.03
CA THR A 149 -0.73 -4.71 12.24
C THR A 149 -1.81 -4.97 11.18
N LEU A 150 -2.66 -4.00 10.87
CA LEU A 150 -3.69 -4.13 9.84
C LEU A 150 -3.05 -4.37 8.47
N LEU A 151 -2.01 -3.59 8.15
CA LEU A 151 -1.27 -3.72 6.90
C LEU A 151 -0.57 -5.06 6.82
N GLU A 152 -0.04 -5.58 7.93
CA GLU A 152 0.62 -6.88 7.96
C GLU A 152 -0.39 -7.98 7.66
N ARG A 153 -1.54 -7.97 8.34
CA ARG A 153 -2.63 -8.93 8.06
C ARG A 153 -3.01 -8.86 6.59
N SER A 154 -3.22 -7.66 6.07
CA SER A 154 -3.63 -7.46 4.70
C SER A 154 -2.56 -8.00 3.74
N ALA A 155 -1.28 -7.70 3.98
CA ALA A 155 -0.18 -8.17 3.16
C ALA A 155 -0.07 -9.70 3.19
N ARG A 156 -0.22 -10.30 4.38
CA ARG A 156 -0.21 -11.77 4.51
C ARG A 156 -1.37 -12.38 3.72
N GLN A 157 -2.58 -11.83 3.84
CA GLN A 157 -3.76 -12.35 3.14
C GLN A 157 -3.57 -12.24 1.63
N TRP A 158 -3.11 -11.08 1.13
CA TRP A 158 -2.83 -10.90 -0.28
C TRP A 158 -1.76 -11.89 -0.76
N ALA A 159 -0.64 -12.01 -0.03
CA ALA A 159 0.40 -12.97 -0.37
C ALA A 159 -0.15 -14.40 -0.41
N GLN A 160 -0.97 -14.79 0.57
CA GLN A 160 -1.57 -16.11 0.64
C GLN A 160 -2.48 -16.38 -0.56
N ALA A 161 -3.22 -15.38 -1.04
CA ALA A 161 -4.03 -15.52 -2.24
C ALA A 161 -3.16 -15.64 -3.49
N LEU A 162 -2.26 -14.67 -3.67
CA LEU A 162 -1.40 -14.51 -4.84
C LEU A 162 -0.51 -15.74 -5.04
N ASN A 163 0.04 -16.28 -3.94
CA ASN A 163 0.99 -17.39 -3.95
C ASN A 163 0.46 -18.66 -4.61
N ALA A 164 -0.87 -18.84 -4.68
CA ALA A 164 -1.52 -19.96 -5.37
C ALA A 164 -2.62 -19.48 -6.31
N GLU A 165 -2.44 -18.27 -6.85
CA GLU A 165 -3.24 -17.68 -7.93
C GLU A 165 -4.76 -17.72 -7.65
N GLN A 166 -5.15 -17.50 -6.39
CA GLN A 166 -6.54 -17.34 -6.02
C GLN A 166 -7.03 -15.97 -6.51
N VAL A 167 -8.30 -15.93 -6.87
CA VAL A 167 -8.96 -14.83 -7.57
C VAL A 167 -10.40 -14.72 -7.05
N MET A 21 -2.48 -13.33 -13.65
CA MET A 21 -2.09 -13.42 -12.22
C MET A 21 -1.62 -12.04 -11.74
N PHE A 22 -1.96 -11.65 -10.51
CA PHE A 22 -1.66 -10.36 -9.87
C PHE A 22 -0.16 -10.15 -9.58
N ASN A 23 0.70 -10.44 -10.54
CA ASN A 23 2.17 -10.38 -10.41
C ASN A 23 2.71 -8.96 -10.29
N ASN A 24 1.91 -7.95 -10.67
CA ASN A 24 2.39 -6.58 -10.82
C ASN A 24 1.39 -5.66 -10.13
N ILE A 25 1.72 -5.17 -8.93
CA ILE A 25 0.79 -4.47 -8.05
C ILE A 25 1.27 -3.05 -7.74
N LEU A 26 0.32 -2.14 -7.51
CA LEU A 26 0.61 -0.80 -6.98
C LEU A 26 -0.24 -0.62 -5.72
N VAL A 27 0.31 0.06 -4.71
CA VAL A 27 -0.41 0.38 -3.48
C VAL A 27 -0.44 1.91 -3.37
N VAL A 28 -1.59 2.49 -3.03
CA VAL A 28 -1.81 3.92 -3.12
C VAL A 28 -2.42 4.44 -1.81
N CYS A 29 -1.93 5.59 -1.34
CA CYS A 29 -2.50 6.31 -0.19
C CYS A 29 -2.40 7.82 -0.39
N VAL A 30 -2.94 8.62 0.53
CA VAL A 30 -2.68 10.05 0.53
C VAL A 30 -1.36 10.23 1.28
N GLY A 31 -0.52 11.20 0.90
CA GLY A 31 0.78 11.43 1.51
C GLY A 31 1.84 10.41 1.10
N ASN A 32 1.49 9.12 1.08
CA ASN A 32 2.37 8.00 0.67
C ASN A 32 3.62 7.79 1.54
N ILE A 33 4.00 8.73 2.39
CA ILE A 33 5.10 8.61 3.34
C ILE A 33 4.97 7.44 4.35
N CYS A 34 3.89 6.66 4.39
CA CYS A 34 3.66 5.71 5.48
C CYS A 34 3.00 4.39 5.06
N ARG A 35 1.68 4.38 4.78
CA ARG A 35 0.94 3.13 4.60
C ARG A 35 1.34 2.38 3.35
N SER A 36 1.33 3.03 2.18
CA SER A 36 1.61 2.36 0.92
C SER A 36 2.99 1.69 0.89
N PRO A 37 4.10 2.30 1.34
CA PRO A 37 5.40 1.62 1.35
C PRO A 37 5.49 0.52 2.40
N THR A 38 4.79 0.65 3.53
CA THR A 38 4.74 -0.40 4.55
C THR A 38 4.05 -1.63 3.94
N ALA A 39 2.87 -1.44 3.33
CA ALA A 39 2.15 -2.51 2.65
C ALA A 39 2.97 -3.10 1.51
N GLU A 40 3.57 -2.26 0.67
CA GLU A 40 4.37 -2.70 -0.46
C GLU A 40 5.50 -3.58 0.04
N ARG A 41 6.27 -3.14 1.04
CA ARG A 41 7.40 -3.94 1.51
C ARG A 41 6.93 -5.20 2.23
N LEU A 42 5.80 -5.19 2.94
CA LEU A 42 5.24 -6.40 3.53
C LEU A 42 4.96 -7.43 2.43
N LEU A 43 4.24 -7.01 1.37
CA LEU A 43 3.95 -7.86 0.23
C LEU A 43 5.24 -8.32 -0.45
N GLN A 44 6.21 -7.43 -0.59
CA GLN A 44 7.48 -7.71 -1.21
C GLN A 44 8.27 -8.75 -0.41
N ARG A 45 8.23 -8.70 0.93
CA ARG A 45 8.84 -9.72 1.79
C ARG A 45 8.17 -11.07 1.57
N TYR A 46 6.83 -11.12 1.52
CA TYR A 46 6.12 -12.36 1.28
C TYR A 46 6.40 -12.91 -0.13
N HIS A 47 6.56 -12.04 -1.14
CA HIS A 47 6.68 -12.42 -2.54
C HIS A 47 7.73 -11.55 -3.26
N PRO A 48 9.03 -11.80 -3.05
CA PRO A 48 10.09 -11.06 -3.75
C PRO A 48 10.13 -11.42 -5.26
N GLU A 49 9.50 -12.54 -5.65
CA GLU A 49 9.45 -12.98 -7.05
C GLU A 49 8.34 -12.24 -7.83
N LEU A 50 7.57 -11.36 -7.18
CA LEU A 50 6.50 -10.57 -7.80
C LEU A 50 6.88 -9.08 -7.62
N LYS A 51 6.18 -8.18 -8.30
CA LYS A 51 6.52 -6.76 -8.34
C LYS A 51 5.43 -5.98 -7.61
N VAL A 52 5.83 -5.10 -6.70
CA VAL A 52 4.91 -4.29 -5.92
C VAL A 52 5.53 -2.88 -5.86
N GLU A 53 4.68 -1.86 -6.04
CA GLU A 53 5.09 -0.45 -6.01
C GLU A 53 4.24 0.28 -4.96
N SER A 54 4.73 1.42 -4.48
CA SER A 54 3.99 2.30 -3.59
C SER A 54 4.01 3.72 -4.17
N ALA A 55 2.86 4.41 -4.12
CA ALA A 55 2.72 5.80 -4.56
C ALA A 55 1.56 6.44 -3.80
N GLY A 56 1.18 7.66 -4.16
CA GLY A 56 0.01 8.29 -3.54
C GLY A 56 -0.70 9.36 -4.35
N LEU A 57 -1.97 9.57 -4.00
CA LEU A 57 -2.88 10.51 -4.68
C LEU A 57 -2.44 11.98 -4.53
N GLY A 58 -1.60 12.24 -3.53
CA GLY A 58 -1.17 13.58 -3.14
C GLY A 58 0.07 13.38 -2.30
N ALA A 59 1.07 12.72 -2.90
CA ALA A 59 2.27 12.31 -2.21
C ALA A 59 3.19 13.51 -1.92
N LEU A 60 4.18 13.28 -1.06
CA LEU A 60 5.19 14.26 -0.71
C LEU A 60 6.45 13.88 -1.49
N VAL A 61 6.42 14.13 -2.80
CA VAL A 61 7.46 13.74 -3.73
C VAL A 61 8.86 14.03 -3.16
N GLY A 62 9.68 12.99 -3.00
CA GLY A 62 11.08 13.11 -2.60
C GLY A 62 11.30 13.32 -1.10
N LYS A 63 10.24 13.38 -0.27
CA LYS A 63 10.37 13.75 1.14
C LYS A 63 10.98 12.64 2.02
N GLY A 64 11.09 11.40 1.53
CA GLY A 64 11.45 10.27 2.38
C GLY A 64 10.18 9.69 3.03
N ALA A 65 10.26 8.48 3.57
CA ALA A 65 9.18 7.94 4.40
C ALA A 65 9.14 8.67 5.76
N ASP A 66 7.99 8.59 6.42
CA ASP A 66 7.75 9.19 7.73
C ASP A 66 8.60 8.47 8.79
N PRO A 67 9.28 9.18 9.71
CA PRO A 67 10.20 8.54 10.65
C PRO A 67 9.49 7.58 11.61
N THR A 68 8.21 7.78 11.89
CA THR A 68 7.43 6.90 12.78
C THR A 68 7.13 5.62 12.02
N ALA A 69 6.76 5.71 10.74
CA ALA A 69 6.55 4.55 9.90
C ALA A 69 7.85 3.74 9.77
N ILE A 70 8.96 4.42 9.45
CA ILE A 70 10.28 3.81 9.41
C ILE A 70 10.57 3.10 10.73
N SER A 71 10.42 3.78 11.87
CA SER A 71 10.73 3.22 13.18
C SER A 71 9.93 1.93 13.41
N VAL A 72 8.60 1.99 13.25
CA VAL A 72 7.74 0.84 13.52
C VAL A 72 8.06 -0.32 12.57
N ALA A 73 8.42 -0.06 11.31
CA ALA A 73 8.60 -1.14 10.35
C ALA A 73 10.02 -1.70 10.39
N ALA A 74 11.05 -0.87 10.57
CA ALA A 74 12.41 -1.32 10.84
C ALA A 74 12.51 -2.08 12.17
N GLU A 75 11.58 -1.89 13.12
CA GLU A 75 11.50 -2.75 14.32
C GLU A 75 11.32 -4.23 13.93
N HIS A 76 10.62 -4.50 12.83
CA HIS A 76 10.45 -5.82 12.22
C HIS A 76 11.48 -6.05 11.10
N GLN A 77 12.55 -5.26 11.10
CA GLN A 77 13.62 -5.29 10.10
C GLN A 77 13.08 -5.16 8.66
N LEU A 78 11.93 -4.50 8.47
CA LEU A 78 11.39 -4.26 7.14
C LEU A 78 12.15 -3.08 6.55
N SER A 79 12.65 -3.21 5.33
CA SER A 79 13.58 -2.26 4.73
C SER A 79 12.85 -1.21 3.88
N LEU A 80 11.89 -0.49 4.49
CA LEU A 80 11.28 0.69 3.88
C LEU A 80 12.17 1.93 4.06
N GLU A 81 13.31 1.75 4.73
CA GLU A 81 14.17 2.84 5.20
C GLU A 81 14.60 3.82 4.09
N GLY A 82 14.72 3.34 2.85
CA GLY A 82 15.17 4.16 1.72
C GLY A 82 14.03 4.54 0.77
N HIS A 83 12.76 4.30 1.15
CA HIS A 83 11.62 4.74 0.36
C HIS A 83 11.58 6.28 0.35
N CYS A 84 11.17 6.84 -0.79
CA CYS A 84 10.90 8.26 -0.94
C CYS A 84 9.55 8.37 -1.65
N ALA A 85 8.62 9.09 -1.04
CA ALA A 85 7.26 9.20 -1.54
C ALA A 85 7.25 9.84 -2.94
N ARG A 86 6.20 9.54 -3.71
CA ARG A 86 6.11 9.87 -5.12
C ARG A 86 4.64 9.81 -5.54
N GLN A 87 4.18 10.79 -6.30
CA GLN A 87 2.77 10.88 -6.67
C GLN A 87 2.45 9.83 -7.72
N ILE A 88 1.27 9.22 -7.56
CA ILE A 88 0.72 8.38 -8.58
C ILE A 88 0.36 9.30 -9.76
N SER A 89 0.37 8.71 -10.95
CA SER A 89 -0.03 9.36 -12.18
C SER A 89 -0.88 8.37 -12.96
N ARG A 90 -1.62 8.82 -13.98
CA ARG A 90 -2.41 7.90 -14.80
C ARG A 90 -1.50 6.90 -15.50
N ARG A 91 -0.29 7.30 -15.91
CA ARG A 91 0.69 6.39 -16.49
C ARG A 91 1.12 5.33 -15.48
N LEU A 92 1.34 5.70 -14.21
CA LEU A 92 1.60 4.71 -13.17
C LEU A 92 0.41 3.80 -12.97
N CYS A 93 -0.83 4.32 -12.99
CA CYS A 93 -2.01 3.47 -12.81
C CYS A 93 -2.03 2.37 -13.87
N ARG A 94 -1.76 2.74 -15.14
CA ARG A 94 -1.69 1.78 -16.24
C ARG A 94 -0.49 0.83 -16.11
N ASN A 95 0.56 1.22 -15.39
CA ASN A 95 1.81 0.46 -15.29
C ASN A 95 1.70 -0.82 -14.47
N TYR A 96 0.65 -0.97 -13.66
CA TYR A 96 0.44 -2.16 -12.82
C TYR A 96 -0.93 -2.78 -13.14
N ASP A 97 -1.20 -4.00 -12.66
CA ASP A 97 -2.37 -4.78 -13.12
C ASP A 97 -3.35 -5.11 -11.98
N LEU A 98 -3.01 -4.76 -10.75
CA LEU A 98 -3.91 -4.81 -9.61
C LEU A 98 -3.49 -3.64 -8.73
N ILE A 99 -4.44 -2.82 -8.31
CA ILE A 99 -4.16 -1.56 -7.65
C ILE A 99 -4.87 -1.61 -6.30
N LEU A 100 -4.19 -1.20 -5.23
CA LEU A 100 -4.68 -1.36 -3.88
C LEU A 100 -4.73 0.00 -3.20
N THR A 101 -5.70 0.17 -2.31
CA THR A 101 -5.99 1.43 -1.65
C THR A 101 -6.38 1.09 -0.20
N MET A 102 -6.37 2.03 0.75
CA MET A 102 -6.51 1.69 2.17
C MET A 102 -7.88 2.07 2.73
N GLU A 103 -8.64 2.93 2.04
CA GLU A 103 -9.93 3.41 2.53
C GLU A 103 -10.86 3.63 1.33
N LYS A 104 -12.18 3.63 1.56
CA LYS A 104 -13.16 3.85 0.48
C LYS A 104 -12.93 5.19 -0.22
N ARG A 105 -12.56 6.25 0.52
CA ARG A 105 -12.23 7.55 -0.07
C ARG A 105 -11.12 7.44 -1.13
N HIS A 106 -10.13 6.56 -0.93
CA HIS A 106 -9.03 6.41 -1.87
C HIS A 106 -9.51 5.69 -3.13
N ILE A 107 -10.41 4.70 -3.00
CA ILE A 107 -11.00 4.01 -4.15
C ILE A 107 -11.70 5.05 -5.02
N GLU A 108 -12.53 5.89 -4.40
CA GLU A 108 -13.34 6.86 -5.15
C GLU A 108 -12.45 7.82 -5.93
N ARG A 109 -11.45 8.41 -5.26
CA ARG A 109 -10.53 9.35 -5.91
C ARG A 109 -9.73 8.67 -7.01
N LEU A 110 -9.22 7.46 -6.76
CA LEU A 110 -8.34 6.80 -7.71
C LEU A 110 -9.10 6.36 -8.96
N CYS A 111 -10.32 5.83 -8.80
CA CYS A 111 -11.15 5.47 -9.94
C CYS A 111 -11.54 6.70 -10.75
N GLU A 112 -11.73 7.87 -10.10
CA GLU A 112 -12.08 9.10 -10.80
C GLU A 112 -10.92 9.54 -11.71
N MET A 113 -9.66 9.46 -11.24
CA MET A 113 -8.52 9.90 -12.05
C MET A 113 -8.10 8.87 -13.12
N ALA A 114 -8.45 7.59 -12.95
CA ALA A 114 -8.09 6.53 -13.90
C ALA A 114 -9.24 5.51 -14.04
N PRO A 115 -10.38 5.88 -14.67
CA PRO A 115 -11.51 4.98 -14.89
C PRO A 115 -11.15 3.66 -15.57
N GLU A 116 -10.04 3.58 -16.30
CA GLU A 116 -9.54 2.33 -16.90
C GLU A 116 -9.42 1.23 -15.85
N MET A 117 -8.98 1.64 -14.67
CA MET A 117 -8.66 0.77 -13.54
C MET A 117 -9.86 0.60 -12.59
N ARG A 118 -11.07 1.06 -12.95
CA ARG A 118 -12.24 0.99 -12.04
C ARG A 118 -12.54 -0.42 -11.55
N GLY A 119 -12.20 -1.45 -12.33
CA GLY A 119 -12.39 -2.86 -11.99
C GLY A 119 -11.12 -3.53 -11.46
N LYS A 120 -10.05 -2.77 -11.23
CA LYS A 120 -8.74 -3.26 -10.79
C LYS A 120 -8.26 -2.55 -9.53
N VAL A 121 -8.88 -1.43 -9.13
CA VAL A 121 -8.65 -0.81 -7.83
C VAL A 121 -9.51 -1.59 -6.83
N MET A 122 -8.96 -1.93 -5.67
CA MET A 122 -9.73 -2.49 -4.56
C MET A 122 -9.06 -2.14 -3.22
N LEU A 123 -9.73 -2.44 -2.12
CA LEU A 123 -9.23 -2.14 -0.78
C LEU A 123 -8.22 -3.20 -0.37
N PHE A 124 -7.10 -2.77 0.22
CA PHE A 124 -6.04 -3.64 0.75
C PHE A 124 -6.60 -4.69 1.71
N GLY A 125 -7.53 -4.28 2.59
CA GLY A 125 -8.15 -5.14 3.58
C GLY A 125 -9.36 -5.90 3.03
N HIS A 126 -9.46 -6.11 1.71
CA HIS A 126 -10.53 -6.87 1.05
C HIS A 126 -10.83 -8.18 1.80
N TRP A 127 -9.79 -8.97 2.07
CA TRP A 127 -9.95 -10.29 2.70
C TRP A 127 -10.54 -10.21 4.11
N ASP A 128 -10.39 -9.06 4.77
CA ASP A 128 -10.94 -8.80 6.09
C ASP A 128 -12.26 -8.04 5.96
N ASN A 129 -13.03 -8.38 4.92
CA ASN A 129 -14.35 -7.81 4.64
C ASN A 129 -14.25 -6.30 4.40
N GLU A 130 -13.35 -5.93 3.48
CA GLU A 130 -13.05 -4.54 3.11
C GLU A 130 -12.79 -3.66 4.35
N CYS A 131 -11.99 -4.17 5.28
CA CYS A 131 -11.57 -3.41 6.45
C CYS A 131 -10.78 -2.20 6.00
N GLU A 132 -11.30 -0.99 6.27
CA GLU A 132 -10.58 0.24 5.99
C GLU A 132 -9.50 0.43 7.05
N ILE A 133 -8.30 0.79 6.61
CA ILE A 133 -7.14 0.92 7.48
C ILE A 133 -7.23 2.31 8.16
N PRO A 134 -6.94 2.44 9.47
CA PRO A 134 -6.79 3.74 10.11
C PRO A 134 -5.72 4.59 9.41
N ASP A 135 -5.82 5.91 9.50
CA ASP A 135 -4.86 6.84 8.91
C ASP A 135 -3.91 7.32 10.01
N PRO A 136 -2.62 6.93 10.00
CA PRO A 136 -1.71 7.26 11.09
C PRO A 136 -1.19 8.70 11.03
N TYR A 137 -1.36 9.41 9.92
CA TYR A 137 -0.78 10.73 9.57
C TYR A 137 0.49 11.11 10.37
N ARG A 138 0.33 11.75 11.54
CA ARG A 138 1.45 12.19 12.41
C ARG A 138 1.14 11.84 13.87
N LYS A 139 0.30 10.82 14.08
CA LYS A 139 -0.21 10.43 15.39
C LYS A 139 0.87 9.67 16.17
N SER A 140 0.50 9.16 17.36
CA SER A 140 1.42 8.45 18.24
C SER A 140 1.98 7.18 17.59
N ARG A 141 3.15 6.74 18.04
CA ARG A 141 3.80 5.53 17.52
C ARG A 141 2.91 4.30 17.69
N GLU A 142 2.08 4.26 18.74
CA GLU A 142 1.12 3.17 18.96
C GLU A 142 0.11 3.11 17.81
N THR A 143 -0.31 4.24 17.24
CA THR A 143 -1.23 4.27 16.12
C THR A 143 -0.53 3.71 14.87
N PHE A 144 0.73 4.09 14.63
CA PHE A 144 1.51 3.49 13.55
C PHE A 144 1.67 1.98 13.76
N ALA A 145 1.84 1.50 15.00
CA ALA A 145 1.93 0.08 15.29
C ALA A 145 0.61 -0.65 15.01
N ALA A 146 -0.53 -0.05 15.37
CA ALA A 146 -1.84 -0.62 15.07
C ALA A 146 -2.04 -0.72 13.56
N VAL A 147 -1.74 0.35 12.83
CA VAL A 147 -1.80 0.36 11.36
C VAL A 147 -0.87 -0.72 10.80
N TYR A 148 0.38 -0.81 11.28
CA TYR A 148 1.32 -1.82 10.82
C TYR A 148 0.73 -3.22 11.03
N THR A 149 0.16 -3.49 12.20
CA THR A 149 -0.38 -4.82 12.52
C THR A 149 -1.55 -5.16 11.58
N LEU A 150 -2.42 -4.20 11.29
CA LEU A 150 -3.56 -4.42 10.40
C LEU A 150 -3.11 -4.59 8.96
N LEU A 151 -2.07 -3.86 8.53
CA LEU A 151 -1.44 -4.05 7.23
C LEU A 151 -0.75 -5.41 7.17
N GLU A 152 -0.12 -5.88 8.27
CA GLU A 152 0.54 -7.18 8.31
C GLU A 152 -0.48 -8.28 8.04
N ARG A 153 -1.63 -8.25 8.73
CA ARG A 153 -2.73 -9.19 8.46
C ARG A 153 -3.12 -9.15 7.01
N SER A 154 -3.46 -7.95 6.51
CA SER A 154 -4.00 -7.79 5.17
C SER A 154 -3.00 -8.24 4.11
N ALA A 155 -1.70 -7.92 4.31
CA ALA A 155 -0.64 -8.35 3.41
C ALA A 155 -0.46 -9.86 3.46
N ARG A 156 -0.60 -10.51 4.62
CA ARG A 156 -0.52 -11.96 4.73
C ARG A 156 -1.70 -12.62 4.03
N GLN A 157 -2.91 -12.04 4.14
CA GLN A 157 -4.07 -12.55 3.43
C GLN A 157 -3.88 -12.39 1.92
N TRP A 158 -3.29 -11.28 1.46
CA TRP A 158 -2.86 -11.13 0.07
C TRP A 158 -1.85 -12.22 -0.29
N ALA A 159 -0.83 -12.45 0.55
CA ALA A 159 0.17 -13.47 0.29
C ALA A 159 -0.46 -14.87 0.16
N GLN A 160 -1.46 -15.18 0.98
CA GLN A 160 -2.18 -16.44 0.92
C GLN A 160 -2.83 -16.62 -0.46
N ALA A 161 -3.41 -15.55 -1.03
CA ALA A 161 -4.03 -15.61 -2.35
C ALA A 161 -3.00 -15.62 -3.47
N LEU A 162 -1.96 -14.79 -3.37
CA LEU A 162 -0.88 -14.73 -4.35
C LEU A 162 -0.16 -16.09 -4.43
N ASN A 163 0.10 -16.73 -3.29
CA ASN A 163 0.66 -18.08 -3.22
C ASN A 163 -0.29 -19.08 -3.87
N ALA A 164 -1.61 -18.93 -3.66
CA ALA A 164 -2.64 -19.75 -4.30
C ALA A 164 -2.96 -19.31 -5.72
N GLU A 165 -2.04 -18.57 -6.34
CA GLU A 165 -2.03 -18.10 -7.73
C GLU A 165 -3.40 -17.63 -8.21
N GLN A 166 -4.06 -16.80 -7.39
CA GLN A 166 -5.34 -16.22 -7.75
C GLN A 166 -5.21 -15.28 -8.95
N VAL A 167 -6.34 -15.14 -9.64
CA VAL A 167 -6.53 -14.50 -10.92
C VAL A 167 -7.86 -13.76 -10.91
N MET A 21 -4.37 -13.71 -10.95
CA MET A 21 -3.54 -12.69 -10.27
C MET A 21 -2.74 -11.87 -11.28
N PHE A 22 -2.09 -10.80 -10.84
CA PHE A 22 -1.25 -9.96 -11.70
C PHE A 22 0.01 -9.65 -10.90
N ASN A 23 1.18 -10.00 -11.45
CA ASN A 23 2.45 -9.97 -10.72
C ASN A 23 2.96 -8.55 -10.45
N ASN A 24 2.44 -7.54 -11.17
CA ASN A 24 2.98 -6.18 -11.18
C ASN A 24 1.94 -5.27 -10.52
N ILE A 25 2.23 -4.79 -9.30
CA ILE A 25 1.26 -4.14 -8.44
C ILE A 25 1.74 -2.75 -8.00
N LEU A 26 0.78 -1.85 -7.72
CA LEU A 26 1.02 -0.55 -7.13
C LEU A 26 0.17 -0.43 -5.86
N VAL A 27 0.67 0.30 -4.86
CA VAL A 27 -0.11 0.63 -3.67
C VAL A 27 -0.13 2.16 -3.54
N VAL A 28 -1.28 2.73 -3.19
CA VAL A 28 -1.49 4.17 -3.24
C VAL A 28 -2.19 4.63 -1.95
N CYS A 29 -1.70 5.70 -1.31
CA CYS A 29 -2.35 6.27 -0.12
C CYS A 29 -2.26 7.79 -0.11
N VAL A 30 -2.85 8.48 0.87
CA VAL A 30 -2.58 9.92 1.02
C VAL A 30 -1.14 10.08 1.51
N GLY A 31 -0.46 11.14 1.07
CA GLY A 31 0.93 11.41 1.48
C GLY A 31 1.96 10.50 0.83
N ASN A 32 1.61 9.25 0.45
CA ASN A 32 2.53 8.19 0.01
C ASN A 32 3.44 7.68 1.12
N ILE A 33 4.05 8.57 1.90
CA ILE A 33 5.12 8.31 2.86
C ILE A 33 4.92 7.16 3.87
N CYS A 34 3.71 6.63 4.08
CA CYS A 34 3.44 5.70 5.18
C CYS A 34 2.82 4.38 4.73
N ARG A 35 1.52 4.35 4.40
CA ARG A 35 0.82 3.07 4.20
C ARG A 35 1.29 2.35 2.94
N SER A 36 1.49 3.06 1.81
CA SER A 36 1.97 2.42 0.59
C SER A 36 3.28 1.66 0.81
N PRO A 37 4.39 2.28 1.28
CA PRO A 37 5.65 1.57 1.45
C PRO A 37 5.55 0.49 2.53
N THR A 38 4.72 0.67 3.55
CA THR A 38 4.53 -0.37 4.56
C THR A 38 3.93 -1.62 3.89
N ALA A 39 2.82 -1.49 3.16
CA ALA A 39 2.19 -2.61 2.46
C ALA A 39 3.14 -3.23 1.43
N GLU A 40 3.80 -2.38 0.63
CA GLU A 40 4.71 -2.82 -0.41
C GLU A 40 5.81 -3.69 0.17
N ARG A 41 6.48 -3.22 1.24
CA ARG A 41 7.60 -3.94 1.82
C ARG A 41 7.13 -5.21 2.54
N LEU A 42 5.97 -5.17 3.19
CA LEU A 42 5.37 -6.38 3.76
C LEU A 42 5.13 -7.41 2.66
N LEU A 43 4.62 -6.99 1.50
CA LEU A 43 4.43 -7.87 0.36
C LEU A 43 5.77 -8.40 -0.16
N GLN A 44 6.85 -7.60 -0.15
CA GLN A 44 8.18 -8.11 -0.49
C GLN A 44 8.60 -9.21 0.49
N ARG A 45 8.37 -9.04 1.80
CA ARG A 45 8.72 -10.05 2.79
C ARG A 45 7.95 -11.35 2.53
N TYR A 46 6.63 -11.27 2.35
CA TYR A 46 5.81 -12.48 2.28
C TYR A 46 5.73 -13.09 0.88
N HIS A 47 6.08 -12.36 -0.18
CA HIS A 47 6.00 -12.81 -1.56
C HIS A 47 7.14 -12.16 -2.38
N PRO A 48 8.41 -12.54 -2.16
CA PRO A 48 9.58 -11.88 -2.75
C PRO A 48 9.58 -11.69 -4.28
N GLU A 49 8.89 -12.57 -5.01
CA GLU A 49 8.82 -12.54 -6.47
C GLU A 49 7.66 -11.69 -6.99
N LEU A 50 6.86 -11.10 -6.09
CA LEU A 50 5.79 -10.17 -6.44
C LEU A 50 6.41 -8.79 -6.67
N LYS A 51 6.15 -8.17 -7.82
CA LYS A 51 6.67 -6.83 -8.08
C LYS A 51 5.65 -5.86 -7.48
N VAL A 52 6.06 -5.05 -6.50
CA VAL A 52 5.18 -4.08 -5.87
C VAL A 52 5.98 -2.79 -5.72
N GLU A 53 5.34 -1.66 -6.00
CA GLU A 53 5.89 -0.34 -5.71
C GLU A 53 4.79 0.53 -5.10
N SER A 54 5.10 1.79 -4.77
CA SER A 54 4.23 2.66 -4.00
C SER A 54 4.01 4.00 -4.73
N ALA A 55 2.90 4.68 -4.43
CA ALA A 55 2.63 6.05 -4.86
C ALA A 55 1.65 6.68 -3.83
N GLY A 56 1.20 7.91 -4.09
CA GLY A 56 0.13 8.50 -3.30
C GLY A 56 -0.77 9.48 -4.02
N LEU A 57 -2.00 9.58 -3.52
CA LEU A 57 -3.07 10.42 -4.09
C LEU A 57 -2.71 11.90 -4.02
N GLY A 58 -2.03 12.29 -2.95
CA GLY A 58 -1.54 13.64 -2.72
C GLY A 58 -0.16 13.47 -2.10
N ALA A 59 0.73 12.88 -2.90
CA ALA A 59 2.04 12.44 -2.43
C ALA A 59 2.97 13.62 -2.13
N LEU A 60 4.10 13.30 -1.51
CA LEU A 60 5.15 14.25 -1.18
C LEU A 60 6.38 13.80 -1.96
N VAL A 61 6.39 14.12 -3.26
CA VAL A 61 7.43 13.68 -4.19
C VAL A 61 8.84 13.83 -3.58
N GLY A 62 9.57 12.71 -3.52
CA GLY A 62 10.97 12.69 -3.07
C GLY A 62 11.17 12.85 -1.56
N LYS A 63 10.11 12.94 -0.75
CA LYS A 63 10.24 13.27 0.67
C LYS A 63 10.79 12.12 1.53
N GLY A 64 10.83 10.88 1.02
CA GLY A 64 11.28 9.72 1.79
C GLY A 64 10.14 9.11 2.60
N ALA A 65 10.34 7.87 3.08
CA ALA A 65 9.36 7.19 3.93
C ALA A 65 9.26 7.91 5.29
N ASP A 66 8.09 7.80 5.93
CA ASP A 66 7.78 8.51 7.16
C ASP A 66 8.61 7.95 8.34
N PRO A 67 9.23 8.80 9.19
CA PRO A 67 10.06 8.36 10.32
C PRO A 67 9.36 7.39 11.29
N THR A 68 8.07 7.57 11.57
CA THR A 68 7.38 6.74 12.54
C THR A 68 6.95 5.44 11.86
N ALA A 69 6.60 5.47 10.57
CA ALA A 69 6.39 4.24 9.79
C ALA A 69 7.67 3.40 9.79
N ILE A 70 8.82 4.03 9.52
CA ILE A 70 10.13 3.35 9.60
C ILE A 70 10.32 2.81 11.02
N SER A 71 10.00 3.57 12.06
CA SER A 71 10.23 3.14 13.44
C SER A 71 9.44 1.87 13.79
N VAL A 72 8.14 1.80 13.46
CA VAL A 72 7.36 0.59 13.73
C VAL A 72 7.84 -0.56 12.85
N ALA A 73 8.29 -0.32 11.61
CA ALA A 73 8.81 -1.37 10.76
C ALA A 73 10.17 -1.87 11.25
N ALA A 74 10.98 -1.00 11.85
CA ALA A 74 12.25 -1.37 12.45
C ALA A 74 12.03 -2.27 13.67
N GLU A 75 10.92 -2.11 14.40
CA GLU A 75 10.54 -3.04 15.47
C GLU A 75 10.35 -4.48 14.94
N HIS A 76 10.20 -4.65 13.62
CA HIS A 76 10.08 -5.91 12.91
C HIS A 76 11.23 -6.10 11.89
N GLN A 77 12.29 -5.30 12.01
CA GLN A 77 13.47 -5.34 11.14
C GLN A 77 13.08 -5.42 9.66
N LEU A 78 12.25 -4.49 9.20
CA LEU A 78 11.93 -4.35 7.77
C LEU A 78 12.18 -2.90 7.38
N SER A 79 13.15 -2.67 6.49
CA SER A 79 13.57 -1.34 6.11
C SER A 79 12.59 -0.73 5.11
N LEU A 80 11.71 0.18 5.56
CA LEU A 80 10.88 0.98 4.65
C LEU A 80 11.73 2.00 3.89
N GLU A 81 12.82 2.44 4.51
CA GLU A 81 13.78 3.37 3.89
C GLU A 81 14.33 2.74 2.60
N GLY A 82 14.80 3.60 1.68
CA GLY A 82 15.14 3.20 0.33
C GLY A 82 13.91 3.24 -0.56
N HIS A 83 13.09 4.28 -0.41
CA HIS A 83 11.93 4.56 -1.25
C HIS A 83 11.89 6.07 -1.51
N CYS A 84 11.34 6.47 -2.65
CA CYS A 84 11.13 7.86 -3.01
C CYS A 84 9.66 8.01 -3.35
N ALA A 85 8.94 8.78 -2.54
CA ALA A 85 7.52 9.02 -2.73
C ALA A 85 7.27 9.76 -4.06
N ARG A 86 6.06 9.63 -4.62
CA ARG A 86 5.74 10.12 -5.96
C ARG A 86 4.23 10.21 -6.13
N GLN A 87 3.79 11.25 -6.83
CA GLN A 87 2.38 11.55 -7.05
C GLN A 87 1.80 10.55 -8.05
N ILE A 88 0.66 9.96 -7.70
CA ILE A 88 -0.08 9.11 -8.62
C ILE A 88 -0.46 9.97 -9.85
N SER A 89 -0.39 9.35 -11.01
CA SER A 89 -0.76 9.96 -12.28
C SER A 89 -1.17 8.82 -13.22
N ARG A 90 -1.89 9.10 -14.32
CA ARG A 90 -2.44 8.05 -15.18
C ARG A 90 -1.33 7.17 -15.77
N ARG A 91 -0.16 7.73 -16.08
CA ARG A 91 0.99 6.95 -16.53
C ARG A 91 1.37 5.88 -15.52
N LEU A 92 1.43 6.22 -14.23
CA LEU A 92 1.70 5.24 -13.18
C LEU A 92 0.54 4.25 -13.09
N CYS A 93 -0.71 4.70 -13.18
CA CYS A 93 -1.85 3.80 -13.13
C CYS A 93 -1.77 2.73 -14.24
N ARG A 94 -1.25 3.08 -15.42
CA ARG A 94 -1.05 2.14 -16.53
C ARG A 94 0.19 1.27 -16.34
N ASN A 95 1.19 1.72 -15.56
CA ASN A 95 2.48 1.04 -15.40
C ASN A 95 2.39 -0.22 -14.54
N TYR A 96 1.27 -0.43 -13.85
CA TYR A 96 1.03 -1.61 -13.01
C TYR A 96 -0.36 -2.15 -13.36
N ASP A 97 -0.67 -3.39 -12.96
CA ASP A 97 -1.88 -4.08 -13.43
C ASP A 97 -2.81 -4.52 -12.29
N LEU A 98 -2.51 -4.11 -11.06
CA LEU A 98 -3.40 -4.25 -9.92
C LEU A 98 -3.04 -3.11 -8.98
N ILE A 99 -4.04 -2.41 -8.43
CA ILE A 99 -3.81 -1.17 -7.69
C ILE A 99 -4.50 -1.33 -6.34
N LEU A 100 -3.75 -1.15 -5.25
CA LEU A 100 -4.24 -1.33 -3.90
C LEU A 100 -4.31 0.01 -3.19
N THR A 101 -5.27 0.10 -2.28
CA THR A 101 -5.53 1.28 -1.46
C THR A 101 -5.90 0.79 -0.06
N MET A 102 -6.26 1.67 0.89
CA MET A 102 -6.55 1.25 2.26
C MET A 102 -7.95 1.65 2.73
N GLU A 103 -8.64 2.55 2.02
CA GLU A 103 -9.94 3.07 2.44
C GLU A 103 -10.84 3.28 1.24
N LYS A 104 -12.16 3.27 1.46
CA LYS A 104 -13.14 3.48 0.40
C LYS A 104 -12.98 4.86 -0.24
N ARG A 105 -12.63 5.90 0.54
CA ARG A 105 -12.30 7.21 -0.02
C ARG A 105 -11.15 7.13 -1.00
N HIS A 106 -10.13 6.31 -0.75
CA HIS A 106 -8.99 6.19 -1.67
C HIS A 106 -9.43 5.48 -2.95
N ILE A 107 -10.25 4.42 -2.85
CA ILE A 107 -10.80 3.76 -4.03
C ILE A 107 -11.54 4.81 -4.86
N GLU A 108 -12.43 5.59 -4.23
CA GLU A 108 -13.26 6.55 -4.93
C GLU A 108 -12.38 7.58 -5.65
N ARG A 109 -11.39 8.17 -4.96
CA ARG A 109 -10.54 9.19 -5.58
C ARG A 109 -9.68 8.63 -6.70
N LEU A 110 -9.15 7.42 -6.56
CA LEU A 110 -8.32 6.82 -7.61
C LEU A 110 -9.18 6.48 -8.82
N CYS A 111 -10.37 5.91 -8.61
CA CYS A 111 -11.30 5.62 -9.69
C CYS A 111 -11.78 6.92 -10.36
N GLU A 112 -11.91 8.01 -9.62
CA GLU A 112 -12.33 9.31 -10.14
C GLU A 112 -11.28 9.87 -11.10
N MET A 113 -9.99 9.79 -10.76
CA MET A 113 -8.92 10.26 -11.65
C MET A 113 -8.61 9.28 -12.77
N ALA A 114 -8.92 7.99 -12.60
CA ALA A 114 -8.60 6.95 -13.57
C ALA A 114 -9.75 5.94 -13.66
N PRO A 115 -10.89 6.31 -14.27
CA PRO A 115 -11.99 5.37 -14.49
C PRO A 115 -11.54 4.22 -15.40
N GLU A 116 -10.56 4.47 -16.26
CA GLU A 116 -9.86 3.45 -17.04
C GLU A 116 -9.41 2.24 -16.20
N MET A 117 -9.09 2.44 -14.92
CA MET A 117 -8.51 1.44 -14.03
C MET A 117 -9.47 1.04 -12.92
N ARG A 118 -10.72 1.52 -12.94
CA ARG A 118 -11.72 1.31 -11.87
C ARG A 118 -11.88 -0.18 -11.52
N GLY A 119 -11.84 -1.07 -12.50
CA GLY A 119 -11.98 -2.51 -12.31
C GLY A 119 -10.82 -3.15 -11.54
N LYS A 120 -9.70 -2.45 -11.33
CA LYS A 120 -8.47 -2.98 -10.73
C LYS A 120 -8.02 -2.19 -9.49
N VAL A 121 -8.74 -1.15 -9.09
CA VAL A 121 -8.50 -0.50 -7.80
C VAL A 121 -9.35 -1.25 -6.75
N MET A 122 -8.78 -1.53 -5.57
CA MET A 122 -9.50 -2.15 -4.45
C MET A 122 -8.75 -1.87 -3.15
N LEU A 123 -9.28 -2.27 -1.99
CA LEU A 123 -8.65 -2.02 -0.68
C LEU A 123 -7.94 -3.26 -0.15
N PHE A 124 -6.89 -3.00 0.65
CA PHE A 124 -5.99 -4.04 1.12
C PHE A 124 -6.64 -4.92 2.20
N GLY A 125 -7.54 -4.35 3.02
CA GLY A 125 -8.20 -5.08 4.09
C GLY A 125 -9.38 -5.93 3.62
N HIS A 126 -9.55 -6.10 2.30
CA HIS A 126 -10.55 -6.97 1.67
C HIS A 126 -10.76 -8.30 2.39
N TRP A 127 -9.68 -9.03 2.71
CA TRP A 127 -9.79 -10.35 3.32
C TRP A 127 -10.35 -10.30 4.73
N ASP A 128 -10.16 -9.17 5.43
CA ASP A 128 -10.66 -8.97 6.78
C ASP A 128 -12.05 -8.38 6.70
N ASN A 129 -12.94 -9.12 6.02
CA ASN A 129 -14.34 -8.76 5.87
C ASN A 129 -14.48 -7.32 5.37
N GLU A 130 -13.73 -7.00 4.30
CA GLU A 130 -13.65 -5.69 3.66
C GLU A 130 -13.54 -4.48 4.61
N CYS A 131 -12.89 -4.67 5.75
CA CYS A 131 -12.63 -3.59 6.69
C CYS A 131 -11.58 -2.66 6.08
N GLU A 132 -11.87 -1.36 6.06
CA GLU A 132 -10.87 -0.36 5.70
C GLU A 132 -9.92 -0.14 6.88
N ILE A 133 -8.75 0.43 6.60
CA ILE A 133 -7.64 0.50 7.55
C ILE A 133 -7.52 1.94 8.08
N PRO A 134 -7.23 2.15 9.38
CA PRO A 134 -7.00 3.48 9.95
C PRO A 134 -5.87 4.24 9.26
N ASP A 135 -5.85 5.56 9.39
CA ASP A 135 -4.90 6.45 8.72
C ASP A 135 -3.90 6.99 9.74
N PRO A 136 -2.63 6.54 9.72
CA PRO A 136 -1.64 6.89 10.71
C PRO A 136 -0.88 8.18 10.40
N TYR A 137 -1.14 8.88 9.29
CA TYR A 137 -0.38 10.00 8.72
C TYR A 137 0.71 10.61 9.61
N ARG A 138 0.35 11.30 10.71
CA ARG A 138 1.30 11.82 11.71
C ARG A 138 0.78 11.52 13.13
N LYS A 139 0.06 10.41 13.29
CA LYS A 139 -0.53 9.98 14.55
C LYS A 139 0.57 9.45 15.49
N SER A 140 0.17 9.05 16.70
CA SER A 140 1.06 8.45 17.67
C SER A 140 1.66 7.14 17.15
N ARG A 141 2.82 6.72 17.70
CA ARG A 141 3.49 5.49 17.28
C ARG A 141 2.60 4.26 17.51
N GLU A 142 1.76 4.28 18.55
CA GLU A 142 0.81 3.21 18.79
C GLU A 142 -0.17 3.06 17.63
N THR A 143 -0.60 4.17 17.02
CA THR A 143 -1.50 4.14 15.87
C THR A 143 -0.75 3.58 14.65
N PHE A 144 0.51 3.98 14.44
CA PHE A 144 1.34 3.39 13.40
C PHE A 144 1.50 1.88 13.61
N ALA A 145 1.68 1.41 14.85
CA ALA A 145 1.85 0.00 15.15
C ALA A 145 0.55 -0.78 14.88
N ALA A 146 -0.60 -0.23 15.24
CA ALA A 146 -1.90 -0.83 14.94
C ALA A 146 -2.08 -0.96 13.43
N VAL A 147 -1.83 0.11 12.68
CA VAL A 147 -1.93 0.09 11.23
C VAL A 147 -0.91 -0.90 10.66
N TYR A 148 0.33 -0.93 11.14
CA TYR A 148 1.33 -1.89 10.66
C TYR A 148 0.82 -3.32 10.86
N THR A 149 0.25 -3.63 12.02
CA THR A 149 -0.25 -4.98 12.32
C THR A 149 -1.39 -5.35 11.35
N LEU A 150 -2.32 -4.42 11.10
CA LEU A 150 -3.44 -4.65 10.20
C LEU A 150 -2.96 -4.77 8.74
N LEU A 151 -1.95 -3.98 8.34
CA LEU A 151 -1.31 -4.10 7.04
C LEU A 151 -0.56 -5.43 6.93
N GLU A 152 0.06 -5.93 8.02
CA GLU A 152 0.77 -7.21 8.00
C GLU A 152 -0.23 -8.34 7.74
N ARG A 153 -1.35 -8.36 8.47
CA ARG A 153 -2.43 -9.33 8.23
C ARG A 153 -2.85 -9.27 6.77
N SER A 154 -3.14 -8.07 6.29
CA SER A 154 -3.62 -7.85 4.92
C SER A 154 -2.59 -8.37 3.92
N ALA A 155 -1.31 -8.03 4.09
CA ALA A 155 -0.25 -8.44 3.18
C ALA A 155 -0.07 -9.95 3.19
N ARG A 156 -0.12 -10.60 4.36
CA ARG A 156 -0.03 -12.05 4.46
C ARG A 156 -1.20 -12.68 3.72
N GLN A 157 -2.42 -12.15 3.87
CA GLN A 157 -3.60 -12.69 3.22
C GLN A 157 -3.54 -12.47 1.69
N TRP A 158 -3.05 -11.31 1.22
CA TRP A 158 -2.81 -11.12 -0.20
C TRP A 158 -1.76 -12.10 -0.71
N ALA A 159 -0.63 -12.27 -0.01
CA ALA A 159 0.39 -13.24 -0.41
C ALA A 159 -0.19 -14.66 -0.47
N GLN A 160 -1.02 -15.03 0.52
CA GLN A 160 -1.66 -16.34 0.62
C GLN A 160 -2.50 -16.63 -0.62
N ALA A 161 -3.18 -15.63 -1.19
CA ALA A 161 -3.97 -15.82 -2.40
C ALA A 161 -3.10 -15.71 -3.66
N LEU A 162 -2.30 -14.63 -3.76
CA LEU A 162 -1.55 -14.29 -4.96
C LEU A 162 -0.53 -15.40 -5.29
N ASN A 163 0.18 -15.93 -4.29
CA ASN A 163 1.14 -17.02 -4.52
C ASN A 163 0.44 -18.33 -4.91
N ALA A 164 -0.88 -18.43 -4.70
CA ALA A 164 -1.71 -19.57 -5.10
C ALA A 164 -2.61 -19.21 -6.29
N GLU A 165 -2.18 -18.20 -7.06
CA GLU A 165 -2.75 -17.75 -8.31
C GLU A 165 -4.24 -17.44 -8.18
N GLN A 166 -4.62 -16.74 -7.10
CA GLN A 166 -5.96 -16.26 -6.85
C GLN A 166 -5.91 -14.83 -6.31
N VAL A 167 -7.08 -14.20 -6.38
CA VAL A 167 -7.40 -12.83 -6.04
C VAL A 167 -8.87 -12.82 -5.56
N MET A 21 -1.66 -13.13 -14.22
CA MET A 21 -1.14 -12.76 -12.88
C MET A 21 -0.60 -11.32 -12.90
N PHE A 22 -1.06 -10.50 -11.95
CA PHE A 22 -0.61 -9.14 -11.71
C PHE A 22 0.78 -9.14 -11.04
N ASN A 23 1.83 -9.48 -11.81
CA ASN A 23 3.20 -9.47 -11.30
C ASN A 23 3.66 -8.08 -10.87
N ASN A 24 3.04 -7.02 -11.40
CA ASN A 24 3.43 -5.63 -11.13
C ASN A 24 2.26 -4.95 -10.42
N ILE A 25 2.51 -4.36 -9.24
CA ILE A 25 1.47 -3.89 -8.32
C ILE A 25 1.84 -2.49 -7.79
N LEU A 26 0.85 -1.71 -7.36
CA LEU A 26 1.06 -0.42 -6.71
C LEU A 26 0.18 -0.32 -5.46
N VAL A 27 0.65 0.35 -4.41
CA VAL A 27 -0.16 0.69 -3.25
C VAL A 27 -0.23 2.22 -3.17
N VAL A 28 -1.40 2.75 -2.82
CA VAL A 28 -1.70 4.18 -2.90
C VAL A 28 -2.38 4.62 -1.60
N CYS A 29 -1.88 5.70 -0.97
CA CYS A 29 -2.44 6.23 0.28
C CYS A 29 -2.44 7.76 0.24
N VAL A 30 -2.96 8.42 1.29
CA VAL A 30 -2.78 9.86 1.44
C VAL A 30 -1.40 10.05 2.08
N GLY A 31 -0.68 11.13 1.76
CA GLY A 31 0.64 11.43 2.32
C GLY A 31 1.76 10.57 1.75
N ASN A 32 1.46 9.32 1.40
CA ASN A 32 2.36 8.35 0.74
C ASN A 32 3.48 7.83 1.64
N ILE A 33 4.19 8.69 2.38
CA ILE A 33 5.41 8.41 3.12
C ILE A 33 5.34 7.27 4.15
N CYS A 34 4.16 6.71 4.48
CA CYS A 34 4.01 5.79 5.59
C CYS A 34 3.34 4.47 5.18
N ARG A 35 2.06 4.49 4.85
CA ARG A 35 1.32 3.24 4.66
C ARG A 35 1.71 2.56 3.35
N SER A 36 1.82 3.29 2.24
CA SER A 36 2.18 2.70 0.96
C SER A 36 3.50 1.91 1.04
N PRO A 37 4.63 2.47 1.52
CA PRO A 37 5.87 1.70 1.61
C PRO A 37 5.79 0.56 2.63
N THR A 38 5.01 0.69 3.70
CA THR A 38 4.88 -0.38 4.68
C THR A 38 4.21 -1.60 4.02
N ALA A 39 3.07 -1.40 3.34
CA ALA A 39 2.39 -2.50 2.65
C ALA A 39 3.25 -3.05 1.53
N GLU A 40 3.86 -2.16 0.73
CA GLU A 40 4.70 -2.55 -0.38
C GLU A 40 5.86 -3.44 0.10
N ARG A 41 6.58 -3.03 1.15
CA ARG A 41 7.70 -3.80 1.67
C ARG A 41 7.23 -5.11 2.29
N LEU A 42 6.08 -5.13 2.96
CA LEU A 42 5.50 -6.38 3.47
C LEU A 42 5.23 -7.35 2.32
N LEU A 43 4.62 -6.86 1.24
CA LEU A 43 4.33 -7.68 0.06
C LEU A 43 5.62 -8.17 -0.60
N GLN A 44 6.65 -7.32 -0.69
CA GLN A 44 7.96 -7.73 -1.18
C GLN A 44 8.54 -8.85 -0.30
N ARG A 45 8.44 -8.76 1.03
CA ARG A 45 8.92 -9.81 1.92
C ARG A 45 8.16 -11.12 1.69
N TYR A 46 6.83 -11.06 1.57
CA TYR A 46 6.03 -12.26 1.36
C TYR A 46 6.32 -12.90 -0.01
N HIS A 47 6.47 -12.11 -1.07
CA HIS A 47 6.64 -12.60 -2.43
C HIS A 47 7.63 -11.70 -3.20
N PRO A 48 8.96 -11.93 -3.07
CA PRO A 48 9.98 -11.08 -3.70
C PRO A 48 10.01 -11.26 -5.23
N GLU A 49 9.34 -12.29 -5.77
CA GLU A 49 9.21 -12.49 -7.22
C GLU A 49 8.21 -11.48 -7.85
N LEU A 50 7.49 -10.71 -7.04
CA LEU A 50 6.57 -9.68 -7.52
C LEU A 50 7.30 -8.34 -7.50
N LYS A 51 6.75 -7.37 -8.25
CA LYS A 51 7.18 -5.99 -8.19
C LYS A 51 6.02 -5.23 -7.57
N VAL A 52 6.31 -4.47 -6.51
CA VAL A 52 5.31 -3.67 -5.83
C VAL A 52 5.94 -2.30 -5.61
N GLU A 53 5.17 -1.25 -5.84
CA GLU A 53 5.62 0.12 -5.64
C GLU A 53 4.65 0.84 -4.70
N SER A 54 4.99 2.07 -4.31
CA SER A 54 4.33 2.79 -3.24
C SER A 54 4.16 4.28 -3.62
N ALA A 55 2.92 4.75 -3.75
CA ALA A 55 2.62 6.12 -4.20
C ALA A 55 1.47 6.70 -3.35
N GLY A 56 0.95 7.86 -3.72
CA GLY A 56 -0.23 8.41 -3.07
C GLY A 56 -0.99 9.43 -3.92
N LEU A 57 -2.24 9.69 -3.54
CA LEU A 57 -3.07 10.70 -4.21
C LEU A 57 -2.52 12.10 -3.92
N GLY A 58 -2.08 12.30 -2.68
CA GLY A 58 -1.51 13.56 -2.20
C GLY A 58 -0.16 13.25 -1.60
N ALA A 59 0.71 12.64 -2.41
CA ALA A 59 2.06 12.27 -2.00
C ALA A 59 2.90 13.54 -1.73
N LEU A 60 4.05 13.32 -1.09
CA LEU A 60 4.97 14.38 -0.68
C LEU A 60 6.25 14.12 -1.46
N VAL A 61 6.14 14.29 -2.79
CA VAL A 61 7.16 13.89 -3.76
C VAL A 61 8.58 14.20 -3.29
N GLY A 62 9.42 13.15 -3.26
CA GLY A 62 10.84 13.27 -2.95
C GLY A 62 11.16 12.92 -1.49
N LYS A 63 10.22 13.05 -0.55
CA LYS A 63 10.47 12.69 0.85
C LYS A 63 10.72 11.18 0.97
N GLY A 64 11.52 10.79 1.96
CA GLY A 64 11.74 9.39 2.28
C GLY A 64 10.56 8.80 3.06
N ALA A 65 10.72 7.57 3.52
CA ALA A 65 9.73 6.95 4.41
C ALA A 65 9.65 7.74 5.74
N ASP A 66 8.47 7.73 6.35
CA ASP A 66 8.19 8.46 7.58
C ASP A 66 8.99 7.88 8.76
N PRO A 67 9.62 8.71 9.63
CA PRO A 67 10.44 8.23 10.74
C PRO A 67 9.75 7.24 11.70
N THR A 68 8.45 7.41 11.97
CA THR A 68 7.75 6.55 12.89
C THR A 68 7.27 5.29 12.17
N ALA A 69 6.96 5.38 10.87
CA ALA A 69 6.71 4.19 10.06
C ALA A 69 7.97 3.33 10.02
N ILE A 70 9.14 3.95 9.80
CA ILE A 70 10.43 3.28 9.89
C ILE A 70 10.58 2.67 11.28
N SER A 71 10.26 3.39 12.36
CA SER A 71 10.43 2.87 13.72
C SER A 71 9.67 1.56 13.91
N VAL A 72 8.36 1.53 13.60
CA VAL A 72 7.57 0.32 13.81
C VAL A 72 7.99 -0.78 12.84
N ALA A 73 8.44 -0.46 11.63
CA ALA A 73 8.89 -1.47 10.69
C ALA A 73 10.27 -2.04 11.08
N ALA A 74 11.15 -1.22 11.67
CA ALA A 74 12.46 -1.64 12.15
C ALA A 74 12.32 -2.62 13.31
N GLU A 75 11.24 -2.53 14.10
CA GLU A 75 10.92 -3.53 15.12
C GLU A 75 10.72 -4.94 14.50
N HIS A 76 10.42 -5.00 13.21
CA HIS A 76 10.29 -6.23 12.42
C HIS A 76 11.40 -6.32 11.35
N GLN A 77 12.46 -5.51 11.49
CA GLN A 77 13.60 -5.45 10.59
C GLN A 77 13.18 -5.36 9.12
N LEU A 78 12.16 -4.53 8.84
CA LEU A 78 11.54 -4.41 7.52
C LEU A 78 11.85 -2.99 7.05
N SER A 79 12.98 -2.85 6.36
CA SER A 79 13.55 -1.56 6.01
C SER A 79 12.69 -0.82 4.97
N LEU A 80 11.91 0.17 5.42
CA LEU A 80 11.21 1.08 4.51
C LEU A 80 12.20 1.98 3.76
N GLU A 81 13.39 2.18 4.34
CA GLU A 81 14.46 2.98 3.74
C GLU A 81 14.68 2.57 2.28
N GLY A 82 14.79 3.57 1.41
CA GLY A 82 14.88 3.38 -0.04
C GLY A 82 13.61 3.87 -0.74
N HIS A 83 12.46 3.85 -0.05
CA HIS A 83 11.24 4.46 -0.53
C HIS A 83 11.48 5.97 -0.73
N CYS A 84 10.94 6.48 -1.84
CA CYS A 84 10.88 7.91 -2.10
C CYS A 84 9.44 8.18 -2.57
N ALA A 85 8.77 9.13 -1.92
CA ALA A 85 7.39 9.44 -2.20
C ALA A 85 7.23 9.99 -3.63
N ARG A 86 6.06 9.74 -4.21
CA ARG A 86 5.79 9.97 -5.62
C ARG A 86 4.27 10.01 -5.80
N GLN A 87 3.75 11.07 -6.42
CA GLN A 87 2.32 11.20 -6.65
C GLN A 87 1.90 10.23 -7.74
N ILE A 88 0.72 9.67 -7.55
CA ILE A 88 0.07 8.90 -8.59
C ILE A 88 -0.15 9.81 -9.81
N SER A 89 -0.20 9.18 -10.97
CA SER A 89 -0.60 9.80 -12.21
C SER A 89 -1.45 8.78 -12.99
N ARG A 90 -2.15 9.20 -14.05
CA ARG A 90 -2.87 8.23 -14.89
C ARG A 90 -1.88 7.26 -15.55
N ARG A 91 -0.67 7.73 -15.90
CA ARG A 91 0.39 6.86 -16.40
C ARG A 91 0.73 5.80 -15.36
N LEU A 92 0.89 6.18 -14.08
CA LEU A 92 1.12 5.20 -13.02
C LEU A 92 -0.07 4.24 -12.93
N CYS A 93 -1.32 4.72 -13.00
CA CYS A 93 -2.48 3.84 -12.93
C CYS A 93 -2.45 2.76 -14.03
N ARG A 94 -1.92 3.08 -15.22
CA ARG A 94 -1.79 2.12 -16.31
C ARG A 94 -0.57 1.20 -16.14
N ASN A 95 0.47 1.65 -15.42
CA ASN A 95 1.76 0.97 -15.35
C ASN A 95 1.73 -0.37 -14.62
N TYR A 96 0.82 -0.53 -13.65
CA TYR A 96 0.74 -1.74 -12.83
C TYR A 96 -0.64 -2.37 -13.07
N ASP A 97 -0.76 -3.68 -12.91
CA ASP A 97 -1.96 -4.40 -13.33
C ASP A 97 -2.99 -4.54 -12.19
N LEU A 98 -2.61 -4.22 -10.96
CA LEU A 98 -3.47 -4.26 -9.79
C LEU A 98 -3.02 -3.10 -8.90
N ILE A 99 -3.96 -2.25 -8.49
CA ILE A 99 -3.67 -1.08 -7.67
C ILE A 99 -4.43 -1.28 -6.37
N LEU A 100 -3.78 -1.02 -5.25
CA LEU A 100 -4.37 -1.10 -3.93
C LEU A 100 -4.50 0.31 -3.39
N THR A 101 -5.55 0.51 -2.63
CA THR A 101 -5.79 1.72 -1.85
C THR A 101 -6.00 1.23 -0.40
N MET A 102 -6.41 2.08 0.55
CA MET A 102 -6.66 1.61 1.92
C MET A 102 -7.96 2.16 2.53
N GLU A 103 -8.60 3.14 1.89
CA GLU A 103 -9.86 3.70 2.36
C GLU A 103 -10.78 3.88 1.14
N LYS A 104 -12.09 3.75 1.31
CA LYS A 104 -13.04 3.67 0.19
C LYS A 104 -13.03 4.92 -0.69
N ARG A 105 -12.79 6.11 -0.11
CA ARG A 105 -12.62 7.34 -0.89
C ARG A 105 -11.49 7.18 -1.93
N HIS A 106 -10.41 6.48 -1.60
CA HIS A 106 -9.26 6.38 -2.48
C HIS A 106 -9.58 5.47 -3.67
N ILE A 107 -10.38 4.41 -3.46
CA ILE A 107 -10.91 3.61 -4.56
C ILE A 107 -11.68 4.56 -5.49
N GLU A 108 -12.62 5.31 -4.92
CA GLU A 108 -13.57 6.11 -5.70
C GLU A 108 -12.85 7.19 -6.51
N ARG A 109 -11.87 7.87 -5.91
CA ARG A 109 -11.09 8.89 -6.61
C ARG A 109 -10.30 8.26 -7.74
N LEU A 110 -9.66 7.11 -7.52
CA LEU A 110 -8.89 6.45 -8.56
C LEU A 110 -9.80 6.01 -9.70
N CYS A 111 -11.00 5.53 -9.41
CA CYS A 111 -11.97 5.13 -10.43
C CYS A 111 -12.37 6.31 -11.32
N GLU A 112 -12.39 7.54 -10.80
CA GLU A 112 -12.65 8.73 -11.59
C GLU A 112 -11.42 9.08 -12.45
N MET A 113 -10.20 9.00 -11.88
CA MET A 113 -8.98 9.37 -12.59
C MET A 113 -8.67 8.39 -13.74
N ALA A 114 -8.93 7.10 -13.54
CA ALA A 114 -8.54 6.07 -14.48
C ALA A 114 -9.64 5.00 -14.59
N PRO A 115 -10.72 5.24 -15.35
CA PRO A 115 -11.72 4.22 -15.69
C PRO A 115 -11.12 2.93 -16.27
N GLU A 116 -9.89 2.97 -16.81
CA GLU A 116 -9.14 1.78 -17.22
C GLU A 116 -9.00 0.76 -16.08
N MET A 117 -8.90 1.29 -14.87
CA MET A 117 -8.56 0.58 -13.65
C MET A 117 -9.72 0.52 -12.65
N ARG A 118 -10.87 1.17 -12.89
CA ARG A 118 -12.01 1.07 -11.97
C ARG A 118 -12.44 -0.39 -11.82
N GLY A 119 -12.84 -0.79 -10.62
CA GLY A 119 -13.19 -2.17 -10.29
C GLY A 119 -11.97 -3.07 -10.08
N LYS A 120 -10.89 -2.89 -10.85
CA LYS A 120 -9.61 -3.58 -10.60
C LYS A 120 -8.90 -2.97 -9.39
N VAL A 121 -9.06 -1.66 -9.15
CA VAL A 121 -8.60 -1.07 -7.91
C VAL A 121 -9.50 -1.57 -6.76
N MET A 122 -8.92 -1.75 -5.58
CA MET A 122 -9.65 -2.14 -4.36
C MET A 122 -8.86 -1.64 -3.16
N LEU A 123 -9.39 -1.84 -1.94
CA LEU A 123 -8.62 -1.54 -0.73
C LEU A 123 -7.84 -2.76 -0.26
N PHE A 124 -6.73 -2.51 0.43
CA PHE A 124 -5.83 -3.56 0.86
C PHE A 124 -6.49 -4.51 1.87
N GLY A 125 -7.42 -3.99 2.67
CA GLY A 125 -8.17 -4.76 3.66
C GLY A 125 -9.32 -5.56 3.06
N HIS A 126 -9.41 -5.68 1.73
CA HIS A 126 -10.43 -6.47 1.01
C HIS A 126 -10.76 -7.80 1.70
N TRP A 127 -9.75 -8.61 2.03
CA TRP A 127 -9.97 -9.94 2.60
C TRP A 127 -10.58 -9.87 3.99
N ASP A 128 -10.36 -8.78 4.72
CA ASP A 128 -10.85 -8.57 6.07
C ASP A 128 -12.23 -7.92 5.99
N ASN A 129 -13.12 -8.58 5.23
CA ASN A 129 -14.50 -8.12 5.01
C ASN A 129 -14.53 -6.65 4.56
N GLU A 130 -13.69 -6.34 3.56
CA GLU A 130 -13.51 -5.01 2.99
C GLU A 130 -13.34 -3.87 4.01
N CYS A 131 -12.68 -4.17 5.14
CA CYS A 131 -12.40 -3.17 6.17
C CYS A 131 -11.45 -2.11 5.61
N GLU A 132 -11.77 -0.84 5.85
CA GLU A 132 -10.87 0.27 5.59
C GLU A 132 -9.82 0.34 6.71
N ILE A 133 -8.76 1.12 6.49
CA ILE A 133 -7.59 1.14 7.38
C ILE A 133 -7.38 2.61 7.81
N PRO A 134 -7.17 2.90 9.11
CA PRO A 134 -6.80 4.24 9.60
C PRO A 134 -5.52 4.77 8.96
N ASP A 135 -5.31 6.09 9.02
CA ASP A 135 -4.05 6.72 8.58
C ASP A 135 -3.28 7.21 9.81
N PRO A 136 -1.98 6.91 9.95
CA PRO A 136 -1.22 7.27 11.15
C PRO A 136 -0.69 8.71 11.13
N TYR A 137 -0.68 9.38 9.97
CA TYR A 137 -0.03 10.67 9.68
C TYR A 137 1.20 10.97 10.55
N ARG A 138 1.02 11.63 11.70
CA ARG A 138 2.10 12.00 12.62
C ARG A 138 1.67 11.74 14.07
N LYS A 139 0.71 10.83 14.26
CA LYS A 139 0.17 10.47 15.57
C LYS A 139 1.18 9.64 16.37
N SER A 140 0.76 9.19 17.56
CA SER A 140 1.63 8.48 18.49
C SER A 140 2.16 7.17 17.90
N ARG A 141 3.26 6.66 18.47
CA ARG A 141 3.87 5.41 18.04
C ARG A 141 2.88 4.24 18.13
N GLU A 142 1.96 4.28 19.10
CA GLU A 142 0.93 3.26 19.23
C GLU A 142 0.00 3.25 18.00
N THR A 143 -0.32 4.42 17.43
CA THR A 143 -1.14 4.50 16.23
C THR A 143 -0.40 3.84 15.06
N PHE A 144 0.90 4.14 14.90
CA PHE A 144 1.72 3.52 13.87
C PHE A 144 1.78 2.00 14.07
N ALA A 145 1.88 1.51 15.31
CA ALA A 145 1.91 0.08 15.59
C ALA A 145 0.58 -0.59 15.22
N ALA A 146 -0.55 0.04 15.56
CA ALA A 146 -1.87 -0.47 15.20
C ALA A 146 -2.02 -0.54 13.68
N VAL A 147 -1.66 0.53 12.97
CA VAL A 147 -1.70 0.57 11.52
C VAL A 147 -0.78 -0.51 10.95
N TYR A 148 0.46 -0.64 11.44
CA TYR A 148 1.39 -1.66 10.95
C TYR A 148 0.79 -3.05 11.13
N THR A 149 0.17 -3.33 12.27
CA THR A 149 -0.44 -4.63 12.52
C THR A 149 -1.57 -4.89 11.51
N LEU A 150 -2.42 -3.90 11.23
CA LEU A 150 -3.52 -4.04 10.28
C LEU A 150 -3.00 -4.20 8.85
N LEU A 151 -1.92 -3.49 8.49
CA LEU A 151 -1.23 -3.68 7.21
C LEU A 151 -0.62 -5.09 7.14
N GLU A 152 -0.03 -5.59 8.23
CA GLU A 152 0.56 -6.93 8.24
C GLU A 152 -0.51 -7.98 8.03
N ARG A 153 -1.65 -7.88 8.71
CA ARG A 153 -2.80 -8.77 8.47
C ARG A 153 -3.18 -8.75 7.00
N SER A 154 -3.37 -7.54 6.47
CA SER A 154 -3.80 -7.36 5.09
C SER A 154 -2.79 -8.00 4.14
N ALA A 155 -1.50 -7.71 4.31
CA ALA A 155 -0.45 -8.25 3.46
C ALA A 155 -0.35 -9.77 3.58
N ARG A 156 -0.55 -10.33 4.77
CA ARG A 156 -0.52 -11.77 4.96
C ARG A 156 -1.72 -12.43 4.28
N GLN A 157 -2.89 -11.79 4.31
CA GLN A 157 -4.07 -12.29 3.61
C GLN A 157 -3.86 -12.19 2.09
N TRP A 158 -3.23 -11.12 1.60
CA TRP A 158 -2.81 -11.05 0.20
C TRP A 158 -1.86 -12.21 -0.11
N ALA A 159 -0.86 -12.47 0.75
CA ALA A 159 0.06 -13.59 0.56
C ALA A 159 -0.67 -14.94 0.53
N GLN A 160 -1.66 -15.13 1.40
CA GLN A 160 -2.47 -16.34 1.47
C GLN A 160 -3.19 -16.57 0.13
N ALA A 161 -3.67 -15.52 -0.52
CA ALA A 161 -4.32 -15.64 -1.83
C ALA A 161 -3.28 -15.83 -2.95
N LEU A 162 -2.20 -15.06 -2.93
CA LEU A 162 -1.10 -15.13 -3.89
C LEU A 162 -0.41 -16.50 -3.88
N ASN A 163 -0.45 -17.23 -2.75
CA ASN A 163 0.03 -18.60 -2.62
C ASN A 163 -0.92 -19.63 -3.23
N ALA A 164 -2.16 -19.23 -3.52
CA ALA A 164 -3.27 -20.08 -3.89
C ALA A 164 -3.79 -19.68 -5.27
N GLU A 165 -5.06 -19.96 -5.50
CA GLU A 165 -5.75 -19.84 -6.79
C GLU A 165 -5.57 -18.45 -7.39
N GLN A 166 -5.18 -18.46 -8.67
CA GLN A 166 -4.87 -17.31 -9.50
C GLN A 166 -4.96 -17.78 -10.96
N VAL A 167 -4.77 -16.83 -11.86
CA VAL A 167 -4.99 -16.93 -13.29
C VAL A 167 -3.92 -16.13 -14.02
N MET A 21 -1.05 -14.15 -12.38
CA MET A 21 -0.32 -13.48 -11.26
C MET A 21 -0.13 -12.00 -11.63
N PHE A 22 -0.50 -11.07 -10.74
CA PHE A 22 -0.45 -9.63 -11.04
C PHE A 22 0.97 -9.16 -11.39
N ASN A 23 1.98 -9.71 -10.72
CA ASN A 23 3.42 -9.44 -10.81
C ASN A 23 3.84 -8.00 -10.46
N ASN A 24 3.16 -6.98 -10.99
CA ASN A 24 3.58 -5.58 -10.90
C ASN A 24 2.41 -4.80 -10.30
N ILE A 25 2.58 -4.29 -9.08
CA ILE A 25 1.48 -3.74 -8.27
C ILE A 25 1.88 -2.34 -7.77
N LEU A 26 0.88 -1.49 -7.55
CA LEU A 26 1.07 -0.16 -6.95
C LEU A 26 0.20 -0.08 -5.70
N VAL A 27 0.66 0.65 -4.68
CA VAL A 27 -0.13 0.98 -3.50
C VAL A 27 -0.21 2.50 -3.42
N VAL A 28 -1.41 3.04 -3.19
CA VAL A 28 -1.66 4.46 -3.30
C VAL A 28 -2.43 4.90 -2.05
N CYS A 29 -1.95 5.92 -1.33
CA CYS A 29 -2.62 6.42 -0.12
C CYS A 29 -2.69 7.94 -0.13
N VAL A 30 -3.35 8.56 0.86
CA VAL A 30 -3.25 10.01 1.01
C VAL A 30 -1.86 10.35 1.59
N GLY A 31 -1.39 9.57 2.56
CA GLY A 31 -0.09 9.79 3.20
C GLY A 31 0.92 8.77 2.70
N ASN A 32 1.25 8.90 1.41
CA ASN A 32 2.25 8.07 0.73
C ASN A 32 3.47 7.74 1.59
N ILE A 33 4.02 8.70 2.35
CA ILE A 33 5.27 8.53 3.10
C ILE A 33 5.23 7.41 4.17
N CYS A 34 4.08 6.78 4.43
CA CYS A 34 3.96 5.80 5.51
C CYS A 34 3.08 4.61 5.15
N ARG A 35 1.86 4.83 4.65
CA ARG A 35 0.89 3.74 4.47
C ARG A 35 1.31 2.88 3.27
N SER A 36 1.59 3.51 2.13
CA SER A 36 2.01 2.80 0.93
C SER A 36 3.27 1.93 1.18
N PRO A 37 4.40 2.45 1.73
CA PRO A 37 5.61 1.65 1.87
C PRO A 37 5.46 0.52 2.90
N THR A 38 4.62 0.68 3.93
CA THR A 38 4.41 -0.38 4.91
C THR A 38 3.78 -1.57 4.20
N ALA A 39 2.70 -1.35 3.41
CA ALA A 39 2.09 -2.41 2.62
C ALA A 39 3.07 -2.97 1.58
N GLU A 40 3.79 -2.08 0.87
CA GLU A 40 4.74 -2.47 -0.15
C GLU A 40 5.71 -3.50 0.41
N ARG A 41 6.38 -3.18 1.51
CA ARG A 41 7.44 -4.02 2.03
C ARG A 41 6.88 -5.28 2.67
N LEU A 42 5.71 -5.22 3.30
CA LEU A 42 5.05 -6.42 3.80
C LEU A 42 4.74 -7.39 2.66
N LEU A 43 4.28 -6.88 1.52
CA LEU A 43 4.02 -7.71 0.35
C LEU A 43 5.34 -8.24 -0.23
N GLN A 44 6.41 -7.44 -0.28
CA GLN A 44 7.73 -7.93 -0.68
C GLN A 44 8.18 -9.07 0.23
N ARG A 45 8.00 -8.95 1.55
CA ARG A 45 8.40 -10.00 2.49
C ARG A 45 7.60 -11.28 2.24
N TYR A 46 6.29 -11.19 2.06
CA TYR A 46 5.45 -12.38 1.84
C TYR A 46 5.63 -12.99 0.45
N HIS A 47 5.97 -12.19 -0.57
CA HIS A 47 6.20 -12.64 -1.93
C HIS A 47 7.39 -11.86 -2.52
N PRO A 48 8.65 -12.32 -2.30
CA PRO A 48 9.83 -11.72 -2.91
C PRO A 48 9.77 -11.67 -4.45
N GLU A 49 8.96 -12.55 -5.06
CA GLU A 49 8.75 -12.58 -6.51
C GLU A 49 7.97 -11.35 -7.03
N LEU A 50 7.21 -10.66 -6.18
CA LEU A 50 6.39 -9.52 -6.59
C LEU A 50 7.24 -8.27 -6.75
N LYS A 51 6.70 -7.35 -7.56
CA LYS A 51 7.19 -5.99 -7.69
C LYS A 51 6.05 -5.14 -7.18
N VAL A 52 6.22 -4.53 -6.01
CA VAL A 52 5.24 -3.63 -5.43
C VAL A 52 5.94 -2.28 -5.28
N GLU A 53 5.20 -1.22 -5.54
CA GLU A 53 5.68 0.15 -5.49
C GLU A 53 4.64 1.02 -4.79
N SER A 54 5.00 2.27 -4.51
CA SER A 54 4.15 3.19 -3.74
C SER A 54 3.93 4.50 -4.49
N ALA A 55 2.80 5.16 -4.22
CA ALA A 55 2.50 6.53 -4.64
C ALA A 55 1.41 7.07 -3.68
N GLY A 56 0.85 8.25 -3.97
CA GLY A 56 -0.31 8.72 -3.24
C GLY A 56 -1.07 9.85 -3.90
N LEU A 57 -2.31 10.04 -3.46
CA LEU A 57 -3.19 11.12 -3.94
C LEU A 57 -2.67 12.46 -3.42
N GLY A 58 -2.38 12.54 -2.12
CA GLY A 58 -1.89 13.76 -1.47
C GLY A 58 -0.42 13.61 -1.07
N ALA A 59 0.34 12.87 -1.89
CA ALA A 59 1.74 12.57 -1.63
C ALA A 59 2.61 13.84 -1.64
N LEU A 60 3.83 13.69 -1.13
CA LEU A 60 4.81 14.77 -1.03
C LEU A 60 6.00 14.34 -1.89
N VAL A 61 5.94 14.67 -3.18
CA VAL A 61 6.91 14.21 -4.16
C VAL A 61 8.36 14.46 -3.69
N GLY A 62 9.17 13.40 -3.72
CA GLY A 62 10.59 13.46 -3.37
C GLY A 62 10.87 13.29 -1.88
N LYS A 63 9.85 13.36 -1.01
CA LYS A 63 10.06 13.15 0.43
C LYS A 63 10.34 11.67 0.68
N GLY A 64 11.19 11.38 1.67
CA GLY A 64 11.48 10.01 2.09
C GLY A 64 10.30 9.39 2.85
N ALA A 65 10.47 8.14 3.29
CA ALA A 65 9.49 7.52 4.18
C ALA A 65 9.54 8.21 5.55
N ASP A 66 8.42 8.15 6.28
CA ASP A 66 8.30 8.78 7.59
C ASP A 66 9.14 8.04 8.62
N PRO A 67 9.97 8.72 9.44
CA PRO A 67 10.80 8.08 10.47
C PRO A 67 10.04 7.14 11.42
N THR A 68 8.75 7.37 11.67
CA THR A 68 7.98 6.55 12.59
C THR A 68 7.63 5.23 11.92
N ALA A 69 7.27 5.27 10.62
CA ALA A 69 7.03 4.07 9.84
C ALA A 69 8.32 3.25 9.75
N ILE A 70 9.46 3.90 9.52
CA ILE A 70 10.77 3.26 9.52
C ILE A 70 11.02 2.60 10.88
N SER A 71 10.81 3.33 11.99
CA SER A 71 11.11 2.82 13.32
C SER A 71 10.21 1.63 13.70
N VAL A 72 8.94 1.65 13.30
CA VAL A 72 8.05 0.51 13.52
C VAL A 72 8.48 -0.67 12.63
N ALA A 73 8.86 -0.44 11.38
CA ALA A 73 9.31 -1.53 10.51
C ALA A 73 10.64 -2.12 11.00
N ALA A 74 11.52 -1.29 11.56
CA ALA A 74 12.77 -1.75 12.16
C ALA A 74 12.53 -2.62 13.39
N GLU A 75 11.43 -2.41 14.12
CA GLU A 75 11.02 -3.32 15.21
C GLU A 75 10.73 -4.74 14.69
N HIS A 76 10.45 -4.88 13.39
CA HIS A 76 10.25 -6.15 12.68
C HIS A 76 11.39 -6.42 11.70
N GLN A 77 12.51 -5.68 11.83
CA GLN A 77 13.70 -5.78 10.99
C GLN A 77 13.34 -5.90 9.50
N LEU A 78 12.53 -4.96 9.01
CA LEU A 78 12.19 -4.85 7.60
C LEU A 78 12.62 -3.46 7.15
N SER A 79 13.49 -3.38 6.15
CA SER A 79 13.98 -2.12 5.63
C SER A 79 12.84 -1.39 4.91
N LEU A 80 12.42 -0.26 5.48
CA LEU A 80 11.29 0.54 5.00
C LEU A 80 11.83 1.75 4.24
N GLU A 81 13.00 2.22 4.68
CA GLU A 81 13.79 3.22 4.00
C GLU A 81 14.17 2.77 2.57
N GLY A 82 14.75 3.67 1.77
CA GLY A 82 14.95 3.43 0.35
C GLY A 82 13.61 3.59 -0.35
N HIS A 83 13.00 4.77 -0.19
CA HIS A 83 11.66 5.10 -0.65
C HIS A 83 11.62 6.58 -0.99
N CYS A 84 10.88 6.95 -2.04
CA CYS A 84 10.56 8.33 -2.36
C CYS A 84 9.07 8.40 -2.67
N ALA A 85 8.35 9.28 -1.98
CA ALA A 85 6.95 9.55 -2.26
C ALA A 85 6.81 10.31 -3.59
N ARG A 86 5.62 10.23 -4.20
CA ARG A 86 5.34 10.81 -5.52
C ARG A 86 3.83 10.82 -5.70
N GLN A 87 3.28 11.86 -6.35
CA GLN A 87 1.86 11.88 -6.63
C GLN A 87 1.52 10.84 -7.68
N ILE A 88 0.40 10.18 -7.45
CA ILE A 88 -0.22 9.29 -8.42
C ILE A 88 -0.57 10.12 -9.67
N SER A 89 -0.53 9.46 -10.81
CA SER A 89 -0.97 10.01 -12.07
C SER A 89 -1.69 8.90 -12.82
N ARG A 90 -2.47 9.21 -13.87
CA ARG A 90 -3.05 8.17 -14.72
C ARG A 90 -1.95 7.32 -15.36
N ARG A 91 -0.84 7.95 -15.77
CA ARG A 91 0.31 7.25 -16.31
C ARG A 91 0.86 6.25 -15.31
N LEU A 92 1.07 6.66 -14.05
CA LEU A 92 1.52 5.72 -13.02
C LEU A 92 0.48 4.63 -12.81
N CYS A 93 -0.81 4.98 -12.72
CA CYS A 93 -1.86 4.00 -12.47
C CYS A 93 -1.78 2.88 -13.52
N ARG A 94 -1.84 3.23 -14.81
CA ARG A 94 -1.83 2.23 -15.88
C ARG A 94 -0.47 1.56 -16.07
N ASN A 95 0.62 2.08 -15.48
CA ASN A 95 1.94 1.47 -15.55
C ASN A 95 2.02 0.15 -14.76
N TYR A 96 1.15 -0.06 -13.76
CA TYR A 96 1.12 -1.29 -12.98
C TYR A 96 -0.17 -2.06 -13.33
N ASP A 97 -0.28 -3.33 -12.92
CA ASP A 97 -1.39 -4.19 -13.35
C ASP A 97 -2.56 -4.17 -12.37
N LEU A 98 -2.29 -3.88 -11.10
CA LEU A 98 -3.23 -4.02 -9.99
C LEU A 98 -2.87 -2.92 -8.99
N ILE A 99 -3.87 -2.26 -8.40
CA ILE A 99 -3.64 -1.11 -7.54
C ILE A 99 -4.36 -1.40 -6.23
N LEU A 100 -3.72 -1.14 -5.09
CA LEU A 100 -4.38 -1.18 -3.80
C LEU A 100 -4.40 0.22 -3.21
N THR A 101 -5.38 0.47 -2.35
CA THR A 101 -5.46 1.69 -1.57
C THR A 101 -6.08 1.34 -0.21
N MET A 102 -6.09 2.28 0.74
CA MET A 102 -6.43 1.98 2.13
C MET A 102 -7.83 2.44 2.54
N GLU A 103 -8.50 3.26 1.74
CA GLU A 103 -9.85 3.76 2.04
C GLU A 103 -10.65 3.76 0.73
N LYS A 104 -11.95 3.49 0.81
CA LYS A 104 -12.81 3.44 -0.38
C LYS A 104 -12.96 4.80 -1.06
N ARG A 105 -12.76 5.92 -0.36
CA ARG A 105 -12.76 7.25 -0.99
C ARG A 105 -11.69 7.29 -2.08
N HIS A 106 -10.53 6.68 -1.80
CA HIS A 106 -9.40 6.70 -2.71
C HIS A 106 -9.67 5.80 -3.91
N ILE A 107 -10.38 4.68 -3.73
CA ILE A 107 -10.83 3.84 -4.84
C ILE A 107 -11.65 4.72 -5.79
N GLU A 108 -12.61 5.48 -5.26
CA GLU A 108 -13.50 6.29 -6.09
C GLU A 108 -12.70 7.34 -6.85
N ARG A 109 -11.81 8.08 -6.16
CA ARG A 109 -10.98 9.11 -6.81
C ARG A 109 -10.07 8.49 -7.87
N LEU A 110 -9.49 7.32 -7.63
CA LEU A 110 -8.61 6.68 -8.59
C LEU A 110 -9.39 6.16 -9.80
N CYS A 111 -10.62 5.68 -9.62
CA CYS A 111 -11.47 5.31 -10.74
C CYS A 111 -11.80 6.55 -11.59
N GLU A 112 -12.00 7.72 -10.97
CA GLU A 112 -12.22 8.95 -11.71
C GLU A 112 -10.94 9.38 -12.45
N MET A 113 -9.75 9.22 -11.84
CA MET A 113 -8.49 9.55 -12.49
C MET A 113 -8.16 8.61 -13.65
N ALA A 114 -8.52 7.34 -13.56
CA ALA A 114 -8.19 6.33 -14.56
C ALA A 114 -9.41 5.43 -14.82
N PRO A 115 -10.44 5.93 -15.54
CA PRO A 115 -11.66 5.15 -15.82
C PRO A 115 -11.37 3.81 -16.50
N GLU A 116 -10.33 3.74 -17.33
CA GLU A 116 -9.94 2.50 -18.01
C GLU A 116 -9.53 1.38 -17.03
N MET A 117 -9.27 1.73 -15.76
CA MET A 117 -8.69 0.85 -14.76
C MET A 117 -9.60 0.75 -13.52
N ARG A 118 -10.83 1.27 -13.60
CA ARG A 118 -11.83 1.07 -12.56
C ARG A 118 -11.99 -0.43 -12.30
N GLY A 119 -12.05 -0.83 -11.03
CA GLY A 119 -12.16 -2.23 -10.61
C GLY A 119 -10.81 -2.90 -10.35
N LYS A 120 -9.73 -2.49 -11.03
CA LYS A 120 -8.37 -2.95 -10.67
C LYS A 120 -7.87 -2.26 -9.41
N VAL A 121 -8.52 -1.18 -8.96
CA VAL A 121 -8.21 -0.53 -7.70
C VAL A 121 -9.05 -1.23 -6.62
N MET A 122 -8.46 -1.64 -5.50
CA MET A 122 -9.16 -2.39 -4.45
C MET A 122 -8.67 -1.98 -3.06
N LEU A 123 -9.48 -2.26 -2.03
CA LEU A 123 -9.17 -1.94 -0.65
C LEU A 123 -8.12 -2.94 -0.12
N PHE A 124 -7.08 -2.45 0.55
CA PHE A 124 -6.03 -3.30 1.08
C PHE A 124 -6.58 -4.26 2.16
N GLY A 125 -7.47 -3.76 3.02
CA GLY A 125 -8.04 -4.54 4.12
C GLY A 125 -9.27 -5.34 3.71
N HIS A 126 -9.45 -5.61 2.41
CA HIS A 126 -10.60 -6.32 1.86
C HIS A 126 -10.90 -7.63 2.61
N TRP A 127 -9.88 -8.46 2.84
CA TRP A 127 -10.06 -9.76 3.47
C TRP A 127 -10.47 -9.64 4.94
N ASP A 128 -10.12 -8.52 5.58
CA ASP A 128 -10.39 -8.29 7.00
C ASP A 128 -11.76 -7.66 7.15
N ASN A 129 -12.78 -8.33 6.60
CA ASN A 129 -14.15 -7.84 6.52
C ASN A 129 -14.25 -6.40 5.99
N GLU A 130 -13.47 -6.11 4.94
CA GLU A 130 -13.42 -4.80 4.28
C GLU A 130 -13.17 -3.64 5.25
N CYS A 131 -12.32 -3.87 6.24
CA CYS A 131 -11.88 -2.82 7.14
C CYS A 131 -10.97 -1.85 6.37
N GLU A 132 -11.32 -0.57 6.36
CA GLU A 132 -10.44 0.48 5.85
C GLU A 132 -9.28 0.61 6.84
N ILE A 133 -8.05 0.74 6.34
CA ILE A 133 -6.88 0.81 7.19
C ILE A 133 -6.85 2.22 7.80
N PRO A 134 -6.55 2.40 9.11
CA PRO A 134 -6.35 3.72 9.72
C PRO A 134 -5.26 4.55 9.03
N ASP A 135 -5.12 5.81 9.47
CA ASP A 135 -4.24 6.81 8.85
C ASP A 135 -3.26 7.32 9.91
N PRO A 136 -2.04 6.74 10.01
CA PRO A 136 -1.11 7.03 11.09
C PRO A 136 -0.29 8.31 10.86
N TYR A 137 -0.47 8.99 9.73
CA TYR A 137 0.33 10.11 9.20
C TYR A 137 0.93 11.06 10.24
N ARG A 138 0.14 11.53 11.22
CA ARG A 138 0.64 12.39 12.32
C ARG A 138 0.17 11.86 13.69
N LYS A 139 -0.09 10.55 13.78
CA LYS A 139 -0.57 9.90 15.00
C LYS A 139 0.62 9.34 15.79
N SER A 140 0.34 8.68 16.92
CA SER A 140 1.36 8.11 17.80
C SER A 140 2.10 6.95 17.12
N ARG A 141 3.29 6.60 17.60
CA ARG A 141 3.99 5.38 17.19
C ARG A 141 3.13 4.15 17.45
N GLU A 142 2.30 4.15 18.49
CA GLU A 142 1.36 3.07 18.77
C GLU A 142 0.36 2.93 17.62
N THR A 143 -0.07 4.04 17.01
CA THR A 143 -0.96 3.99 15.85
C THR A 143 -0.20 3.46 14.62
N PHE A 144 1.07 3.85 14.41
CA PHE A 144 1.89 3.26 13.35
C PHE A 144 2.02 1.74 13.56
N ALA A 145 2.22 1.28 14.80
CA ALA A 145 2.33 -0.14 15.11
C ALA A 145 1.01 -0.87 14.85
N ALA A 146 -0.13 -0.28 15.22
CA ALA A 146 -1.44 -0.84 14.93
C ALA A 146 -1.65 -0.98 13.43
N VAL A 147 -1.33 0.08 12.67
CA VAL A 147 -1.45 0.07 11.21
C VAL A 147 -0.51 -0.99 10.62
N TYR A 148 0.74 -1.09 11.09
CA TYR A 148 1.67 -2.13 10.61
C TYR A 148 1.06 -3.51 10.85
N THR A 149 0.53 -3.77 12.04
CA THR A 149 -0.03 -5.07 12.39
C THR A 149 -1.25 -5.39 11.49
N LEU A 150 -2.14 -4.42 11.28
CA LEU A 150 -3.32 -4.60 10.45
C LEU A 150 -2.93 -4.81 8.98
N LEU A 151 -1.93 -4.07 8.49
CA LEU A 151 -1.41 -4.23 7.14
C LEU A 151 -0.71 -5.59 7.01
N GLU A 152 -0.04 -6.08 8.05
CA GLU A 152 0.64 -7.36 8.00
C GLU A 152 -0.38 -8.48 7.79
N ARG A 153 -1.41 -8.57 8.64
CA ARG A 153 -2.45 -9.59 8.45
C ARG A 153 -3.15 -9.43 7.09
N SER A 154 -3.38 -8.20 6.63
CA SER A 154 -3.99 -7.97 5.32
C SER A 154 -3.08 -8.49 4.20
N ALA A 155 -1.79 -8.15 4.24
CA ALA A 155 -0.81 -8.62 3.26
C ALA A 155 -0.66 -10.14 3.31
N ARG A 156 -0.73 -10.73 4.51
CA ARG A 156 -0.72 -12.18 4.69
C ARG A 156 -1.93 -12.79 3.97
N GLN A 157 -3.11 -12.18 4.10
CA GLN A 157 -4.32 -12.65 3.45
C GLN A 157 -4.23 -12.45 1.93
N TRP A 158 -3.67 -11.35 1.43
CA TRP A 158 -3.36 -11.21 0.00
C TRP A 158 -2.42 -12.33 -0.46
N ALA A 159 -1.40 -12.68 0.33
CA ALA A 159 -0.48 -13.76 0.00
C ALA A 159 -1.20 -15.11 -0.03
N GLN A 160 -2.07 -15.41 0.94
CA GLN A 160 -2.87 -16.62 0.93
C GLN A 160 -3.75 -16.67 -0.31
N ALA A 161 -4.37 -15.55 -0.68
CA ALA A 161 -5.25 -15.50 -1.84
C ALA A 161 -4.45 -15.79 -3.10
N LEU A 162 -3.35 -15.07 -3.33
CA LEU A 162 -2.43 -15.30 -4.45
C LEU A 162 -1.99 -16.77 -4.51
N ASN A 163 -1.57 -17.33 -3.37
CA ASN A 163 -1.11 -18.71 -3.26
C ASN A 163 -2.22 -19.73 -3.58
N ALA A 164 -3.49 -19.33 -3.53
CA ALA A 164 -4.65 -20.19 -3.73
C ALA A 164 -5.56 -19.67 -4.85
N GLU A 165 -4.96 -18.92 -5.77
CA GLU A 165 -5.53 -18.38 -7.00
C GLU A 165 -4.44 -18.47 -8.08
N GLN A 166 -3.60 -19.50 -7.98
CA GLN A 166 -2.62 -19.86 -8.98
C GLN A 166 -3.35 -20.32 -10.25
N VAL A 167 -2.78 -19.97 -11.39
CA VAL A 167 -3.35 -20.08 -12.72
C VAL A 167 -2.23 -20.41 -13.71
N MET A 21 -1.07 -13.09 -14.57
CA MET A 21 -0.89 -12.94 -13.11
C MET A 21 -0.73 -11.46 -12.78
N PHE A 22 -1.28 -11.00 -11.65
CA PHE A 22 -1.20 -9.63 -11.12
C PHE A 22 0.23 -9.31 -10.62
N ASN A 23 1.25 -9.53 -11.44
CA ASN A 23 2.66 -9.47 -11.03
C ASN A 23 3.07 -8.07 -10.55
N ASN A 24 2.51 -7.04 -11.18
CA ASN A 24 2.86 -5.65 -10.91
C ASN A 24 1.74 -5.10 -10.05
N ILE A 25 2.05 -4.51 -8.90
CA ILE A 25 1.06 -4.12 -7.90
C ILE A 25 1.45 -2.72 -7.41
N LEU A 26 0.45 -1.87 -7.17
CA LEU A 26 0.66 -0.53 -6.64
C LEU A 26 -0.19 -0.36 -5.39
N VAL A 27 0.32 0.36 -4.39
CA VAL A 27 -0.44 0.73 -3.20
C VAL A 27 -0.48 2.25 -3.13
N VAL A 28 -1.64 2.83 -2.82
CA VAL A 28 -1.83 4.27 -2.88
C VAL A 28 -2.55 4.75 -1.62
N CYS A 29 -2.10 5.87 -1.03
CA CYS A 29 -2.79 6.51 0.11
C CYS A 29 -2.61 8.04 0.08
N VAL A 30 -3.22 8.77 1.01
CA VAL A 30 -2.88 10.19 1.15
C VAL A 30 -1.58 10.27 1.96
N GLY A 31 -0.75 11.29 1.73
CA GLY A 31 0.55 11.43 2.40
C GLY A 31 1.64 10.58 1.74
N ASN A 32 1.31 9.35 1.32
CA ASN A 32 2.23 8.38 0.68
C ASN A 32 3.31 7.85 1.62
N ILE A 33 4.00 8.71 2.36
CA ILE A 33 5.21 8.41 3.13
C ILE A 33 5.04 7.46 4.32
N CYS A 34 3.93 6.73 4.46
CA CYS A 34 3.70 5.84 5.61
C CYS A 34 3.09 4.50 5.20
N ARG A 35 1.78 4.44 4.98
CA ARG A 35 1.08 3.17 4.83
C ARG A 35 1.31 2.49 3.48
N SER A 36 1.44 3.21 2.36
CA SER A 36 1.81 2.57 1.09
C SER A 36 3.14 1.81 1.19
N PRO A 37 4.29 2.42 1.57
CA PRO A 37 5.56 1.69 1.61
C PRO A 37 5.56 0.60 2.67
N THR A 38 4.84 0.77 3.78
CA THR A 38 4.74 -0.28 4.80
C THR A 38 4.02 -1.50 4.18
N ALA A 39 2.87 -1.29 3.52
CA ALA A 39 2.14 -2.36 2.84
C ALA A 39 3.01 -3.03 1.78
N GLU A 40 3.68 -2.22 0.97
CA GLU A 40 4.54 -2.69 -0.10
C GLU A 40 5.61 -3.61 0.46
N ARG A 41 6.37 -3.16 1.46
CA ARG A 41 7.45 -3.97 2.01
C ARG A 41 6.90 -5.23 2.67
N LEU A 42 5.74 -5.19 3.31
CA LEU A 42 5.11 -6.37 3.88
C LEU A 42 4.74 -7.36 2.77
N LEU A 43 4.15 -6.88 1.68
CA LEU A 43 3.82 -7.73 0.53
C LEU A 43 5.10 -8.31 -0.09
N GLN A 44 6.17 -7.52 -0.21
CA GLN A 44 7.45 -8.02 -0.68
C GLN A 44 8.00 -9.09 0.27
N ARG A 45 7.85 -8.93 1.60
CA ARG A 45 8.31 -9.94 2.55
C ARG A 45 7.59 -11.26 2.30
N TYR A 46 6.26 -11.22 2.19
CA TYR A 46 5.46 -12.43 2.02
C TYR A 46 5.56 -13.04 0.61
N HIS A 47 5.81 -12.23 -0.43
CA HIS A 47 5.77 -12.67 -1.82
C HIS A 47 6.84 -11.91 -2.64
N PRO A 48 8.15 -12.13 -2.38
CA PRO A 48 9.23 -11.35 -2.96
C PRO A 48 9.38 -11.50 -4.48
N GLU A 49 8.72 -12.51 -5.07
CA GLU A 49 8.74 -12.73 -6.51
C GLU A 49 8.02 -11.60 -7.26
N LEU A 50 7.12 -10.86 -6.60
CA LEU A 50 6.23 -9.89 -7.23
C LEU A 50 6.90 -8.51 -7.30
N LYS A 51 6.24 -7.58 -8.00
CA LYS A 51 6.73 -6.23 -8.22
C LYS A 51 5.71 -5.29 -7.59
N VAL A 52 5.81 -5.10 -6.28
CA VAL A 52 4.94 -4.20 -5.54
C VAL A 52 5.69 -2.87 -5.39
N GLU A 53 4.98 -1.75 -5.61
CA GLU A 53 5.51 -0.40 -5.41
C GLU A 53 4.42 0.47 -4.74
N SER A 54 4.74 1.74 -4.47
CA SER A 54 3.89 2.63 -3.69
C SER A 54 3.72 3.99 -4.37
N ALA A 55 2.66 4.72 -4.02
CA ALA A 55 2.42 6.09 -4.43
C ALA A 55 1.39 6.73 -3.47
N GLY A 56 0.96 7.97 -3.75
CA GLY A 56 -0.16 8.56 -3.05
C GLY A 56 -0.94 9.59 -3.83
N LEU A 57 -2.16 9.85 -3.38
CA LEU A 57 -3.04 10.88 -3.95
C LEU A 57 -2.45 12.25 -3.61
N GLY A 58 -2.24 12.50 -2.32
CA GLY A 58 -1.59 13.70 -1.81
C GLY A 58 -0.18 13.33 -1.37
N ALA A 59 0.59 12.71 -2.28
CA ALA A 59 1.96 12.30 -1.99
C ALA A 59 2.88 13.50 -1.79
N LEU A 60 4.10 13.21 -1.34
CA LEU A 60 5.11 14.21 -1.05
C LEU A 60 6.35 13.77 -1.82
N VAL A 61 6.40 14.13 -3.10
CA VAL A 61 7.39 13.63 -4.06
C VAL A 61 8.80 13.69 -3.48
N GLY A 62 9.45 12.52 -3.38
CA GLY A 62 10.86 12.41 -2.99
C GLY A 62 11.16 12.71 -1.51
N LYS A 63 10.16 12.85 -0.63
CA LYS A 63 10.42 13.19 0.78
C LYS A 63 11.00 12.03 1.59
N GLY A 64 10.96 10.80 1.09
CA GLY A 64 11.31 9.64 1.89
C GLY A 64 10.17 9.29 2.84
N ALA A 65 10.27 8.11 3.44
CA ALA A 65 9.28 7.64 4.41
C ALA A 65 9.35 8.49 5.69
N ASP A 66 8.24 8.56 6.40
CA ASP A 66 8.19 9.18 7.72
C ASP A 66 9.03 8.33 8.69
N PRO A 67 9.91 8.90 9.52
CA PRO A 67 10.81 8.13 10.37
C PRO A 67 10.09 7.23 11.39
N THR A 68 8.81 7.49 11.70
CA THR A 68 8.05 6.63 12.61
C THR A 68 7.71 5.33 11.88
N ALA A 69 7.39 5.40 10.58
CA ALA A 69 7.17 4.21 9.77
C ALA A 69 8.46 3.40 9.67
N ILE A 70 9.59 4.07 9.44
CA ILE A 70 10.89 3.42 9.39
C ILE A 70 11.14 2.72 10.73
N SER A 71 10.95 3.41 11.85
CA SER A 71 11.23 2.88 13.18
C SER A 71 10.36 1.65 13.47
N VAL A 72 9.05 1.76 13.27
CA VAL A 72 8.13 0.65 13.52
C VAL A 72 8.45 -0.54 12.60
N ALA A 73 8.86 -0.32 11.35
CA ALA A 73 9.24 -1.41 10.46
C ALA A 73 10.57 -2.04 10.90
N ALA A 74 11.55 -1.24 11.31
CA ALA A 74 12.82 -1.75 11.83
C ALA A 74 12.62 -2.53 13.14
N GLU A 75 11.65 -2.13 13.97
CA GLU A 75 11.25 -2.86 15.17
C GLU A 75 10.63 -4.24 14.83
N HIS A 76 10.39 -4.51 13.55
CA HIS A 76 9.96 -5.81 12.99
C HIS A 76 10.95 -6.28 11.91
N GLN A 77 12.17 -5.72 11.90
CA GLN A 77 13.26 -6.10 10.99
C GLN A 77 12.84 -6.12 9.52
N LEU A 78 12.07 -5.10 9.09
CA LEU A 78 11.75 -4.90 7.68
C LEU A 78 12.42 -3.61 7.22
N SER A 79 13.12 -3.67 6.09
CA SER A 79 13.96 -2.59 5.60
C SER A 79 13.13 -1.51 4.90
N LEU A 80 12.48 -0.65 5.69
CA LEU A 80 11.64 0.46 5.21
C LEU A 80 12.51 1.73 5.09
N GLU A 81 13.84 1.59 5.00
CA GLU A 81 14.79 2.70 5.12
C GLU A 81 14.57 3.88 4.14
N GLY A 82 13.87 3.68 3.02
CA GLY A 82 13.53 4.76 2.12
C GLY A 82 12.55 4.25 1.07
N HIS A 83 11.79 5.19 0.52
CA HIS A 83 10.89 5.03 -0.59
C HIS A 83 10.82 6.38 -1.32
N CYS A 84 11.01 6.39 -2.64
CA CYS A 84 10.81 7.56 -3.46
C CYS A 84 9.29 7.80 -3.62
N ALA A 85 8.70 8.57 -2.70
CA ALA A 85 7.30 8.96 -2.78
C ALA A 85 7.03 9.75 -4.07
N ARG A 86 5.78 9.70 -4.55
CA ARG A 86 5.41 10.21 -5.87
C ARG A 86 3.88 10.28 -5.95
N GLN A 87 3.35 11.29 -6.63
CA GLN A 87 1.90 11.38 -6.82
C GLN A 87 1.44 10.33 -7.82
N ILE A 88 0.28 9.76 -7.53
CA ILE A 88 -0.44 8.89 -8.44
C ILE A 88 -0.66 9.67 -9.75
N SER A 89 -0.40 9.01 -10.86
CA SER A 89 -0.41 9.62 -12.19
C SER A 89 -0.98 8.57 -13.16
N ARG A 90 -1.47 8.97 -14.33
CA ARG A 90 -2.14 8.04 -15.24
C ARG A 90 -1.19 6.94 -15.72
N ARG A 91 0.08 7.29 -15.98
CA ARG A 91 1.10 6.30 -16.36
C ARG A 91 1.28 5.28 -15.24
N LEU A 92 1.35 5.71 -13.98
CA LEU A 92 1.43 4.82 -12.83
C LEU A 92 0.24 3.89 -12.83
N CYS A 93 -0.98 4.43 -12.98
CA CYS A 93 -2.19 3.62 -12.91
C CYS A 93 -2.19 2.49 -13.94
N ARG A 94 -1.56 2.71 -15.11
CA ARG A 94 -1.51 1.72 -16.18
C ARG A 94 -0.29 0.79 -16.05
N ASN A 95 0.77 1.21 -15.34
CA ASN A 95 2.02 0.46 -15.21
C ASN A 95 1.87 -0.80 -14.35
N TYR A 96 0.88 -0.83 -13.44
CA TYR A 96 0.64 -1.95 -12.55
C TYR A 96 -0.73 -2.56 -12.86
N ASP A 97 -0.97 -3.78 -12.38
CA ASP A 97 -2.13 -4.58 -12.78
C ASP A 97 -3.07 -4.87 -11.60
N LEU A 98 -2.74 -4.37 -10.41
CA LEU A 98 -3.57 -4.40 -9.22
C LEU A 98 -3.27 -3.10 -8.49
N ILE A 99 -4.30 -2.36 -8.06
CA ILE A 99 -4.13 -1.08 -7.40
C ILE A 99 -4.86 -1.21 -6.06
N LEU A 100 -4.15 -1.04 -4.96
CA LEU A 100 -4.68 -1.22 -3.62
C LEU A 100 -4.74 0.15 -2.96
N THR A 101 -5.77 0.34 -2.14
CA THR A 101 -6.06 1.61 -1.51
C THR A 101 -6.48 1.32 -0.07
N MET A 102 -6.39 2.27 0.86
CA MET A 102 -6.56 1.99 2.29
C MET A 102 -7.97 2.31 2.79
N GLU A 103 -8.71 3.15 2.06
CA GLU A 103 -10.00 3.65 2.49
C GLU A 103 -10.91 3.70 1.26
N LYS A 104 -12.22 3.56 1.42
CA LYS A 104 -13.14 3.48 0.30
C LYS A 104 -13.17 4.80 -0.49
N ARG A 105 -12.98 5.94 0.20
CA ARG A 105 -12.77 7.23 -0.48
C ARG A 105 -11.58 7.18 -1.44
N HIS A 106 -10.52 6.45 -1.14
CA HIS A 106 -9.35 6.36 -2.00
C HIS A 106 -9.67 5.48 -3.21
N ILE A 107 -10.51 4.43 -3.07
CA ILE A 107 -10.97 3.65 -4.22
C ILE A 107 -11.63 4.63 -5.20
N GLU A 108 -12.55 5.46 -4.71
CA GLU A 108 -13.32 6.35 -5.57
C GLU A 108 -12.39 7.34 -6.28
N ARG A 109 -11.43 7.92 -5.56
CA ARG A 109 -10.48 8.86 -6.15
C ARG A 109 -9.59 8.18 -7.20
N LEU A 110 -9.16 6.94 -6.96
CA LEU A 110 -8.39 6.19 -7.96
C LEU A 110 -9.24 5.89 -9.19
N CYS A 111 -10.52 5.54 -9.01
CA CYS A 111 -11.41 5.31 -10.13
C CYS A 111 -11.60 6.60 -10.94
N GLU A 112 -11.67 7.77 -10.29
CA GLU A 112 -11.73 9.04 -10.99
C GLU A 112 -10.42 9.33 -11.74
N MET A 113 -9.26 8.96 -11.17
CA MET A 113 -7.97 9.14 -11.84
C MET A 113 -7.87 8.26 -13.09
N ALA A 114 -8.36 7.03 -13.04
CA ALA A 114 -8.21 6.06 -14.13
C ALA A 114 -9.47 5.19 -14.23
N PRO A 115 -10.57 5.68 -14.86
CA PRO A 115 -11.82 4.93 -14.94
C PRO A 115 -11.67 3.64 -15.74
N GLU A 116 -10.70 3.54 -16.65
CA GLU A 116 -10.39 2.31 -17.36
C GLU A 116 -9.86 1.21 -16.42
N MET A 117 -9.35 1.60 -15.24
CA MET A 117 -8.70 0.72 -14.29
C MET A 117 -9.62 0.41 -13.10
N ARG A 118 -10.83 0.98 -13.05
CA ARG A 118 -11.71 0.92 -11.88
C ARG A 118 -11.95 -0.49 -11.35
N GLY A 119 -12.05 -1.49 -12.24
CA GLY A 119 -12.28 -2.89 -11.86
C GLY A 119 -11.10 -3.52 -11.11
N LYS A 120 -9.91 -2.91 -11.19
CA LYS A 120 -8.66 -3.41 -10.58
C LYS A 120 -8.22 -2.52 -9.42
N VAL A 121 -8.96 -1.46 -9.10
CA VAL A 121 -8.74 -0.70 -7.87
C VAL A 121 -9.59 -1.40 -6.80
N MET A 122 -9.04 -1.68 -5.61
CA MET A 122 -9.82 -2.20 -4.49
C MET A 122 -9.17 -1.89 -3.14
N LEU A 123 -9.91 -2.19 -2.07
CA LEU A 123 -9.47 -1.94 -0.70
C LEU A 123 -8.44 -2.98 -0.29
N PHE A 124 -7.34 -2.56 0.34
CA PHE A 124 -6.30 -3.48 0.79
C PHE A 124 -6.83 -4.43 1.86
N GLY A 125 -7.70 -3.93 2.75
CA GLY A 125 -8.29 -4.72 3.84
C GLY A 125 -9.48 -5.57 3.41
N HIS A 126 -9.69 -5.79 2.09
CA HIS A 126 -10.79 -6.55 1.53
C HIS A 126 -11.02 -7.88 2.26
N TRP A 127 -9.96 -8.66 2.48
CA TRP A 127 -10.06 -10.00 3.06
C TRP A 127 -10.64 -9.98 4.47
N ASP A 128 -10.33 -8.93 5.24
CA ASP A 128 -10.76 -8.80 6.63
C ASP A 128 -12.05 -7.99 6.67
N ASN A 129 -13.11 -8.59 6.11
CA ASN A 129 -14.46 -8.02 6.03
C ASN A 129 -14.47 -6.57 5.50
N GLU A 130 -13.66 -6.33 4.46
CA GLU A 130 -13.53 -5.03 3.79
C GLU A 130 -13.34 -3.85 4.74
N CYS A 131 -12.54 -4.08 5.80
CA CYS A 131 -12.21 -3.04 6.75
C CYS A 131 -11.35 -1.95 6.10
N GLU A 132 -11.65 -0.69 6.42
CA GLU A 132 -10.77 0.42 6.04
C GLU A 132 -9.58 0.43 7.03
N ILE A 133 -8.46 1.02 6.60
CA ILE A 133 -7.23 1.01 7.37
C ILE A 133 -6.96 2.46 7.80
N PRO A 134 -6.61 2.72 9.09
CA PRO A 134 -6.34 4.06 9.60
C PRO A 134 -5.20 4.78 8.86
N ASP A 135 -4.98 6.04 9.24
CA ASP A 135 -4.03 6.95 8.60
C ASP A 135 -3.05 7.49 9.65
N PRO A 136 -1.85 6.90 9.78
CA PRO A 136 -0.95 7.22 10.88
C PRO A 136 -0.12 8.49 10.63
N TYR A 137 -0.26 9.12 9.45
CA TYR A 137 0.56 10.22 8.93
C TYR A 137 1.00 11.28 9.95
N ARG A 138 0.13 11.66 10.90
CA ARG A 138 0.44 12.68 11.92
C ARG A 138 0.15 12.20 13.34
N LYS A 139 0.12 10.88 13.55
CA LYS A 139 -0.34 10.27 14.80
C LYS A 139 0.83 9.66 15.57
N SER A 140 0.59 9.26 16.81
CA SER A 140 1.60 8.67 17.68
C SER A 140 2.14 7.35 17.12
N ARG A 141 3.31 6.91 17.59
CA ARG A 141 3.93 5.66 17.13
C ARG A 141 3.06 4.43 17.41
N GLU A 142 2.20 4.48 18.44
CA GLU A 142 1.24 3.42 18.71
C GLU A 142 0.26 3.27 17.54
N THR A 143 -0.12 4.37 16.89
CA THR A 143 -0.99 4.31 15.72
C THR A 143 -0.21 3.73 14.53
N PHE A 144 1.08 4.05 14.37
CA PHE A 144 1.90 3.39 13.35
C PHE A 144 1.99 1.88 13.62
N ALA A 145 2.10 1.44 14.88
CA ALA A 145 2.14 0.03 15.22
C ALA A 145 0.80 -0.66 14.92
N ALA A 146 -0.33 -0.02 15.25
CA ALA A 146 -1.65 -0.53 14.93
C ALA A 146 -1.82 -0.68 13.41
N VAL A 147 -1.47 0.35 12.66
CA VAL A 147 -1.54 0.32 11.20
C VAL A 147 -0.59 -0.75 10.67
N TYR A 148 0.65 -0.84 11.15
CA TYR A 148 1.58 -1.89 10.74
C TYR A 148 0.95 -3.27 10.92
N THR A 149 0.29 -3.52 12.06
CA THR A 149 -0.29 -4.82 12.35
C THR A 149 -1.45 -5.12 11.38
N LEU A 150 -2.31 -4.13 11.12
CA LEU A 150 -3.44 -4.29 10.21
C LEU A 150 -2.97 -4.46 8.76
N LEU A 151 -1.92 -3.73 8.36
CA LEU A 151 -1.28 -3.89 7.07
C LEU A 151 -0.60 -5.26 6.96
N GLU A 152 -0.02 -5.78 8.04
CA GLU A 152 0.65 -7.07 8.04
C GLU A 152 -0.37 -8.17 7.76
N ARG A 153 -1.53 -8.14 8.43
CA ARG A 153 -2.62 -9.08 8.13
C ARG A 153 -3.04 -8.94 6.68
N SER A 154 -3.31 -7.71 6.24
CA SER A 154 -3.80 -7.46 4.89
C SER A 154 -2.81 -7.98 3.84
N ALA A 155 -1.51 -7.72 4.05
CA ALA A 155 -0.45 -8.17 3.16
C ALA A 155 -0.33 -9.69 3.16
N ARG A 156 -0.40 -10.33 4.34
CA ARG A 156 -0.31 -11.78 4.43
C ARG A 156 -1.49 -12.42 3.71
N GLN A 157 -2.70 -11.90 3.90
CA GLN A 157 -3.89 -12.41 3.21
C GLN A 157 -3.76 -12.23 1.71
N TRP A 158 -3.30 -11.07 1.24
CA TRP A 158 -3.08 -10.83 -0.18
C TRP A 158 -2.05 -11.80 -0.76
N ALA A 159 -0.94 -12.02 -0.07
CA ALA A 159 0.08 -12.96 -0.53
C ALA A 159 -0.48 -14.39 -0.54
N GLN A 160 -1.19 -14.79 0.50
CA GLN A 160 -1.80 -16.11 0.64
C GLN A 160 -2.73 -16.37 -0.56
N ALA A 161 -3.54 -15.38 -0.93
CA ALA A 161 -4.43 -15.48 -2.07
C ALA A 161 -3.62 -15.59 -3.36
N LEU A 162 -2.78 -14.59 -3.66
CA LEU A 162 -2.04 -14.50 -4.92
C LEU A 162 -1.19 -15.74 -5.17
N ASN A 163 -0.60 -16.30 -4.12
CA ASN A 163 0.26 -17.48 -4.16
C ASN A 163 -0.47 -18.73 -4.68
N ALA A 164 -1.81 -18.77 -4.67
CA ALA A 164 -2.57 -19.93 -5.13
C ALA A 164 -3.88 -19.57 -5.86
N GLU A 165 -3.91 -18.37 -6.40
CA GLU A 165 -4.97 -17.85 -7.27
C GLU A 165 -4.32 -17.11 -8.45
N GLN A 166 -3.11 -17.55 -8.80
CA GLN A 166 -2.43 -17.12 -10.01
C GLN A 166 -3.21 -17.62 -11.23
N VAL A 167 -3.12 -16.84 -12.31
CA VAL A 167 -3.91 -16.96 -13.52
C VAL A 167 -3.04 -16.50 -14.68
N MET A 21 -1.20 -13.15 -14.37
CA MET A 21 -0.95 -13.00 -12.91
C MET A 21 -0.82 -11.51 -12.57
N PHE A 22 -1.38 -11.06 -11.43
CA PHE A 22 -1.34 -9.69 -10.93
C PHE A 22 0.06 -9.32 -10.39
N ASN A 23 1.14 -9.67 -11.12
CA ASN A 23 2.50 -9.60 -10.61
C ASN A 23 2.97 -8.17 -10.31
N ASN A 24 2.39 -7.15 -10.96
CA ASN A 24 2.87 -5.77 -10.89
C ASN A 24 1.79 -4.93 -10.21
N ILE A 25 2.08 -4.40 -9.03
CA ILE A 25 1.08 -3.77 -8.16
C ILE A 25 1.54 -2.37 -7.73
N LEU A 26 0.57 -1.48 -7.50
CA LEU A 26 0.81 -0.17 -6.89
C LEU A 26 -0.02 -0.07 -5.61
N VAL A 27 0.53 0.53 -4.57
CA VAL A 27 -0.21 0.84 -3.35
C VAL A 27 -0.27 2.37 -3.23
N VAL A 28 -1.39 2.91 -2.77
CA VAL A 28 -1.64 4.34 -2.82
C VAL A 28 -2.23 4.82 -1.49
N CYS A 29 -1.77 5.97 -0.98
CA CYS A 29 -2.40 6.64 0.16
C CYS A 29 -2.23 8.15 0.05
N VAL A 30 -2.79 8.94 0.97
CA VAL A 30 -2.44 10.36 1.02
C VAL A 30 -1.02 10.45 1.61
N GLY A 31 -0.21 11.41 1.15
CA GLY A 31 1.16 11.59 1.62
C GLY A 31 2.15 10.57 1.07
N ASN A 32 1.72 9.33 0.72
CA ASN A 32 2.54 8.22 0.23
C ASN A 32 3.48 7.65 1.31
N ILE A 33 4.22 8.49 2.02
CA ILE A 33 5.32 8.09 2.91
C ILE A 33 5.01 7.09 4.04
N CYS A 34 3.76 6.70 4.28
CA CYS A 34 3.39 5.89 5.44
C CYS A 34 2.85 4.53 5.03
N ARG A 35 1.57 4.44 4.63
CA ARG A 35 0.91 3.14 4.44
C ARG A 35 1.44 2.42 3.21
N SER A 36 1.64 3.11 2.09
CA SER A 36 2.12 2.47 0.86
C SER A 36 3.47 1.75 1.04
N PRO A 37 4.57 2.38 1.54
CA PRO A 37 5.85 1.69 1.67
C PRO A 37 5.78 0.55 2.69
N THR A 38 4.97 0.69 3.73
CA THR A 38 4.78 -0.35 4.72
C THR A 38 4.16 -1.58 4.05
N ALA A 39 3.07 -1.40 3.28
CA ALA A 39 2.44 -2.48 2.53
C ALA A 39 3.40 -3.08 1.51
N GLU A 40 4.09 -2.23 0.75
CA GLU A 40 5.03 -2.66 -0.29
C GLU A 40 6.07 -3.61 0.30
N ARG A 41 6.72 -3.21 1.40
CA ARG A 41 7.73 -4.05 2.03
C ARG A 41 7.13 -5.30 2.64
N LEU A 42 5.93 -5.24 3.22
CA LEU A 42 5.28 -6.43 3.75
C LEU A 42 4.98 -7.43 2.62
N LEU A 43 4.59 -6.96 1.42
CA LEU A 43 4.49 -7.86 0.28
C LEU A 43 5.86 -8.41 -0.11
N GLN A 44 6.95 -7.63 -0.05
CA GLN A 44 8.29 -8.17 -0.31
C GLN A 44 8.64 -9.28 0.69
N ARG A 45 8.26 -9.14 1.97
CA ARG A 45 8.49 -10.17 2.98
C ARG A 45 7.77 -11.46 2.59
N TYR A 46 6.45 -11.39 2.31
CA TYR A 46 5.65 -12.61 2.15
C TYR A 46 5.62 -13.14 0.72
N HIS A 47 5.97 -12.34 -0.29
CA HIS A 47 5.87 -12.69 -1.71
C HIS A 47 7.01 -11.97 -2.47
N PRO A 48 8.29 -12.34 -2.26
CA PRO A 48 9.44 -11.59 -2.77
C PRO A 48 9.52 -11.50 -4.30
N GLU A 49 8.83 -12.36 -5.05
CA GLU A 49 8.77 -12.31 -6.51
C GLU A 49 7.63 -11.42 -7.02
N LEU A 50 6.82 -10.85 -6.13
CA LEU A 50 5.75 -9.92 -6.47
C LEU A 50 6.35 -8.51 -6.57
N LYS A 51 6.07 -7.80 -7.66
CA LYS A 51 6.57 -6.44 -7.84
C LYS A 51 5.52 -5.52 -7.25
N VAL A 52 5.91 -4.69 -6.28
CA VAL A 52 5.01 -3.76 -5.64
C VAL A 52 5.74 -2.43 -5.53
N GLU A 53 5.03 -1.34 -5.81
CA GLU A 53 5.53 0.02 -5.67
C GLU A 53 4.51 0.85 -4.88
N SER A 54 4.86 2.10 -4.60
CA SER A 54 4.00 3.01 -3.86
C SER A 54 3.79 4.31 -4.64
N ALA A 55 2.66 4.96 -4.38
CA ALA A 55 2.37 6.31 -4.83
C ALA A 55 1.44 6.96 -3.80
N GLY A 56 1.05 8.20 -4.06
CA GLY A 56 0.01 8.84 -3.28
C GLY A 56 -0.79 9.87 -4.05
N LEU A 57 -2.00 10.11 -3.56
CA LEU A 57 -2.95 11.04 -4.17
C LEU A 57 -2.40 12.47 -4.10
N GLY A 58 -1.73 12.78 -2.99
CA GLY A 58 -1.06 14.06 -2.75
C GLY A 58 0.26 13.72 -2.08
N ALA A 59 1.11 12.98 -2.82
CA ALA A 59 2.36 12.46 -2.29
C ALA A 59 3.41 13.55 -2.10
N LEU A 60 4.52 13.16 -1.49
CA LEU A 60 5.70 13.99 -1.30
C LEU A 60 6.80 13.39 -2.17
N VAL A 61 6.72 13.64 -3.48
CA VAL A 61 7.62 13.06 -4.46
C VAL A 61 9.10 13.19 -4.04
N GLY A 62 9.84 12.08 -4.15
CA GLY A 62 11.26 12.03 -3.81
C GLY A 62 11.52 11.68 -2.34
N LYS A 63 10.55 11.90 -1.43
CA LYS A 63 10.76 11.69 -0.01
C LYS A 63 10.86 10.19 0.30
N GLY A 64 11.59 9.87 1.37
CA GLY A 64 11.65 8.52 1.91
C GLY A 64 10.39 8.18 2.71
N ALA A 65 10.40 7.02 3.35
CA ALA A 65 9.32 6.65 4.27
C ALA A 65 9.32 7.59 5.49
N ASP A 66 8.17 7.70 6.15
CA ASP A 66 8.02 8.54 7.34
C ASP A 66 8.88 7.97 8.48
N PRO A 67 9.63 8.77 9.23
CA PRO A 67 10.44 8.29 10.35
C PRO A 67 9.70 7.39 11.34
N THR A 68 8.40 7.61 11.56
CA THR A 68 7.61 6.82 12.48
C THR A 68 7.28 5.47 11.85
N ALA A 69 7.00 5.45 10.54
CA ALA A 69 6.81 4.22 9.79
C ALA A 69 8.09 3.39 9.79
N ILE A 70 9.25 4.03 9.58
CA ILE A 70 10.55 3.37 9.66
C ILE A 70 10.74 2.79 11.07
N SER A 71 10.47 3.58 12.11
CA SER A 71 10.66 3.15 13.48
C SER A 71 9.79 1.93 13.79
N VAL A 72 8.50 1.98 13.48
CA VAL A 72 7.60 0.85 13.70
C VAL A 72 8.01 -0.34 12.85
N ALA A 73 8.44 -0.14 11.59
CA ALA A 73 8.90 -1.25 10.76
C ALA A 73 10.11 -1.91 11.42
N ALA A 74 11.04 -1.14 11.99
CA ALA A 74 12.18 -1.67 12.72
C ALA A 74 11.74 -2.40 14.01
N GLU A 75 10.70 -1.93 14.71
CA GLU A 75 10.13 -2.66 15.85
C GLU A 75 9.60 -4.06 15.45
N HIS A 76 9.43 -4.32 14.16
CA HIS A 76 9.03 -5.60 13.58
C HIS A 76 10.07 -6.11 12.56
N GLN A 77 11.30 -5.59 12.64
CA GLN A 77 12.45 -6.02 11.84
C GLN A 77 12.16 -6.12 10.34
N LEU A 78 11.61 -5.04 9.79
CA LEU A 78 11.48 -4.85 8.36
C LEU A 78 12.06 -3.46 8.10
N SER A 79 12.73 -3.28 6.97
CA SER A 79 13.51 -2.08 6.71
C SER A 79 12.91 -1.38 5.49
N LEU A 80 12.27 -0.22 5.71
CA LEU A 80 11.67 0.57 4.61
C LEU A 80 12.76 1.26 3.75
N GLU A 81 13.95 1.43 4.32
CA GLU A 81 15.15 1.91 3.62
C GLU A 81 14.93 3.23 2.84
N GLY A 82 15.61 3.38 1.71
CA GLY A 82 15.68 4.63 0.96
C GLY A 82 14.56 4.69 -0.08
N HIS A 83 13.32 4.60 0.40
CA HIS A 83 12.11 4.67 -0.41
C HIS A 83 12.09 5.95 -1.27
N CYS A 84 11.32 5.93 -2.36
CA CYS A 84 11.08 7.10 -3.20
C CYS A 84 9.58 7.22 -3.44
N ALA A 85 8.94 8.08 -2.65
CA ALA A 85 7.54 8.44 -2.84
C ALA A 85 7.35 9.19 -4.17
N ARG A 86 6.12 9.20 -4.69
CA ARG A 86 5.80 9.79 -5.99
C ARG A 86 4.30 10.08 -6.04
N GLN A 87 3.88 11.19 -6.66
CA GLN A 87 2.46 11.46 -6.83
C GLN A 87 1.95 10.55 -7.91
N ILE A 88 0.78 9.98 -7.67
CA ILE A 88 0.11 9.19 -8.68
C ILE A 88 -0.30 10.10 -9.83
N SER A 89 -0.40 9.50 -11.00
CA SER A 89 -0.89 10.12 -12.21
C SER A 89 -1.75 9.08 -12.93
N ARG A 90 -2.59 9.47 -13.89
CA ARG A 90 -3.38 8.48 -14.64
C ARG A 90 -2.46 7.48 -15.34
N ARG A 91 -1.29 7.92 -15.82
CA ARG A 91 -0.28 7.04 -16.38
C ARG A 91 0.16 6.01 -15.34
N LEU A 92 0.48 6.43 -14.11
CA LEU A 92 0.81 5.48 -13.06
C LEU A 92 -0.35 4.54 -12.79
N CYS A 93 -1.60 5.02 -12.74
CA CYS A 93 -2.73 4.16 -12.46
C CYS A 93 -2.79 3.00 -13.45
N ARG A 94 -2.65 3.25 -14.76
CA ARG A 94 -2.67 2.20 -15.77
C ARG A 94 -1.37 1.40 -15.86
N ASN A 95 -0.27 1.90 -15.28
CA ASN A 95 1.06 1.26 -15.38
C ASN A 95 1.13 -0.07 -14.62
N TYR A 96 0.32 -0.25 -13.56
CA TYR A 96 0.33 -1.46 -12.75
C TYR A 96 -1.00 -2.18 -12.97
N ASP A 97 -1.04 -3.49 -12.75
CA ASP A 97 -2.19 -4.32 -13.13
C ASP A 97 -3.23 -4.48 -12.02
N LEU A 98 -2.88 -4.11 -10.79
CA LEU A 98 -3.74 -4.20 -9.62
C LEU A 98 -3.32 -3.03 -8.72
N ILE A 99 -4.29 -2.30 -8.18
CA ILE A 99 -4.04 -1.07 -7.45
C ILE A 99 -4.69 -1.26 -6.07
N LEU A 100 -3.96 -0.90 -5.03
CA LEU A 100 -4.37 -1.13 -3.65
C LEU A 100 -4.32 0.18 -2.90
N THR A 101 -5.20 0.31 -1.91
CA THR A 101 -5.22 1.45 -1.01
C THR A 101 -5.83 0.95 0.32
N MET A 102 -6.21 1.84 1.23
CA MET A 102 -6.61 1.44 2.58
C MET A 102 -7.98 1.99 2.98
N GLU A 103 -8.57 2.90 2.19
CA GLU A 103 -9.84 3.52 2.53
C GLU A 103 -10.70 3.68 1.27
N LYS A 104 -12.02 3.59 1.43
CA LYS A 104 -12.96 3.66 0.31
C LYS A 104 -12.92 5.03 -0.37
N ARG A 105 -12.68 6.12 0.38
CA ARG A 105 -12.48 7.45 -0.19
C ARG A 105 -11.34 7.46 -1.21
N HIS A 106 -10.27 6.69 -0.97
CA HIS A 106 -9.14 6.65 -1.89
C HIS A 106 -9.52 5.83 -3.13
N ILE A 107 -10.29 4.74 -2.96
CA ILE A 107 -10.79 3.96 -4.10
C ILE A 107 -11.61 4.87 -5.01
N GLU A 108 -12.52 5.67 -4.44
CA GLU A 108 -13.37 6.55 -5.23
C GLU A 108 -12.53 7.54 -6.03
N ARG A 109 -11.56 8.19 -5.40
CA ARG A 109 -10.68 9.14 -6.08
C ARG A 109 -9.87 8.47 -7.18
N LEU A 110 -9.35 7.26 -6.92
CA LEU A 110 -8.60 6.50 -7.91
C LEU A 110 -9.47 6.16 -9.12
N CYS A 111 -10.69 5.69 -8.88
CA CYS A 111 -11.60 5.34 -9.98
C CYS A 111 -11.98 6.59 -10.78
N GLU A 112 -12.16 7.74 -10.14
CA GLU A 112 -12.46 8.99 -10.83
C GLU A 112 -11.27 9.43 -11.71
N MET A 113 -10.03 9.29 -11.20
CA MET A 113 -8.84 9.67 -11.97
C MET A 113 -8.56 8.69 -13.11
N ALA A 114 -8.87 7.40 -12.94
CA ALA A 114 -8.52 6.36 -13.88
C ALA A 114 -9.66 5.33 -13.96
N PRO A 115 -10.77 5.64 -14.65
CA PRO A 115 -11.90 4.72 -14.75
C PRO A 115 -11.52 3.41 -15.45
N GLU A 116 -10.45 3.38 -16.25
CA GLU A 116 -9.92 2.15 -16.83
C GLU A 116 -9.46 1.14 -15.76
N MET A 117 -9.22 1.60 -14.52
CA MET A 117 -8.81 0.76 -13.39
C MET A 117 -9.98 0.48 -12.44
N ARG A 118 -11.19 0.96 -12.72
CA ARG A 118 -12.35 0.67 -11.87
C ARG A 118 -12.51 -0.85 -11.81
N GLY A 119 -12.47 -1.42 -10.60
CA GLY A 119 -12.51 -2.87 -10.36
C GLY A 119 -11.11 -3.45 -10.11
N LYS A 120 -10.07 -2.92 -10.76
CA LYS A 120 -8.67 -3.24 -10.46
C LYS A 120 -8.18 -2.46 -9.23
N VAL A 121 -8.85 -1.38 -8.84
CA VAL A 121 -8.60 -0.72 -7.57
C VAL A 121 -9.41 -1.45 -6.50
N MET A 122 -8.82 -1.72 -5.34
CA MET A 122 -9.52 -2.23 -4.16
C MET A 122 -8.70 -1.87 -2.91
N LEU A 123 -9.13 -2.29 -1.71
CA LEU A 123 -8.40 -1.99 -0.47
C LEU A 123 -7.71 -3.21 0.13
N PHE A 124 -6.66 -2.93 0.90
CA PHE A 124 -5.86 -3.92 1.59
C PHE A 124 -6.70 -4.78 2.52
N GLY A 125 -7.65 -4.15 3.23
CA GLY A 125 -8.54 -4.83 4.16
C GLY A 125 -9.63 -5.66 3.48
N HIS A 126 -9.55 -5.90 2.16
CA HIS A 126 -10.42 -6.82 1.45
C HIS A 126 -10.56 -8.16 2.19
N TRP A 127 -9.44 -8.73 2.65
CA TRP A 127 -9.44 -10.00 3.38
C TRP A 127 -9.89 -9.87 4.84
N ASP A 128 -10.49 -8.74 5.19
CA ASP A 128 -11.00 -8.44 6.52
C ASP A 128 -12.40 -7.84 6.37
N ASN A 129 -13.27 -8.54 5.65
CA ASN A 129 -14.62 -8.08 5.29
C ASN A 129 -14.64 -6.66 4.71
N GLU A 130 -13.73 -6.41 3.75
CA GLU A 130 -13.52 -5.11 3.10
C GLU A 130 -13.45 -3.90 4.06
N CYS A 131 -12.94 -4.13 5.27
CA CYS A 131 -12.80 -3.07 6.26
C CYS A 131 -11.77 -2.03 5.78
N GLU A 132 -12.06 -0.75 6.00
CA GLU A 132 -11.10 0.31 5.81
C GLU A 132 -10.13 0.34 7.02
N ILE A 133 -9.04 1.11 6.90
CA ILE A 133 -7.95 1.10 7.88
C ILE A 133 -7.65 2.55 8.28
N PRO A 134 -7.37 2.86 9.57
CA PRO A 134 -6.92 4.17 10.02
C PRO A 134 -5.70 4.70 9.26
N ASP A 135 -5.43 6.00 9.42
CA ASP A 135 -4.38 6.73 8.71
C ASP A 135 -3.41 7.34 9.74
N PRO A 136 -2.24 6.74 10.00
CA PRO A 136 -1.30 7.21 11.00
C PRO A 136 -0.69 8.60 10.75
N TYR A 137 -0.91 9.23 9.59
CA TYR A 137 -0.27 10.49 9.23
C TYR A 137 -0.46 11.53 10.34
N ARG A 138 0.66 12.10 10.80
CA ARG A 138 0.70 13.11 11.88
C ARG A 138 0.11 12.62 13.20
N LYS A 139 0.16 11.31 13.50
CA LYS A 139 -0.32 10.74 14.76
C LYS A 139 0.79 9.93 15.43
N SER A 140 0.53 9.48 16.66
CA SER A 140 1.54 8.83 17.50
C SER A 140 2.01 7.49 16.91
N ARG A 141 3.18 7.01 17.34
CA ARG A 141 3.75 5.74 16.84
C ARG A 141 2.84 4.54 17.12
N GLU A 142 1.99 4.57 18.14
CA GLU A 142 1.07 3.48 18.41
C GLU A 142 0.02 3.36 17.30
N THR A 143 -0.33 4.48 16.65
CA THR A 143 -1.21 4.46 15.49
C THR A 143 -0.50 3.74 14.34
N PHE A 144 0.78 4.05 14.10
CA PHE A 144 1.58 3.34 13.10
C PHE A 144 1.68 1.86 13.45
N ALA A 145 1.83 1.49 14.73
CA ALA A 145 1.91 0.08 15.14
C ALA A 145 0.60 -0.67 14.91
N ALA A 146 -0.54 -0.06 15.24
CA ALA A 146 -1.86 -0.66 15.00
C ALA A 146 -2.06 -0.89 13.50
N VAL A 147 -1.78 0.14 12.69
CA VAL A 147 -1.95 0.05 11.24
C VAL A 147 -0.91 -0.93 10.66
N TYR A 148 0.33 -0.99 11.16
CA TYR A 148 1.30 -2.00 10.75
C TYR A 148 0.77 -3.40 11.01
N THR A 149 0.13 -3.64 12.16
CA THR A 149 -0.45 -4.93 12.48
C THR A 149 -1.55 -5.29 11.46
N LEU A 150 -2.42 -4.32 11.12
CA LEU A 150 -3.47 -4.54 10.13
C LEU A 150 -2.86 -4.85 8.76
N LEU A 151 -1.89 -4.04 8.33
CA LEU A 151 -1.19 -4.18 7.06
C LEU A 151 -0.42 -5.49 6.99
N GLU A 152 0.18 -5.94 8.10
CA GLU A 152 0.89 -7.22 8.13
C GLU A 152 -0.11 -8.33 7.84
N ARG A 153 -1.26 -8.32 8.53
CA ARG A 153 -2.32 -9.28 8.29
C ARG A 153 -2.74 -9.28 6.83
N SER A 154 -3.17 -8.12 6.35
CA SER A 154 -3.76 -8.00 5.01
C SER A 154 -2.73 -8.28 3.92
N ALA A 155 -1.46 -7.90 4.10
CA ALA A 155 -0.38 -8.25 3.17
C ALA A 155 -0.16 -9.76 3.15
N ARG A 156 -0.15 -10.41 4.32
CA ARG A 156 0.04 -11.86 4.42
C ARG A 156 -1.14 -12.56 3.73
N GLN A 157 -2.37 -12.09 3.92
CA GLN A 157 -3.54 -12.63 3.24
C GLN A 157 -3.46 -12.41 1.73
N TRP A 158 -3.02 -11.22 1.28
CA TRP A 158 -2.78 -10.95 -0.15
C TRP A 158 -1.76 -11.93 -0.72
N ALA A 159 -0.64 -12.14 -0.03
CA ALA A 159 0.39 -13.07 -0.49
C ALA A 159 -0.15 -14.49 -0.55
N GLN A 160 -0.86 -14.94 0.50
CA GLN A 160 -1.43 -16.27 0.60
C GLN A 160 -2.42 -16.51 -0.55
N ALA A 161 -3.23 -15.51 -0.90
CA ALA A 161 -4.15 -15.60 -2.03
C ALA A 161 -3.36 -15.70 -3.33
N LEU A 162 -2.54 -14.69 -3.63
CA LEU A 162 -1.83 -14.56 -4.90
C LEU A 162 -0.96 -15.79 -5.19
N ASN A 163 -0.35 -16.37 -4.16
CA ASN A 163 0.50 -17.55 -4.27
C ASN A 163 -0.22 -18.77 -4.86
N ALA A 164 -1.55 -18.81 -4.87
CA ALA A 164 -2.34 -19.92 -5.43
C ALA A 164 -3.63 -19.45 -6.11
N GLU A 165 -3.62 -18.22 -6.61
CA GLU A 165 -4.72 -17.60 -7.37
C GLU A 165 -4.05 -16.86 -8.53
N GLN A 166 -3.32 -17.64 -9.32
CA GLN A 166 -2.43 -17.20 -10.36
C GLN A 166 -2.59 -18.06 -11.59
N VAL A 167 -2.53 -17.41 -12.74
CA VAL A 167 -2.84 -17.88 -14.08
C VAL A 167 -1.98 -17.06 -15.04
#